data_6B1G
#
_entry.id   6B1G
#
loop_
_entity.id
_entity.type
_entity.pdbx_description
1 polymer 'TAR DNA-binding protein 43, S48E Mutant'
2 polymer 'TAR DNA-binding protein 43, Y4R Mutant'
#
loop_
_entity_poly.entity_id
_entity_poly.type
_entity_poly.pdbx_seq_one_letter_code
_entity_poly.pdbx_strand_id
1 'polypeptide(L)'
;GHMMSEYIRVTEDENDEPIEIPSEDDGTVLLSTVTAQFPGACGLRYRNPVEQCMRGVRLVEGILHAPDAGWGNLVYVVNY
PKD
;
A
2 'polypeptide(L)'
;GHMMSERIRVTEDENDEPIEIPSEDDGTVLLSTVTAQFPGACGLRYRNPVSQCMRGVRLVEGILHAPDAGWGNLVYVVNY
PKD
;
B
#
# COMPACT_ATOMS: atom_id res chain seq x y z
N MET A 4 -15.66 1.12 -8.99
CA MET A 4 -14.24 1.49 -9.06
C MET A 4 -13.62 1.50 -7.67
N SER A 5 -12.35 1.15 -7.60
CA SER A 5 -11.65 1.13 -6.33
C SER A 5 -11.39 2.55 -5.84
N GLU A 6 -11.66 2.77 -4.56
CA GLU A 6 -11.40 4.07 -3.97
C GLU A 6 -9.91 4.32 -3.89
N TYR A 7 -9.54 5.57 -3.82
CA TYR A 7 -8.15 5.93 -3.76
C TYR A 7 -7.90 6.84 -2.60
N ILE A 8 -6.81 6.61 -1.90
CA ILE A 8 -6.50 7.41 -0.74
C ILE A 8 -5.03 7.78 -0.71
N ARG A 9 -4.72 8.85 -0.01
CA ARG A 9 -3.36 9.29 0.19
C ARG A 9 -3.05 9.40 1.68
N VAL A 10 -2.28 8.45 2.17
CA VAL A 10 -1.89 8.41 3.57
C VAL A 10 -0.48 8.99 3.74
N THR A 11 -0.06 9.19 4.96
CA THR A 11 1.26 9.67 5.24
C THR A 11 1.74 9.13 6.58
N GLU A 12 2.93 8.56 6.61
CA GLU A 12 3.50 8.08 7.86
C GLU A 12 4.29 9.18 8.56
N ASP A 13 5.12 9.86 7.79
CA ASP A 13 5.89 10.98 8.30
C ASP A 13 5.76 12.15 7.35
N GLU A 14 5.35 13.28 7.88
CA GLU A 14 5.13 14.47 7.08
C GLU A 14 6.44 15.08 6.54
N ASN A 15 7.58 14.64 7.06
CA ASN A 15 8.87 15.15 6.60
C ASN A 15 9.26 14.50 5.30
N ASP A 16 8.66 13.37 5.02
CA ASP A 16 8.90 12.67 3.78
C ASP A 16 7.71 12.85 2.86
N GLU A 17 7.67 12.06 1.83
CA GLU A 17 6.60 12.10 0.88
C GLU A 17 5.43 11.25 1.33
N PRO A 18 4.20 11.64 0.99
CA PRO A 18 3.01 10.88 1.33
C PRO A 18 2.97 9.57 0.55
N ILE A 19 2.15 8.66 1.01
CA ILE A 19 2.04 7.37 0.37
C ILE A 19 0.64 7.18 -0.18
N GLU A 20 0.56 6.71 -1.41
CA GLU A 20 -0.71 6.51 -2.06
C GLU A 20 -1.16 5.07 -1.86
N ILE A 21 -2.40 4.88 -1.43
CA ILE A 21 -2.91 3.55 -1.18
C ILE A 21 -4.14 3.26 -2.05
N PRO A 22 -4.11 2.17 -2.82
CA PRO A 22 -5.23 1.75 -3.62
C PRO A 22 -6.23 0.94 -2.77
N SER A 23 -7.41 1.49 -2.60
CA SER A 23 -8.42 0.86 -1.79
C SER A 23 -9.25 -0.13 -2.61
N GLU A 24 -10.21 -0.76 -1.97
CA GLU A 24 -11.05 -1.73 -2.64
C GLU A 24 -12.24 -1.03 -3.31
N ASP A 25 -12.88 -1.74 -4.22
CA ASP A 25 -14.05 -1.26 -4.92
C ASP A 25 -15.19 -1.10 -3.93
N ASP A 26 -15.09 -1.83 -2.82
CA ASP A 26 -16.07 -1.79 -1.75
C ASP A 26 -16.08 -0.44 -1.05
N GLY A 27 -15.02 0.34 -1.24
CA GLY A 27 -14.95 1.65 -0.62
C GLY A 27 -14.26 1.60 0.73
N THR A 28 -13.59 0.50 1.00
CA THR A 28 -12.89 0.32 2.23
C THR A 28 -11.40 0.05 1.98
N VAL A 29 -10.59 0.17 3.02
CA VAL A 29 -9.16 -0.06 2.92
C VAL A 29 -8.75 -1.26 3.77
N LEU A 30 -7.82 -2.04 3.25
CA LEU A 30 -7.34 -3.21 3.94
C LEU A 30 -6.02 -2.91 4.66
N LEU A 31 -6.02 -3.17 5.98
CA LEU A 31 -4.86 -2.92 6.85
C LEU A 31 -3.59 -3.58 6.33
N SER A 32 -3.72 -4.73 5.67
CA SER A 32 -2.55 -5.44 5.14
C SER A 32 -1.80 -4.58 4.13
N THR A 33 -2.53 -3.79 3.36
CA THR A 33 -1.93 -2.91 2.38
C THR A 33 -1.14 -1.80 3.08
N VAL A 34 -1.61 -1.43 4.27
CA VAL A 34 -0.95 -0.43 5.08
C VAL A 34 0.33 -1.02 5.69
N THR A 35 0.23 -2.24 6.21
CA THR A 35 1.37 -2.90 6.86
C THR A 35 2.50 -3.20 5.87
N ALA A 36 2.18 -3.26 4.58
CA ALA A 36 3.18 -3.47 3.53
C ALA A 36 4.23 -2.36 3.55
N GLN A 37 3.74 -1.12 3.53
CA GLN A 37 4.61 0.05 3.55
C GLN A 37 4.97 0.47 4.98
N PHE A 38 4.04 0.22 5.89
CA PHE A 38 4.23 0.64 7.27
C PHE A 38 4.34 -0.57 8.20
N PRO A 39 5.57 -1.02 8.50
CA PRO A 39 5.79 -2.17 9.35
C PRO A 39 5.68 -1.84 10.83
N GLY A 40 4.76 -2.50 11.49
CA GLY A 40 4.58 -2.27 12.90
C GLY A 40 3.46 -1.28 13.14
N ALA A 41 3.06 -0.60 12.09
CA ALA A 41 2.01 0.38 12.19
C ALA A 41 0.66 -0.23 11.88
N CYS A 42 -0.37 0.37 12.41
CA CYS A 42 -1.74 -0.04 12.17
C CYS A 42 -2.68 1.05 12.63
N GLY A 43 -3.82 1.17 11.97
CA GLY A 43 -4.74 2.24 12.29
C GLY A 43 -4.60 3.39 11.31
N LEU A 44 -5.53 4.32 11.32
CA LEU A 44 -5.53 5.41 10.36
C LEU A 44 -6.21 6.65 10.93
N ARG A 45 -5.67 7.81 10.62
CA ARG A 45 -6.19 9.06 11.13
C ARG A 45 -6.36 10.07 10.01
N TYR A 46 -7.07 11.13 10.30
CA TYR A 46 -7.31 12.21 9.37
C TYR A 46 -7.86 13.39 10.14
N ARG A 47 -8.10 14.48 9.48
CA ARG A 47 -8.69 15.62 10.13
C ARG A 47 -9.96 16.01 9.42
N ASN A 48 -11.01 16.21 10.16
CA ASN A 48 -12.27 16.62 9.57
C ASN A 48 -12.32 18.14 9.39
N PRO A 49 -12.61 18.59 8.16
CA PRO A 49 -12.67 20.02 7.82
C PRO A 49 -13.85 20.73 8.50
N VAL A 50 -14.63 19.98 9.23
CA VAL A 50 -15.77 20.52 9.93
C VAL A 50 -15.35 21.31 11.16
N GLU A 51 -14.55 20.68 12.02
CA GLU A 51 -14.12 21.31 13.26
C GLU A 51 -12.60 21.37 13.38
N GLN A 52 -11.91 21.04 12.27
CA GLN A 52 -10.43 21.11 12.19
C GLN A 52 -9.74 20.20 13.21
N CYS A 53 -10.47 19.24 13.72
CA CYS A 53 -9.90 18.35 14.72
C CYS A 53 -9.49 17.03 14.09
N MET A 54 -8.50 16.38 14.70
CA MET A 54 -8.03 15.10 14.24
C MET A 54 -9.02 14.01 14.59
N ARG A 55 -9.11 13.03 13.72
CA ARG A 55 -10.04 11.94 13.89
C ARG A 55 -9.39 10.64 13.49
N GLY A 56 -9.99 9.56 13.88
CA GLY A 56 -9.48 8.26 13.54
C GLY A 56 -10.46 7.49 12.68
N VAL A 57 -9.97 6.88 11.61
CA VAL A 57 -10.82 6.12 10.74
C VAL A 57 -11.27 4.84 11.41
N ARG A 58 -12.54 4.49 11.23
CA ARG A 58 -13.11 3.30 11.84
C ARG A 58 -12.52 2.04 11.22
N LEU A 59 -12.23 1.07 12.06
CA LEU A 59 -11.66 -0.17 11.59
C LEU A 59 -12.44 -1.37 12.13
N VAL A 60 -12.55 -2.39 11.32
CA VAL A 60 -13.20 -3.61 11.74
C VAL A 60 -12.63 -4.80 10.99
N GLU A 61 -12.03 -5.72 11.73
CA GLU A 61 -11.45 -6.94 11.17
C GLU A 61 -10.37 -6.60 10.14
N GLY A 62 -9.70 -5.49 10.35
CA GLY A 62 -8.63 -5.07 9.45
C GLY A 62 -9.12 -4.18 8.33
N ILE A 63 -10.42 -4.00 8.23
CA ILE A 63 -10.97 -3.18 7.19
C ILE A 63 -11.31 -1.79 7.70
N LEU A 64 -10.73 -0.78 7.08
CA LEU A 64 -10.99 0.61 7.43
C LEU A 64 -12.22 1.09 6.66
N HIS A 65 -13.12 1.72 7.37
CA HIS A 65 -14.34 2.24 6.78
C HIS A 65 -14.24 3.70 6.46
N ALA A 66 -14.52 4.05 5.21
CA ALA A 66 -14.44 5.44 4.76
C ALA A 66 -15.43 6.34 5.47
N PRO A 67 -15.11 7.65 5.51
CA PRO A 67 -15.99 8.68 6.07
C PRO A 67 -17.28 8.85 5.25
N ASP A 68 -17.85 10.05 5.31
CA ASP A 68 -19.13 10.34 4.64
C ASP A 68 -18.96 10.49 3.13
N ALA A 69 -17.96 11.26 2.73
CA ALA A 69 -17.73 11.51 1.31
C ALA A 69 -16.84 10.43 0.69
N GLY A 70 -16.25 9.62 1.54
CA GLY A 70 -15.36 8.59 1.06
C GLY A 70 -13.94 8.88 1.44
N TRP A 71 -13.00 8.29 0.73
CA TRP A 71 -11.58 8.50 1.03
C TRP A 71 -10.99 9.66 0.24
N GLY A 72 -11.20 9.65 -1.07
CA GLY A 72 -10.59 10.64 -1.96
C GLY A 72 -11.14 12.05 -1.82
N ASN A 73 -10.90 12.64 -0.68
CA ASN A 73 -11.32 14.01 -0.42
C ASN A 73 -10.40 14.66 0.60
N LEU A 74 -9.89 13.87 1.54
CA LEU A 74 -9.01 14.38 2.58
C LEU A 74 -7.67 13.63 2.55
N VAL A 75 -6.79 14.01 3.47
CA VAL A 75 -5.52 13.34 3.63
C VAL A 75 -5.57 12.45 4.85
N TYR A 76 -4.77 11.40 4.84
CA TYR A 76 -4.78 10.46 5.94
C TYR A 76 -3.39 10.22 6.48
N VAL A 77 -3.32 9.84 7.74
CA VAL A 77 -2.06 9.57 8.41
C VAL A 77 -2.12 8.20 9.05
N VAL A 78 -1.10 7.39 8.83
CA VAL A 78 -1.09 6.04 9.37
C VAL A 78 -0.66 6.03 10.83
N ASN A 79 -1.42 5.33 11.66
CA ASN A 79 -1.11 5.23 13.10
C ASN A 79 0.17 4.46 13.34
N TYR A 80 1.17 5.14 13.86
CA TYR A 80 2.44 4.53 14.14
C TYR A 80 2.71 4.50 15.64
N PRO A 81 3.13 3.35 16.17
CA PRO A 81 3.52 3.23 17.57
C PRO A 81 4.89 3.84 17.81
N LYS A 82 5.35 3.80 19.03
CA LYS A 82 6.68 4.29 19.36
C LYS A 82 7.75 3.38 18.75
N ASP A 83 7.33 2.17 18.40
CA ASP A 83 8.21 1.18 17.80
C ASP A 83 8.00 1.11 16.30
N MET B 4 5.11 -19.62 -13.54
CA MET B 4 5.16 -18.61 -14.61
C MET B 4 3.78 -18.31 -15.15
N SER B 5 3.52 -17.05 -15.38
CA SER B 5 2.27 -16.58 -15.89
C SER B 5 2.50 -15.20 -16.35
N GLU B 6 2.92 -14.41 -15.40
CA GLU B 6 3.32 -13.11 -15.60
C GLU B 6 4.52 -12.93 -14.73
N ARG B 7 5.37 -12.11 -15.14
CA ARG B 7 6.54 -11.82 -14.38
C ARG B 7 6.56 -10.36 -13.97
N ILE B 8 7.16 -10.06 -12.85
CA ILE B 8 7.17 -8.70 -12.37
C ILE B 8 8.56 -8.22 -11.99
N ARG B 9 8.96 -7.13 -12.60
CA ARG B 9 10.21 -6.47 -12.30
C ARG B 9 10.06 -5.71 -10.99
N VAL B 10 11.04 -5.79 -10.15
CA VAL B 10 11.01 -5.08 -8.89
C VAL B 10 12.38 -5.08 -8.25
N THR B 11 12.69 -4.02 -7.55
CA THR B 11 13.96 -3.90 -6.89
C THR B 11 13.80 -3.19 -5.56
N GLU B 12 14.85 -3.17 -4.78
CA GLU B 12 14.82 -2.52 -3.49
C GLU B 12 15.76 -1.34 -3.50
N ASP B 13 16.72 -1.40 -4.39
CA ASP B 13 17.69 -0.35 -4.55
C ASP B 13 18.11 -0.26 -6.01
N GLU B 14 18.02 0.92 -6.56
CA GLU B 14 18.29 1.16 -7.99
C GLU B 14 19.78 1.06 -8.37
N ASN B 15 20.66 0.90 -7.39
CA ASN B 15 22.09 0.80 -7.70
C ASN B 15 22.43 -0.59 -8.19
N ASP B 16 21.62 -1.56 -7.80
CA ASP B 16 21.80 -2.92 -8.26
C ASP B 16 20.82 -3.19 -9.40
N GLU B 17 20.68 -4.43 -9.80
CA GLU B 17 19.78 -4.75 -10.86
C GLU B 17 18.44 -5.22 -10.30
N PRO B 18 17.34 -4.74 -10.89
CA PRO B 18 16.00 -5.15 -10.50
C PRO B 18 15.78 -6.61 -10.78
N ILE B 19 15.07 -7.27 -9.89
CA ILE B 19 14.82 -8.67 -10.03
C ILE B 19 13.45 -8.92 -10.66
N GLU B 20 13.11 -10.18 -10.86
CA GLU B 20 11.85 -10.55 -11.46
C GLU B 20 11.18 -11.69 -10.68
N ILE B 21 9.89 -11.54 -10.41
CA ILE B 21 9.13 -12.57 -9.69
C ILE B 21 7.93 -13.02 -10.51
N PRO B 22 7.69 -14.34 -10.62
CA PRO B 22 6.52 -14.86 -11.32
C PRO B 22 5.22 -14.60 -10.58
N SER B 23 4.39 -13.79 -11.17
CA SER B 23 3.10 -13.49 -10.63
C SER B 23 2.08 -14.46 -11.21
N GLU B 24 0.88 -14.45 -10.68
CA GLU B 24 -0.15 -15.36 -11.12
C GLU B 24 -1.11 -14.69 -12.08
N ASP B 25 -1.77 -15.49 -12.90
CA ASP B 25 -2.72 -15.02 -13.91
C ASP B 25 -3.89 -14.25 -13.31
N ASP B 26 -4.20 -14.54 -12.06
CA ASP B 26 -5.30 -13.88 -11.36
C ASP B 26 -4.91 -12.46 -10.92
N GLY B 27 -3.74 -12.02 -11.33
CA GLY B 27 -3.27 -10.71 -10.95
C GLY B 27 -2.86 -10.69 -9.50
N THR B 28 -2.42 -11.83 -9.02
CA THR B 28 -2.03 -11.97 -7.65
C THR B 28 -0.59 -12.46 -7.52
N VAL B 29 0.07 -12.02 -6.47
CA VAL B 29 1.41 -12.48 -6.17
C VAL B 29 1.46 -13.01 -4.75
N LEU B 30 2.18 -14.10 -4.57
CA LEU B 30 2.30 -14.72 -3.26
C LEU B 30 3.46 -14.11 -2.50
N LEU B 31 3.24 -13.86 -1.22
CA LEU B 31 4.28 -13.30 -0.35
C LEU B 31 5.52 -14.19 -0.37
N SER B 32 5.30 -15.49 -0.29
CA SER B 32 6.36 -16.46 -0.31
C SER B 32 7.25 -16.32 -1.55
N THR B 33 6.65 -15.98 -2.68
CA THR B 33 7.40 -15.83 -3.92
C THR B 33 8.27 -14.57 -3.85
N VAL B 34 7.75 -13.55 -3.19
CA VAL B 34 8.47 -12.30 -3.01
C VAL B 34 9.64 -12.51 -2.05
N THR B 35 9.36 -13.17 -0.93
CA THR B 35 10.37 -13.45 0.07
C THR B 35 11.37 -14.50 -0.45
N ALA B 36 10.97 -15.19 -1.50
CA ALA B 36 11.83 -16.17 -2.14
C ALA B 36 12.91 -15.46 -2.92
N GLN B 37 12.67 -14.20 -3.20
CA GLN B 37 13.58 -13.39 -3.95
C GLN B 37 14.29 -12.41 -3.03
N PHE B 38 13.52 -11.75 -2.21
CA PHE B 38 14.03 -10.81 -1.24
C PHE B 38 14.10 -11.46 0.13
N PRO B 39 15.17 -11.18 0.90
CA PRO B 39 15.37 -11.78 2.23
C PRO B 39 14.41 -11.26 3.31
N GLY B 40 13.10 -11.31 3.04
CA GLY B 40 12.14 -10.92 4.06
C GLY B 40 11.31 -9.72 3.69
N ALA B 41 11.40 -9.28 2.45
CA ALA B 41 10.62 -8.13 1.99
C ALA B 41 9.15 -8.49 1.86
N CYS B 42 8.28 -7.50 1.99
CA CYS B 42 6.84 -7.72 1.86
C CYS B 42 6.21 -6.51 1.20
N GLY B 43 5.11 -6.72 0.49
CA GLY B 43 4.45 -5.62 -0.20
C GLY B 43 5.28 -5.00 -1.33
N LEU B 44 4.64 -4.23 -2.19
CA LEU B 44 5.31 -3.55 -3.30
C LEU B 44 4.74 -2.16 -3.49
N ARG B 45 5.52 -1.28 -4.09
CA ARG B 45 5.09 0.08 -4.36
C ARG B 45 5.95 0.69 -5.47
N TYR B 46 5.67 1.91 -5.85
CA TYR B 46 6.45 2.55 -6.88
C TYR B 46 6.25 4.05 -6.87
N ARG B 47 7.14 4.75 -7.55
CA ARG B 47 7.04 6.17 -7.70
C ARG B 47 5.86 6.51 -8.58
N ASN B 48 4.81 7.03 -7.97
CA ASN B 48 3.60 7.36 -8.68
C ASN B 48 3.74 8.72 -9.34
N PRO B 49 3.82 8.77 -10.67
CA PRO B 49 3.98 10.03 -11.40
C PRO B 49 2.72 10.89 -11.30
N VAL B 50 1.62 10.25 -10.95
CA VAL B 50 0.34 10.91 -10.81
C VAL B 50 0.33 11.90 -9.63
N SER B 51 0.81 11.45 -8.48
CA SER B 51 0.78 12.28 -7.28
C SER B 51 2.18 12.67 -6.81
N GLN B 52 3.20 12.09 -7.44
CA GLN B 52 4.61 12.32 -7.07
C GLN B 52 4.91 11.72 -5.69
N CYS B 53 4.15 10.71 -5.32
CA CYS B 53 4.31 10.03 -4.07
C CYS B 53 4.67 8.58 -4.33
N MET B 54 4.71 7.78 -3.29
CA MET B 54 4.99 6.37 -3.46
C MET B 54 3.70 5.60 -3.30
N ARG B 55 3.20 5.06 -4.41
CA ARG B 55 1.95 4.30 -4.36
C ARG B 55 2.21 2.83 -4.13
N GLY B 56 1.67 2.33 -3.03
CA GLY B 56 1.79 0.92 -2.73
C GLY B 56 0.76 0.10 -3.47
N VAL B 57 0.82 -1.21 -3.31
CA VAL B 57 -0.11 -2.10 -3.97
C VAL B 57 -0.95 -2.88 -2.96
N ARG B 58 -2.18 -3.22 -3.35
CA ARG B 58 -3.12 -3.93 -2.48
C ARG B 58 -2.55 -5.24 -1.95
N LEU B 59 -2.65 -5.43 -0.64
CA LEU B 59 -2.17 -6.63 0.00
C LEU B 59 -3.26 -7.24 0.85
N VAL B 60 -3.38 -8.56 0.79
CA VAL B 60 -4.37 -9.26 1.60
C VAL B 60 -3.83 -10.60 2.07
N GLU B 61 -3.49 -10.66 3.36
CA GLU B 61 -3.02 -11.88 4.00
C GLU B 61 -1.77 -12.46 3.31
N GLY B 62 -0.94 -11.57 2.78
CA GLY B 62 0.28 -12.00 2.11
C GLY B 62 0.13 -12.11 0.61
N ILE B 63 -1.08 -11.99 0.12
CA ILE B 63 -1.32 -12.06 -1.31
C ILE B 63 -1.51 -10.66 -1.87
N LEU B 64 -0.63 -10.29 -2.76
CA LEU B 64 -0.70 -8.98 -3.39
C LEU B 64 -1.71 -9.02 -4.53
N HIS B 65 -2.55 -8.02 -4.60
CA HIS B 65 -3.57 -7.94 -5.64
C HIS B 65 -3.35 -6.75 -6.54
N ALA B 66 -2.97 -7.06 -7.76
CA ALA B 66 -2.72 -6.06 -8.79
C ALA B 66 -3.98 -5.25 -9.07
N PRO B 67 -3.83 -4.02 -9.59
CA PRO B 67 -4.96 -3.20 -9.99
C PRO B 67 -5.59 -3.75 -11.26
N ASP B 68 -6.49 -2.98 -11.85
CA ASP B 68 -7.15 -3.40 -13.08
C ASP B 68 -6.15 -3.47 -14.22
N ALA B 69 -5.16 -2.60 -14.16
CA ALA B 69 -4.14 -2.54 -15.19
C ALA B 69 -3.23 -3.74 -15.11
N GLY B 70 -2.95 -4.19 -13.90
CA GLY B 70 -2.08 -5.33 -13.71
C GLY B 70 -0.83 -4.95 -12.96
N TRP B 71 0.18 -5.79 -13.06
CA TRP B 71 1.45 -5.57 -12.38
C TRP B 71 2.39 -4.65 -13.17
N GLY B 72 2.20 -4.61 -14.49
CA GLY B 72 3.12 -3.89 -15.38
C GLY B 72 3.23 -2.40 -15.11
N ASN B 73 2.30 -1.83 -14.38
CA ASN B 73 2.33 -0.39 -14.11
C ASN B 73 2.88 -0.09 -12.72
N LEU B 74 3.15 -1.13 -11.95
CA LEU B 74 3.62 -0.95 -10.59
C LEU B 74 5.02 -1.55 -10.37
N VAL B 75 5.53 -2.22 -11.39
CA VAL B 75 6.82 -2.89 -11.32
C VAL B 75 7.98 -1.92 -11.10
N TYR B 76 8.37 -1.76 -9.84
CA TYR B 76 9.44 -0.84 -9.51
C TYR B 76 10.16 -1.20 -8.21
N VAL B 77 9.58 -0.82 -7.08
CA VAL B 77 10.24 -0.98 -5.78
C VAL B 77 9.47 -1.90 -4.84
N VAL B 78 10.18 -2.77 -4.17
CA VAL B 78 9.58 -3.65 -3.21
C VAL B 78 9.59 -3.00 -1.83
N ASN B 79 8.65 -3.38 -1.00
CA ASN B 79 8.57 -2.84 0.33
C ASN B 79 9.35 -3.70 1.30
N TYR B 80 9.90 -3.08 2.31
CA TYR B 80 10.68 -3.76 3.32
C TYR B 80 10.24 -3.38 4.71
N PRO B 81 9.86 -4.36 5.51
CA PRO B 81 9.49 -4.12 6.89
C PRO B 81 10.72 -4.00 7.78
N LYS B 82 10.53 -3.54 9.00
CA LYS B 82 11.63 -3.44 9.93
C LYS B 82 11.90 -4.79 10.58
N ASP B 83 10.94 -5.68 10.42
CA ASP B 83 11.04 -7.02 10.94
C ASP B 83 10.50 -7.98 9.91
N MET A 4 -15.82 -1.39 -6.30
CA MET A 4 -14.60 -1.00 -7.04
C MET A 4 -13.57 -0.41 -6.08
N SER A 5 -12.30 -0.53 -6.44
CA SER A 5 -11.24 0.01 -5.61
C SER A 5 -11.20 1.53 -5.72
N GLU A 6 -11.20 2.19 -4.59
CA GLU A 6 -11.10 3.61 -4.55
C GLU A 6 -9.67 4.00 -4.16
N TYR A 7 -9.34 5.24 -4.30
CA TYR A 7 -8.00 5.71 -3.97
C TYR A 7 -8.01 6.56 -2.71
N ILE A 8 -7.02 6.33 -1.87
CA ILE A 8 -6.87 7.07 -0.64
C ILE A 8 -5.45 7.64 -0.56
N ARG A 9 -5.30 8.77 0.10
CA ARG A 9 -4.00 9.41 0.20
C ARG A 9 -3.55 9.53 1.66
N VAL A 10 -2.66 8.62 2.06
CA VAL A 10 -2.12 8.60 3.41
C VAL A 10 -0.71 9.17 3.43
N THR A 11 -0.17 9.34 4.60
CA THR A 11 1.20 9.79 4.73
C THR A 11 1.85 9.14 5.94
N GLU A 12 3.06 8.59 5.75
CA GLU A 12 3.80 7.98 6.85
C GLU A 12 4.49 9.03 7.69
N ASP A 13 5.23 9.91 7.05
CA ASP A 13 5.86 11.01 7.75
C ASP A 13 5.56 12.30 7.02
N GLU A 14 5.20 13.32 7.76
CA GLU A 14 4.82 14.61 7.19
C GLU A 14 5.99 15.34 6.53
N ASN A 15 7.21 14.89 6.81
CA ASN A 15 8.41 15.54 6.26
C ASN A 15 8.68 15.08 4.84
N ASP A 16 8.33 13.84 4.55
CA ASP A 16 8.58 13.28 3.23
C ASP A 16 7.30 13.12 2.42
N GLU A 17 7.44 12.49 1.26
CA GLU A 17 6.37 12.30 0.32
C GLU A 17 5.22 11.48 0.87
N PRO A 18 3.98 11.93 0.57
CA PRO A 18 2.78 11.20 0.92
C PRO A 18 2.75 9.84 0.25
N ILE A 19 1.87 9.00 0.70
CA ILE A 19 1.75 7.66 0.15
C ILE A 19 0.37 7.44 -0.41
N GLU A 20 0.32 6.86 -1.56
CA GLU A 20 -0.93 6.59 -2.23
C GLU A 20 -1.35 5.16 -2.00
N ILE A 21 -2.52 4.96 -1.42
CA ILE A 21 -3.00 3.63 -1.13
C ILE A 21 -4.25 3.30 -1.91
N PRO A 22 -4.23 2.22 -2.67
CA PRO A 22 -5.41 1.75 -3.36
C PRO A 22 -6.25 0.92 -2.41
N SER A 23 -7.47 1.36 -2.16
CA SER A 23 -8.33 0.67 -1.23
C SER A 23 -8.85 -0.61 -1.86
N GLU A 24 -9.53 -1.40 -1.07
CA GLU A 24 -10.07 -2.64 -1.53
C GLU A 24 -11.27 -2.35 -2.41
N ASP A 25 -11.62 -3.31 -3.23
CA ASP A 25 -12.74 -3.17 -4.16
C ASP A 25 -14.05 -2.99 -3.39
N ASP A 26 -14.02 -3.33 -2.11
CA ASP A 26 -15.17 -3.21 -1.24
C ASP A 26 -15.46 -1.74 -0.89
N GLY A 27 -14.46 -0.87 -1.10
CA GLY A 27 -14.62 0.53 -0.77
C GLY A 27 -14.02 0.86 0.57
N THR A 28 -13.38 -0.14 1.15
CA THR A 28 -12.72 -0.01 2.42
C THR A 28 -11.23 -0.29 2.25
N VAL A 29 -10.45 -0.10 3.30
CA VAL A 29 -9.03 -0.34 3.21
C VAL A 29 -8.60 -1.49 4.11
N LEU A 30 -7.85 -2.42 3.54
CA LEU A 30 -7.35 -3.55 4.28
C LEU A 30 -6.03 -3.20 4.95
N LEU A 31 -5.99 -3.37 6.27
CA LEU A 31 -4.82 -3.05 7.10
C LEU A 31 -3.55 -3.71 6.57
N SER A 32 -3.69 -4.88 5.95
CA SER A 32 -2.56 -5.61 5.40
C SER A 32 -1.82 -4.74 4.37
N THR A 33 -2.57 -3.97 3.59
CA THR A 33 -2.00 -3.08 2.59
C THR A 33 -1.23 -1.94 3.28
N VAL A 34 -1.70 -1.57 4.45
CA VAL A 34 -1.07 -0.52 5.23
C VAL A 34 0.22 -1.04 5.85
N THR A 35 0.13 -2.18 6.53
CA THR A 35 1.29 -2.79 7.21
C THR A 35 2.37 -3.22 6.23
N ALA A 36 1.97 -3.38 4.97
CA ALA A 36 2.89 -3.76 3.91
C ALA A 36 3.93 -2.67 3.67
N GLN A 37 3.45 -1.45 3.60
CA GLN A 37 4.29 -0.29 3.36
C GLN A 37 4.76 0.33 4.65
N PHE A 38 3.93 0.25 5.68
CA PHE A 38 4.26 0.82 6.97
C PHE A 38 4.39 -0.30 8.00
N PRO A 39 5.63 -0.73 8.27
CA PRO A 39 5.88 -1.83 9.21
C PRO A 39 5.60 -1.46 10.65
N GLY A 40 4.62 -2.11 11.24
CA GLY A 40 4.27 -1.85 12.61
C GLY A 40 3.14 -0.86 12.73
N ALA A 41 2.98 -0.06 11.70
CA ALA A 41 1.97 0.96 11.69
C ALA A 41 0.62 0.39 11.35
N CYS A 42 -0.36 0.74 12.15
CA CYS A 42 -1.71 0.30 11.92
C CYS A 42 -2.65 1.38 12.37
N GLY A 43 -3.79 1.48 11.71
CA GLY A 43 -4.73 2.52 12.02
C GLY A 43 -4.54 3.69 11.07
N LEU A 44 -5.51 4.57 11.00
CA LEU A 44 -5.42 5.69 10.08
C LEU A 44 -6.01 6.95 10.72
N ARG A 45 -5.37 8.07 10.49
CA ARG A 45 -5.80 9.35 11.03
C ARG A 45 -6.15 10.29 9.91
N TYR A 46 -6.92 11.30 10.22
CA TYR A 46 -7.30 12.32 9.26
C TYR A 46 -7.85 13.51 9.98
N ARG A 47 -8.16 14.55 9.24
CA ARG A 47 -8.74 15.73 9.82
C ARG A 47 -10.01 16.08 9.09
N ASN A 48 -11.10 16.10 9.81
CA ASN A 48 -12.38 16.42 9.22
C ASN A 48 -12.53 17.91 9.02
N PRO A 49 -12.87 18.33 7.80
CA PRO A 49 -12.97 19.75 7.42
C PRO A 49 -14.21 20.43 8.03
N VAL A 50 -14.94 19.70 8.84
CA VAL A 50 -16.12 20.22 9.46
C VAL A 50 -15.78 21.01 10.72
N GLU A 51 -15.03 20.39 11.63
CA GLU A 51 -14.64 21.04 12.87
C GLU A 51 -13.12 21.21 12.99
N GLN A 52 -12.40 20.87 11.90
CA GLN A 52 -10.93 21.02 11.84
C GLN A 52 -10.20 20.16 12.87
N CYS A 53 -10.85 19.12 13.33
CA CYS A 53 -10.26 18.26 14.34
C CYS A 53 -9.69 17.00 13.72
N MET A 54 -8.65 16.46 14.35
CA MET A 54 -8.06 15.22 13.91
C MET A 54 -8.90 14.08 14.42
N ARG A 55 -8.93 13.00 13.67
CA ARG A 55 -9.73 11.85 14.05
C ARG A 55 -9.12 10.60 13.45
N GLY A 56 -9.56 9.45 13.92
CA GLY A 56 -9.08 8.21 13.38
C GLY A 56 -10.15 7.48 12.62
N VAL A 57 -9.76 6.83 11.53
CA VAL A 57 -10.70 6.09 10.72
C VAL A 57 -11.13 4.83 11.46
N ARG A 58 -12.39 4.45 11.30
CA ARG A 58 -12.91 3.25 11.93
C ARG A 58 -12.34 2.02 11.28
N LEU A 59 -11.97 1.07 12.09
CA LEU A 59 -11.43 -0.17 11.58
C LEU A 59 -12.01 -1.35 12.32
N VAL A 60 -12.34 -2.38 11.59
CA VAL A 60 -12.94 -3.56 12.16
C VAL A 60 -12.29 -4.79 11.57
N GLU A 61 -11.57 -5.52 12.42
CA GLU A 61 -10.89 -6.76 12.02
C GLU A 61 -9.88 -6.50 10.92
N GLY A 62 -9.32 -5.30 10.91
CA GLY A 62 -8.33 -4.97 9.92
C GLY A 62 -8.90 -4.18 8.78
N ILE A 63 -10.21 -4.13 8.67
CA ILE A 63 -10.84 -3.39 7.59
C ILE A 63 -11.20 -1.99 8.03
N LEU A 64 -10.58 -1.02 7.43
CA LEU A 64 -10.87 0.36 7.72
C LEU A 64 -12.05 0.80 6.89
N HIS A 65 -13.04 1.35 7.54
CA HIS A 65 -14.25 1.77 6.88
C HIS A 65 -14.21 3.25 6.54
N ALA A 66 -14.43 3.55 5.27
CA ALA A 66 -14.38 4.92 4.79
C ALA A 66 -15.47 5.79 5.42
N PRO A 67 -15.20 7.09 5.55
CA PRO A 67 -16.17 8.04 6.08
C PRO A 67 -17.37 8.23 5.15
N ASP A 68 -18.16 9.25 5.40
CA ASP A 68 -19.37 9.51 4.63
C ASP A 68 -19.09 9.78 3.15
N ALA A 69 -18.04 10.56 2.89
CA ALA A 69 -17.70 10.93 1.52
C ALA A 69 -16.78 9.90 0.85
N GLY A 70 -16.27 8.97 1.64
CA GLY A 70 -15.37 7.97 1.10
C GLY A 70 -13.93 8.29 1.40
N TRP A 71 -13.01 7.65 0.69
CA TRP A 71 -11.59 7.87 0.91
C TRP A 71 -11.07 9.03 0.04
N GLY A 72 -11.35 8.96 -1.25
CA GLY A 72 -10.84 9.95 -2.18
C GLY A 72 -11.51 11.31 -2.08
N ASN A 73 -11.13 12.06 -1.06
CA ASN A 73 -11.65 13.41 -0.84
C ASN A 73 -10.88 14.11 0.27
N LEU A 74 -10.42 13.35 1.25
CA LEU A 74 -9.67 13.93 2.36
C LEU A 74 -8.25 13.39 2.40
N VAL A 75 -7.46 13.90 3.34
CA VAL A 75 -6.10 13.45 3.51
C VAL A 75 -6.00 12.55 4.74
N TYR A 76 -5.11 11.59 4.69
CA TYR A 76 -4.97 10.65 5.78
C TYR A 76 -3.51 10.50 6.21
N VAL A 77 -3.32 10.08 7.45
CA VAL A 77 -2.00 9.83 8.01
C VAL A 77 -2.01 8.49 8.72
N VAL A 78 -1.05 7.63 8.42
CA VAL A 78 -1.01 6.30 9.02
C VAL A 78 -0.66 6.38 10.50
N ASN A 79 -1.25 5.51 11.29
CA ASN A 79 -0.99 5.49 12.71
C ASN A 79 0.25 4.70 13.03
N TYR A 80 1.32 5.39 13.38
CA TYR A 80 2.54 4.74 13.78
C TYR A 80 2.58 4.58 15.29
N PRO A 81 2.87 3.37 15.76
CA PRO A 81 2.94 3.05 17.19
C PRO A 81 4.15 3.66 17.88
N LYS A 82 4.38 3.23 19.10
CA LYS A 82 5.48 3.72 19.90
C LYS A 82 6.32 2.58 20.43
N ASP A 83 5.97 1.38 20.01
CA ASP A 83 6.68 0.19 20.43
C ASP A 83 7.60 -0.29 19.31
N MET B 4 4.38 -19.62 -13.06
CA MET B 4 5.20 -18.85 -14.00
C MET B 4 4.33 -18.23 -15.09
N SER B 5 3.87 -17.01 -14.87
CA SER B 5 2.99 -16.36 -15.81
C SER B 5 3.37 -14.90 -16.06
N GLU B 6 2.90 -14.01 -15.20
CA GLU B 6 3.12 -12.60 -15.37
C GLU B 6 4.23 -12.13 -14.46
N ARG B 7 5.46 -12.28 -14.91
CA ARG B 7 6.59 -11.85 -14.11
C ARG B 7 6.56 -10.35 -13.86
N ILE B 8 7.05 -9.96 -12.73
CA ILE B 8 7.06 -8.56 -12.36
C ILE B 8 8.44 -8.17 -11.88
N ARG B 9 8.91 -7.03 -12.33
CA ARG B 9 10.23 -6.56 -11.98
C ARG B 9 10.15 -5.67 -10.74
N VAL B 10 11.06 -5.88 -9.83
CA VAL B 10 11.08 -5.11 -8.60
C VAL B 10 12.40 -5.30 -7.87
N THR B 11 12.75 -4.33 -7.05
CA THR B 11 13.99 -4.38 -6.29
C THR B 11 14.02 -3.25 -5.26
N GLU B 12 15.12 -3.16 -4.54
CA GLU B 12 15.32 -2.10 -3.58
C GLU B 12 16.49 -1.25 -4.01
N ASP B 13 17.57 -1.91 -4.36
CA ASP B 13 18.75 -1.22 -4.81
C ASP B 13 18.76 -1.12 -6.31
N GLU B 14 18.81 0.08 -6.78
CA GLU B 14 18.81 0.41 -8.19
C GLU B 14 20.10 0.00 -8.91
N ASN B 15 21.18 -0.12 -8.15
CA ASN B 15 22.49 -0.44 -8.72
C ASN B 15 22.61 -1.91 -9.02
N ASP B 16 21.82 -2.71 -8.33
CA ASP B 16 21.83 -4.14 -8.54
C ASP B 16 20.78 -4.52 -9.55
N GLU B 17 20.83 -5.74 -10.03
CA GLU B 17 19.86 -6.20 -10.99
C GLU B 17 18.54 -6.51 -10.28
N PRO B 18 17.43 -6.01 -10.83
CA PRO B 18 16.12 -6.22 -10.25
C PRO B 18 15.62 -7.64 -10.45
N ILE B 19 14.93 -8.16 -9.45
CA ILE B 19 14.42 -9.51 -9.51
C ILE B 19 13.05 -9.52 -10.14
N GLU B 20 12.59 -10.69 -10.51
CA GLU B 20 11.31 -10.82 -11.15
C GLU B 20 10.48 -11.87 -10.47
N ILE B 21 9.26 -11.52 -10.16
CA ILE B 21 8.37 -12.40 -9.47
C ILE B 21 7.22 -12.83 -10.38
N PRO B 22 7.09 -14.13 -10.66
CA PRO B 22 6.00 -14.65 -11.47
C PRO B 22 4.64 -14.43 -10.80
N SER B 23 3.87 -13.51 -11.34
CA SER B 23 2.56 -13.21 -10.80
C SER B 23 1.50 -13.94 -11.59
N GLU B 24 0.30 -13.93 -11.06
CA GLU B 24 -0.81 -14.56 -11.71
C GLU B 24 -1.49 -13.55 -12.61
N ASP B 25 -2.01 -14.03 -13.75
CA ASP B 25 -2.65 -13.16 -14.75
C ASP B 25 -3.87 -12.44 -14.16
N ASP B 26 -4.42 -12.99 -13.09
CA ASP B 26 -5.56 -12.39 -12.41
C ASP B 26 -5.17 -11.06 -11.75
N GLY B 27 -3.86 -10.88 -11.56
CA GLY B 27 -3.37 -9.69 -10.92
C GLY B 27 -3.05 -9.92 -9.47
N THR B 28 -2.65 -11.14 -9.16
CA THR B 28 -2.31 -11.50 -7.81
C THR B 28 -0.91 -12.08 -7.71
N VAL B 29 -0.23 -11.79 -6.61
CA VAL B 29 1.09 -12.33 -6.35
C VAL B 29 1.15 -12.98 -4.97
N LEU B 30 1.96 -14.02 -4.85
CA LEU B 30 2.11 -14.72 -3.60
C LEU B 30 3.30 -14.17 -2.80
N LEU B 31 3.11 -13.98 -1.51
CA LEU B 31 4.17 -13.46 -0.62
C LEU B 31 5.42 -14.34 -0.69
N SER B 32 5.21 -15.64 -0.67
CA SER B 32 6.30 -16.60 -0.75
C SER B 32 7.14 -16.39 -2.01
N THR B 33 6.49 -15.97 -3.10
CA THR B 33 7.18 -15.74 -4.34
C THR B 33 8.03 -14.47 -4.26
N VAL B 34 7.54 -13.50 -3.50
CA VAL B 34 8.25 -12.25 -3.28
C VAL B 34 9.46 -12.50 -2.36
N THR B 35 9.20 -13.16 -1.24
CA THR B 35 10.21 -13.47 -0.26
C THR B 35 11.23 -14.47 -0.81
N ALA B 36 10.86 -15.13 -1.91
CA ALA B 36 11.73 -16.08 -2.59
C ALA B 36 13.05 -15.42 -2.99
N GLN B 37 13.00 -14.12 -3.29
CA GLN B 37 14.19 -13.38 -3.67
C GLN B 37 14.57 -12.39 -2.58
N PHE B 38 13.57 -11.70 -2.05
CA PHE B 38 13.80 -10.75 -1.00
C PHE B 38 13.74 -11.47 0.34
N PRO B 39 14.76 -11.30 1.17
CA PRO B 39 14.84 -11.96 2.48
C PRO B 39 13.78 -11.48 3.49
N GLY B 40 12.50 -11.59 3.13
CA GLY B 40 11.46 -11.27 4.08
C GLY B 40 10.69 -10.02 3.73
N ALA B 41 10.91 -9.48 2.55
CA ALA B 41 10.22 -8.28 2.14
C ALA B 41 8.74 -8.56 1.94
N CYS B 42 7.92 -7.56 2.16
CA CYS B 42 6.48 -7.68 2.01
C CYS B 42 5.94 -6.38 1.46
N GLY B 43 4.85 -6.46 0.72
CA GLY B 43 4.27 -5.27 0.11
C GLY B 43 5.09 -4.76 -1.07
N LEU B 44 4.47 -3.95 -1.90
CA LEU B 44 5.13 -3.38 -3.06
C LEU B 44 4.58 -1.98 -3.33
N ARG B 45 5.43 -1.11 -3.86
CA ARG B 45 4.99 0.24 -4.22
C ARG B 45 5.97 0.89 -5.19
N TYR B 46 5.53 1.98 -5.79
CA TYR B 46 6.33 2.67 -6.77
C TYR B 46 6.12 4.16 -6.65
N ARG B 47 7.08 4.92 -7.16
CA ARG B 47 6.95 6.36 -7.13
C ARG B 47 6.06 6.80 -8.28
N ASN B 48 4.94 7.35 -7.92
CA ASN B 48 3.99 7.82 -8.91
C ASN B 48 4.44 9.19 -9.40
N PRO B 49 4.76 9.31 -10.70
CA PRO B 49 5.26 10.56 -11.26
C PRO B 49 4.23 11.69 -11.21
N VAL B 50 2.97 11.32 -11.00
CA VAL B 50 1.89 12.28 -10.93
C VAL B 50 2.04 13.21 -9.72
N SER B 51 2.25 12.65 -8.55
CA SER B 51 2.34 13.45 -7.33
C SER B 51 3.64 13.19 -6.57
N GLN B 52 4.52 12.37 -7.16
CA GLN B 52 5.80 12.01 -6.54
C GLN B 52 5.59 11.25 -5.24
N CYS B 53 4.45 10.61 -5.12
CA CYS B 53 4.11 9.86 -3.94
C CYS B 53 4.37 8.39 -4.17
N MET B 54 4.69 7.67 -3.13
CA MET B 54 4.94 6.25 -3.25
C MET B 54 3.63 5.50 -3.18
N ARG B 55 3.06 5.20 -4.32
CA ARG B 55 1.79 4.50 -4.38
C ARG B 55 1.99 3.00 -4.20
N GLY B 56 1.37 2.46 -3.18
CA GLY B 56 1.49 1.04 -2.89
C GLY B 56 0.46 0.18 -3.57
N VAL B 57 0.51 -1.11 -3.29
CA VAL B 57 -0.41 -2.08 -3.88
C VAL B 57 -1.18 -2.84 -2.79
N ARG B 58 -2.40 -3.27 -3.11
CA ARG B 58 -3.26 -4.01 -2.16
C ARG B 58 -2.58 -5.29 -1.65
N LEU B 59 -2.84 -5.63 -0.39
CA LEU B 59 -2.30 -6.83 0.22
C LEU B 59 -3.36 -7.54 1.04
N VAL B 60 -3.40 -8.85 0.95
CA VAL B 60 -4.34 -9.65 1.72
C VAL B 60 -3.78 -11.06 1.99
N GLU B 61 -3.42 -11.32 3.25
CA GLU B 61 -2.89 -12.62 3.67
C GLU B 61 -1.60 -12.97 2.92
N GLY B 62 -0.83 -11.95 2.60
CA GLY B 62 0.41 -12.17 1.88
C GLY B 62 0.21 -12.18 0.39
N ILE B 63 -1.02 -12.04 -0.04
CA ILE B 63 -1.32 -12.02 -1.44
C ILE B 63 -1.49 -10.60 -1.91
N LEU B 64 -0.59 -10.18 -2.77
CA LEU B 64 -0.64 -8.83 -3.30
C LEU B 64 -1.66 -8.77 -4.41
N HIS B 65 -2.50 -7.75 -4.35
CA HIS B 65 -3.52 -7.55 -5.36
C HIS B 65 -3.21 -6.32 -6.18
N ALA B 66 -2.87 -6.55 -7.44
CA ALA B 66 -2.57 -5.49 -8.37
C ALA B 66 -3.75 -4.54 -8.52
N PRO B 67 -3.48 -3.26 -8.86
CA PRO B 67 -4.53 -2.29 -9.10
C PRO B 67 -5.32 -2.66 -10.34
N ASP B 68 -6.24 -1.80 -10.71
CA ASP B 68 -7.09 -2.04 -11.86
C ASP B 68 -6.26 -2.08 -13.15
N ALA B 69 -5.10 -1.45 -13.12
CA ALA B 69 -4.22 -1.39 -14.27
C ALA B 69 -3.33 -2.64 -14.36
N GLY B 70 -3.05 -3.25 -13.22
CA GLY B 70 -2.21 -4.44 -13.21
C GLY B 70 -0.87 -4.20 -12.54
N TRP B 71 0.07 -5.12 -12.75
CA TRP B 71 1.40 -5.04 -12.16
C TRP B 71 2.36 -4.16 -12.99
N GLY B 72 2.08 -4.06 -14.28
CA GLY B 72 2.99 -3.37 -15.20
C GLY B 72 3.25 -1.91 -14.88
N ASN B 73 2.35 -1.30 -14.14
CA ASN B 73 2.49 0.13 -13.83
C ASN B 73 3.08 0.34 -12.44
N LEU B 74 3.28 -0.73 -11.71
CA LEU B 74 3.76 -0.62 -10.33
C LEU B 74 5.14 -1.23 -10.14
N VAL B 75 5.59 -1.98 -11.14
CA VAL B 75 6.88 -2.66 -11.07
C VAL B 75 8.05 -1.68 -10.86
N TYR B 76 8.53 -1.58 -9.62
CA TYR B 76 9.65 -0.71 -9.32
C TYR B 76 10.29 -1.03 -7.96
N VAL B 77 9.63 -0.65 -6.85
CA VAL B 77 10.25 -0.81 -5.55
C VAL B 77 9.48 -1.81 -4.66
N VAL B 78 10.22 -2.58 -3.91
CA VAL B 78 9.63 -3.51 -2.96
C VAL B 78 9.62 -2.90 -1.56
N ASN B 79 8.63 -3.24 -0.78
CA ASN B 79 8.53 -2.75 0.56
C ASN B 79 9.29 -3.65 1.53
N TYR B 80 10.11 -3.04 2.36
CA TYR B 80 10.87 -3.77 3.35
C TYR B 80 10.44 -3.38 4.75
N PRO B 81 9.74 -4.28 5.43
CA PRO B 81 9.29 -4.05 6.79
C PRO B 81 10.33 -4.47 7.83
N LYS B 82 10.47 -3.67 8.86
CA LYS B 82 11.40 -3.98 9.94
C LYS B 82 10.81 -5.05 10.86
N ASP B 83 9.49 -5.24 10.71
CA ASP B 83 8.74 -6.25 11.46
C ASP B 83 8.81 -5.99 12.96
N MET A 4 -11.28 0.29 -12.37
CA MET A 4 -11.80 1.00 -11.19
C MET A 4 -11.04 0.55 -9.95
N SER A 5 -10.68 1.51 -9.11
CA SER A 5 -9.96 1.22 -7.88
C SER A 5 -10.07 2.41 -6.93
N GLU A 6 -10.50 2.15 -5.69
CA GLU A 6 -10.58 3.18 -4.69
C GLU A 6 -9.16 3.69 -4.38
N TYR A 7 -9.04 4.94 -4.00
CA TYR A 7 -7.73 5.52 -3.84
C TYR A 7 -7.65 6.41 -2.60
N ILE A 8 -6.54 6.29 -1.87
CA ILE A 8 -6.29 7.12 -0.69
C ILE A 8 -4.84 7.55 -0.65
N ARG A 9 -4.56 8.53 0.18
CA ARG A 9 -3.20 8.99 0.38
C ARG A 9 -2.91 9.11 1.87
N VAL A 10 -2.14 8.18 2.38
CA VAL A 10 -1.78 8.17 3.77
C VAL A 10 -0.42 8.80 3.97
N THR A 11 -0.03 9.03 5.19
CA THR A 11 1.25 9.65 5.46
C THR A 11 1.82 9.13 6.77
N GLU A 12 3.09 8.79 6.75
CA GLU A 12 3.78 8.34 7.96
C GLU A 12 4.54 9.50 8.59
N ASP A 13 5.03 10.40 7.75
CA ASP A 13 5.77 11.57 8.20
C ASP A 13 5.23 12.81 7.56
N GLU A 14 4.80 13.75 8.35
CA GLU A 14 4.23 14.99 7.85
C GLU A 14 5.26 15.89 7.17
N ASN A 15 6.54 15.58 7.37
CA ASN A 15 7.61 16.40 6.80
C ASN A 15 7.92 15.93 5.39
N ASP A 16 7.76 14.64 5.17
CA ASP A 16 8.03 14.05 3.87
C ASP A 16 6.77 13.98 3.04
N GLU A 17 6.87 13.32 1.91
CA GLU A 17 5.77 13.18 1.01
C GLU A 17 4.86 12.04 1.46
N PRO A 18 3.55 12.20 1.25
CA PRO A 18 2.57 11.18 1.59
C PRO A 18 2.76 9.93 0.75
N ILE A 19 2.21 8.85 1.23
CA ILE A 19 2.26 7.60 0.50
C ILE A 19 0.87 7.31 -0.04
N GLU A 20 0.81 6.94 -1.28
CA GLU A 20 -0.47 6.70 -1.91
C GLU A 20 -0.80 5.22 -1.88
N ILE A 21 -2.03 4.90 -1.51
CA ILE A 21 -2.44 3.51 -1.38
C ILE A 21 -3.71 3.21 -2.18
N PRO A 22 -3.68 2.15 -3.00
CA PRO A 22 -4.85 1.72 -3.74
C PRO A 22 -5.75 0.86 -2.85
N SER A 23 -6.90 1.37 -2.54
CA SER A 23 -7.83 0.71 -1.66
C SER A 23 -8.69 -0.28 -2.43
N GLU A 24 -9.58 -0.96 -1.73
CA GLU A 24 -10.43 -1.94 -2.33
C GLU A 24 -11.59 -1.26 -3.03
N ASP A 25 -12.06 -1.86 -4.11
CA ASP A 25 -13.15 -1.30 -4.94
C ASP A 25 -14.43 -1.11 -4.10
N ASP A 26 -14.50 -1.84 -3.00
CA ASP A 26 -15.63 -1.76 -2.08
C ASP A 26 -15.68 -0.39 -1.38
N GLY A 27 -14.56 0.33 -1.41
CA GLY A 27 -14.50 1.61 -0.76
C GLY A 27 -13.89 1.52 0.62
N THR A 28 -13.27 0.40 0.89
CA THR A 28 -12.63 0.16 2.15
C THR A 28 -11.13 -0.10 1.97
N VAL A 29 -10.38 0.08 3.03
CA VAL A 29 -8.94 -0.14 2.99
C VAL A 29 -8.56 -1.32 3.88
N LEU A 30 -7.67 -2.15 3.41
CA LEU A 30 -7.24 -3.31 4.15
C LEU A 30 -5.96 -3.02 4.91
N LEU A 31 -5.99 -3.30 6.21
CA LEU A 31 -4.87 -3.07 7.11
C LEU A 31 -3.58 -3.73 6.60
N SER A 32 -3.72 -4.88 5.94
CA SER A 32 -2.56 -5.59 5.42
C SER A 32 -1.81 -4.73 4.42
N THR A 33 -2.57 -4.00 3.61
CA THR A 33 -1.99 -3.13 2.61
C THR A 33 -1.24 -1.98 3.28
N VAL A 34 -1.71 -1.60 4.46
CA VAL A 34 -1.07 -0.55 5.24
C VAL A 34 0.23 -1.08 5.85
N THR A 35 0.16 -2.27 6.45
CA THR A 35 1.32 -2.89 7.08
C THR A 35 2.41 -3.25 6.07
N ALA A 36 2.04 -3.28 4.79
CA ALA A 36 2.98 -3.54 3.70
C ALA A 36 4.09 -2.48 3.71
N GLN A 37 3.68 -1.23 3.70
CA GLN A 37 4.61 -0.11 3.72
C GLN A 37 5.00 0.28 5.16
N PHE A 38 4.09 0.12 6.08
CA PHE A 38 4.33 0.50 7.45
C PHE A 38 4.39 -0.73 8.36
N PRO A 39 5.59 -1.22 8.66
CA PRO A 39 5.77 -2.41 9.47
C PRO A 39 5.46 -2.18 10.94
N GLY A 40 4.40 -2.79 11.41
CA GLY A 40 4.02 -2.63 12.80
C GLY A 40 2.94 -1.60 12.99
N ALA A 41 2.78 -0.75 12.00
CA ALA A 41 1.80 0.31 12.08
C ALA A 41 0.44 -0.18 11.67
N CYS A 42 -0.56 0.24 12.40
CA CYS A 42 -1.93 -0.11 12.10
C CYS A 42 -2.86 0.97 12.58
N GLY A 43 -3.96 1.15 11.89
CA GLY A 43 -4.86 2.24 12.20
C GLY A 43 -4.65 3.40 11.24
N LEU A 44 -5.52 4.40 11.30
CA LEU A 44 -5.45 5.51 10.36
C LEU A 44 -6.10 6.76 10.97
N ARG A 45 -5.45 7.89 10.77
CA ARG A 45 -5.92 9.16 11.31
C ARG A 45 -6.15 10.15 10.18
N TYR A 46 -6.95 11.15 10.45
CA TYR A 46 -7.21 12.21 9.51
C TYR A 46 -7.79 13.42 10.23
N ARG A 47 -7.99 14.50 9.51
CA ARG A 47 -8.57 15.68 10.09
C ARG A 47 -9.79 16.10 9.29
N ASN A 48 -10.90 16.21 9.96
CA ASN A 48 -12.13 16.60 9.28
C ASN A 48 -12.16 18.11 9.10
N PRO A 49 -12.38 18.57 7.86
CA PRO A 49 -12.31 19.98 7.51
C PRO A 49 -13.50 20.80 8.02
N VAL A 50 -14.42 20.14 8.69
CA VAL A 50 -15.58 20.82 9.20
C VAL A 50 -15.28 21.50 10.53
N GLU A 51 -14.76 20.72 11.47
CA GLU A 51 -14.46 21.25 12.80
C GLU A 51 -12.97 21.29 13.07
N GLN A 52 -12.17 20.98 12.04
CA GLN A 52 -10.69 21.02 12.13
C GLN A 52 -10.16 20.11 13.23
N CYS A 53 -10.92 19.08 13.55
CA CYS A 53 -10.55 18.17 14.61
C CYS A 53 -9.92 16.89 14.05
N MET A 54 -9.08 16.26 14.86
CA MET A 54 -8.44 15.01 14.48
C MET A 54 -9.35 13.84 14.77
N ARG A 55 -9.50 12.97 13.81
CA ARG A 55 -10.40 11.84 13.94
C ARG A 55 -9.77 10.60 13.33
N GLY A 56 -10.00 9.46 13.96
CA GLY A 56 -9.45 8.22 13.46
C GLY A 56 -10.43 7.46 12.61
N VAL A 57 -9.95 6.79 11.58
CA VAL A 57 -10.81 6.06 10.69
C VAL A 57 -11.35 4.80 11.36
N ARG A 58 -12.61 4.48 11.07
CA ARG A 58 -13.25 3.30 11.63
C ARG A 58 -12.69 2.06 11.03
N LEU A 59 -12.58 1.04 11.83
CA LEU A 59 -12.07 -0.21 11.39
C LEU A 59 -12.87 -1.34 11.95
N VAL A 60 -12.89 -2.42 11.24
CA VAL A 60 -13.57 -3.59 11.67
C VAL A 60 -12.83 -4.83 11.21
N GLU A 61 -12.11 -5.45 12.13
CA GLU A 61 -11.37 -6.68 11.86
C GLU A 61 -10.32 -6.47 10.78
N GLY A 62 -9.76 -5.27 10.71
CA GLY A 62 -8.72 -4.98 9.74
C GLY A 62 -9.20 -4.16 8.56
N ILE A 63 -10.51 -4.08 8.37
CA ILE A 63 -11.04 -3.30 7.27
C ILE A 63 -11.36 -1.90 7.72
N LEU A 64 -10.73 -0.93 7.09
CA LEU A 64 -10.96 0.46 7.41
C LEU A 64 -12.11 0.98 6.57
N HIS A 65 -13.07 1.59 7.24
CA HIS A 65 -14.25 2.11 6.57
C HIS A 65 -14.12 3.59 6.34
N ALA A 66 -14.27 4.00 5.09
CA ALA A 66 -14.19 5.39 4.70
C ALA A 66 -15.26 6.21 5.40
N PRO A 67 -15.00 7.51 5.59
CA PRO A 67 -15.99 8.43 6.15
C PRO A 67 -17.13 8.64 5.15
N ASP A 68 -18.08 9.48 5.51
CA ASP A 68 -19.25 9.72 4.65
C ASP A 68 -18.83 10.32 3.32
N ALA A 69 -17.82 11.18 3.36
CA ALA A 69 -17.31 11.83 2.17
C ALA A 69 -16.40 10.90 1.33
N GLY A 70 -16.00 9.79 1.92
CA GLY A 70 -15.12 8.86 1.22
C GLY A 70 -13.66 9.08 1.57
N TRP A 71 -12.76 8.37 0.91
CA TRP A 71 -11.33 8.49 1.18
C TRP A 71 -10.69 9.66 0.40
N GLY A 72 -10.82 9.60 -0.93
CA GLY A 72 -10.15 10.55 -1.83
C GLY A 72 -10.67 11.97 -1.78
N ASN A 73 -10.50 12.61 -0.64
CA ASN A 73 -10.89 14.00 -0.47
C ASN A 73 -10.09 14.65 0.66
N LEU A 74 -9.63 13.84 1.60
CA LEU A 74 -8.83 14.34 2.70
C LEU A 74 -7.47 13.66 2.73
N VAL A 75 -6.62 14.09 3.65
CA VAL A 75 -5.32 13.48 3.83
C VAL A 75 -5.35 12.56 5.03
N TYR A 76 -4.61 11.48 4.97
CA TYR A 76 -4.61 10.52 6.05
C TYR A 76 -3.20 10.29 6.59
N VAL A 77 -3.14 9.89 7.85
CA VAL A 77 -1.88 9.60 8.52
C VAL A 77 -1.98 8.24 9.20
N VAL A 78 -1.01 7.37 8.95
CA VAL A 78 -1.04 6.02 9.50
C VAL A 78 -0.79 6.04 11.00
N ASN A 79 -1.40 5.11 11.71
CA ASN A 79 -1.21 5.02 13.14
C ASN A 79 0.01 4.18 13.49
N TYR A 80 1.03 4.82 13.99
CA TYR A 80 2.23 4.11 14.43
C TYR A 80 2.21 3.92 15.93
N PRO A 81 2.48 2.70 16.39
CA PRO A 81 2.55 2.38 17.82
C PRO A 81 3.82 2.93 18.44
N LYS A 82 3.88 2.88 19.75
CA LYS A 82 5.04 3.36 20.46
C LYS A 82 6.07 2.25 20.64
N ASP A 83 5.62 1.01 20.54
CA ASP A 83 6.48 -0.13 20.73
C ASP A 83 6.15 -1.21 19.71
N MET B 4 6.09 -20.36 -14.87
CA MET B 4 6.14 -18.90 -15.10
C MET B 4 4.88 -18.43 -15.80
N SER B 5 4.15 -17.54 -15.15
CA SER B 5 2.92 -17.02 -15.71
C SER B 5 3.09 -15.55 -16.09
N GLU B 6 3.26 -14.71 -15.09
CA GLU B 6 3.40 -13.29 -15.30
C GLU B 6 4.48 -12.74 -14.38
N ARG B 7 5.71 -12.84 -14.82
CA ARG B 7 6.84 -12.34 -14.06
C ARG B 7 6.75 -10.82 -13.86
N ILE B 8 7.27 -10.34 -12.76
CA ILE B 8 7.23 -8.93 -12.46
C ILE B 8 8.59 -8.43 -12.02
N ARG B 9 9.02 -7.31 -12.59
CA ARG B 9 10.30 -6.72 -12.23
C ARG B 9 10.17 -5.76 -11.09
N VAL B 10 10.99 -5.93 -10.09
CA VAL B 10 10.94 -5.10 -8.92
C VAL B 10 12.28 -5.13 -8.18
N THR B 11 12.59 -4.07 -7.49
CA THR B 11 13.81 -3.97 -6.74
C THR B 11 13.69 -2.86 -5.69
N GLU B 12 14.69 -2.77 -4.84
CA GLU B 12 14.73 -1.71 -3.84
C GLU B 12 15.80 -0.71 -4.25
N ASP B 13 16.74 -1.19 -5.04
CA ASP B 13 17.84 -0.37 -5.51
C ASP B 13 18.00 -0.53 -7.01
N GLU B 14 17.66 0.49 -7.77
CA GLU B 14 17.77 0.45 -9.22
C GLU B 14 19.22 0.51 -9.68
N ASN B 15 20.13 0.77 -8.76
CA ASN B 15 21.56 0.81 -9.10
C ASN B 15 22.10 -0.60 -9.25
N ASP B 16 21.37 -1.55 -8.69
CA ASP B 16 21.74 -2.95 -8.78
C ASP B 16 20.88 -3.64 -9.84
N GLU B 17 20.81 -4.95 -9.78
CA GLU B 17 20.04 -5.70 -10.73
C GLU B 17 18.63 -5.97 -10.21
N PRO B 18 17.62 -5.49 -10.94
CA PRO B 18 16.23 -5.76 -10.59
C PRO B 18 15.89 -7.23 -10.70
N ILE B 19 15.10 -7.73 -9.78
CA ILE B 19 14.73 -9.13 -9.81
C ILE B 19 13.36 -9.31 -10.44
N GLU B 20 12.96 -10.56 -10.61
CA GLU B 20 11.68 -10.88 -11.20
C GLU B 20 10.95 -11.93 -10.39
N ILE B 21 9.70 -11.66 -10.13
CA ILE B 21 8.88 -12.58 -9.36
C ILE B 21 7.77 -13.14 -10.24
N PRO B 22 7.66 -14.45 -10.37
CA PRO B 22 6.59 -15.07 -11.13
C PRO B 22 5.22 -14.87 -10.47
N SER B 23 4.42 -14.00 -11.04
CA SER B 23 3.09 -13.77 -10.54
C SER B 23 2.11 -14.53 -11.40
N GLU B 24 0.86 -14.52 -11.01
CA GLU B 24 -0.16 -15.17 -11.77
C GLU B 24 -0.86 -14.13 -12.65
N ASP B 25 -1.28 -14.55 -13.84
CA ASP B 25 -1.93 -13.66 -14.81
C ASP B 25 -3.23 -13.11 -14.23
N ASP B 26 -3.67 -13.74 -13.17
CA ASP B 26 -4.87 -13.36 -12.44
C ASP B 26 -4.68 -12.00 -11.76
N GLY B 27 -3.43 -11.57 -11.64
CA GLY B 27 -3.13 -10.32 -11.01
C GLY B 27 -2.85 -10.50 -9.54
N THR B 28 -2.48 -11.70 -9.17
CA THR B 28 -2.19 -12.01 -7.79
C THR B 28 -0.79 -12.59 -7.59
N VAL B 29 -0.11 -12.12 -6.56
CA VAL B 29 1.21 -12.61 -6.22
C VAL B 29 1.21 -13.21 -4.81
N LEU B 30 2.03 -14.21 -4.60
CA LEU B 30 2.13 -14.86 -3.30
C LEU B 30 3.27 -14.26 -2.48
N LEU B 31 3.03 -14.07 -1.20
CA LEU B 31 4.05 -13.53 -0.29
C LEU B 31 5.33 -14.35 -0.35
N SER B 32 5.16 -15.66 -0.35
CA SER B 32 6.26 -16.58 -0.41
C SER B 32 7.13 -16.36 -1.67
N THR B 33 6.49 -15.99 -2.78
CA THR B 33 7.22 -15.77 -4.01
C THR B 33 8.07 -14.49 -3.90
N VAL B 34 7.51 -13.48 -3.23
CA VAL B 34 8.21 -12.21 -3.03
C VAL B 34 9.39 -12.39 -2.08
N THR B 35 9.13 -13.04 -0.95
CA THR B 35 10.14 -13.29 0.06
C THR B 35 11.17 -14.30 -0.44
N ALA B 36 10.81 -15.01 -1.49
CA ALA B 36 11.72 -15.97 -2.12
C ALA B 36 12.88 -15.24 -2.76
N GLN B 37 12.63 -14.01 -3.15
CA GLN B 37 13.61 -13.20 -3.81
C GLN B 37 14.24 -12.24 -2.84
N PHE B 38 13.40 -11.60 -2.12
CA PHE B 38 13.80 -10.63 -1.12
C PHE B 38 13.79 -11.27 0.24
N PRO B 39 14.85 -11.10 1.03
CA PRO B 39 14.97 -11.69 2.37
C PRO B 39 13.98 -11.10 3.41
N GLY B 40 12.69 -11.19 3.11
CA GLY B 40 11.70 -10.76 4.09
C GLY B 40 10.87 -9.57 3.64
N ALA B 41 10.99 -9.20 2.39
CA ALA B 41 10.22 -8.07 1.89
C ALA B 41 8.76 -8.43 1.71
N CYS B 42 7.91 -7.45 1.88
CA CYS B 42 6.47 -7.64 1.73
C CYS B 42 5.88 -6.38 1.12
N GLY B 43 4.79 -6.52 0.39
CA GLY B 43 4.20 -5.37 -0.28
C GLY B 43 5.08 -4.82 -1.42
N LEU B 44 4.49 -3.98 -2.27
CA LEU B 44 5.21 -3.39 -3.40
C LEU B 44 4.82 -1.94 -3.58
N ARG B 45 5.71 -1.19 -4.23
CA ARG B 45 5.50 0.24 -4.52
C ARG B 45 5.99 0.59 -5.89
N TYR B 46 5.78 1.84 -6.25
CA TYR B 46 6.29 2.39 -7.47
C TYR B 46 6.20 3.89 -7.44
N ARG B 47 7.09 4.56 -8.15
CA ARG B 47 7.07 6.00 -8.24
C ARG B 47 5.82 6.41 -9.01
N ASN B 48 4.83 6.83 -8.28
CA ASN B 48 3.53 7.16 -8.85
C ASN B 48 3.58 8.50 -9.56
N PRO B 49 3.24 8.54 -10.86
CA PRO B 49 3.25 9.78 -11.62
C PRO B 49 2.09 10.71 -11.26
N VAL B 50 1.13 10.19 -10.48
CA VAL B 50 -0.03 10.96 -10.08
C VAL B 50 0.36 12.10 -9.12
N SER B 51 1.03 11.75 -8.03
CA SER B 51 1.43 12.75 -7.03
C SER B 51 2.93 12.70 -6.78
N GLN B 52 3.65 11.94 -7.62
CA GLN B 52 5.11 11.79 -7.52
C GLN B 52 5.54 11.09 -6.23
N CYS B 53 4.60 10.43 -5.56
CA CYS B 53 4.86 9.77 -4.32
C CYS B 53 5.09 8.28 -4.56
N MET B 54 5.31 7.53 -3.50
CA MET B 54 5.52 6.11 -3.62
C MET B 54 4.22 5.38 -3.36
N ARG B 55 3.55 5.00 -4.41
CA ARG B 55 2.28 4.32 -4.28
C ARG B 55 2.50 2.84 -4.03
N GLY B 56 1.87 2.31 -2.99
CA GLY B 56 1.97 0.90 -2.69
C GLY B 56 0.96 0.06 -3.44
N VAL B 57 0.93 -1.24 -3.15
CA VAL B 57 -0.02 -2.17 -3.78
C VAL B 57 -0.84 -2.93 -2.73
N ARG B 58 -2.06 -3.33 -3.11
CA ARG B 58 -2.97 -4.06 -2.21
C ARG B 58 -2.33 -5.33 -1.64
N LEU B 59 -2.63 -5.61 -0.39
CA LEU B 59 -2.16 -6.81 0.27
C LEU B 59 -3.28 -7.42 1.08
N VAL B 60 -3.43 -8.73 0.99
CA VAL B 60 -4.46 -9.43 1.74
C VAL B 60 -3.99 -10.83 2.12
N GLU B 61 -3.74 -11.03 3.41
CA GLU B 61 -3.31 -12.33 3.96
C GLU B 61 -2.03 -12.84 3.27
N GLY B 62 -1.18 -11.91 2.87
CA GLY B 62 0.06 -12.29 2.22
C GLY B 62 -0.07 -12.36 0.70
N ILE B 63 -1.26 -12.16 0.21
CA ILE B 63 -1.49 -12.18 -1.20
C ILE B 63 -1.61 -10.78 -1.74
N LEU B 64 -0.72 -10.43 -2.63
CA LEU B 64 -0.72 -9.11 -3.22
C LEU B 64 -1.71 -9.04 -4.36
N HIS B 65 -2.50 -7.99 -4.35
CA HIS B 65 -3.50 -7.79 -5.36
C HIS B 65 -3.15 -6.60 -6.23
N ALA B 66 -2.87 -6.88 -7.49
CA ALA B 66 -2.57 -5.85 -8.45
C ALA B 66 -3.78 -4.94 -8.68
N PRO B 67 -3.54 -3.67 -9.06
CA PRO B 67 -4.62 -2.73 -9.36
C PRO B 67 -5.34 -3.12 -10.64
N ASP B 68 -6.21 -2.25 -11.09
CA ASP B 68 -7.00 -2.48 -12.30
C ASP B 68 -6.09 -2.62 -13.52
N ALA B 69 -4.93 -1.98 -13.45
CA ALA B 69 -3.97 -1.99 -14.54
C ALA B 69 -3.01 -3.18 -14.44
N GLY B 70 -3.12 -3.94 -13.36
CA GLY B 70 -2.26 -5.10 -13.19
C GLY B 70 -0.90 -4.75 -12.62
N TRP B 71 0.05 -5.67 -12.75
CA TRP B 71 1.40 -5.47 -12.22
C TRP B 71 2.23 -4.62 -13.16
N GLY B 72 1.84 -4.59 -14.43
CA GLY B 72 2.60 -3.91 -15.46
C GLY B 72 2.74 -2.40 -15.26
N ASN B 73 2.05 -1.84 -14.28
CA ASN B 73 2.14 -0.41 -14.04
C ASN B 73 2.80 -0.10 -12.70
N LEU B 74 3.13 -1.15 -11.95
CA LEU B 74 3.70 -0.98 -10.62
C LEU B 74 5.08 -1.60 -10.51
N VAL B 75 5.52 -2.29 -11.56
CA VAL B 75 6.82 -2.94 -11.58
C VAL B 75 7.95 -1.93 -11.39
N TYR B 76 8.35 -1.75 -10.14
CA TYR B 76 9.38 -0.79 -9.81
C TYR B 76 10.08 -1.13 -8.49
N VAL B 77 9.48 -0.73 -7.38
CA VAL B 77 10.12 -0.83 -6.07
C VAL B 77 9.37 -1.78 -5.13
N VAL B 78 10.12 -2.50 -4.31
CA VAL B 78 9.54 -3.41 -3.33
C VAL B 78 9.51 -2.75 -1.94
N ASN B 79 8.59 -3.19 -1.10
CA ASN B 79 8.50 -2.68 0.25
C ASN B 79 9.32 -3.55 1.20
N TYR B 80 10.20 -2.92 1.95
CA TYR B 80 11.02 -3.64 2.91
C TYR B 80 10.62 -3.33 4.34
N PRO B 81 9.89 -4.23 4.99
CA PRO B 81 9.50 -4.10 6.36
C PRO B 81 10.50 -4.81 7.28
N LYS B 82 10.56 -4.39 8.53
CA LYS B 82 11.45 -5.01 9.48
C LYS B 82 10.81 -6.26 10.08
N ASP B 83 9.49 -6.32 9.95
CA ASP B 83 8.72 -7.40 10.53
C ASP B 83 8.58 -8.55 9.55
N MET A 4 -15.81 -0.04 -8.30
CA MET A 4 -14.43 0.40 -8.55
C MET A 4 -13.71 0.63 -7.24
N SER A 5 -12.41 0.84 -7.29
CA SER A 5 -11.63 1.04 -6.10
C SER A 5 -11.52 2.52 -5.74
N GLU A 6 -11.59 2.80 -4.45
CA GLU A 6 -11.40 4.15 -3.95
C GLU A 6 -9.92 4.47 -3.86
N TYR A 7 -9.59 5.70 -3.56
CA TYR A 7 -8.20 6.09 -3.44
C TYR A 7 -7.97 6.93 -2.22
N ILE A 8 -6.89 6.65 -1.53
CA ILE A 8 -6.52 7.40 -0.36
C ILE A 8 -5.02 7.62 -0.39
N ARG A 9 -4.55 8.58 0.36
CA ARG A 9 -3.14 8.80 0.48
C ARG A 9 -2.74 8.97 1.92
N VAL A 10 -2.08 7.96 2.45
CA VAL A 10 -1.65 8.00 3.81
C VAL A 10 -0.19 8.40 3.89
N THR A 11 0.13 9.20 4.84
CA THR A 11 1.48 9.65 5.00
C THR A 11 2.03 9.18 6.33
N GLU A 12 3.25 8.68 6.31
CA GLU A 12 3.90 8.23 7.53
C GLU A 12 4.45 9.42 8.31
N ASP A 13 5.22 10.25 7.63
CA ASP A 13 5.73 11.47 8.23
C ASP A 13 5.49 12.63 7.28
N GLU A 14 5.15 13.78 7.83
CA GLU A 14 4.85 14.96 7.03
C GLU A 14 6.07 15.52 6.27
N ASN A 15 7.28 15.06 6.62
CA ASN A 15 8.48 15.53 5.92
C ASN A 15 8.75 14.67 4.71
N ASP A 16 8.31 13.43 4.77
CA ASP A 16 8.48 12.50 3.66
C ASP A 16 7.39 12.69 2.63
N GLU A 17 7.44 11.88 1.59
CA GLU A 17 6.43 11.92 0.55
C GLU A 17 5.19 11.19 1.01
N PRO A 18 4.00 11.69 0.63
CA PRO A 18 2.77 11.01 0.94
C PRO A 18 2.69 9.70 0.19
N ILE A 19 1.94 8.77 0.70
CA ILE A 19 1.88 7.47 0.07
C ILE A 19 0.47 7.23 -0.46
N GLU A 20 0.39 6.75 -1.69
CA GLU A 20 -0.89 6.50 -2.32
C GLU A 20 -1.33 5.07 -2.07
N ILE A 21 -2.48 4.91 -1.46
CA ILE A 21 -2.97 3.59 -1.15
C ILE A 21 -4.25 3.31 -1.94
N PRO A 22 -4.21 2.32 -2.84
CA PRO A 22 -5.39 1.91 -3.58
C PRO A 22 -6.33 1.15 -2.65
N SER A 23 -7.51 1.69 -2.45
CA SER A 23 -8.45 1.10 -1.54
C SER A 23 -9.17 -0.07 -2.21
N GLU A 24 -9.97 -0.77 -1.45
CA GLU A 24 -10.67 -1.90 -1.96
C GLU A 24 -11.93 -1.47 -2.68
N ASP A 25 -12.43 -2.34 -3.54
CA ASP A 25 -13.62 -2.06 -4.35
C ASP A 25 -14.85 -1.79 -3.49
N ASP A 26 -14.81 -2.25 -2.25
CA ASP A 26 -15.91 -2.06 -1.32
C ASP A 26 -16.00 -0.59 -0.86
N GLY A 27 -14.92 0.15 -1.01
CA GLY A 27 -14.91 1.52 -0.54
C GLY A 27 -14.26 1.60 0.82
N THR A 28 -13.65 0.52 1.22
CA THR A 28 -12.95 0.41 2.46
C THR A 28 -11.46 0.22 2.21
N VAL A 29 -10.64 0.38 3.24
CA VAL A 29 -9.21 0.19 3.11
C VAL A 29 -8.77 -1.03 3.87
N LEU A 30 -7.96 -1.84 3.24
CA LEU A 30 -7.45 -3.06 3.82
C LEU A 30 -6.13 -2.81 4.55
N LEU A 31 -6.13 -3.08 5.86
CA LEU A 31 -4.96 -2.86 6.71
C LEU A 31 -3.71 -3.56 6.19
N SER A 32 -3.90 -4.68 5.49
CA SER A 32 -2.79 -5.44 4.94
C SER A 32 -1.93 -4.56 4.03
N THR A 33 -2.60 -3.72 3.24
CA THR A 33 -1.92 -2.83 2.31
C THR A 33 -1.14 -1.76 3.08
N VAL A 34 -1.64 -1.41 4.26
CA VAL A 34 -1.00 -0.42 5.10
C VAL A 34 0.24 -1.02 5.76
N THR A 35 0.09 -2.22 6.31
CA THR A 35 1.19 -2.92 6.98
C THR A 35 2.29 -3.32 5.99
N ALA A 36 1.94 -3.30 4.71
CA ALA A 36 2.89 -3.61 3.64
C ALA A 36 4.09 -2.66 3.70
N GLN A 37 3.83 -1.36 3.70
CA GLN A 37 4.90 -0.38 3.75
C GLN A 37 5.22 0.05 5.16
N PHE A 38 4.21 0.08 6.01
CA PHE A 38 4.40 0.53 7.38
C PHE A 38 4.39 -0.64 8.35
N PRO A 39 5.57 -1.17 8.68
CA PRO A 39 5.69 -2.30 9.59
C PRO A 39 5.56 -1.89 11.04
N GLY A 40 4.57 -2.42 11.70
CA GLY A 40 4.35 -2.09 13.08
C GLY A 40 3.32 -1.00 13.23
N ALA A 41 2.93 -0.43 12.10
CA ALA A 41 1.96 0.62 12.09
C ALA A 41 0.62 0.08 11.63
N CYS A 42 -0.43 0.55 12.25
CA CYS A 42 -1.77 0.15 11.88
C CYS A 42 -2.76 1.19 12.32
N GLY A 43 -3.85 1.32 11.59
CA GLY A 43 -4.80 2.36 11.88
C GLY A 43 -4.55 3.58 11.02
N LEU A 44 -5.47 4.53 11.02
CA LEU A 44 -5.33 5.71 10.17
C LEU A 44 -5.80 6.97 10.91
N ARG A 45 -5.08 8.07 10.71
CA ARG A 45 -5.38 9.34 11.34
C ARG A 45 -5.73 10.37 10.27
N TYR A 46 -6.64 11.26 10.60
CA TYR A 46 -7.04 12.32 9.70
C TYR A 46 -7.66 13.45 10.49
N ARG A 47 -7.96 14.54 9.83
CA ARG A 47 -8.62 15.64 10.45
C ARG A 47 -9.93 15.92 9.77
N ASN A 48 -11.00 15.91 10.53
CA ASN A 48 -12.28 16.23 9.97
C ASN A 48 -12.38 17.74 9.71
N PRO A 49 -12.62 18.13 8.45
CA PRO A 49 -12.65 19.54 8.04
C PRO A 49 -13.82 20.31 8.66
N VAL A 50 -14.60 19.64 9.46
CA VAL A 50 -15.73 20.26 10.11
C VAL A 50 -15.33 20.98 11.39
N GLU A 51 -14.66 20.26 12.28
CA GLU A 51 -14.29 20.82 13.58
C GLU A 51 -12.77 21.00 13.72
N GLN A 52 -12.03 20.66 12.67
CA GLN A 52 -10.56 20.81 12.64
C GLN A 52 -9.89 19.93 13.70
N CYS A 53 -10.57 18.88 14.09
CA CYS A 53 -10.04 17.98 15.11
C CYS A 53 -9.46 16.72 14.46
N MET A 54 -8.45 16.17 15.11
CA MET A 54 -7.82 14.95 14.64
C MET A 54 -8.65 13.75 15.08
N ARG A 55 -8.76 12.78 14.22
CA ARG A 55 -9.54 11.61 14.52
C ARG A 55 -8.94 10.38 13.85
N GLY A 56 -9.25 9.21 14.38
CA GLY A 56 -8.80 8.00 13.78
C GLY A 56 -9.90 7.33 13.02
N VAL A 57 -9.59 6.76 11.87
CA VAL A 57 -10.60 6.12 11.06
C VAL A 57 -11.11 4.83 11.70
N ARG A 58 -12.42 4.59 11.56
CA ARG A 58 -13.05 3.38 12.09
C ARG A 58 -12.45 2.14 11.48
N LEU A 59 -12.11 1.20 12.33
CA LEU A 59 -11.53 -0.04 11.87
C LEU A 59 -12.26 -1.23 12.43
N VAL A 60 -12.42 -2.24 11.62
CA VAL A 60 -13.05 -3.46 12.06
C VAL A 60 -12.44 -4.66 11.34
N GLU A 61 -11.76 -5.50 12.12
CA GLU A 61 -11.12 -6.71 11.60
C GLU A 61 -10.10 -6.38 10.51
N GLY A 62 -9.48 -5.21 10.62
CA GLY A 62 -8.48 -4.80 9.67
C GLY A 62 -9.04 -3.95 8.55
N ILE A 63 -10.33 -3.80 8.51
CA ILE A 63 -10.95 -3.01 7.46
C ILE A 63 -11.27 -1.61 7.96
N LEU A 64 -10.68 -0.61 7.32
CA LEU A 64 -10.94 0.77 7.66
C LEU A 64 -12.15 1.26 6.89
N HIS A 65 -13.08 1.85 7.60
CA HIS A 65 -14.31 2.35 6.99
C HIS A 65 -14.22 3.84 6.71
N ALA A 66 -14.47 4.20 5.45
CA ALA A 66 -14.40 5.59 5.03
C ALA A 66 -15.44 6.46 5.70
N PRO A 67 -15.15 7.76 5.86
CA PRO A 67 -16.08 8.71 6.43
C PRO A 67 -17.24 8.99 5.49
N ASP A 68 -18.12 9.90 5.88
CA ASP A 68 -19.32 10.23 5.10
C ASP A 68 -18.97 10.79 3.73
N ALA A 69 -17.82 11.44 3.64
CA ALA A 69 -17.39 12.04 2.38
C ALA A 69 -16.56 11.07 1.52
N GLY A 70 -16.21 9.92 2.09
CA GLY A 70 -15.40 8.96 1.36
C GLY A 70 -13.92 9.19 1.61
N TRP A 71 -13.07 8.42 0.95
CA TRP A 71 -11.63 8.55 1.14
C TRP A 71 -11.02 9.66 0.27
N GLY A 72 -11.20 9.52 -1.04
CA GLY A 72 -10.59 10.43 -2.01
C GLY A 72 -11.10 11.85 -1.95
N ASN A 73 -10.57 12.62 -1.02
CA ASN A 73 -10.92 14.04 -0.86
C ASN A 73 -10.11 14.67 0.28
N LEU A 74 -9.69 13.83 1.24
CA LEU A 74 -8.89 14.30 2.36
C LEU A 74 -7.51 13.66 2.33
N VAL A 75 -6.61 14.15 3.17
CA VAL A 75 -5.29 13.55 3.32
C VAL A 75 -5.32 12.61 4.50
N TYR A 76 -4.49 11.61 4.46
CA TYR A 76 -4.50 10.62 5.50
C TYR A 76 -3.12 10.37 6.07
N VAL A 77 -3.08 9.93 7.30
CA VAL A 77 -1.84 9.62 7.99
C VAL A 77 -1.96 8.22 8.59
N VAL A 78 -0.87 7.49 8.62
CA VAL A 78 -0.88 6.14 9.18
C VAL A 78 -0.64 6.19 10.67
N ASN A 79 -1.31 5.32 11.42
CA ASN A 79 -1.13 5.31 12.85
C ASN A 79 0.16 4.60 13.24
N TYR A 80 1.17 5.38 13.51
CA TYR A 80 2.45 4.85 13.94
C TYR A 80 2.59 4.97 15.44
N PRO A 81 2.98 3.88 16.12
CA PRO A 81 3.23 3.90 17.56
C PRO A 81 4.46 4.72 17.90
N LYS A 82 4.75 4.82 19.18
CA LYS A 82 5.93 5.54 19.64
C LYS A 82 7.20 4.73 19.37
N ASP A 83 7.01 3.49 18.94
CA ASP A 83 8.11 2.60 18.65
C ASP A 83 8.19 2.34 17.16
N MET B 4 6.76 -19.76 -14.46
CA MET B 4 6.73 -18.36 -14.93
C MET B 4 5.43 -18.09 -15.67
N SER B 5 4.84 -16.95 -15.39
CA SER B 5 3.63 -16.54 -16.06
C SER B 5 3.70 -15.04 -16.35
N GLU B 6 3.55 -14.24 -15.32
CA GLU B 6 3.65 -12.81 -15.45
C GLU B 6 4.77 -12.32 -14.55
N ARG B 7 5.94 -12.22 -15.12
CA ARG B 7 7.10 -11.76 -14.39
C ARG B 7 6.94 -10.32 -13.91
N ILE B 8 7.51 -10.00 -12.78
CA ILE B 8 7.43 -8.66 -12.26
C ILE B 8 8.80 -8.14 -11.82
N ARG B 9 9.23 -7.08 -12.47
CA ARG B 9 10.49 -6.46 -12.16
C ARG B 9 10.33 -5.60 -10.92
N VAL B 10 11.16 -5.81 -9.96
CA VAL B 10 11.05 -5.08 -8.73
C VAL B 10 12.39 -5.03 -7.98
N THR B 11 12.58 -3.96 -7.22
CA THR B 11 13.77 -3.78 -6.43
C THR B 11 13.57 -2.61 -5.49
N GLU B 12 14.50 -2.41 -4.58
CA GLU B 12 14.44 -1.27 -3.67
C GLU B 12 15.59 -0.35 -4.01
N ASP B 13 16.77 -0.91 -4.06
CA ASP B 13 17.94 -0.14 -4.42
C ASP B 13 18.15 -0.23 -5.92
N GLU B 14 17.98 0.88 -6.62
CA GLU B 14 18.10 0.91 -8.07
C GLU B 14 19.56 0.78 -8.54
N ASN B 15 20.48 0.80 -7.60
CA ASN B 15 21.90 0.65 -7.94
C ASN B 15 22.28 -0.80 -7.89
N ASP B 16 21.46 -1.58 -7.19
CA ASP B 16 21.69 -3.00 -7.08
C ASP B 16 21.02 -3.71 -8.25
N GLU B 17 20.83 -5.01 -8.13
CA GLU B 17 20.25 -5.78 -9.20
C GLU B 17 18.75 -5.82 -9.10
N PRO B 18 18.06 -5.28 -10.11
CA PRO B 18 16.62 -5.39 -10.21
C PRO B 18 16.22 -6.83 -10.41
N ILE B 19 15.44 -7.34 -9.50
CA ILE B 19 15.06 -8.73 -9.56
C ILE B 19 13.69 -8.89 -10.22
N GLU B 20 13.29 -10.12 -10.46
CA GLU B 20 12.05 -10.39 -11.14
C GLU B 20 11.36 -11.62 -10.52
N ILE B 21 10.09 -11.46 -10.17
CA ILE B 21 9.32 -12.56 -9.56
C ILE B 21 8.20 -13.01 -10.49
N PRO B 22 8.01 -14.33 -10.65
CA PRO B 22 6.93 -14.86 -11.48
C PRO B 22 5.55 -14.76 -10.80
N SER B 23 4.70 -13.90 -11.33
CA SER B 23 3.36 -13.73 -10.79
C SER B 23 2.39 -14.65 -11.51
N GLU B 24 1.16 -14.69 -11.03
CA GLU B 24 0.14 -15.51 -11.63
C GLU B 24 -0.57 -14.72 -12.71
N ASP B 25 -1.04 -15.40 -13.74
CA ASP B 25 -1.70 -14.76 -14.89
C ASP B 25 -2.96 -14.01 -14.45
N ASP B 26 -3.59 -14.47 -13.38
CA ASP B 26 -4.82 -13.86 -12.88
C ASP B 26 -4.56 -12.44 -12.34
N GLY B 27 -3.30 -12.15 -12.07
CA GLY B 27 -2.95 -10.84 -11.56
C GLY B 27 -2.69 -10.88 -10.07
N THR B 28 -2.27 -12.02 -9.59
CA THR B 28 -1.99 -12.19 -8.18
C THR B 28 -0.57 -12.67 -7.95
N VAL B 29 0.01 -12.25 -6.83
CA VAL B 29 1.32 -12.70 -6.43
C VAL B 29 1.26 -13.22 -4.99
N LEU B 30 2.00 -14.28 -4.73
CA LEU B 30 2.05 -14.87 -3.42
C LEU B 30 3.17 -14.23 -2.60
N LEU B 31 2.88 -13.94 -1.34
CA LEU B 31 3.87 -13.34 -0.45
C LEU B 31 5.14 -14.20 -0.36
N SER B 32 4.92 -15.50 -0.25
CA SER B 32 6.02 -16.45 -0.15
C SER B 32 6.95 -16.37 -1.36
N THR B 33 6.39 -16.05 -2.54
CA THR B 33 7.19 -15.93 -3.75
C THR B 33 8.09 -14.70 -3.66
N VAL B 34 7.56 -13.65 -3.06
CA VAL B 34 8.28 -12.40 -2.89
C VAL B 34 9.40 -12.58 -1.86
N THR B 35 9.04 -13.14 -0.72
CA THR B 35 9.99 -13.37 0.35
C THR B 35 10.99 -14.47 -0.01
N ALA B 36 10.66 -15.23 -1.03
CA ALA B 36 11.53 -16.29 -1.52
C ALA B 36 12.75 -15.67 -2.22
N GLN B 37 12.60 -14.43 -2.64
CA GLN B 37 13.67 -13.73 -3.32
C GLN B 37 14.24 -12.68 -2.39
N PHE B 38 13.36 -11.91 -1.77
CA PHE B 38 13.78 -10.85 -0.85
C PHE B 38 13.91 -11.39 0.56
N PRO B 39 14.84 -10.85 1.35
CA PRO B 39 15.06 -11.28 2.73
C PRO B 39 13.93 -10.85 3.71
N GLY B 40 12.69 -11.06 3.29
CA GLY B 40 11.56 -10.77 4.17
C GLY B 40 10.73 -9.60 3.71
N ALA B 41 10.99 -9.12 2.51
CA ALA B 41 10.25 -7.99 1.97
C ALA B 41 8.79 -8.36 1.74
N CYS B 42 7.91 -7.45 2.07
CA CYS B 42 6.48 -7.68 1.90
C CYS B 42 5.87 -6.48 1.20
N GLY B 43 4.80 -6.71 0.44
CA GLY B 43 4.17 -5.63 -0.29
C GLY B 43 5.06 -5.00 -1.38
N LEU B 44 4.45 -4.25 -2.28
CA LEU B 44 5.16 -3.57 -3.36
C LEU B 44 4.61 -2.16 -3.54
N ARG B 45 5.42 -1.27 -4.09
CA ARG B 45 5.00 0.11 -4.35
C ARG B 45 5.87 0.72 -5.44
N TYR B 46 5.53 1.91 -5.87
CA TYR B 46 6.33 2.59 -6.87
C TYR B 46 5.99 4.06 -6.93
N ARG B 47 6.78 4.80 -7.67
CA ARG B 47 6.57 6.22 -7.79
C ARG B 47 5.45 6.51 -8.78
N ASN B 48 4.33 6.96 -8.25
CA ASN B 48 3.16 7.30 -9.06
C ASN B 48 3.43 8.58 -9.81
N PRO B 49 3.46 8.56 -11.14
CA PRO B 49 3.74 9.74 -11.94
C PRO B 49 2.63 10.79 -11.87
N VAL B 50 1.45 10.36 -11.42
CA VAL B 50 0.33 11.24 -11.28
C VAL B 50 0.45 12.13 -10.04
N SER B 51 0.67 11.50 -8.90
CA SER B 51 0.73 12.22 -7.63
C SER B 51 2.15 12.58 -7.23
N GLN B 52 3.13 11.92 -7.86
CA GLN B 52 4.56 12.09 -7.54
C GLN B 52 4.87 11.50 -6.16
N CYS B 53 3.99 10.65 -5.69
CA CYS B 53 4.13 10.01 -4.41
C CYS B 53 4.38 8.54 -4.64
N MET B 54 4.61 7.80 -3.59
CA MET B 54 4.84 6.38 -3.74
C MET B 54 3.55 5.62 -3.52
N ARG B 55 3.04 5.03 -4.58
CA ARG B 55 1.81 4.26 -4.50
C ARG B 55 2.11 2.80 -4.21
N GLY B 56 1.54 2.30 -3.12
CA GLY B 56 1.66 0.90 -2.81
C GLY B 56 0.66 0.08 -3.58
N VAL B 57 0.72 -1.23 -3.45
CA VAL B 57 -0.21 -2.10 -4.16
C VAL B 57 -1.14 -2.82 -3.19
N ARG B 58 -2.35 -3.09 -3.65
CA ARG B 58 -3.39 -3.76 -2.86
C ARG B 58 -2.91 -5.12 -2.33
N LEU B 59 -2.84 -5.24 -1.01
CA LEU B 59 -2.40 -6.47 -0.38
C LEU B 59 -3.51 -7.06 0.45
N VAL B 60 -3.64 -8.38 0.40
CA VAL B 60 -4.66 -9.06 1.17
C VAL B 60 -4.17 -10.43 1.62
N GLU B 61 -3.90 -10.54 2.92
CA GLU B 61 -3.48 -11.81 3.53
C GLU B 61 -2.22 -12.38 2.84
N GLY B 62 -1.32 -11.49 2.45
CA GLY B 62 -0.09 -11.92 1.82
C GLY B 62 -0.21 -12.07 0.32
N ILE B 63 -1.40 -11.96 -0.19
CA ILE B 63 -1.62 -12.08 -1.60
C ILE B 63 -1.76 -10.71 -2.24
N LEU B 64 -0.82 -10.36 -3.08
CA LEU B 64 -0.84 -9.09 -3.75
C LEU B 64 -1.79 -9.14 -4.92
N HIS B 65 -2.64 -8.15 -5.02
CA HIS B 65 -3.62 -8.08 -6.09
C HIS B 65 -3.33 -6.93 -7.01
N ALA B 66 -2.94 -7.26 -8.22
CA ALA B 66 -2.69 -6.27 -9.25
C ALA B 66 -3.96 -5.51 -9.57
N PRO B 67 -3.85 -4.22 -9.92
CA PRO B 67 -5.00 -3.42 -10.31
C PRO B 67 -5.57 -3.88 -11.65
N ASP B 68 -6.53 -3.13 -12.16
CA ASP B 68 -7.16 -3.45 -13.43
C ASP B 68 -6.14 -3.47 -14.56
N ALA B 69 -5.12 -2.65 -14.42
CA ALA B 69 -4.08 -2.54 -15.41
C ALA B 69 -3.12 -3.75 -15.36
N GLY B 70 -2.92 -4.29 -14.18
CA GLY B 70 -2.01 -5.43 -14.03
C GLY B 70 -0.76 -5.08 -13.25
N TRP B 71 0.27 -5.90 -13.37
CA TRP B 71 1.53 -5.68 -12.67
C TRP B 71 2.47 -4.77 -13.45
N GLY B 72 2.31 -4.76 -14.77
CA GLY B 72 3.24 -4.05 -15.66
C GLY B 72 3.34 -2.55 -15.44
N ASN B 73 2.39 -1.99 -14.71
CA ASN B 73 2.39 -0.55 -14.46
C ASN B 73 2.87 -0.23 -13.06
N LEU B 74 3.11 -1.26 -12.26
CA LEU B 74 3.52 -1.05 -10.89
C LEU B 74 4.91 -1.60 -10.62
N VAL B 75 5.43 -2.38 -11.55
CA VAL B 75 6.74 -3.00 -11.41
C VAL B 75 7.84 -1.97 -11.21
N TYR B 76 8.28 -1.80 -9.97
CA TYR B 76 9.30 -0.83 -9.65
C TYR B 76 9.99 -1.16 -8.33
N VAL B 77 9.35 -0.78 -7.22
CA VAL B 77 9.97 -0.88 -5.90
C VAL B 77 9.26 -1.91 -4.99
N VAL B 78 10.03 -2.57 -4.16
CA VAL B 78 9.50 -3.52 -3.20
C VAL B 78 9.50 -2.89 -1.81
N ASN B 79 8.58 -3.32 -0.97
CA ASN B 79 8.49 -2.79 0.36
C ASN B 79 9.27 -3.63 1.37
N TYR B 80 10.09 -2.98 2.15
CA TYR B 80 10.90 -3.65 3.16
C TYR B 80 10.46 -3.28 4.56
N PRO B 81 10.20 -4.28 5.42
CA PRO B 81 9.85 -4.05 6.79
C PRO B 81 11.10 -3.97 7.69
N LYS B 82 11.06 -3.08 8.67
CA LYS B 82 12.18 -2.91 9.61
C LYS B 82 12.28 -4.07 10.56
N ASP B 83 11.20 -4.81 10.66
CA ASP B 83 11.11 -5.94 11.57
C ASP B 83 11.55 -7.22 10.88
N MET A 4 -11.95 -2.44 -11.03
CA MET A 4 -11.19 -1.21 -10.72
C MET A 4 -11.01 -1.10 -9.20
N SER A 5 -10.38 -0.02 -8.74
CA SER A 5 -10.16 0.19 -7.33
C SER A 5 -9.99 1.68 -7.02
N GLU A 6 -10.37 2.06 -5.81
CA GLU A 6 -10.23 3.43 -5.37
C GLU A 6 -8.85 3.65 -4.77
N TYR A 7 -8.44 4.90 -4.70
CA TYR A 7 -7.16 5.22 -4.14
C TYR A 7 -7.30 6.23 -3.03
N ILE A 8 -6.55 6.03 -1.96
CA ILE A 8 -6.58 6.95 -0.84
C ILE A 8 -5.21 7.56 -0.64
N ARG A 9 -5.16 8.71 -0.03
CA ARG A 9 -3.89 9.39 0.19
C ARG A 9 -3.52 9.45 1.67
N VAL A 10 -2.64 8.54 2.08
CA VAL A 10 -2.14 8.52 3.44
C VAL A 10 -0.73 9.09 3.46
N THR A 11 -0.20 9.30 4.64
CA THR A 11 1.13 9.78 4.78
C THR A 11 1.74 9.29 6.08
N GLU A 12 2.95 8.78 6.00
CA GLU A 12 3.67 8.33 7.19
C GLU A 12 4.41 9.52 7.80
N ASP A 13 5.13 10.24 6.96
CA ASP A 13 5.85 11.42 7.38
C ASP A 13 5.56 12.55 6.43
N GLU A 14 5.15 13.67 6.96
CA GLU A 14 4.82 14.83 6.15
C GLU A 14 6.06 15.44 5.50
N ASN A 15 7.24 15.02 5.96
CA ASN A 15 8.49 15.54 5.42
C ASN A 15 8.82 14.81 4.14
N ASP A 16 8.31 13.61 4.03
CA ASP A 16 8.53 12.80 2.84
C ASP A 16 7.35 12.98 1.90
N GLU A 17 7.21 12.07 0.98
CA GLU A 17 6.18 12.12 0.02
C GLU A 17 4.96 11.34 0.48
N PRO A 18 3.76 11.87 0.23
CA PRO A 18 2.51 11.19 0.54
C PRO A 18 2.45 9.83 -0.13
N ILE A 19 1.70 8.95 0.44
CA ILE A 19 1.56 7.62 -0.09
C ILE A 19 0.11 7.34 -0.44
N GLU A 20 -0.12 6.77 -1.58
CA GLU A 20 -1.47 6.44 -1.96
C GLU A 20 -1.70 4.95 -1.80
N ILE A 21 -2.77 4.60 -1.08
CA ILE A 21 -3.10 3.22 -0.81
C ILE A 21 -4.28 2.79 -1.67
N PRO A 22 -4.15 1.67 -2.39
CA PRO A 22 -5.22 1.16 -3.23
C PRO A 22 -6.32 0.51 -2.41
N SER A 23 -7.41 1.23 -2.26
CA SER A 23 -8.55 0.75 -1.53
C SER A 23 -9.32 -0.23 -2.40
N GLU A 24 -10.16 -1.03 -1.78
CA GLU A 24 -10.94 -1.98 -2.52
C GLU A 24 -12.18 -1.28 -3.07
N ASP A 25 -12.74 -1.82 -4.12
CA ASP A 25 -13.90 -1.22 -4.81
C ASP A 25 -15.11 -1.04 -3.88
N ASP A 26 -15.16 -1.86 -2.84
CA ASP A 26 -16.24 -1.78 -1.85
C ASP A 26 -16.16 -0.49 -1.04
N GLY A 27 -15.02 0.18 -1.12
CA GLY A 27 -14.86 1.44 -0.40
C GLY A 27 -14.16 1.27 0.92
N THR A 28 -13.55 0.13 1.12
CA THR A 28 -12.84 -0.15 2.35
C THR A 28 -11.37 -0.45 2.10
N VAL A 29 -10.54 -0.11 3.07
CA VAL A 29 -9.11 -0.33 2.98
C VAL A 29 -8.71 -1.44 3.93
N LEU A 30 -7.81 -2.28 3.49
CA LEU A 30 -7.35 -3.38 4.31
C LEU A 30 -6.05 -3.02 5.04
N LEU A 31 -6.07 -3.20 6.36
CA LEU A 31 -4.92 -2.88 7.22
C LEU A 31 -3.67 -3.65 6.79
N SER A 32 -3.87 -4.84 6.22
CA SER A 32 -2.76 -5.65 5.74
C SER A 32 -1.99 -4.90 4.64
N THR A 33 -2.71 -4.09 3.89
CA THR A 33 -2.12 -3.29 2.83
C THR A 33 -1.29 -2.17 3.45
N VAL A 34 -1.76 -1.68 4.59
CA VAL A 34 -1.09 -0.64 5.33
C VAL A 34 0.19 -1.19 5.95
N THR A 35 0.08 -2.30 6.67
CA THR A 35 1.21 -2.92 7.34
C THR A 35 2.27 -3.41 6.33
N ALA A 36 1.84 -3.68 5.11
CA ALA A 36 2.73 -4.12 4.04
C ALA A 36 3.84 -3.12 3.80
N GLN A 37 3.49 -1.84 3.80
CA GLN A 37 4.45 -0.80 3.54
C GLN A 37 4.81 -0.03 4.81
N PHE A 38 3.90 -0.03 5.79
CA PHE A 38 4.15 0.61 7.06
C PHE A 38 4.31 -0.47 8.15
N PRO A 39 5.55 -0.87 8.44
CA PRO A 39 5.82 -1.93 9.41
C PRO A 39 5.53 -1.51 10.84
N GLY A 40 4.69 -2.26 11.50
CA GLY A 40 4.34 -1.96 12.88
C GLY A 40 3.21 -0.99 12.97
N ALA A 41 3.03 -0.21 11.93
CA ALA A 41 2.02 0.81 11.90
C ALA A 41 0.65 0.22 11.63
N CYS A 42 -0.30 0.62 12.43
CA CYS A 42 -1.66 0.21 12.25
C CYS A 42 -2.58 1.33 12.67
N GLY A 43 -3.71 1.44 12.03
CA GLY A 43 -4.61 2.54 12.29
C GLY A 43 -4.39 3.68 11.32
N LEU A 44 -5.35 4.58 11.22
CA LEU A 44 -5.26 5.68 10.28
C LEU A 44 -5.86 6.95 10.88
N ARG A 45 -5.22 8.09 10.65
CA ARG A 45 -5.67 9.37 11.18
C ARG A 45 -5.98 10.32 10.06
N TYR A 46 -6.75 11.34 10.36
CA TYR A 46 -7.10 12.38 9.41
C TYR A 46 -7.70 13.55 10.17
N ARG A 47 -8.02 14.61 9.47
CA ARG A 47 -8.64 15.75 10.09
C ARG A 47 -9.95 16.08 9.42
N ASN A 48 -11.02 16.06 10.19
CA ASN A 48 -12.34 16.34 9.67
C ASN A 48 -12.55 17.84 9.48
N PRO A 49 -12.96 18.26 8.27
CA PRO A 49 -13.12 19.67 7.92
C PRO A 49 -14.27 20.36 8.63
N VAL A 50 -15.09 19.59 9.32
CA VAL A 50 -16.22 20.17 10.03
C VAL A 50 -15.78 20.90 11.31
N GLU A 51 -14.85 20.31 12.05
CA GLU A 51 -14.40 20.91 13.31
C GLU A 51 -12.90 21.16 13.33
N GLN A 52 -12.23 20.82 12.22
CA GLN A 52 -10.77 21.03 12.08
C GLN A 52 -9.96 20.19 13.07
N CYS A 53 -10.58 19.19 13.66
CA CYS A 53 -9.93 18.37 14.66
C CYS A 53 -9.43 17.05 14.05
N MET A 54 -8.45 16.45 14.70
CA MET A 54 -7.89 15.18 14.25
C MET A 54 -8.77 14.04 14.71
N ARG A 55 -8.87 13.02 13.89
CA ARG A 55 -9.68 11.86 14.18
C ARG A 55 -9.07 10.63 13.54
N GLY A 56 -9.48 9.45 13.98
CA GLY A 56 -8.98 8.24 13.40
C GLY A 56 -10.04 7.51 12.60
N VAL A 57 -9.62 6.88 11.52
CA VAL A 57 -10.54 6.14 10.67
C VAL A 57 -10.99 4.87 11.36
N ARG A 58 -12.27 4.56 11.24
CA ARG A 58 -12.84 3.39 11.86
C ARG A 58 -12.26 2.12 11.28
N LEU A 59 -11.91 1.22 12.16
CA LEU A 59 -11.36 -0.05 11.73
C LEU A 59 -12.16 -1.19 12.34
N VAL A 60 -12.46 -2.18 11.52
CA VAL A 60 -13.23 -3.33 11.96
C VAL A 60 -12.66 -4.59 11.36
N GLU A 61 -12.06 -5.43 12.21
CA GLU A 61 -11.49 -6.71 11.79
C GLU A 61 -10.42 -6.52 10.71
N GLY A 62 -9.72 -5.40 10.78
CA GLY A 62 -8.67 -5.13 9.82
C GLY A 62 -9.12 -4.26 8.68
N ILE A 63 -10.42 -4.12 8.53
CA ILE A 63 -10.96 -3.34 7.46
C ILE A 63 -11.24 -1.93 7.91
N LEU A 64 -10.60 -0.98 7.27
CA LEU A 64 -10.82 0.42 7.55
C LEU A 64 -12.02 0.89 6.79
N HIS A 65 -12.94 1.49 7.49
CA HIS A 65 -14.18 1.94 6.90
C HIS A 65 -14.11 3.41 6.57
N ALA A 66 -14.36 3.73 5.31
CA ALA A 66 -14.32 5.11 4.86
C ALA A 66 -15.36 5.95 5.58
N PRO A 67 -15.04 7.24 5.78
CA PRO A 67 -15.95 8.17 6.41
C PRO A 67 -17.13 8.51 5.49
N ASP A 68 -17.95 9.44 5.92
CA ASP A 68 -19.16 9.83 5.21
C ASP A 68 -18.91 10.26 3.77
N ALA A 69 -17.77 10.89 3.52
CA ALA A 69 -17.45 11.37 2.18
C ALA A 69 -16.55 10.40 1.41
N GLY A 70 -16.21 9.30 2.04
CA GLY A 70 -15.35 8.33 1.40
C GLY A 70 -13.89 8.59 1.69
N TRP A 71 -13.00 7.98 0.93
CA TRP A 71 -11.57 8.17 1.13
C TRP A 71 -11.07 9.39 0.36
N GLY A 72 -11.45 9.47 -0.91
CA GLY A 72 -11.03 10.57 -1.75
C GLY A 72 -11.72 11.87 -1.40
N ASN A 73 -11.24 12.52 -0.36
CA ASN A 73 -11.81 13.80 0.08
C ASN A 73 -10.84 14.54 1.00
N LEU A 74 -10.07 13.80 1.77
CA LEU A 74 -9.13 14.40 2.72
C LEU A 74 -7.79 13.67 2.68
N VAL A 75 -6.86 14.14 3.48
CA VAL A 75 -5.56 13.49 3.61
C VAL A 75 -5.54 12.64 4.85
N TYR A 76 -4.80 11.56 4.81
CA TYR A 76 -4.72 10.64 5.92
C TYR A 76 -3.29 10.45 6.36
N VAL A 77 -3.13 10.05 7.61
CA VAL A 77 -1.82 9.79 8.20
C VAL A 77 -1.85 8.46 8.92
N VAL A 78 -0.92 7.57 8.61
CA VAL A 78 -0.91 6.25 9.21
C VAL A 78 -0.50 6.31 10.68
N ASN A 79 -1.07 5.43 11.48
CA ASN A 79 -0.76 5.40 12.89
C ASN A 79 0.48 4.56 13.20
N TYR A 80 1.57 5.23 13.51
CA TYR A 80 2.81 4.54 13.87
C TYR A 80 2.98 4.43 15.38
N PRO A 81 3.30 3.23 15.87
CA PRO A 81 3.52 2.97 17.30
C PRO A 81 4.87 3.53 17.78
N LYS A 82 5.26 3.11 18.97
CA LYS A 82 6.54 3.52 19.56
C LYS A 82 7.72 2.80 18.90
N ASP A 83 7.42 1.78 18.12
CA ASP A 83 8.43 0.97 17.48
C ASP A 83 8.74 1.51 16.10
N MET B 4 4.57 -19.59 -13.62
CA MET B 4 4.95 -18.84 -14.83
C MET B 4 3.72 -18.28 -15.50
N SER B 5 3.65 -16.95 -15.61
CA SER B 5 2.51 -16.29 -16.17
C SER B 5 2.91 -14.91 -16.54
N GLU B 6 3.22 -14.17 -15.53
CA GLU B 6 3.65 -12.86 -15.66
C GLU B 6 4.85 -12.71 -14.76
N ARG B 7 5.74 -11.92 -15.17
CA ARG B 7 6.90 -11.60 -14.39
C ARG B 7 6.91 -10.12 -14.04
N ILE B 8 7.42 -9.78 -12.88
CA ILE B 8 7.39 -8.41 -12.44
C ILE B 8 8.75 -7.95 -11.91
N ARG B 9 9.24 -6.83 -12.44
CA ARG B 9 10.51 -6.27 -12.00
C ARG B 9 10.34 -5.42 -10.77
N VAL B 10 11.24 -5.59 -9.83
CA VAL B 10 11.19 -4.87 -8.58
C VAL B 10 12.53 -5.01 -7.87
N THR B 11 12.83 -4.08 -6.99
CA THR B 11 14.05 -4.10 -6.23
C THR B 11 13.96 -3.11 -5.09
N GLU B 12 14.99 -3.04 -4.28
CA GLU B 12 15.01 -2.11 -3.16
C GLU B 12 16.12 -1.12 -3.36
N ASP B 13 16.94 -1.39 -4.36
CA ASP B 13 18.04 -0.54 -4.71
C ASP B 13 18.22 -0.55 -6.21
N GLU B 14 18.05 0.61 -6.82
CA GLU B 14 18.17 0.76 -8.27
C GLU B 14 19.61 0.56 -8.77
N ASN B 15 20.57 0.48 -7.86
CA ASN B 15 21.96 0.24 -8.25
C ASN B 15 22.17 -1.23 -8.53
N ASP B 16 21.33 -2.03 -7.92
CA ASP B 16 21.41 -3.48 -8.11
C ASP B 16 20.58 -3.88 -9.32
N GLU B 17 20.30 -5.15 -9.46
CA GLU B 17 19.56 -5.64 -10.59
C GLU B 17 18.11 -5.88 -10.21
N PRO B 18 17.17 -5.17 -10.86
CA PRO B 18 15.75 -5.37 -10.66
C PRO B 18 15.36 -6.81 -10.90
N ILE B 19 14.99 -7.48 -9.84
CA ILE B 19 14.63 -8.89 -9.93
C ILE B 19 13.23 -9.04 -10.51
N GLU B 20 12.85 -10.27 -10.79
CA GLU B 20 11.53 -10.53 -11.37
C GLU B 20 10.82 -11.63 -10.64
N ILE B 21 9.62 -11.34 -10.22
CA ILE B 21 8.81 -12.30 -9.51
C ILE B 21 7.69 -12.77 -10.40
N PRO B 22 7.53 -14.09 -10.56
CA PRO B 22 6.43 -14.63 -11.33
C PRO B 22 5.08 -14.36 -10.69
N SER B 23 4.37 -13.44 -11.27
CA SER B 23 3.06 -13.11 -10.83
C SER B 23 2.05 -14.04 -11.48
N GLU B 24 0.90 -14.12 -10.90
CA GLU B 24 -0.11 -15.01 -11.39
C GLU B 24 -0.92 -14.36 -12.49
N ASP B 25 -1.41 -15.18 -13.41
CA ASP B 25 -2.23 -14.74 -14.53
C ASP B 25 -3.49 -14.02 -14.03
N ASP B 26 -3.86 -14.32 -12.80
CA ASP B 26 -5.01 -13.72 -12.14
C ASP B 26 -4.77 -12.24 -11.83
N GLY B 27 -3.50 -11.84 -11.81
CA GLY B 27 -3.16 -10.47 -11.48
C GLY B 27 -2.78 -10.35 -10.03
N THR B 28 -2.42 -11.47 -9.44
CA THR B 28 -2.05 -11.52 -8.05
C THR B 28 -0.64 -12.07 -7.86
N VAL B 29 -0.02 -11.76 -6.75
CA VAL B 29 1.29 -12.27 -6.42
C VAL B 29 1.27 -12.88 -5.02
N LEU B 30 1.97 -13.98 -4.85
CA LEU B 30 2.00 -14.66 -3.58
C LEU B 30 3.18 -14.17 -2.74
N LEU B 31 2.94 -14.02 -1.45
CA LEU B 31 3.96 -13.57 -0.50
C LEU B 31 5.24 -14.43 -0.58
N SER B 32 5.06 -15.73 -0.67
CA SER B 32 6.16 -16.66 -0.75
C SER B 32 7.04 -16.39 -1.96
N THR B 33 6.42 -16.03 -3.07
CA THR B 33 7.15 -15.77 -4.30
C THR B 33 8.02 -14.52 -4.14
N VAL B 34 7.51 -13.55 -3.40
CA VAL B 34 8.24 -12.32 -3.13
C VAL B 34 9.43 -12.59 -2.21
N THR B 35 9.14 -13.29 -1.12
CA THR B 35 10.16 -13.63 -0.13
C THR B 35 11.16 -14.65 -0.69
N ALA B 36 10.79 -15.28 -1.78
CA ALA B 36 11.66 -16.23 -2.47
C ALA B 36 12.91 -15.53 -3.01
N GLN B 37 12.79 -14.23 -3.20
CA GLN B 37 13.90 -13.43 -3.69
C GLN B 37 14.42 -12.52 -2.59
N PHE B 38 13.50 -11.83 -1.99
CA PHE B 38 13.81 -10.89 -0.92
C PHE B 38 13.84 -11.60 0.42
N PRO B 39 14.78 -11.22 1.29
CA PRO B 39 14.96 -11.86 2.61
C PRO B 39 13.83 -11.53 3.61
N GLY B 40 12.59 -11.69 3.20
CA GLY B 40 11.48 -11.48 4.12
C GLY B 40 10.66 -10.26 3.80
N ALA B 41 10.90 -9.66 2.65
CA ALA B 41 10.18 -8.47 2.24
C ALA B 41 8.70 -8.77 2.05
N CYS B 42 7.88 -7.76 2.25
CA CYS B 42 6.45 -7.88 2.08
C CYS B 42 5.90 -6.59 1.49
N GLY B 43 4.81 -6.68 0.74
CA GLY B 43 4.23 -5.49 0.12
C GLY B 43 5.12 -4.89 -0.98
N LEU B 44 4.56 -3.95 -1.75
CA LEU B 44 5.29 -3.29 -2.83
C LEU B 44 4.88 -1.83 -2.95
N ARG B 45 5.78 -1.02 -3.51
CA ARG B 45 5.55 0.40 -3.75
C ARG B 45 6.15 0.82 -5.08
N TYR B 46 5.69 1.94 -5.60
CA TYR B 46 6.22 2.43 -6.84
C TYR B 46 6.09 3.94 -6.92
N ARG B 47 7.07 4.55 -7.57
CA ARG B 47 7.07 5.98 -7.76
C ARG B 47 6.09 6.34 -8.87
N ASN B 48 4.94 6.82 -8.47
CA ASN B 48 3.89 7.17 -9.41
C ASN B 48 4.16 8.54 -10.02
N PRO B 49 4.36 8.61 -11.35
CA PRO B 49 4.66 9.86 -12.03
C PRO B 49 3.43 10.78 -12.13
N VAL B 50 2.27 10.23 -11.85
CA VAL B 50 1.03 11.00 -11.88
C VAL B 50 0.89 11.88 -10.63
N SER B 51 0.96 11.25 -9.46
CA SER B 51 0.79 11.95 -8.20
C SER B 51 2.13 12.35 -7.58
N GLN B 52 3.22 11.77 -8.11
CA GLN B 52 4.57 11.98 -7.57
C GLN B 52 4.71 11.37 -6.17
N CYS B 53 3.86 10.39 -5.89
CA CYS B 53 3.83 9.73 -4.61
C CYS B 53 4.25 8.28 -4.76
N MET B 54 4.73 7.70 -3.69
CA MET B 54 5.12 6.31 -3.69
C MET B 54 3.91 5.45 -3.35
N ARG B 55 3.15 5.09 -4.35
CA ARG B 55 1.92 4.34 -4.13
C ARG B 55 2.21 2.88 -3.85
N GLY B 56 1.43 2.30 -2.98
CA GLY B 56 1.62 0.90 -2.63
C GLY B 56 0.62 -0.01 -3.31
N VAL B 57 0.79 -1.31 -3.10
CA VAL B 57 -0.11 -2.32 -3.66
C VAL B 57 -1.00 -2.92 -2.57
N ARG B 58 -2.21 -3.33 -2.95
CA ARG B 58 -3.16 -3.89 -2.00
C ARG B 58 -2.75 -5.30 -1.56
N LEU B 59 -2.83 -5.56 -0.27
CA LEU B 59 -2.43 -6.84 0.28
C LEU B 59 -3.56 -7.49 1.03
N VAL B 60 -3.72 -8.79 0.88
CA VAL B 60 -4.74 -9.52 1.58
C VAL B 60 -4.29 -10.96 1.84
N GLU B 61 -4.08 -11.28 3.11
CA GLU B 61 -3.68 -12.63 3.54
C GLU B 61 -2.38 -13.09 2.85
N GLY B 62 -1.50 -12.13 2.56
CA GLY B 62 -0.23 -12.46 1.93
C GLY B 62 -0.31 -12.44 0.42
N ILE B 63 -1.47 -12.13 -0.10
CA ILE B 63 -1.65 -12.07 -1.53
C ILE B 63 -1.73 -10.63 -2.02
N LEU B 64 -0.81 -10.27 -2.87
CA LEU B 64 -0.75 -8.94 -3.43
C LEU B 64 -1.69 -8.82 -4.60
N HIS B 65 -2.52 -7.81 -4.59
CA HIS B 65 -3.47 -7.59 -5.67
C HIS B 65 -3.07 -6.37 -6.47
N ALA B 66 -2.71 -6.61 -7.72
CA ALA B 66 -2.35 -5.54 -8.65
C ALA B 66 -3.54 -4.64 -8.91
N PRO B 67 -3.29 -3.36 -9.21
CA PRO B 67 -4.36 -2.41 -9.51
C PRO B 67 -4.99 -2.68 -10.88
N ASP B 68 -5.80 -1.75 -11.32
CA ASP B 68 -6.49 -1.86 -12.61
C ASP B 68 -5.48 -1.92 -13.75
N ALA B 69 -4.37 -1.23 -13.57
CA ALA B 69 -3.32 -1.17 -14.58
C ALA B 69 -2.42 -2.41 -14.52
N GLY B 70 -2.60 -3.21 -13.49
CA GLY B 70 -1.82 -4.42 -13.36
C GLY B 70 -0.46 -4.18 -12.72
N TRP B 71 0.42 -5.16 -12.85
CA TRP B 71 1.75 -5.08 -12.26
C TRP B 71 2.67 -4.16 -13.07
N GLY B 72 2.34 -3.97 -14.33
CA GLY B 72 3.19 -3.20 -15.23
C GLY B 72 3.40 -1.76 -14.80
N ASN B 73 2.49 -1.21 -14.03
CA ASN B 73 2.61 0.18 -13.62
C ASN B 73 3.17 0.32 -12.20
N LEU B 74 3.57 -0.78 -11.60
CA LEU B 74 4.06 -0.74 -10.23
C LEU B 74 5.46 -1.32 -10.10
N VAL B 75 6.01 -1.76 -11.21
CA VAL B 75 7.34 -2.33 -11.21
C VAL B 75 8.41 -1.31 -10.80
N TYR B 76 8.81 -1.33 -9.53
CA TYR B 76 9.79 -0.40 -9.05
C TYR B 76 10.42 -0.83 -7.71
N VAL B 77 9.73 -0.59 -6.59
CA VAL B 77 10.32 -0.84 -5.26
C VAL B 77 9.54 -1.87 -4.43
N VAL B 78 10.27 -2.68 -3.68
CA VAL B 78 9.68 -3.64 -2.77
C VAL B 78 9.72 -3.08 -1.35
N ASN B 79 8.76 -3.48 -0.53
CA ASN B 79 8.70 -3.02 0.83
C ASN B 79 9.41 -3.96 1.79
N TYR B 80 10.15 -3.39 2.72
CA TYR B 80 10.84 -4.14 3.75
C TYR B 80 10.37 -3.70 5.13
N PRO B 81 9.65 -4.57 5.84
CA PRO B 81 9.18 -4.28 7.16
C PRO B 81 10.20 -4.65 8.24
N LYS B 82 10.49 -3.72 9.13
CA LYS B 82 11.43 -3.95 10.22
C LYS B 82 10.78 -4.77 11.33
N ASP B 83 9.47 -4.77 11.35
CA ASP B 83 8.70 -5.50 12.33
C ASP B 83 7.28 -5.67 11.86
N MET A 4 -11.79 -0.34 -10.03
CA MET A 4 -11.95 -1.20 -8.84
C MET A 4 -10.87 -0.92 -7.81
N SER A 5 -9.98 -0.01 -8.15
CA SER A 5 -8.91 0.36 -7.26
C SER A 5 -9.20 1.71 -6.65
N GLU A 6 -9.69 1.70 -5.44
CA GLU A 6 -9.95 2.91 -4.74
C GLU A 6 -8.63 3.54 -4.32
N TYR A 7 -8.59 4.83 -4.15
CA TYR A 7 -7.35 5.51 -3.83
C TYR A 7 -7.45 6.41 -2.61
N ILE A 8 -6.40 6.35 -1.80
CA ILE A 8 -6.27 7.18 -0.60
C ILE A 8 -4.83 7.67 -0.50
N ARG A 9 -4.60 8.73 0.23
CA ARG A 9 -3.25 9.21 0.44
C ARG A 9 -2.94 9.35 1.93
N VAL A 10 -2.14 8.43 2.41
CA VAL A 10 -1.73 8.42 3.81
C VAL A 10 -0.32 8.94 3.92
N THR A 11 0.14 9.16 5.12
CA THR A 11 1.49 9.62 5.33
C THR A 11 2.07 9.03 6.61
N GLU A 12 3.29 8.49 6.53
CA GLU A 12 3.96 7.95 7.71
C GLU A 12 4.83 9.01 8.37
N ASP A 13 5.53 9.78 7.55
CA ASP A 13 6.37 10.85 8.04
C ASP A 13 5.95 12.17 7.47
N GLU A 14 5.50 13.06 8.34
CA GLU A 14 5.06 14.38 7.91
C GLU A 14 6.22 15.24 7.41
N ASN A 15 7.44 14.78 7.67
CA ASN A 15 8.65 15.47 7.22
C ASN A 15 9.12 14.91 5.87
N ASP A 16 8.30 14.08 5.25
CA ASP A 16 8.64 13.49 3.96
C ASP A 16 7.45 13.55 3.01
N GLU A 17 7.43 12.66 2.05
CA GLU A 17 6.38 12.61 1.06
C GLU A 17 5.22 11.74 1.53
N PRO A 18 4.01 12.05 1.08
CA PRO A 18 2.85 11.25 1.37
C PRO A 18 2.88 9.95 0.57
N ILE A 19 2.16 8.97 1.04
CA ILE A 19 2.14 7.68 0.38
C ILE A 19 0.75 7.39 -0.18
N GLU A 20 0.73 6.91 -1.39
CA GLU A 20 -0.50 6.57 -2.06
C GLU A 20 -0.84 5.10 -1.79
N ILE A 21 -2.05 4.86 -1.31
CA ILE A 21 -2.46 3.48 -0.99
C ILE A 21 -3.69 3.10 -1.80
N PRO A 22 -3.63 1.96 -2.52
CA PRO A 22 -4.76 1.45 -3.24
C PRO A 22 -5.69 0.66 -2.31
N SER A 23 -6.95 1.02 -2.35
CA SER A 23 -7.94 0.41 -1.48
C SER A 23 -8.88 -0.50 -2.28
N GLU A 24 -9.84 -1.09 -1.60
CA GLU A 24 -10.74 -2.02 -2.23
C GLU A 24 -11.92 -1.29 -2.88
N ASP A 25 -12.50 -1.91 -3.90
CA ASP A 25 -13.62 -1.34 -4.67
C ASP A 25 -14.85 -1.10 -3.79
N ASP A 26 -14.88 -1.77 -2.64
CA ASP A 26 -15.95 -1.61 -1.67
C ASP A 26 -15.94 -0.21 -1.08
N GLY A 27 -14.80 0.47 -1.21
CA GLY A 27 -14.67 1.80 -0.64
C GLY A 27 -14.01 1.76 0.71
N THR A 28 -13.40 0.63 1.01
CA THR A 28 -12.73 0.43 2.26
C THR A 28 -11.25 0.09 2.04
N VAL A 29 -10.44 0.24 3.09
CA VAL A 29 -9.01 -0.06 3.02
C VAL A 29 -8.67 -1.26 3.88
N LEU A 30 -7.78 -2.09 3.40
CA LEU A 30 -7.36 -3.28 4.11
C LEU A 30 -6.07 -3.04 4.87
N LEU A 31 -6.10 -3.31 6.18
CA LEU A 31 -4.96 -3.12 7.07
C LEU A 31 -3.71 -3.86 6.56
N SER A 32 -3.91 -5.00 5.91
CA SER A 32 -2.79 -5.77 5.37
C SER A 32 -2.00 -4.94 4.36
N THR A 33 -2.72 -4.13 3.60
CA THR A 33 -2.10 -3.25 2.62
C THR A 33 -1.30 -2.17 3.33
N VAL A 34 -1.81 -1.74 4.48
CA VAL A 34 -1.16 -0.72 5.29
C VAL A 34 0.11 -1.31 5.92
N THR A 35 0.01 -2.54 6.42
CA THR A 35 1.15 -3.21 7.05
C THR A 35 2.24 -3.58 6.04
N ALA A 36 1.86 -3.62 4.76
CA ALA A 36 2.80 -3.88 3.67
C ALA A 36 3.69 -2.66 3.46
N GLN A 37 3.08 -1.50 3.59
CA GLN A 37 3.74 -0.23 3.42
C GLN A 37 4.37 0.25 4.73
N PHE A 38 3.72 -0.07 5.84
CA PHE A 38 4.17 0.36 7.15
C PHE A 38 4.25 -0.82 8.11
N PRO A 39 5.46 -1.32 8.38
CA PRO A 39 5.67 -2.46 9.26
C PRO A 39 5.54 -2.11 10.74
N GLY A 40 4.58 -2.74 11.39
CA GLY A 40 4.39 -2.51 12.81
C GLY A 40 3.40 -1.40 13.10
N ALA A 41 2.92 -0.76 12.04
CA ALA A 41 1.97 0.31 12.18
C ALA A 41 0.57 -0.19 11.90
N CYS A 42 -0.40 0.39 12.58
CA CYS A 42 -1.78 0.03 12.40
C CYS A 42 -2.66 1.18 12.80
N GLY A 43 -3.80 1.31 12.16
CA GLY A 43 -4.70 2.41 12.43
C GLY A 43 -4.49 3.54 11.43
N LEU A 44 -5.45 4.46 11.36
CA LEU A 44 -5.36 5.55 10.40
C LEU A 44 -6.00 6.82 10.97
N ARG A 45 -5.33 7.95 10.82
CA ARG A 45 -5.81 9.24 11.31
C ARG A 45 -6.09 10.15 10.15
N TYR A 46 -6.89 11.17 10.38
CA TYR A 46 -7.20 12.16 9.38
C TYR A 46 -7.83 13.38 10.03
N ARG A 47 -8.07 14.40 9.24
CA ARG A 47 -8.70 15.60 9.74
C ARG A 47 -9.96 15.87 8.93
N ASN A 48 -11.08 15.88 9.62
CA ASN A 48 -12.34 16.13 8.96
C ASN A 48 -12.57 17.61 8.76
N PRO A 49 -12.98 18.00 7.55
CA PRO A 49 -13.14 19.41 7.18
C PRO A 49 -14.38 20.04 7.78
N VAL A 50 -15.14 19.27 8.52
CA VAL A 50 -16.35 19.77 9.13
C VAL A 50 -16.03 20.52 10.42
N GLU A 51 -15.33 19.85 11.33
CA GLU A 51 -14.99 20.45 12.60
C GLU A 51 -13.50 20.75 12.72
N GLN A 52 -12.75 20.46 11.63
CA GLN A 52 -11.31 20.73 11.57
C GLN A 52 -10.53 19.95 12.62
N CYS A 53 -11.13 18.90 13.13
CA CYS A 53 -10.51 18.11 14.18
C CYS A 53 -9.89 16.84 13.61
N MET A 54 -8.90 16.31 14.30
CA MET A 54 -8.29 15.09 13.92
C MET A 54 -9.10 13.93 14.47
N ARG A 55 -9.26 12.92 13.66
CA ARG A 55 -10.04 11.77 14.02
C ARG A 55 -9.37 10.52 13.48
N GLY A 56 -9.75 9.38 14.02
CA GLY A 56 -9.23 8.14 13.52
C GLY A 56 -10.26 7.40 12.70
N VAL A 57 -9.83 6.76 11.65
CA VAL A 57 -10.73 6.05 10.78
C VAL A 57 -11.27 4.77 11.45
N ARG A 58 -12.55 4.49 11.23
CA ARG A 58 -13.19 3.30 11.75
C ARG A 58 -12.57 2.06 11.14
N LEU A 59 -12.38 1.06 11.97
CA LEU A 59 -11.84 -0.19 11.50
C LEU A 59 -12.71 -1.35 11.97
N VAL A 60 -12.93 -2.29 11.09
CA VAL A 60 -13.74 -3.45 11.39
C VAL A 60 -13.03 -4.69 10.90
N GLU A 61 -12.47 -5.44 11.84
CA GLU A 61 -11.75 -6.70 11.54
C GLU A 61 -10.61 -6.47 10.55
N GLY A 62 -10.01 -5.28 10.60
CA GLY A 62 -8.91 -4.98 9.72
C GLY A 62 -9.31 -4.08 8.57
N ILE A 63 -10.60 -3.95 8.34
CA ILE A 63 -11.08 -3.14 7.24
C ILE A 63 -11.40 -1.72 7.71
N LEU A 64 -10.74 -0.76 7.12
CA LEU A 64 -10.93 0.64 7.44
C LEU A 64 -12.09 1.20 6.64
N HIS A 65 -13.00 1.88 7.33
CA HIS A 65 -14.19 2.40 6.70
C HIS A 65 -14.07 3.89 6.40
N ALA A 66 -14.28 4.24 5.14
CA ALA A 66 -14.17 5.63 4.70
C ALA A 66 -15.24 6.52 5.33
N PRO A 67 -14.92 7.81 5.47
CA PRO A 67 -15.86 8.80 6.00
C PRO A 67 -16.98 9.11 4.99
N ASP A 68 -17.73 10.17 5.26
CA ASP A 68 -18.88 10.54 4.42
C ASP A 68 -18.50 10.80 2.96
N ALA A 69 -17.45 11.57 2.76
CA ALA A 69 -17.00 11.93 1.42
C ALA A 69 -16.13 10.84 0.77
N GLY A 70 -15.73 9.86 1.56
CA GLY A 70 -14.89 8.81 1.05
C GLY A 70 -13.43 9.05 1.39
N TRP A 71 -12.53 8.37 0.70
CA TRP A 71 -11.10 8.51 0.99
C TRP A 71 -10.46 9.68 0.23
N GLY A 72 -10.64 9.70 -1.08
CA GLY A 72 -9.98 10.69 -1.93
C GLY A 72 -10.57 12.08 -1.81
N ASN A 73 -10.22 12.76 -0.74
CA ASN A 73 -10.67 14.13 -0.48
C ASN A 73 -9.96 14.73 0.72
N LEU A 74 -9.52 13.87 1.63
CA LEU A 74 -8.81 14.32 2.82
C LEU A 74 -7.43 13.69 2.89
N VAL A 75 -6.61 14.19 3.79
CA VAL A 75 -5.30 13.65 4.01
C VAL A 75 -5.32 12.69 5.18
N TYR A 76 -4.60 11.59 5.06
CA TYR A 76 -4.60 10.58 6.09
C TYR A 76 -3.19 10.33 6.58
N VAL A 77 -3.08 9.93 7.83
CA VAL A 77 -1.79 9.63 8.45
C VAL A 77 -1.87 8.28 9.13
N VAL A 78 -0.92 7.40 8.83
CA VAL A 78 -0.95 6.06 9.41
C VAL A 78 -0.56 6.11 10.88
N ASN A 79 -1.18 5.27 11.67
CA ASN A 79 -0.92 5.26 13.08
C ASN A 79 0.31 4.42 13.41
N TYR A 80 1.38 5.11 13.73
CA TYR A 80 2.60 4.45 14.16
C TYR A 80 2.69 4.51 15.67
N PRO A 81 3.00 3.39 16.30
CA PRO A 81 3.12 3.31 17.75
C PRO A 81 4.33 4.09 18.27
N LYS A 82 4.48 4.12 19.57
CA LYS A 82 5.56 4.84 20.22
C LYS A 82 6.37 3.90 21.11
N ASP A 83 6.04 2.63 21.04
CA ASP A 83 6.72 1.61 21.81
C ASP A 83 6.79 0.31 21.02
N MET B 4 4.91 -20.49 -13.28
CA MET B 4 5.38 -19.33 -14.06
C MET B 4 4.25 -18.80 -14.93
N SER B 5 3.73 -17.65 -14.56
CA SER B 5 2.62 -17.06 -15.29
C SER B 5 2.96 -15.66 -15.78
N GLU B 6 2.87 -14.70 -14.88
CA GLU B 6 3.11 -13.32 -15.21
C GLU B 6 4.24 -12.76 -14.36
N ARG B 7 5.43 -12.78 -14.88
CA ARG B 7 6.57 -12.23 -14.17
C ARG B 7 6.43 -10.72 -13.96
N ILE B 8 6.98 -10.24 -12.88
CA ILE B 8 6.93 -8.83 -12.57
C ILE B 8 8.30 -8.33 -12.14
N ARG B 9 8.69 -7.19 -12.67
CA ARG B 9 9.99 -6.63 -12.34
C ARG B 9 9.88 -5.75 -11.13
N VAL B 10 10.84 -5.85 -10.27
CA VAL B 10 10.86 -5.07 -9.05
C VAL B 10 12.23 -5.16 -8.42
N THR B 11 12.56 -4.18 -7.62
CA THR B 11 13.81 -4.16 -6.92
C THR B 11 13.67 -3.27 -5.69
N GLU B 12 14.73 -3.09 -4.97
CA GLU B 12 14.70 -2.30 -3.76
C GLU B 12 15.42 -1.00 -3.98
N ASP B 13 16.30 -1.01 -4.95
CA ASP B 13 17.05 0.16 -5.29
C ASP B 13 17.35 0.14 -6.77
N GLU B 14 17.04 1.23 -7.41
CA GLU B 14 17.24 1.39 -8.86
C GLU B 14 18.71 1.22 -9.28
N ASN B 15 19.61 1.47 -8.35
CA ASN B 15 21.04 1.36 -8.63
C ASN B 15 21.50 -0.09 -8.50
N ASP B 16 20.64 -0.91 -7.92
CA ASP B 16 20.94 -2.32 -7.75
C ASP B 16 20.37 -3.12 -8.92
N GLU B 17 20.25 -4.43 -8.75
CA GLU B 17 19.77 -5.28 -9.82
C GLU B 17 18.25 -5.44 -9.77
N PRO B 18 17.58 -5.38 -10.93
CA PRO B 18 16.16 -5.60 -11.04
C PRO B 18 15.83 -7.08 -11.12
N ILE B 19 14.93 -7.52 -10.28
CA ILE B 19 14.53 -8.92 -10.29
C ILE B 19 13.12 -9.07 -10.84
N GLU B 20 12.73 -10.28 -11.14
CA GLU B 20 11.42 -10.57 -11.68
C GLU B 20 10.77 -11.73 -10.94
N ILE B 21 9.57 -11.49 -10.44
CA ILE B 21 8.84 -12.50 -9.67
C ILE B 21 7.66 -13.02 -10.48
N PRO B 22 7.54 -14.34 -10.61
CA PRO B 22 6.41 -14.94 -11.31
C PRO B 22 5.09 -14.76 -10.55
N SER B 23 4.26 -13.87 -11.04
CA SER B 23 2.96 -13.67 -10.48
C SER B 23 1.99 -14.63 -11.13
N GLU B 24 0.79 -14.68 -10.62
CA GLU B 24 -0.22 -15.54 -11.18
C GLU B 24 -0.96 -14.79 -12.28
N ASP B 25 -1.47 -15.52 -13.25
CA ASP B 25 -2.18 -14.94 -14.38
C ASP B 25 -3.45 -14.22 -13.92
N ASP B 26 -3.97 -14.64 -12.76
CA ASP B 26 -5.15 -14.01 -12.17
C ASP B 26 -4.85 -12.57 -11.73
N GLY B 27 -3.58 -12.26 -11.60
CA GLY B 27 -3.18 -10.93 -11.18
C GLY B 27 -2.87 -10.88 -9.70
N THR B 28 -2.50 -12.01 -9.15
CA THR B 28 -2.19 -12.10 -7.73
C THR B 28 -0.77 -12.63 -7.51
N VAL B 29 -0.10 -12.09 -6.51
CA VAL B 29 1.24 -12.53 -6.17
C VAL B 29 1.28 -13.13 -4.77
N LEU B 30 2.08 -14.15 -4.59
CA LEU B 30 2.22 -14.80 -3.30
C LEU B 30 3.37 -14.19 -2.53
N LEU B 31 3.15 -13.97 -1.23
CA LEU B 31 4.18 -13.42 -0.35
C LEU B 31 5.46 -14.26 -0.41
N SER B 32 5.29 -15.56 -0.40
CA SER B 32 6.37 -16.51 -0.46
C SER B 32 7.24 -16.30 -1.70
N THR B 33 6.62 -15.96 -2.81
CA THR B 33 7.35 -15.78 -4.06
C THR B 33 8.20 -14.50 -3.99
N VAL B 34 7.68 -13.50 -3.30
CA VAL B 34 8.39 -12.24 -3.13
C VAL B 34 9.59 -12.43 -2.21
N THR B 35 9.32 -13.05 -1.07
CA THR B 35 10.35 -13.31 -0.07
C THR B 35 11.35 -14.37 -0.56
N ALA B 36 10.97 -15.07 -1.61
CA ALA B 36 11.85 -16.06 -2.23
C ALA B 36 13.05 -15.37 -2.88
N GLN B 37 12.87 -14.12 -3.25
CA GLN B 37 13.93 -13.34 -3.87
C GLN B 37 14.55 -12.39 -2.87
N PHE B 38 13.69 -11.66 -2.24
CA PHE B 38 14.08 -10.67 -1.27
C PHE B 38 14.22 -11.27 0.11
N PRO B 39 15.16 -10.76 0.92
CA PRO B 39 15.42 -11.28 2.27
C PRO B 39 14.31 -10.95 3.29
N GLY B 40 13.05 -11.11 2.89
CA GLY B 40 11.97 -10.88 3.82
C GLY B 40 11.12 -9.68 3.45
N ALA B 41 11.35 -9.13 2.29
CA ALA B 41 10.58 -7.98 1.84
C ALA B 41 9.12 -8.34 1.63
N CYS B 42 8.24 -7.41 1.96
CA CYS B 42 6.81 -7.63 1.82
C CYS B 42 6.18 -6.40 1.20
N GLY B 43 5.09 -6.58 0.47
CA GLY B 43 4.45 -5.46 -0.20
C GLY B 43 5.31 -4.84 -1.30
N LEU B 44 4.70 -4.05 -2.15
CA LEU B 44 5.40 -3.36 -3.24
C LEU B 44 4.88 -1.93 -3.39
N ARG B 45 5.66 -1.08 -4.04
CA ARG B 45 5.24 0.30 -4.31
C ARG B 45 6.05 0.90 -5.47
N TYR B 46 5.55 1.96 -6.02
CA TYR B 46 6.21 2.63 -7.13
C TYR B 46 5.99 4.12 -7.04
N ARG B 47 6.87 4.90 -7.63
CA ARG B 47 6.72 6.33 -7.61
C ARG B 47 5.69 6.73 -8.65
N ASN B 48 4.50 7.02 -8.19
CA ASN B 48 3.39 7.38 -9.06
C ASN B 48 3.67 8.68 -9.78
N PRO B 49 3.68 8.68 -11.12
CA PRO B 49 3.97 9.88 -11.91
C PRO B 49 2.89 10.96 -11.74
N VAL B 50 1.76 10.58 -11.15
CA VAL B 50 0.67 11.50 -10.94
C VAL B 50 0.96 12.46 -9.76
N SER B 51 1.29 11.91 -8.61
CA SER B 51 1.53 12.73 -7.43
C SER B 51 3.00 12.70 -6.99
N GLN B 52 3.80 11.88 -7.67
CA GLN B 52 5.24 11.72 -7.39
C GLN B 52 5.47 11.00 -6.06
N CYS B 53 4.41 10.44 -5.50
CA CYS B 53 4.47 9.76 -4.24
C CYS B 53 4.73 8.28 -4.44
N MET B 54 5.12 7.59 -3.39
CA MET B 54 5.36 6.17 -3.47
C MET B 54 4.07 5.40 -3.27
N ARG B 55 3.43 5.12 -4.37
CA ARG B 55 2.15 4.43 -4.37
C ARG B 55 2.33 2.93 -4.18
N GLY B 56 1.81 2.43 -3.08
CA GLY B 56 1.95 1.00 -2.77
C GLY B 56 0.94 0.12 -3.50
N VAL B 57 0.98 -1.17 -3.20
CA VAL B 57 0.07 -2.15 -3.82
C VAL B 57 -0.77 -2.85 -2.75
N ARG B 58 -1.98 -3.28 -3.14
CA ARG B 58 -2.91 -3.93 -2.21
C ARG B 58 -2.38 -5.28 -1.72
N LEU B 59 -2.61 -5.56 -0.45
CA LEU B 59 -2.18 -6.81 0.17
C LEU B 59 -3.31 -7.41 0.96
N VAL B 60 -3.46 -8.72 0.87
CA VAL B 60 -4.48 -9.42 1.62
C VAL B 60 -3.95 -10.76 2.13
N GLU B 61 -3.57 -10.76 3.41
CA GLU B 61 -3.10 -11.96 4.08
C GLU B 61 -1.92 -12.62 3.35
N GLY B 62 -1.01 -11.80 2.85
CA GLY B 62 0.16 -12.31 2.16
C GLY B 62 0.01 -12.35 0.67
N ILE B 63 -1.19 -12.21 0.19
CA ILE B 63 -1.45 -12.23 -1.23
C ILE B 63 -1.61 -10.82 -1.76
N LEU B 64 -0.72 -10.42 -2.64
CA LEU B 64 -0.76 -9.10 -3.21
C LEU B 64 -1.80 -9.03 -4.32
N HIS B 65 -2.61 -7.99 -4.29
CA HIS B 65 -3.66 -7.80 -5.27
C HIS B 65 -3.37 -6.60 -6.14
N ALA B 66 -3.08 -6.87 -7.40
CA ALA B 66 -2.81 -5.83 -8.36
C ALA B 66 -4.02 -4.92 -8.56
N PRO B 67 -3.78 -3.65 -8.95
CA PRO B 67 -4.84 -2.69 -9.22
C PRO B 67 -5.51 -2.97 -10.57
N ASP B 68 -6.23 -1.97 -11.06
CA ASP B 68 -6.91 -2.06 -12.34
C ASP B 68 -5.91 -2.22 -13.47
N ALA B 69 -4.79 -1.54 -13.34
CA ALA B 69 -3.75 -1.57 -14.35
C ALA B 69 -2.84 -2.78 -14.18
N GLY B 70 -3.12 -3.59 -13.17
CA GLY B 70 -2.35 -4.79 -12.96
C GLY B 70 -0.97 -4.50 -12.39
N TRP B 71 -0.05 -5.45 -12.58
CA TRP B 71 1.30 -5.30 -12.06
C TRP B 71 2.14 -4.42 -12.97
N GLY B 72 1.75 -4.36 -14.24
CA GLY B 72 2.52 -3.64 -15.25
C GLY B 72 2.66 -2.14 -14.99
N ASN B 73 1.95 -1.61 -14.01
CA ASN B 73 2.02 -0.18 -13.72
C ASN B 73 2.72 0.07 -12.39
N LEU B 74 3.05 -1.00 -11.68
CA LEU B 74 3.65 -0.87 -10.35
C LEU B 74 5.02 -1.53 -10.27
N VAL B 75 5.44 -2.16 -11.35
CA VAL B 75 6.71 -2.87 -11.39
C VAL B 75 7.89 -1.94 -11.21
N TYR B 76 8.32 -1.75 -9.96
CA TYR B 76 9.41 -0.87 -9.65
C TYR B 76 10.10 -1.22 -8.33
N VAL B 77 9.50 -0.81 -7.22
CA VAL B 77 10.15 -0.97 -5.93
C VAL B 77 9.36 -1.91 -5.00
N VAL B 78 10.09 -2.70 -4.26
CA VAL B 78 9.51 -3.58 -3.28
C VAL B 78 9.59 -2.96 -1.89
N ASN B 79 8.68 -3.31 -1.03
CA ASN B 79 8.65 -2.76 0.30
C ASN B 79 9.41 -3.63 1.29
N TYR B 80 9.97 -3.00 2.28
CA TYR B 80 10.72 -3.70 3.32
C TYR B 80 10.14 -3.42 4.68
N PRO B 81 9.91 -4.48 5.47
CA PRO B 81 9.39 -4.33 6.80
C PRO B 81 10.48 -3.92 7.78
N LYS B 82 10.12 -3.88 9.05
CA LYS B 82 11.03 -3.50 10.11
C LYS B 82 12.13 -4.54 10.30
N ASP B 83 11.86 -5.74 9.86
CA ASP B 83 12.83 -6.83 9.93
C ASP B 83 12.80 -7.63 8.64
N MET A 4 -11.86 -0.84 -11.95
CA MET A 4 -12.35 0.15 -10.98
C MET A 4 -11.77 -0.13 -9.61
N SER A 5 -11.15 0.87 -9.01
CA SER A 5 -10.56 0.73 -7.70
C SER A 5 -10.52 2.09 -7.00
N GLU A 6 -10.61 2.05 -5.68
CA GLU A 6 -10.54 3.27 -4.88
C GLU A 6 -9.10 3.57 -4.53
N TYR A 7 -8.84 4.82 -4.20
CA TYR A 7 -7.51 5.25 -3.83
C TYR A 7 -7.56 6.27 -2.73
N ILE A 8 -6.68 6.13 -1.77
CA ILE A 8 -6.58 7.07 -0.67
C ILE A 8 -5.15 7.58 -0.60
N ARG A 9 -4.95 8.76 -0.05
CA ARG A 9 -3.62 9.29 0.08
C ARG A 9 -3.23 9.44 1.55
N VAL A 10 -2.48 8.47 2.04
CA VAL A 10 -2.03 8.45 3.41
C VAL A 10 -0.55 8.82 3.49
N THR A 11 -0.20 9.52 4.52
CA THR A 11 1.17 9.90 4.72
C THR A 11 1.68 9.35 6.05
N GLU A 12 2.88 8.79 6.04
CA GLU A 12 3.48 8.25 7.25
C GLU A 12 4.23 9.32 8.02
N ASP A 13 4.84 10.24 7.30
CA ASP A 13 5.52 11.34 7.95
C ASP A 13 5.13 12.65 7.32
N GLU A 14 4.84 13.61 8.15
CA GLU A 14 4.33 14.91 7.72
C GLU A 14 5.32 15.67 6.83
N ASN A 15 6.61 15.38 6.96
CA ASN A 15 7.61 16.11 6.18
C ASN A 15 8.10 15.29 4.99
N ASP A 16 7.64 14.06 4.89
CA ASP A 16 8.08 13.18 3.80
C ASP A 16 7.09 13.22 2.65
N GLU A 17 7.24 12.30 1.75
CA GLU A 17 6.39 12.20 0.59
C GLU A 17 5.06 11.57 0.94
N PRO A 18 4.00 11.96 0.24
CA PRO A 18 2.68 11.39 0.43
C PRO A 18 2.60 10.01 -0.22
N ILE A 19 1.86 9.14 0.39
CA ILE A 19 1.71 7.78 -0.11
C ILE A 19 0.26 7.54 -0.50
N GLU A 20 0.02 6.64 -1.42
CA GLU A 20 -1.33 6.34 -1.84
C GLU A 20 -1.60 4.85 -1.72
N ILE A 21 -2.80 4.52 -1.31
CA ILE A 21 -3.17 3.13 -1.08
C ILE A 21 -4.32 2.72 -1.97
N PRO A 22 -4.13 1.65 -2.79
CA PRO A 22 -5.22 1.08 -3.56
C PRO A 22 -6.20 0.43 -2.61
N SER A 23 -7.33 1.08 -2.42
CA SER A 23 -8.29 0.64 -1.45
C SER A 23 -9.04 -0.61 -1.91
N GLU A 24 -9.72 -1.23 -0.98
CA GLU A 24 -10.47 -2.42 -1.26
C GLU A 24 -11.70 -2.06 -2.09
N ASP A 25 -12.13 -2.97 -2.94
CA ASP A 25 -13.30 -2.74 -3.80
C ASP A 25 -14.57 -2.71 -2.97
N ASP A 26 -14.41 -3.02 -1.69
CA ASP A 26 -15.51 -2.99 -0.73
C ASP A 26 -15.86 -1.54 -0.36
N GLY A 27 -14.94 -0.61 -0.64
CA GLY A 27 -15.17 0.78 -0.30
C GLY A 27 -14.46 1.14 0.98
N THR A 28 -13.70 0.20 1.47
CA THR A 28 -12.93 0.33 2.67
C THR A 28 -11.45 0.11 2.39
N VAL A 29 -10.64 0.10 3.43
CA VAL A 29 -9.22 -0.13 3.25
C VAL A 29 -8.76 -1.32 4.09
N LEU A 30 -8.04 -2.22 3.46
CA LEU A 30 -7.53 -3.40 4.12
C LEU A 30 -6.22 -3.06 4.83
N LEU A 31 -6.20 -3.27 6.14
CA LEU A 31 -5.02 -2.98 6.98
C LEU A 31 -3.77 -3.68 6.47
N SER A 32 -3.94 -4.84 5.86
CA SER A 32 -2.82 -5.62 5.34
C SER A 32 -2.06 -4.81 4.27
N THR A 33 -2.79 -3.98 3.53
CA THR A 33 -2.19 -3.15 2.51
C THR A 33 -1.40 -2.01 3.15
N VAL A 34 -1.85 -1.61 4.33
CA VAL A 34 -1.21 -0.56 5.09
C VAL A 34 0.08 -1.10 5.71
N THR A 35 -0.02 -2.24 6.39
CA THR A 35 1.11 -2.85 7.08
C THR A 35 2.22 -3.28 6.12
N ALA A 36 1.84 -3.51 4.87
CA ALA A 36 2.79 -3.88 3.81
C ALA A 36 3.89 -2.82 3.68
N GLN A 37 3.49 -1.57 3.55
CA GLN A 37 4.40 -0.46 3.34
C GLN A 37 4.68 0.33 4.63
N PHE A 38 3.82 0.15 5.62
CA PHE A 38 4.03 0.78 6.91
C PHE A 38 4.22 -0.32 7.97
N PRO A 39 5.45 -0.83 8.08
CA PRO A 39 5.76 -1.94 8.99
C PRO A 39 5.70 -1.53 10.45
N GLY A 40 4.79 -2.12 11.17
CA GLY A 40 4.63 -1.82 12.57
C GLY A 40 3.53 -0.83 12.82
N ALA A 41 3.07 -0.22 11.76
CA ALA A 41 2.03 0.77 11.85
C ALA A 41 0.67 0.14 11.59
N CYS A 42 -0.34 0.76 12.17
CA CYS A 42 -1.71 0.35 11.98
C CYS A 42 -2.62 1.46 12.45
N GLY A 43 -3.80 1.56 11.85
CA GLY A 43 -4.69 2.65 12.18
C GLY A 43 -4.47 3.82 11.24
N LEU A 44 -5.29 4.86 11.35
CA LEU A 44 -5.17 6.00 10.45
C LEU A 44 -5.93 7.19 11.00
N ARG A 45 -5.40 8.39 10.79
CA ARG A 45 -6.05 9.60 11.22
C ARG A 45 -6.16 10.59 10.08
N TYR A 46 -7.15 11.43 10.17
CA TYR A 46 -7.43 12.42 9.16
C TYR A 46 -8.07 13.62 9.82
N ARG A 47 -8.38 14.64 9.06
CA ARG A 47 -9.05 15.79 9.60
C ARG A 47 -10.46 15.87 9.07
N ASN A 48 -11.40 15.94 9.97
CA ASN A 48 -12.80 16.05 9.59
C ASN A 48 -13.16 17.50 9.25
N PRO A 49 -13.75 17.73 8.08
CA PRO A 49 -14.15 19.07 7.63
C PRO A 49 -15.26 19.69 8.49
N VAL A 50 -15.75 18.91 9.43
CA VAL A 50 -16.83 19.35 10.30
C VAL A 50 -16.33 20.32 11.38
N GLU A 51 -15.26 19.95 12.06
CA GLU A 51 -14.73 20.79 13.14
C GLU A 51 -13.25 21.15 12.92
N GLN A 52 -12.72 20.77 11.76
CA GLN A 52 -11.31 21.06 11.39
C GLN A 52 -10.31 20.38 12.32
N CYS A 53 -10.78 19.45 13.13
CA CYS A 53 -9.92 18.75 14.06
C CYS A 53 -9.57 17.37 13.51
N MET A 54 -8.69 16.66 14.19
CA MET A 54 -8.28 15.35 13.73
C MET A 54 -9.25 14.28 14.22
N ARG A 55 -9.35 13.22 13.45
CA ARG A 55 -10.24 12.13 13.77
C ARG A 55 -9.64 10.84 13.21
N GLY A 56 -9.86 9.75 13.89
CA GLY A 56 -9.30 8.48 13.46
C GLY A 56 -10.28 7.65 12.67
N VAL A 57 -9.78 6.96 11.65
CA VAL A 57 -10.59 6.07 10.85
C VAL A 57 -11.00 4.85 11.68
N ARG A 58 -12.23 4.42 11.52
CA ARG A 58 -12.74 3.29 12.26
C ARG A 58 -12.35 1.99 11.60
N LEU A 59 -11.43 1.31 12.22
CA LEU A 59 -10.99 0.03 11.71
C LEU A 59 -11.68 -1.10 12.48
N VAL A 60 -12.19 -2.05 11.75
CA VAL A 60 -12.93 -3.16 12.32
C VAL A 60 -12.54 -4.43 11.61
N GLU A 61 -11.97 -5.36 12.35
CA GLU A 61 -11.53 -6.65 11.82
C GLU A 61 -10.49 -6.46 10.74
N GLY A 62 -9.70 -5.41 10.88
CA GLY A 62 -8.66 -5.12 9.92
C GLY A 62 -9.14 -4.26 8.78
N ILE A 63 -10.42 -4.05 8.71
CA ILE A 63 -11.00 -3.26 7.64
C ILE A 63 -11.28 -1.84 8.12
N LEU A 64 -10.61 -0.88 7.51
CA LEU A 64 -10.82 0.51 7.85
C LEU A 64 -12.05 1.04 7.13
N HIS A 65 -12.93 1.65 7.87
CA HIS A 65 -14.17 2.16 7.34
C HIS A 65 -14.05 3.62 7.00
N ALA A 66 -14.32 3.95 5.74
CA ALA A 66 -14.23 5.33 5.25
C ALA A 66 -15.10 6.29 6.04
N PRO A 67 -14.73 7.57 6.06
CA PRO A 67 -15.52 8.61 6.72
C PRO A 67 -16.84 8.88 5.97
N ASP A 68 -17.53 9.94 6.35
CA ASP A 68 -18.84 10.25 5.77
C ASP A 68 -18.75 10.62 4.30
N ALA A 69 -17.64 11.22 3.92
CA ALA A 69 -17.43 11.67 2.55
C ALA A 69 -16.71 10.62 1.69
N GLY A 70 -16.23 9.57 2.32
CA GLY A 70 -15.49 8.55 1.60
C GLY A 70 -14.00 8.77 1.72
N TRP A 71 -13.19 8.00 1.02
CA TRP A 71 -11.74 8.14 1.13
C TRP A 71 -11.20 9.29 0.26
N GLY A 72 -11.44 9.20 -1.03
CA GLY A 72 -10.89 10.16 -1.98
C GLY A 72 -11.50 11.54 -1.90
N ASN A 73 -11.01 12.36 -0.97
CA ASN A 73 -11.45 13.74 -0.81
C ASN A 73 -10.68 14.43 0.30
N LEU A 74 -10.24 13.68 1.30
CA LEU A 74 -9.50 14.24 2.42
C LEU A 74 -8.05 13.75 2.42
N VAL A 75 -7.27 14.27 3.36
CA VAL A 75 -5.89 13.86 3.53
C VAL A 75 -5.81 12.82 4.64
N TYR A 76 -4.93 11.86 4.50
CA TYR A 76 -4.85 10.78 5.47
C TYR A 76 -3.45 10.59 6.01
N VAL A 77 -3.36 10.19 7.27
CA VAL A 77 -2.10 9.94 7.94
C VAL A 77 -2.17 8.60 8.66
N VAL A 78 -1.25 7.71 8.37
CA VAL A 78 -1.25 6.39 9.00
C VAL A 78 -0.81 6.49 10.45
N ASN A 79 -1.34 5.60 11.28
CA ASN A 79 -1.00 5.61 12.69
C ASN A 79 0.26 4.82 12.94
N TYR A 80 1.26 5.48 13.49
CA TYR A 80 2.49 4.84 13.85
C TYR A 80 2.61 4.76 15.36
N PRO A 81 3.01 3.61 15.89
CA PRO A 81 3.18 3.41 17.32
C PRO A 81 4.35 4.20 17.86
N LYS A 82 4.29 4.47 19.13
CA LYS A 82 5.34 5.23 19.81
C LYS A 82 6.54 4.33 20.06
N ASP A 83 6.28 3.04 20.20
CA ASP A 83 7.32 2.08 20.45
C ASP A 83 7.24 0.97 19.42
N MET B 4 4.98 -19.93 -14.68
CA MET B 4 5.14 -18.61 -15.31
C MET B 4 3.85 -18.15 -15.93
N SER B 5 3.60 -16.87 -15.90
CA SER B 5 2.39 -16.29 -16.41
C SER B 5 2.69 -14.86 -16.78
N GLU B 6 2.98 -14.11 -15.77
CA GLU B 6 3.35 -12.78 -15.89
C GLU B 6 4.54 -12.64 -14.99
N ARG B 7 5.43 -11.84 -15.37
CA ARG B 7 6.58 -11.57 -14.55
C ARG B 7 6.61 -10.12 -14.13
N ILE B 8 7.12 -9.87 -12.97
CA ILE B 8 7.18 -8.53 -12.46
C ILE B 8 8.56 -8.19 -11.96
N ARG B 9 9.07 -7.07 -12.39
CA ARG B 9 10.39 -6.64 -11.98
C ARG B 9 10.29 -5.73 -10.79
N VAL B 10 11.17 -5.91 -9.87
CA VAL B 10 11.18 -5.15 -8.66
C VAL B 10 12.51 -5.28 -7.96
N THR B 11 12.83 -4.34 -7.12
CA THR B 11 14.08 -4.35 -6.39
C THR B 11 14.04 -3.28 -5.31
N GLU B 12 15.16 -3.07 -4.68
CA GLU B 12 15.29 -2.04 -3.67
C GLU B 12 16.27 -0.99 -4.17
N ASP B 13 17.39 -1.45 -4.68
CA ASP B 13 18.41 -0.58 -5.21
C ASP B 13 18.52 -0.74 -6.72
N GLU B 14 18.25 0.34 -7.44
CA GLU B 14 18.31 0.33 -8.90
C GLU B 14 19.74 0.25 -9.40
N ASN B 15 20.70 0.45 -8.50
CA ASN B 15 22.10 0.35 -8.86
C ASN B 15 22.54 -1.10 -8.86
N ASP B 16 21.83 -1.91 -8.10
CA ASP B 16 22.11 -3.34 -8.00
C ASP B 16 21.32 -4.09 -9.07
N GLU B 17 21.10 -5.36 -8.86
CA GLU B 17 20.35 -6.18 -9.80
C GLU B 17 18.88 -6.19 -9.46
N PRO B 18 18.02 -5.93 -10.45
CA PRO B 18 16.58 -6.03 -10.29
C PRO B 18 16.12 -7.47 -10.51
N ILE B 19 15.21 -7.92 -9.68
CA ILE B 19 14.72 -9.29 -9.78
C ILE B 19 13.36 -9.32 -10.46
N GLU B 20 12.89 -10.51 -10.76
CA GLU B 20 11.60 -10.69 -11.40
C GLU B 20 10.82 -11.82 -10.75
N ILE B 21 9.57 -11.54 -10.44
CA ILE B 21 8.71 -12.50 -9.77
C ILE B 21 7.58 -12.92 -10.70
N PRO B 22 7.36 -14.23 -10.87
CA PRO B 22 6.26 -14.72 -11.67
C PRO B 22 4.90 -14.51 -11.00
N SER B 23 4.17 -13.55 -11.51
CA SER B 23 2.86 -13.25 -11.02
C SER B 23 1.84 -14.16 -11.70
N GLU B 24 0.64 -14.16 -11.18
CA GLU B 24 -0.42 -14.99 -11.72
C GLU B 24 -1.19 -14.22 -12.77
N ASP B 25 -1.77 -14.96 -13.71
CA ASP B 25 -2.56 -14.38 -14.80
C ASP B 25 -3.73 -13.55 -14.28
N ASP B 26 -4.24 -13.93 -13.12
CA ASP B 26 -5.37 -13.24 -12.50
C ASP B 26 -5.01 -11.82 -12.04
N GLY B 27 -3.73 -11.55 -11.93
CA GLY B 27 -3.29 -10.26 -11.45
C GLY B 27 -2.98 -10.28 -9.99
N THR B 28 -2.61 -11.45 -9.50
CA THR B 28 -2.27 -11.64 -8.11
C THR B 28 -0.86 -12.20 -7.96
N VAL B 29 -0.24 -11.91 -6.84
CA VAL B 29 1.07 -12.44 -6.52
C VAL B 29 1.09 -13.03 -5.12
N LEU B 30 1.80 -14.12 -4.95
CA LEU B 30 1.91 -14.78 -3.66
C LEU B 30 3.10 -14.23 -2.90
N LEU B 31 2.93 -14.03 -1.60
CA LEU B 31 4.00 -13.54 -0.74
C LEU B 31 5.23 -14.43 -0.86
N SER B 32 4.99 -15.73 -0.83
CA SER B 32 6.03 -16.72 -0.92
C SER B 32 6.86 -16.57 -2.21
N THR B 33 6.22 -16.14 -3.29
CA THR B 33 6.90 -15.95 -4.54
C THR B 33 7.88 -14.78 -4.42
N VAL B 34 7.46 -13.77 -3.69
CA VAL B 34 8.26 -12.57 -3.45
C VAL B 34 9.41 -12.87 -2.47
N THR B 35 9.07 -13.53 -1.37
CA THR B 35 10.04 -13.86 -0.34
C THR B 35 11.05 -14.88 -0.86
N ALA B 36 10.71 -15.54 -1.95
CA ALA B 36 11.58 -16.51 -2.59
C ALA B 36 12.94 -15.88 -2.93
N GLN B 37 12.93 -14.60 -3.27
CA GLN B 37 14.17 -13.91 -3.62
C GLN B 37 14.54 -12.88 -2.56
N PHE B 38 13.55 -12.18 -2.07
CA PHE B 38 13.78 -11.18 -1.04
C PHE B 38 13.79 -11.83 0.32
N PRO B 39 14.70 -11.41 1.20
CA PRO B 39 14.86 -11.99 2.54
C PRO B 39 13.71 -11.64 3.51
N GLY B 40 12.47 -11.78 3.04
CA GLY B 40 11.34 -11.52 3.92
C GLY B 40 10.55 -10.30 3.56
N ALA B 41 10.84 -9.73 2.41
CA ALA B 41 10.14 -8.54 1.96
C ALA B 41 8.66 -8.82 1.73
N CYS B 42 7.83 -7.83 2.02
CA CYS B 42 6.39 -7.94 1.85
C CYS B 42 5.87 -6.65 1.25
N GLY B 43 4.79 -6.73 0.50
CA GLY B 43 4.24 -5.53 -0.14
C GLY B 43 5.15 -4.96 -1.23
N LEU B 44 4.61 -4.02 -2.00
CA LEU B 44 5.36 -3.37 -3.08
C LEU B 44 4.98 -1.89 -3.17
N ARG B 45 5.93 -1.07 -3.62
CA ARG B 45 5.71 0.36 -3.78
C ARG B 45 6.29 0.86 -5.09
N TYR B 46 5.71 1.93 -5.61
CA TYR B 46 6.18 2.54 -6.82
C TYR B 46 5.85 4.01 -6.81
N ARG B 47 6.77 4.82 -7.26
CA ARG B 47 6.55 6.24 -7.28
C ARG B 47 5.71 6.64 -8.48
N ASN B 48 4.54 7.14 -8.17
CA ASN B 48 3.62 7.65 -9.17
C ASN B 48 4.30 8.78 -9.93
N PRO B 49 4.54 8.62 -11.23
CA PRO B 49 5.22 9.65 -12.02
C PRO B 49 4.38 10.92 -12.14
N VAL B 50 3.12 10.81 -11.77
CA VAL B 50 2.21 11.93 -11.82
C VAL B 50 2.42 12.90 -10.65
N SER B 51 2.55 12.38 -9.43
CA SER B 51 2.69 13.24 -8.24
C SER B 51 3.93 12.90 -7.40
N GLN B 52 4.73 11.96 -7.89
CA GLN B 52 5.98 11.52 -7.22
C GLN B 52 5.70 10.82 -5.87
N CYS B 53 4.45 10.47 -5.65
CA CYS B 53 4.04 9.80 -4.44
C CYS B 53 4.34 8.32 -4.54
N MET B 54 4.95 7.76 -3.52
CA MET B 54 5.29 6.35 -3.54
C MET B 54 4.11 5.51 -3.12
N ARG B 55 3.23 5.26 -4.07
CA ARG B 55 2.03 4.50 -3.81
C ARG B 55 2.34 3.01 -3.72
N GLY B 56 1.62 2.32 -2.86
CA GLY B 56 1.86 0.90 -2.67
C GLY B 56 0.87 0.03 -3.41
N VAL B 57 0.94 -1.27 -3.18
CA VAL B 57 0.03 -2.23 -3.81
C VAL B 57 -0.92 -2.86 -2.79
N ARG B 58 -2.11 -3.21 -3.26
CA ARG B 58 -3.15 -3.84 -2.44
C ARG B 58 -2.69 -5.22 -1.94
N LEU B 59 -2.83 -5.47 -0.64
CA LEU B 59 -2.36 -6.72 -0.04
C LEU B 59 -3.44 -7.35 0.80
N VAL B 60 -3.52 -8.68 0.76
CA VAL B 60 -4.45 -9.41 1.58
C VAL B 60 -3.81 -10.71 2.10
N GLU B 61 -3.28 -10.62 3.31
CA GLU B 61 -2.67 -11.77 4.00
C GLU B 61 -1.60 -12.45 3.15
N GLY B 62 -0.73 -11.65 2.57
CA GLY B 62 0.35 -12.20 1.79
C GLY B 62 0.07 -12.24 0.31
N ILE B 63 -1.19 -12.18 -0.06
CA ILE B 63 -1.55 -12.20 -1.45
C ILE B 63 -1.65 -10.79 -1.99
N LEU B 64 -0.77 -10.46 -2.89
CA LEU B 64 -0.75 -9.14 -3.48
C LEU B 64 -1.73 -9.05 -4.61
N HIS B 65 -2.53 -8.03 -4.58
CA HIS B 65 -3.50 -7.78 -5.61
C HIS B 65 -3.11 -6.56 -6.39
N ALA B 66 -2.82 -6.76 -7.65
CA ALA B 66 -2.47 -5.67 -8.54
C ALA B 66 -3.55 -4.61 -8.56
N PRO B 67 -3.18 -3.34 -8.71
CA PRO B 67 -4.13 -2.24 -8.75
C PRO B 67 -4.95 -2.26 -10.03
N ASP B 68 -5.60 -1.16 -10.30
CA ASP B 68 -6.46 -1.04 -11.47
C ASP B 68 -5.66 -1.15 -12.76
N ALA B 69 -4.43 -0.66 -12.72
CA ALA B 69 -3.56 -0.66 -13.89
C ALA B 69 -2.90 -2.02 -14.11
N GLY B 70 -2.61 -2.73 -13.04
CA GLY B 70 -1.96 -4.02 -13.16
C GLY B 70 -0.54 -4.02 -12.65
N TRP B 71 0.15 -5.15 -12.81
CA TRP B 71 1.53 -5.30 -12.34
C TRP B 71 2.52 -4.41 -13.12
N GLY B 72 2.25 -4.23 -14.40
CA GLY B 72 3.18 -3.51 -15.28
C GLY B 72 3.40 -2.05 -14.90
N ASN B 73 2.50 -1.50 -14.10
CA ASN B 73 2.63 -0.09 -13.73
C ASN B 73 3.27 0.07 -12.35
N LEU B 74 3.53 -1.03 -11.67
CA LEU B 74 4.07 -0.96 -10.31
C LEU B 74 5.45 -1.56 -10.20
N VAL B 75 5.96 -2.09 -11.29
CA VAL B 75 7.28 -2.70 -11.31
C VAL B 75 8.38 -1.70 -10.96
N TYR B 76 8.73 -1.63 -9.68
CA TYR B 76 9.75 -0.69 -9.25
C TYR B 76 10.41 -1.12 -7.93
N VAL B 77 9.78 -0.78 -6.79
CA VAL B 77 10.39 -1.03 -5.48
C VAL B 77 9.58 -2.00 -4.63
N VAL B 78 10.29 -2.83 -3.88
CA VAL B 78 9.66 -3.77 -2.96
C VAL B 78 9.69 -3.19 -1.54
N ASN B 79 8.72 -3.57 -0.74
CA ASN B 79 8.65 -3.10 0.63
C ASN B 79 9.38 -4.06 1.57
N TYR B 80 10.13 -3.50 2.50
CA TYR B 80 10.86 -4.28 3.48
C TYR B 80 10.39 -3.94 4.88
N PRO B 81 9.61 -4.83 5.49
CA PRO B 81 9.14 -4.62 6.83
C PRO B 81 10.18 -5.01 7.88
N LYS B 82 10.18 -4.29 8.99
CA LYS B 82 11.12 -4.55 10.06
C LYS B 82 10.39 -5.04 11.31
N ASP B 83 9.08 -4.90 11.29
CA ASP B 83 8.24 -5.27 12.42
C ASP B 83 7.96 -6.76 12.42
N MET A 4 -13.43 -0.15 -10.64
CA MET A 4 -12.24 0.46 -10.00
C MET A 4 -12.60 1.04 -8.65
N SER A 5 -11.79 0.72 -7.65
CA SER A 5 -12.01 1.21 -6.32
C SER A 5 -11.35 2.58 -6.15
N GLU A 6 -11.41 3.14 -4.95
CA GLU A 6 -10.81 4.43 -4.69
C GLU A 6 -9.33 4.30 -4.40
N TYR A 7 -8.64 5.40 -4.47
CA TYR A 7 -7.27 5.46 -4.09
C TYR A 7 -7.15 6.41 -2.93
N ILE A 8 -6.40 6.05 -1.94
CA ILE A 8 -6.27 6.87 -0.76
C ILE A 8 -4.86 7.40 -0.65
N ARG A 9 -4.68 8.42 0.15
CA ARG A 9 -3.37 8.99 0.34
C ARG A 9 -3.03 9.08 1.82
N VAL A 10 -2.25 8.12 2.26
CA VAL A 10 -1.81 8.07 3.64
C VAL A 10 -0.44 8.67 3.75
N THR A 11 0.02 8.86 4.95
CA THR A 11 1.34 9.37 5.16
C THR A 11 1.89 8.84 6.48
N GLU A 12 3.07 8.24 6.43
CA GLU A 12 3.72 7.74 7.64
C GLU A 12 4.15 8.89 8.53
N ASP A 13 4.80 9.86 7.93
CA ASP A 13 5.22 11.06 8.63
C ASP A 13 4.80 12.25 7.81
N GLU A 14 4.07 13.16 8.42
CA GLU A 14 3.54 14.32 7.72
C GLU A 14 4.63 15.23 7.12
N ASN A 15 5.87 15.02 7.52
CA ASN A 15 6.97 15.85 7.04
C ASN A 15 7.66 15.19 5.86
N ASP A 16 7.30 13.94 5.59
CA ASP A 16 7.87 13.21 4.47
C ASP A 16 6.89 13.22 3.29
N GLU A 17 7.03 12.27 2.41
CA GLU A 17 6.21 12.16 1.25
C GLU A 17 5.02 11.25 1.52
N PRO A 18 3.84 11.68 1.11
CA PRO A 18 2.63 10.89 1.21
C PRO A 18 2.74 9.59 0.44
N ILE A 19 2.03 8.61 0.90
CA ILE A 19 1.99 7.31 0.25
C ILE A 19 0.58 7.04 -0.22
N GLU A 20 0.44 6.60 -1.43
CA GLU A 20 -0.87 6.31 -1.95
C GLU A 20 -1.20 4.85 -1.75
N ILE A 21 -2.38 4.60 -1.25
CA ILE A 21 -2.81 3.25 -0.98
C ILE A 21 -4.15 2.97 -1.65
N PRO A 22 -4.22 1.95 -2.50
CA PRO A 22 -5.47 1.58 -3.15
C PRO A 22 -6.42 0.92 -2.17
N SER A 23 -7.67 1.34 -2.20
CA SER A 23 -8.65 0.79 -1.29
C SER A 23 -9.16 -0.56 -1.77
N GLU A 24 -9.98 -1.19 -0.95
CA GLU A 24 -10.58 -2.45 -1.29
C GLU A 24 -11.80 -2.17 -2.14
N ASP A 25 -12.21 -3.14 -2.92
CA ASP A 25 -13.35 -3.01 -3.80
C ASP A 25 -14.61 -2.59 -3.03
N ASP A 26 -14.67 -2.99 -1.76
CA ASP A 26 -15.80 -2.66 -0.89
C ASP A 26 -15.89 -1.15 -0.59
N GLY A 27 -14.81 -0.42 -0.80
CA GLY A 27 -14.79 0.99 -0.49
C GLY A 27 -14.12 1.25 0.82
N THR A 28 -13.60 0.20 1.40
CA THR A 28 -12.88 0.25 2.64
C THR A 28 -11.38 0.04 2.36
N VAL A 29 -10.54 0.09 3.39
CA VAL A 29 -9.10 -0.11 3.19
C VAL A 29 -8.59 -1.27 4.03
N LEU A 30 -7.73 -2.07 3.44
CA LEU A 30 -7.14 -3.21 4.13
C LEU A 30 -5.79 -2.82 4.74
N LEU A 31 -5.69 -3.00 6.06
CA LEU A 31 -4.50 -2.64 6.83
C LEU A 31 -3.24 -3.35 6.32
N SER A 32 -3.41 -4.49 5.66
CA SER A 32 -2.28 -5.25 5.13
C SER A 32 -1.47 -4.40 4.13
N THR A 33 -2.17 -3.58 3.36
CA THR A 33 -1.52 -2.72 2.38
C THR A 33 -0.73 -1.61 3.10
N VAL A 34 -1.19 -1.25 4.29
CA VAL A 34 -0.54 -0.25 5.12
C VAL A 34 0.72 -0.83 5.74
N THR A 35 0.57 -1.99 6.39
CA THR A 35 1.67 -2.67 7.08
C THR A 35 2.78 -3.10 6.11
N ALA A 36 2.43 -3.21 4.83
CA ALA A 36 3.39 -3.54 3.77
C ALA A 36 4.62 -2.63 3.85
N GLN A 37 4.39 -1.32 3.79
CA GLN A 37 5.47 -0.34 3.84
C GLN A 37 5.67 0.18 5.25
N PHE A 38 4.64 0.07 6.06
CA PHE A 38 4.71 0.56 7.42
C PHE A 38 4.66 -0.57 8.43
N PRO A 39 5.82 -1.19 8.73
CA PRO A 39 5.89 -2.29 9.65
C PRO A 39 5.92 -1.83 11.10
N GLY A 40 4.93 -2.25 11.85
CA GLY A 40 4.85 -1.86 13.24
C GLY A 40 3.76 -0.85 13.44
N ALA A 41 3.36 -0.23 12.36
CA ALA A 41 2.32 0.77 12.40
C ALA A 41 0.98 0.14 12.09
N CYS A 42 -0.06 0.68 12.69
CA CYS A 42 -1.41 0.21 12.43
C CYS A 42 -2.38 1.30 12.83
N GLY A 43 -3.49 1.37 12.14
CA GLY A 43 -4.46 2.43 12.39
C GLY A 43 -4.33 3.53 11.37
N LEU A 44 -5.25 4.49 11.39
CA LEU A 44 -5.26 5.55 10.39
C LEU A 44 -5.91 6.80 10.94
N ARG A 45 -5.34 7.95 10.64
CA ARG A 45 -5.84 9.23 11.13
C ARG A 45 -6.10 10.17 9.97
N TYR A 46 -6.90 11.20 10.23
CA TYR A 46 -7.25 12.19 9.22
C TYR A 46 -7.89 13.40 9.87
N ARG A 47 -8.23 14.38 9.06
CA ARG A 47 -8.92 15.56 9.55
C ARG A 47 -10.18 15.79 8.73
N ASN A 48 -11.29 15.94 9.42
CA ASN A 48 -12.54 16.20 8.72
C ASN A 48 -12.65 17.66 8.33
N PRO A 49 -13.01 17.94 7.08
CA PRO A 49 -13.11 19.31 6.54
C PRO A 49 -14.32 20.07 7.08
N VAL A 50 -15.03 19.46 8.00
CA VAL A 50 -16.20 20.09 8.57
C VAL A 50 -15.82 21.01 9.72
N GLU A 51 -15.08 20.47 10.68
CA GLU A 51 -14.70 21.24 11.87
C GLU A 51 -13.19 21.38 12.00
N GLN A 52 -12.47 20.94 10.97
CA GLN A 52 -10.99 21.03 10.93
C GLN A 52 -10.34 20.31 12.10
N CYS A 53 -11.04 19.35 12.66
CA CYS A 53 -10.53 18.57 13.77
C CYS A 53 -10.03 17.23 13.25
N MET A 54 -9.01 16.70 13.91
CA MET A 54 -8.47 15.43 13.49
C MET A 54 -9.25 14.30 14.15
N ARG A 55 -9.25 13.16 13.50
CA ARG A 55 -9.95 12.00 13.99
C ARG A 55 -9.28 10.75 13.46
N GLY A 56 -9.58 9.62 14.07
CA GLY A 56 -9.05 8.37 13.60
C GLY A 56 -10.06 7.61 12.79
N VAL A 57 -9.61 7.00 11.70
CA VAL A 57 -10.48 6.22 10.87
C VAL A 57 -10.90 4.94 11.58
N ARG A 58 -12.17 4.60 11.49
CA ARG A 58 -12.69 3.40 12.12
C ARG A 58 -12.07 2.16 11.54
N LEU A 59 -11.76 1.21 12.39
CA LEU A 59 -11.13 -0.02 11.93
C LEU A 59 -11.80 -1.23 12.55
N VAL A 60 -11.92 -2.27 11.77
CA VAL A 60 -12.50 -3.52 12.23
C VAL A 60 -11.89 -4.71 11.48
N GLU A 61 -11.20 -5.56 12.23
CA GLU A 61 -10.57 -6.77 11.68
C GLU A 61 -9.54 -6.40 10.60
N GLY A 62 -8.92 -5.23 10.75
CA GLY A 62 -7.94 -4.79 9.80
C GLY A 62 -8.53 -3.95 8.69
N ILE A 63 -9.84 -3.84 8.67
CA ILE A 63 -10.50 -3.07 7.64
C ILE A 63 -10.82 -1.66 8.13
N LEU A 64 -10.31 -0.68 7.43
CA LEU A 64 -10.58 0.72 7.74
C LEU A 64 -11.84 1.15 7.02
N HIS A 65 -12.72 1.83 7.73
CA HIS A 65 -13.98 2.28 7.18
C HIS A 65 -13.91 3.75 6.77
N ALA A 66 -14.28 4.00 5.52
CA ALA A 66 -14.21 5.35 4.95
C ALA A 66 -15.30 6.28 5.51
N PRO A 67 -15.05 7.60 5.49
CA PRO A 67 -16.03 8.60 5.91
C PRO A 67 -17.17 8.74 4.89
N ASP A 68 -17.92 9.82 4.97
CA ASP A 68 -19.07 10.05 4.09
C ASP A 68 -18.67 10.11 2.62
N ALA A 69 -17.77 11.03 2.29
CA ALA A 69 -17.35 11.25 0.91
C ALA A 69 -16.50 10.10 0.37
N GLY A 70 -15.90 9.35 1.25
CA GLY A 70 -15.05 8.24 0.82
C GLY A 70 -13.60 8.49 1.18
N TRP A 71 -12.70 7.82 0.50
CA TRP A 71 -11.28 7.99 0.78
C TRP A 71 -10.65 9.09 -0.06
N GLY A 72 -10.86 9.01 -1.37
CA GLY A 72 -10.22 9.93 -2.30
C GLY A 72 -10.76 11.34 -2.25
N ASN A 73 -10.44 12.06 -1.19
CA ASN A 73 -10.87 13.44 -1.02
C ASN A 73 -10.15 14.09 0.16
N LEU A 74 -9.73 13.27 1.13
CA LEU A 74 -9.01 13.77 2.30
C LEU A 74 -7.63 13.15 2.38
N VAL A 75 -6.79 13.69 3.26
CA VAL A 75 -5.48 13.14 3.50
C VAL A 75 -5.49 12.28 4.75
N TYR A 76 -4.70 11.25 4.76
CA TYR A 76 -4.68 10.33 5.87
C TYR A 76 -3.27 10.10 6.38
N VAL A 77 -3.15 9.76 7.63
CA VAL A 77 -1.85 9.50 8.26
C VAL A 77 -1.88 8.15 8.95
N VAL A 78 -0.86 7.34 8.71
CA VAL A 78 -0.80 6.01 9.30
C VAL A 78 -0.40 6.12 10.77
N ASN A 79 -1.15 5.44 11.63
CA ASN A 79 -0.87 5.46 13.08
C ASN A 79 0.45 4.77 13.39
N TYR A 80 1.45 5.55 13.69
CA TYR A 80 2.75 5.03 14.02
C TYR A 80 3.01 5.13 15.51
N PRO A 81 3.50 4.04 16.13
CA PRO A 81 3.87 4.03 17.53
C PRO A 81 5.17 4.82 17.78
N LYS A 82 5.74 4.64 18.95
CA LYS A 82 7.00 5.29 19.29
C LYS A 82 8.17 4.62 18.57
N ASP A 83 7.89 3.51 17.92
CA ASP A 83 8.89 2.78 17.18
C ASP A 83 8.95 3.29 15.75
N MET B 4 3.89 -19.68 -13.31
CA MET B 4 4.55 -18.69 -14.18
C MET B 4 3.55 -18.10 -15.16
N SER B 5 3.22 -16.85 -14.97
CA SER B 5 2.28 -16.17 -15.82
C SER B 5 2.78 -14.78 -16.20
N GLU B 6 2.82 -13.89 -15.22
CA GLU B 6 3.18 -12.52 -15.44
C GLU B 6 4.36 -12.14 -14.55
N ARG B 7 5.56 -12.31 -15.07
CA ARG B 7 6.75 -11.93 -14.32
C ARG B 7 6.73 -10.43 -14.03
N ILE B 8 7.29 -10.04 -12.91
CA ILE B 8 7.30 -8.64 -12.54
C ILE B 8 8.67 -8.19 -12.05
N ARG B 9 9.15 -7.09 -12.62
CA ARG B 9 10.44 -6.50 -12.25
C ARG B 9 10.30 -5.61 -11.03
N VAL B 10 10.97 -5.98 -9.96
CA VAL B 10 10.93 -5.22 -8.72
C VAL B 10 12.25 -5.35 -7.98
N THR B 11 12.63 -4.30 -7.26
CA THR B 11 13.88 -4.30 -6.55
C THR B 11 13.76 -3.53 -5.25
N GLU B 12 14.80 -3.61 -4.45
CA GLU B 12 14.85 -2.89 -3.20
C GLU B 12 15.77 -1.71 -3.35
N ASP B 13 16.74 -1.86 -4.24
CA ASP B 13 17.68 -0.81 -4.56
C ASP B 13 17.68 -0.60 -6.05
N GLU B 14 17.26 0.57 -6.45
CA GLU B 14 17.14 0.96 -7.86
C GLU B 14 18.47 0.96 -8.61
N ASN B 15 19.58 0.97 -7.88
CA ASN B 15 20.90 1.00 -8.51
C ASN B 15 21.30 -0.37 -8.99
N ASP B 16 20.73 -1.39 -8.38
CA ASP B 16 21.02 -2.76 -8.76
C ASP B 16 19.94 -3.26 -9.71
N GLU B 17 20.05 -4.49 -10.14
CA GLU B 17 19.09 -5.03 -11.06
C GLU B 17 17.89 -5.61 -10.31
N PRO B 18 16.69 -5.28 -10.75
CA PRO B 18 15.47 -5.79 -10.15
C PRO B 18 15.23 -7.24 -10.47
N ILE B 19 14.64 -7.94 -9.54
CA ILE B 19 14.35 -9.33 -9.71
C ILE B 19 13.00 -9.50 -10.37
N GLU B 20 12.62 -10.73 -10.66
CA GLU B 20 11.35 -10.99 -11.31
C GLU B 20 10.56 -12.02 -10.58
N ILE B 21 9.31 -11.71 -10.36
CA ILE B 21 8.42 -12.60 -9.68
C ILE B 21 7.27 -12.98 -10.60
N PRO B 22 7.10 -14.26 -10.90
CA PRO B 22 5.99 -14.74 -11.72
C PRO B 22 4.64 -14.54 -11.04
N SER B 23 3.93 -13.53 -11.45
CA SER B 23 2.64 -13.23 -10.89
C SER B 23 1.58 -14.08 -11.56
N GLU B 24 0.42 -14.06 -10.99
CA GLU B 24 -0.69 -14.85 -11.49
C GLU B 24 -1.52 -14.02 -12.45
N ASP B 25 -2.17 -14.70 -13.39
CA ASP B 25 -3.00 -14.04 -14.39
C ASP B 25 -4.22 -13.41 -13.74
N ASP B 26 -4.53 -13.87 -12.55
CA ASP B 26 -5.66 -13.36 -11.78
C ASP B 26 -5.35 -11.95 -11.26
N GLY B 27 -4.12 -11.50 -11.50
CA GLY B 27 -3.70 -10.20 -11.02
C GLY B 27 -3.22 -10.25 -9.60
N THR B 28 -2.80 -11.43 -9.17
CA THR B 28 -2.34 -11.62 -7.82
C THR B 28 -0.92 -12.18 -7.78
N VAL B 29 -0.20 -11.85 -6.72
CA VAL B 29 1.12 -12.39 -6.50
C VAL B 29 1.17 -13.07 -5.12
N LEU B 30 1.92 -14.14 -5.01
CA LEU B 30 2.04 -14.88 -3.77
C LEU B 30 3.22 -14.38 -2.96
N LEU B 31 3.03 -14.23 -1.66
CA LEU B 31 4.08 -13.79 -0.73
C LEU B 31 5.36 -14.61 -0.90
N SER B 32 5.21 -15.94 -0.88
CA SER B 32 6.35 -16.85 -1.02
C SER B 32 7.14 -16.58 -2.30
N THR B 33 6.46 -16.22 -3.36
CA THR B 33 7.12 -15.94 -4.61
C THR B 33 7.96 -14.67 -4.50
N VAL B 34 7.48 -13.72 -3.70
CA VAL B 34 8.20 -12.47 -3.46
C VAL B 34 9.40 -12.73 -2.54
N THR B 35 9.13 -13.41 -1.42
CA THR B 35 10.15 -13.72 -0.44
C THR B 35 11.22 -14.65 -1.01
N ALA B 36 10.89 -15.28 -2.13
CA ALA B 36 11.82 -16.15 -2.83
C ALA B 36 13.13 -15.43 -3.17
N GLN B 37 13.04 -14.14 -3.48
CA GLN B 37 14.23 -13.36 -3.83
C GLN B 37 14.54 -12.33 -2.77
N PHE B 38 13.51 -11.82 -2.12
CA PHE B 38 13.69 -10.87 -1.06
C PHE B 38 13.58 -11.58 0.27
N PRO B 39 14.55 -11.40 1.16
CA PRO B 39 14.57 -12.08 2.46
C PRO B 39 13.46 -11.64 3.43
N GLY B 40 12.20 -11.82 3.01
CA GLY B 40 11.10 -11.56 3.92
C GLY B 40 10.29 -10.34 3.55
N ALA B 41 10.54 -9.81 2.37
CA ALA B 41 9.82 -8.62 1.90
C ALA B 41 8.34 -8.91 1.71
N CYS B 42 7.53 -7.88 1.89
CA CYS B 42 6.09 -7.98 1.70
C CYS B 42 5.58 -6.69 1.10
N GLY B 43 4.49 -6.74 0.35
CA GLY B 43 3.94 -5.56 -0.31
C GLY B 43 4.88 -4.92 -1.35
N LEU B 44 4.38 -3.95 -2.11
CA LEU B 44 5.16 -3.25 -3.13
C LEU B 44 4.82 -1.76 -3.15
N ARG B 45 5.77 -0.95 -3.63
CA ARG B 45 5.58 0.51 -3.76
C ARG B 45 6.31 1.03 -5.00
N TYR B 46 5.76 2.03 -5.62
CA TYR B 46 6.39 2.64 -6.77
C TYR B 46 6.18 4.15 -6.78
N ARG B 47 7.14 4.85 -7.35
CA ARG B 47 7.08 6.30 -7.41
C ARG B 47 6.07 6.74 -8.44
N ASN B 48 5.02 7.38 -7.97
CA ASN B 48 3.99 7.91 -8.87
C ASN B 48 4.38 9.31 -9.31
N PRO B 49 4.73 9.50 -10.59
CA PRO B 49 5.14 10.80 -11.11
C PRO B 49 3.98 11.79 -11.17
N VAL B 50 2.77 11.26 -11.00
CA VAL B 50 1.56 12.08 -11.01
C VAL B 50 1.42 12.88 -9.70
N SER B 51 1.76 12.27 -8.59
CA SER B 51 1.57 12.90 -7.29
C SER B 51 2.88 13.09 -6.52
N GLN B 52 3.94 12.44 -7.00
CA GLN B 52 5.24 12.45 -6.31
C GLN B 52 5.12 11.71 -4.98
N CYS B 53 4.21 10.77 -4.95
CA CYS B 53 3.96 9.96 -3.80
C CYS B 53 4.25 8.51 -4.13
N MET B 54 4.59 7.73 -3.14
CA MET B 54 4.90 6.33 -3.38
C MET B 54 3.63 5.51 -3.34
N ARG B 55 3.13 5.13 -4.50
CA ARG B 55 1.94 4.32 -4.58
C ARG B 55 2.21 2.90 -4.14
N GLY B 56 1.42 2.42 -3.21
CA GLY B 56 1.53 1.06 -2.77
C GLY B 56 0.56 0.16 -3.49
N VAL B 57 0.75 -1.13 -3.35
CA VAL B 57 -0.11 -2.12 -3.99
C VAL B 57 -0.96 -2.85 -2.96
N ARG B 58 -2.15 -3.27 -3.36
CA ARG B 58 -3.08 -3.97 -2.48
C ARG B 58 -2.45 -5.25 -1.92
N LEU B 59 -2.58 -5.45 -0.62
CA LEU B 59 -2.06 -6.64 0.02
C LEU B 59 -3.13 -7.28 0.86
N VAL B 60 -3.19 -8.59 0.84
CA VAL B 60 -4.14 -9.32 1.65
C VAL B 60 -3.57 -10.66 2.12
N GLU B 61 -3.04 -10.68 3.33
CA GLU B 61 -2.50 -11.90 3.95
C GLU B 61 -1.33 -12.47 3.14
N GLY B 62 -0.53 -11.59 2.56
CA GLY B 62 0.61 -12.03 1.79
C GLY B 62 0.30 -12.16 0.31
N ILE B 63 -0.96 -11.98 -0.04
CA ILE B 63 -1.36 -12.04 -1.41
C ILE B 63 -1.49 -10.64 -1.97
N LEU B 64 -0.65 -10.32 -2.91
CA LEU B 64 -0.67 -9.00 -3.49
C LEU B 64 -1.68 -8.92 -4.61
N HIS B 65 -2.43 -7.85 -4.63
CA HIS B 65 -3.44 -7.63 -5.62
C HIS B 65 -3.10 -6.44 -6.48
N ALA B 66 -2.85 -6.71 -7.74
CA ALA B 66 -2.56 -5.68 -8.70
C ALA B 66 -3.76 -4.76 -8.90
N PRO B 67 -3.52 -3.47 -9.16
CA PRO B 67 -4.59 -2.53 -9.45
C PRO B 67 -5.25 -2.86 -10.77
N ASP B 68 -6.22 -2.07 -11.14
CA ASP B 68 -6.96 -2.26 -12.39
C ASP B 68 -6.00 -2.14 -13.58
N ALA B 69 -4.91 -1.43 -13.37
CA ALA B 69 -3.92 -1.22 -14.41
C ALA B 69 -2.98 -2.44 -14.55
N GLY B 70 -3.02 -3.33 -13.57
CA GLY B 70 -2.18 -4.52 -13.61
C GLY B 70 -0.83 -4.32 -12.95
N TRP B 71 0.03 -5.32 -13.06
CA TRP B 71 1.37 -5.27 -12.44
C TRP B 71 2.32 -4.38 -13.23
N GLY B 72 2.02 -4.17 -14.51
CA GLY B 72 2.91 -3.44 -15.39
C GLY B 72 3.00 -1.94 -15.13
N ASN B 73 2.39 -1.47 -14.05
CA ASN B 73 2.46 -0.05 -13.73
C ASN B 73 3.06 0.17 -12.34
N LEU B 74 3.32 -0.92 -11.63
CA LEU B 74 3.82 -0.85 -10.27
C LEU B 74 5.23 -1.41 -10.14
N VAL B 75 5.73 -1.97 -11.23
CA VAL B 75 7.06 -2.56 -11.24
C VAL B 75 8.15 -1.52 -10.92
N TYR B 76 8.62 -1.53 -9.68
CA TYR B 76 9.67 -0.60 -9.27
C TYR B 76 10.35 -1.04 -7.96
N VAL B 77 9.71 -0.76 -6.82
CA VAL B 77 10.33 -1.05 -5.52
C VAL B 77 9.47 -1.99 -4.66
N VAL B 78 10.14 -2.85 -3.92
CA VAL B 78 9.49 -3.77 -3.02
C VAL B 78 9.49 -3.21 -1.58
N ASN B 79 8.51 -3.59 -0.79
CA ASN B 79 8.41 -3.14 0.60
C ASN B 79 9.10 -4.12 1.54
N TYR B 80 9.77 -3.60 2.55
CA TYR B 80 10.47 -4.41 3.53
C TYR B 80 9.97 -4.14 4.94
N PRO B 81 9.32 -5.13 5.56
CA PRO B 81 8.87 -5.00 6.91
C PRO B 81 9.93 -5.48 7.91
N LYS B 82 10.13 -4.69 8.96
CA LYS B 82 11.06 -5.05 10.01
C LYS B 82 10.41 -5.99 11.01
N ASP B 83 9.11 -6.15 10.84
CA ASP B 83 8.31 -7.01 11.69
C ASP B 83 8.44 -8.46 11.25
N MET A 4 -11.50 -0.28 -11.62
CA MET A 4 -11.84 -0.17 -10.20
C MET A 4 -10.59 -0.26 -9.34
N SER A 5 -10.06 0.89 -8.96
CA SER A 5 -8.88 0.99 -8.12
C SER A 5 -8.77 2.39 -7.56
N GLU A 6 -9.46 2.62 -6.48
CA GLU A 6 -9.46 3.92 -5.85
C GLU A 6 -8.27 4.05 -4.93
N TYR A 7 -7.73 5.23 -4.81
CA TYR A 7 -6.54 5.46 -4.04
C TYR A 7 -6.76 6.39 -2.87
N ILE A 8 -5.97 6.18 -1.84
CA ILE A 8 -6.02 7.01 -0.65
C ILE A 8 -4.59 7.43 -0.30
N ARG A 9 -4.40 8.59 0.26
CA ARG A 9 -3.05 9.03 0.60
C ARG A 9 -2.78 9.02 2.11
N VAL A 10 -2.04 8.00 2.54
CA VAL A 10 -1.64 7.87 3.94
C VAL A 10 -0.16 8.23 4.08
N THR A 11 0.17 8.99 5.09
CA THR A 11 1.53 9.39 5.30
C THR A 11 2.05 8.85 6.64
N GLU A 12 3.27 8.32 6.64
CA GLU A 12 3.90 7.83 7.86
C GLU A 12 4.83 8.88 8.47
N ASP A 13 5.44 9.68 7.61
CA ASP A 13 6.34 10.74 8.04
C ASP A 13 5.89 12.06 7.46
N GLU A 14 5.51 12.98 8.33
CA GLU A 14 4.99 14.28 7.92
C GLU A 14 6.01 15.12 7.12
N ASN A 15 7.29 14.91 7.38
CA ASN A 15 8.33 15.67 6.67
C ASN A 15 8.77 14.96 5.39
N ASP A 16 8.25 13.77 5.19
CA ASP A 16 8.55 13.00 3.99
C ASP A 16 7.44 13.16 2.97
N GLU A 17 7.48 12.36 1.94
CA GLU A 17 6.46 12.39 0.92
C GLU A 17 5.31 11.45 1.29
N PRO A 18 4.08 11.82 0.93
CA PRO A 18 2.92 11.01 1.23
C PRO A 18 2.90 9.70 0.44
N ILE A 19 2.28 8.71 1.01
CA ILE A 19 2.17 7.40 0.39
C ILE A 19 0.74 7.22 -0.06
N GLU A 20 0.53 6.50 -1.14
CA GLU A 20 -0.81 6.29 -1.60
C GLU A 20 -1.16 4.81 -1.55
N ILE A 21 -2.21 4.49 -0.82
CA ILE A 21 -2.66 3.12 -0.61
C ILE A 21 -3.89 2.85 -1.46
N PRO A 22 -3.89 1.75 -2.23
CA PRO A 22 -5.02 1.38 -3.08
C PRO A 22 -6.16 0.74 -2.28
N SER A 23 -7.29 1.39 -2.28
CA SER A 23 -8.46 0.89 -1.59
C SER A 23 -9.19 -0.13 -2.45
N GLU A 24 -10.10 -0.87 -1.84
CA GLU A 24 -10.89 -1.84 -2.56
C GLU A 24 -12.13 -1.15 -3.12
N ASP A 25 -12.71 -1.71 -4.19
CA ASP A 25 -13.89 -1.11 -4.83
C ASP A 25 -15.09 -1.12 -3.88
N ASP A 26 -14.94 -1.85 -2.78
CA ASP A 26 -15.96 -1.93 -1.74
C ASP A 26 -16.04 -0.60 -0.98
N GLY A 27 -15.02 0.23 -1.17
CA GLY A 27 -14.97 1.52 -0.52
C GLY A 27 -14.23 1.44 0.79
N THR A 28 -13.58 0.33 1.02
CA THR A 28 -12.87 0.10 2.24
C THR A 28 -11.38 -0.18 1.97
N VAL A 29 -10.58 -0.08 3.02
CA VAL A 29 -9.15 -0.34 2.91
C VAL A 29 -8.75 -1.47 3.86
N LEU A 30 -7.88 -2.34 3.40
CA LEU A 30 -7.43 -3.46 4.19
C LEU A 30 -6.15 -3.11 4.95
N LEU A 31 -6.19 -3.30 6.27
CA LEU A 31 -5.06 -3.01 7.15
C LEU A 31 -3.79 -3.75 6.71
N SER A 32 -3.97 -4.92 6.11
CA SER A 32 -2.83 -5.72 5.64
C SER A 32 -2.07 -4.96 4.53
N THR A 33 -2.80 -4.14 3.79
CA THR A 33 -2.20 -3.33 2.74
C THR A 33 -1.44 -2.17 3.38
N VAL A 34 -1.91 -1.76 4.55
CA VAL A 34 -1.28 -0.70 5.31
C VAL A 34 0.01 -1.20 5.94
N THR A 35 -0.04 -2.37 6.57
CA THR A 35 1.10 -2.95 7.25
C THR A 35 2.23 -3.33 6.27
N ALA A 36 1.85 -3.64 5.03
CA ALA A 36 2.81 -3.95 3.96
C ALA A 36 3.86 -2.85 3.82
N GLN A 37 3.38 -1.63 3.65
CA GLN A 37 4.23 -0.47 3.50
C GLN A 37 4.55 0.17 4.85
N PHE A 38 3.63 0.07 5.79
CA PHE A 38 3.82 0.63 7.13
C PHE A 38 3.89 -0.50 8.15
N PRO A 39 5.07 -1.08 8.32
CA PRO A 39 5.28 -2.18 9.24
C PRO A 39 5.32 -1.71 10.67
N GLY A 40 4.65 -2.44 11.55
CA GLY A 40 4.64 -2.09 12.96
C GLY A 40 3.56 -1.09 13.28
N ALA A 41 2.93 -0.56 12.26
CA ALA A 41 1.88 0.41 12.43
C ALA A 41 0.53 -0.21 12.19
N CYS A 42 -0.48 0.43 12.71
CA CYS A 42 -1.85 0.00 12.51
C CYS A 42 -2.78 1.14 12.89
N GLY A 43 -3.91 1.21 12.23
CA GLY A 43 -4.83 2.31 12.46
C GLY A 43 -4.59 3.43 11.47
N LEU A 44 -5.55 4.32 11.32
CA LEU A 44 -5.43 5.41 10.35
C LEU A 44 -6.05 6.71 10.89
N ARG A 45 -5.36 7.81 10.67
CA ARG A 45 -5.80 9.12 11.13
C ARG A 45 -6.02 10.04 9.95
N TYR A 46 -6.80 11.06 10.15
CA TYR A 46 -7.05 12.06 9.13
C TYR A 46 -7.61 13.31 9.79
N ARG A 47 -7.84 14.33 9.02
CA ARG A 47 -8.41 15.55 9.53
C ARG A 47 -9.69 15.86 8.79
N ASN A 48 -10.78 15.91 9.52
CA ASN A 48 -12.06 16.20 8.92
C ASN A 48 -12.23 17.69 8.70
N PRO A 49 -12.62 18.09 7.49
CA PRO A 49 -12.76 19.49 7.11
C PRO A 49 -13.98 20.15 7.74
N VAL A 50 -14.69 19.41 8.57
CA VAL A 50 -15.87 19.93 9.22
C VAL A 50 -15.50 20.75 10.45
N GLU A 51 -14.72 20.15 11.35
CA GLU A 51 -14.32 20.84 12.58
C GLU A 51 -12.81 21.11 12.61
N GLN A 52 -12.13 20.75 11.50
CA GLN A 52 -10.65 20.96 11.34
C GLN A 52 -9.85 20.13 12.35
N CYS A 53 -10.48 19.17 12.97
CA CYS A 53 -9.82 18.36 13.97
C CYS A 53 -9.43 17.01 13.38
N MET A 54 -8.48 16.35 14.03
CA MET A 54 -8.06 15.03 13.60
C MET A 54 -9.06 14.00 14.06
N ARG A 55 -9.12 12.91 13.34
CA ARG A 55 -10.07 11.86 13.63
C ARG A 55 -9.49 10.51 13.16
N GLY A 56 -9.84 9.45 13.86
CA GLY A 56 -9.38 8.14 13.48
C GLY A 56 -10.39 7.40 12.64
N VAL A 57 -9.92 6.80 11.55
CA VAL A 57 -10.80 6.07 10.65
C VAL A 57 -11.40 4.84 11.34
N ARG A 58 -12.66 4.56 11.03
CA ARG A 58 -13.34 3.40 11.59
C ARG A 58 -12.72 2.13 11.06
N LEU A 59 -12.34 1.26 11.96
CA LEU A 59 -11.78 -0.01 11.58
C LEU A 59 -12.62 -1.14 12.11
N VAL A 60 -12.86 -2.13 11.28
CA VAL A 60 -13.66 -3.26 11.66
C VAL A 60 -13.00 -4.54 11.18
N GLU A 61 -12.45 -5.31 12.12
CA GLU A 61 -11.81 -6.59 11.82
C GLU A 61 -10.71 -6.46 10.76
N GLY A 62 -10.06 -5.30 10.75
CA GLY A 62 -8.98 -5.07 9.83
C GLY A 62 -9.39 -4.24 8.64
N ILE A 63 -10.67 -4.09 8.44
CA ILE A 63 -11.17 -3.32 7.31
C ILE A 63 -11.47 -1.89 7.74
N LEU A 64 -10.80 -0.96 7.11
CA LEU A 64 -11.00 0.44 7.40
C LEU A 64 -12.15 0.97 6.56
N HIS A 65 -13.10 1.58 7.22
CA HIS A 65 -14.27 2.12 6.57
C HIS A 65 -14.07 3.60 6.32
N ALA A 66 -14.29 4.01 5.08
CA ALA A 66 -14.09 5.38 4.66
C ALA A 66 -14.95 6.37 5.45
N PRO A 67 -14.50 7.63 5.49
CA PRO A 67 -15.26 8.74 6.11
C PRO A 67 -16.62 8.97 5.43
N ASP A 68 -17.07 10.21 5.47
CA ASP A 68 -18.38 10.57 4.92
C ASP A 68 -18.35 10.54 3.39
N ALA A 69 -17.48 11.33 2.80
CA ALA A 69 -17.39 11.41 1.35
C ALA A 69 -16.67 10.20 0.77
N GLY A 70 -15.56 9.84 1.40
CA GLY A 70 -14.78 8.71 0.92
C GLY A 70 -13.33 8.88 1.27
N TRP A 71 -12.47 8.13 0.61
CA TRP A 71 -11.04 8.21 0.88
C TRP A 71 -10.37 9.32 0.08
N GLY A 72 -10.51 9.24 -1.24
CA GLY A 72 -9.85 10.18 -2.13
C GLY A 72 -10.42 11.58 -2.09
N ASN A 73 -10.01 12.35 -1.09
CA ASN A 73 -10.44 13.74 -0.92
C ASN A 73 -9.74 14.39 0.27
N LEU A 74 -9.34 13.57 1.25
CA LEU A 74 -8.64 14.09 2.42
C LEU A 74 -7.24 13.48 2.53
N VAL A 75 -6.47 13.98 3.48
CA VAL A 75 -5.14 13.46 3.74
C VAL A 75 -5.20 12.53 4.95
N TYR A 76 -4.43 11.46 4.91
CA TYR A 76 -4.45 10.48 5.97
C TYR A 76 -3.05 10.23 6.51
N VAL A 77 -2.98 9.81 7.76
CA VAL A 77 -1.73 9.53 8.44
C VAL A 77 -1.85 8.19 9.16
N VAL A 78 -0.95 7.27 8.88
CA VAL A 78 -1.01 5.97 9.50
C VAL A 78 -0.67 6.06 10.98
N ASN A 79 -1.32 5.25 11.78
CA ASN A 79 -1.10 5.28 13.19
C ASN A 79 0.16 4.50 13.58
N TYR A 80 1.20 5.22 13.93
CA TYR A 80 2.44 4.60 14.35
C TYR A 80 2.59 4.67 15.86
N PRO A 81 2.77 3.52 16.52
CA PRO A 81 2.95 3.46 17.96
C PRO A 81 4.29 4.01 18.40
N LYS A 82 4.43 4.24 19.68
CA LYS A 82 5.67 4.73 20.24
C LYS A 82 6.64 3.59 20.50
N ASP A 83 6.14 2.37 20.34
CA ASP A 83 6.93 1.17 20.56
C ASP A 83 7.95 1.00 19.44
N MET B 4 6.34 -18.92 -14.73
CA MET B 4 6.07 -19.08 -16.17
C MET B 4 4.65 -18.60 -16.53
N SER B 5 4.20 -17.54 -15.89
CA SER B 5 2.86 -17.04 -16.11
C SER B 5 2.96 -15.57 -16.40
N GLU B 6 3.24 -14.83 -15.37
CA GLU B 6 3.50 -13.46 -15.48
C GLU B 6 4.68 -13.21 -14.61
N ARG B 7 5.55 -12.43 -15.06
CA ARG B 7 6.68 -12.01 -14.25
C ARG B 7 6.62 -10.52 -14.00
N ILE B 8 7.08 -10.11 -12.86
CA ILE B 8 7.00 -8.73 -12.49
C ILE B 8 8.36 -8.18 -12.11
N ARG B 9 8.65 -6.98 -12.59
CA ARG B 9 9.93 -6.34 -12.33
C ARG B 9 9.84 -5.51 -11.06
N VAL B 10 10.85 -5.62 -10.23
CA VAL B 10 10.87 -4.88 -8.99
C VAL B 10 12.29 -4.88 -8.41
N THR B 11 12.60 -3.87 -7.66
CA THR B 11 13.89 -3.76 -7.02
C THR B 11 13.74 -3.07 -5.68
N GLU B 12 14.83 -2.92 -4.98
CA GLU B 12 14.80 -2.31 -3.68
C GLU B 12 15.48 -0.97 -3.74
N ASP B 13 16.39 -0.85 -4.67
CA ASP B 13 17.10 0.37 -4.90
C ASP B 13 17.21 0.59 -6.40
N GLU B 14 16.94 1.80 -6.83
CA GLU B 14 16.95 2.14 -8.26
C GLU B 14 18.35 2.06 -8.88
N ASN B 15 19.38 2.07 -8.06
CA ASN B 15 20.74 1.98 -8.57
C ASN B 15 21.09 0.53 -8.84
N ASP B 16 20.24 -0.35 -8.36
CA ASP B 16 20.38 -1.78 -8.61
C ASP B 16 19.46 -2.19 -9.73
N GLU B 17 19.74 -3.32 -10.34
CA GLU B 17 18.93 -3.79 -11.43
C GLU B 17 17.64 -4.43 -10.91
N PRO B 18 16.54 -4.24 -11.65
CA PRO B 18 15.26 -4.84 -11.30
C PRO B 18 15.27 -6.35 -11.42
N ILE B 19 14.68 -7.00 -10.45
CA ILE B 19 14.54 -8.43 -10.48
C ILE B 19 13.13 -8.77 -10.93
N GLU B 20 12.84 -10.05 -11.12
CA GLU B 20 11.52 -10.45 -11.59
C GLU B 20 10.95 -11.60 -10.80
N ILE B 21 9.71 -11.45 -10.38
CA ILE B 21 9.01 -12.48 -9.61
C ILE B 21 7.86 -13.04 -10.43
N PRO B 22 7.72 -14.37 -10.49
CA PRO B 22 6.62 -15.01 -11.20
C PRO B 22 5.27 -14.82 -10.49
N SER B 23 4.43 -14.01 -11.09
CA SER B 23 3.12 -13.74 -10.61
C SER B 23 2.10 -14.67 -11.25
N GLU B 24 0.92 -14.74 -10.66
CA GLU B 24 -0.16 -15.56 -11.17
C GLU B 24 -0.97 -14.77 -12.19
N ASP B 25 -1.52 -15.48 -13.17
CA ASP B 25 -2.32 -14.88 -14.23
C ASP B 25 -3.60 -14.27 -13.66
N ASP B 26 -3.99 -14.73 -12.47
CA ASP B 26 -5.17 -14.22 -11.77
C ASP B 26 -4.98 -12.76 -11.35
N GLY B 27 -3.73 -12.31 -11.38
CA GLY B 27 -3.44 -10.95 -10.99
C GLY B 27 -3.04 -10.88 -9.55
N THR B 28 -2.64 -12.01 -9.01
CA THR B 28 -2.24 -12.10 -7.64
C THR B 28 -0.81 -12.65 -7.50
N VAL B 29 -0.11 -12.20 -6.48
CA VAL B 29 1.21 -12.67 -6.18
C VAL B 29 1.26 -13.19 -4.76
N LEU B 30 2.04 -14.23 -4.54
CA LEU B 30 2.16 -14.81 -3.22
C LEU B 30 3.31 -14.19 -2.46
N LEU B 31 3.10 -13.93 -1.18
CA LEU B 31 4.14 -13.35 -0.32
C LEU B 31 5.41 -14.18 -0.36
N SER B 32 5.23 -15.50 -0.28
CA SER B 32 6.36 -16.43 -0.29
C SER B 32 7.18 -16.28 -1.59
N THR B 33 6.53 -15.94 -2.69
CA THR B 33 7.22 -15.77 -3.96
C THR B 33 8.11 -14.52 -3.89
N VAL B 34 7.61 -13.49 -3.21
CA VAL B 34 8.34 -12.25 -3.05
C VAL B 34 9.53 -12.45 -2.10
N THR B 35 9.25 -13.06 -0.97
CA THR B 35 10.27 -13.34 0.04
C THR B 35 11.26 -14.39 -0.46
N ALA B 36 10.88 -15.11 -1.51
CA ALA B 36 11.73 -16.11 -2.12
C ALA B 36 12.94 -15.47 -2.77
N GLN B 37 12.82 -14.19 -3.08
CA GLN B 37 13.89 -13.44 -3.70
C GLN B 37 14.45 -12.43 -2.71
N PHE B 38 13.56 -11.69 -2.08
CA PHE B 38 13.95 -10.70 -1.11
C PHE B 38 14.04 -11.30 0.27
N PRO B 39 15.05 -10.94 1.06
CA PRO B 39 15.28 -11.49 2.40
C PRO B 39 14.22 -11.07 3.45
N GLY B 40 12.95 -11.18 3.10
CA GLY B 40 11.90 -10.89 4.08
C GLY B 40 11.07 -9.68 3.72
N ALA B 41 11.26 -9.16 2.52
CA ALA B 41 10.49 -8.02 2.06
C ALA B 41 9.04 -8.37 1.87
N CYS B 42 8.17 -7.45 2.20
CA CYS B 42 6.74 -7.67 2.07
C CYS B 42 6.10 -6.45 1.42
N GLY B 43 5.01 -6.65 0.70
CA GLY B 43 4.36 -5.54 0.01
C GLY B 43 5.18 -4.98 -1.14
N LEU B 44 4.55 -4.16 -1.96
CA LEU B 44 5.20 -3.54 -3.12
C LEU B 44 4.63 -2.16 -3.34
N ARG B 45 5.40 -1.30 -4.01
CA ARG B 45 4.91 0.03 -4.34
C ARG B 45 5.77 0.68 -5.42
N TYR B 46 5.28 1.75 -5.98
CA TYR B 46 6.00 2.46 -7.01
C TYR B 46 5.82 3.95 -6.85
N ARG B 47 6.84 4.69 -7.21
CA ARG B 47 6.80 6.13 -7.09
C ARG B 47 6.01 6.73 -8.23
N ASN B 48 4.93 7.39 -7.89
CA ASN B 48 4.10 8.06 -8.87
C ASN B 48 4.63 9.46 -9.13
N PRO B 49 5.11 9.72 -10.36
CA PRO B 49 5.68 11.03 -10.73
C PRO B 49 4.61 12.13 -10.81
N VAL B 50 3.36 11.72 -10.77
CA VAL B 50 2.25 12.64 -10.83
C VAL B 50 2.12 13.44 -9.53
N SER B 51 2.03 12.74 -8.41
CA SER B 51 1.86 13.41 -7.12
C SER B 51 3.11 13.29 -6.24
N GLN B 52 4.15 12.60 -6.74
CA GLN B 52 5.40 12.39 -5.99
C GLN B 52 5.14 11.52 -4.76
N CYS B 53 4.17 10.64 -4.88
CA CYS B 53 3.78 9.79 -3.80
C CYS B 53 4.10 8.35 -4.12
N MET B 54 4.43 7.59 -3.11
CA MET B 54 4.71 6.18 -3.31
C MET B 54 3.42 5.41 -3.28
N ARG B 55 2.94 5.01 -4.45
CA ARG B 55 1.70 4.25 -4.54
C ARG B 55 1.95 2.78 -4.31
N GLY B 56 1.46 2.27 -3.20
CA GLY B 56 1.61 0.86 -2.90
C GLY B 56 0.56 -0.01 -3.57
N VAL B 57 0.70 -1.32 -3.38
CA VAL B 57 -0.22 -2.29 -3.96
C VAL B 57 -1.07 -2.96 -2.86
N ARG B 58 -2.27 -3.37 -3.23
CA ARG B 58 -3.20 -3.99 -2.29
C ARG B 58 -2.67 -5.33 -1.78
N LEU B 59 -2.84 -5.58 -0.49
CA LEU B 59 -2.36 -6.83 0.12
C LEU B 59 -3.46 -7.47 0.93
N VAL B 60 -3.59 -8.77 0.82
CA VAL B 60 -4.57 -9.51 1.57
C VAL B 60 -3.98 -10.81 2.11
N GLU B 61 -3.60 -10.77 3.37
CA GLU B 61 -3.06 -11.93 4.09
C GLU B 61 -1.89 -12.56 3.34
N GLY B 62 -0.99 -11.72 2.82
CA GLY B 62 0.16 -12.22 2.12
C GLY B 62 -0.01 -12.27 0.61
N ILE B 63 -1.22 -12.16 0.16
CA ILE B 63 -1.47 -12.20 -1.26
C ILE B 63 -1.62 -10.79 -1.81
N LEU B 64 -0.72 -10.43 -2.70
CA LEU B 64 -0.74 -9.13 -3.31
C LEU B 64 -1.74 -9.09 -4.45
N HIS B 65 -2.57 -8.08 -4.46
CA HIS B 65 -3.57 -7.93 -5.49
C HIS B 65 -3.23 -6.79 -6.41
N ALA B 66 -2.95 -7.14 -7.65
CA ALA B 66 -2.68 -6.15 -8.68
C ALA B 66 -3.90 -5.27 -8.88
N PRO B 67 -3.70 -3.98 -9.21
CA PRO B 67 -4.80 -3.07 -9.46
C PRO B 67 -5.59 -3.44 -10.70
N ASP B 68 -6.47 -2.56 -11.09
CA ASP B 68 -7.34 -2.75 -12.24
C ASP B 68 -6.53 -2.97 -13.52
N ALA B 69 -5.35 -2.39 -13.57
CA ALA B 69 -4.51 -2.49 -14.74
C ALA B 69 -3.72 -3.80 -14.76
N GLY B 70 -3.23 -4.20 -13.60
CA GLY B 70 -2.44 -5.41 -13.50
C GLY B 70 -1.09 -5.16 -12.85
N TRP B 71 -0.16 -6.07 -13.05
CA TRP B 71 1.18 -5.95 -12.48
C TRP B 71 2.08 -5.02 -13.30
N GLY B 72 1.81 -4.92 -14.59
CA GLY B 72 2.68 -4.18 -15.50
C GLY B 72 2.69 -2.68 -15.33
N ASN B 73 2.02 -2.16 -14.31
CA ASN B 73 2.01 -0.72 -14.10
C ASN B 73 2.56 -0.38 -12.71
N LEU B 74 2.85 -1.39 -11.92
CA LEU B 74 3.31 -1.16 -10.57
C LEU B 74 4.74 -1.62 -10.37
N VAL B 75 5.30 -2.24 -11.40
CA VAL B 75 6.66 -2.73 -11.36
C VAL B 75 7.66 -1.61 -11.07
N TYR B 76 8.25 -1.62 -9.87
CA TYR B 76 9.18 -0.58 -9.51
C TYR B 76 10.02 -0.96 -8.28
N VAL B 77 9.48 -0.75 -7.07
CA VAL B 77 10.24 -0.98 -5.85
C VAL B 77 9.47 -1.85 -4.84
N VAL B 78 10.21 -2.69 -4.13
CA VAL B 78 9.64 -3.57 -3.14
C VAL B 78 9.67 -2.91 -1.76
N ASN B 79 8.73 -3.26 -0.92
CA ASN B 79 8.64 -2.73 0.41
C ASN B 79 9.48 -3.57 1.40
N TYR B 80 10.41 -2.92 2.06
CA TYR B 80 11.19 -3.56 3.11
C TYR B 80 10.67 -3.13 4.45
N PRO B 81 10.18 -4.06 5.26
CA PRO B 81 9.62 -3.75 6.53
C PRO B 81 10.65 -3.54 7.63
N LYS B 82 10.21 -2.87 8.68
CA LYS B 82 11.03 -2.57 9.83
C LYS B 82 10.65 -3.53 10.94
N ASP B 83 9.37 -3.56 11.22
CA ASP B 83 8.81 -4.47 12.20
C ASP B 83 8.50 -5.80 11.54
N MET A 4 -11.87 0.63 -12.15
CA MET A 4 -10.60 1.15 -11.61
C MET A 4 -10.59 1.03 -10.09
N SER A 5 -9.41 0.87 -9.51
CA SER A 5 -9.28 0.70 -8.07
C SER A 5 -9.37 2.04 -7.34
N GLU A 6 -10.06 2.05 -6.20
CA GLU A 6 -10.19 3.23 -5.38
C GLU A 6 -8.83 3.56 -4.76
N TYR A 7 -8.59 4.84 -4.52
CA TYR A 7 -7.32 5.26 -3.98
C TYR A 7 -7.48 6.33 -2.91
N ILE A 8 -6.71 6.20 -1.85
CA ILE A 8 -6.72 7.14 -0.75
C ILE A 8 -5.34 7.76 -0.61
N ARG A 9 -5.24 8.87 0.08
CA ARG A 9 -3.95 9.50 0.31
C ARG A 9 -3.61 9.56 1.80
N VAL A 10 -2.72 8.68 2.21
CA VAL A 10 -2.24 8.64 3.57
C VAL A 10 -0.83 9.20 3.65
N THR A 11 -0.33 9.37 4.84
CA THR A 11 1.03 9.82 5.02
C THR A 11 1.57 9.23 6.31
N GLU A 12 2.72 8.57 6.25
CA GLU A 12 3.32 8.03 7.44
C GLU A 12 4.01 9.13 8.24
N ASP A 13 4.84 9.89 7.54
CA ASP A 13 5.54 11.00 8.15
C ASP A 13 5.43 12.22 7.24
N GLU A 14 5.29 13.38 7.85
CA GLU A 14 5.12 14.63 7.11
C GLU A 14 6.36 15.01 6.29
N ASN A 15 7.51 14.42 6.63
CA ASN A 15 8.75 14.73 5.92
C ASN A 15 8.85 13.89 4.67
N ASP A 16 8.08 12.83 4.63
CA ASP A 16 8.03 11.97 3.45
C ASP A 16 6.92 12.40 2.54
N GLU A 17 6.82 11.73 1.42
CA GLU A 17 5.80 12.02 0.45
C GLU A 17 4.47 11.44 0.89
N PRO A 18 3.38 12.14 0.59
CA PRO A 18 2.04 11.62 0.84
C PRO A 18 1.84 10.37 0.02
N ILE A 19 1.55 9.29 0.67
CA ILE A 19 1.45 8.01 -0.01
C ILE A 19 0.00 7.70 -0.32
N GLU A 20 -0.26 7.26 -1.53
CA GLU A 20 -1.59 6.88 -1.89
C GLU A 20 -1.75 5.35 -1.82
N ILE A 21 -2.86 4.91 -1.22
CA ILE A 21 -3.10 3.48 -0.99
C ILE A 21 -4.34 3.01 -1.79
N PRO A 22 -4.25 1.85 -2.48
CA PRO A 22 -5.40 1.28 -3.17
C PRO A 22 -6.37 0.69 -2.18
N SER A 23 -7.63 0.99 -2.35
CA SER A 23 -8.63 0.51 -1.42
C SER A 23 -9.54 -0.53 -2.06
N GLU A 24 -10.43 -1.09 -1.26
CA GLU A 24 -11.33 -2.11 -1.72
C GLU A 24 -12.49 -1.51 -2.48
N ASP A 25 -13.09 -2.33 -3.34
CA ASP A 25 -14.26 -1.95 -4.11
C ASP A 25 -15.41 -1.61 -3.16
N ASP A 26 -15.34 -2.19 -1.97
CA ASP A 26 -16.34 -2.00 -0.94
C ASP A 26 -16.34 -0.57 -0.39
N GLY A 27 -15.26 0.16 -0.65
CA GLY A 27 -15.16 1.51 -0.13
C GLY A 27 -14.43 1.53 1.18
N THR A 28 -13.77 0.44 1.48
CA THR A 28 -13.01 0.30 2.69
C THR A 28 -11.53 0.06 2.38
N VAL A 29 -10.69 0.10 3.39
CA VAL A 29 -9.26 -0.11 3.20
C VAL A 29 -8.78 -1.30 4.02
N LEU A 30 -8.01 -2.16 3.39
CA LEU A 30 -7.45 -3.34 4.05
C LEU A 30 -6.14 -2.98 4.76
N LEU A 31 -6.12 -3.17 6.07
CA LEU A 31 -4.95 -2.87 6.91
C LEU A 31 -3.69 -3.60 6.44
N SER A 32 -3.88 -4.77 5.85
CA SER A 32 -2.77 -5.57 5.36
C SER A 32 -1.91 -4.77 4.37
N THR A 33 -2.57 -3.97 3.54
CA THR A 33 -1.90 -3.12 2.58
C THR A 33 -1.06 -2.05 3.30
N VAL A 34 -1.59 -1.57 4.42
CA VAL A 34 -0.90 -0.56 5.22
C VAL A 34 0.30 -1.18 5.91
N THR A 35 0.11 -2.36 6.50
CA THR A 35 1.19 -3.05 7.21
C THR A 35 2.30 -3.53 6.27
N ALA A 36 1.97 -3.62 4.99
CA ALA A 36 2.93 -4.02 3.97
C ALA A 36 3.95 -2.91 3.75
N GLN A 37 3.46 -1.73 3.38
CA GLN A 37 4.29 -0.59 3.12
C GLN A 37 4.75 0.06 4.43
N PHE A 38 3.91 0.00 5.44
CA PHE A 38 4.24 0.58 6.73
C PHE A 38 4.33 -0.51 7.78
N PRO A 39 5.54 -1.07 7.96
CA PRO A 39 5.74 -2.18 8.88
C PRO A 39 5.61 -1.78 10.34
N GLY A 40 4.71 -2.44 11.04
CA GLY A 40 4.52 -2.15 12.43
C GLY A 40 3.46 -1.12 12.67
N ALA A 41 3.03 -0.47 11.60
CA ALA A 41 2.03 0.56 11.69
C ALA A 41 0.65 0.01 11.44
N CYS A 42 -0.30 0.49 12.20
CA CYS A 42 -1.69 0.09 12.04
C CYS A 42 -2.59 1.18 12.57
N GLY A 43 -3.77 1.31 12.00
CA GLY A 43 -4.67 2.39 12.37
C GLY A 43 -4.57 3.53 11.38
N LEU A 44 -5.55 4.43 11.38
CA LEU A 44 -5.56 5.52 10.42
C LEU A 44 -6.15 6.80 11.03
N ARG A 45 -5.56 7.92 10.67
CA ARG A 45 -5.97 9.23 11.17
C ARG A 45 -6.35 10.12 10.01
N TYR A 46 -7.05 11.19 10.32
CA TYR A 46 -7.42 12.19 9.32
C TYR A 46 -7.91 13.43 10.03
N ARG A 47 -8.23 14.46 9.29
CA ARG A 47 -8.74 15.68 9.87
C ARG A 47 -10.03 16.07 9.20
N ASN A 48 -11.09 16.17 9.97
CA ASN A 48 -12.38 16.53 9.44
C ASN A 48 -12.51 18.03 9.27
N PRO A 49 -13.02 18.48 8.13
CA PRO A 49 -13.16 19.90 7.80
C PRO A 49 -14.26 20.58 8.60
N VAL A 50 -14.90 19.85 9.50
CA VAL A 50 -15.97 20.39 10.31
C VAL A 50 -15.43 21.14 11.52
N GLU A 51 -14.59 20.48 12.31
CA GLU A 51 -14.02 21.10 13.51
C GLU A 51 -12.52 21.34 13.36
N GLN A 52 -12.00 21.02 12.16
CA GLN A 52 -10.57 21.21 11.83
C GLN A 52 -9.67 20.34 12.71
N CYS A 53 -10.24 19.42 13.43
CA CYS A 53 -9.47 18.57 14.32
C CYS A 53 -9.28 17.19 13.69
N MET A 54 -8.35 16.44 14.24
CA MET A 54 -8.06 15.12 13.74
C MET A 54 -9.02 14.10 14.31
N ARG A 55 -9.22 13.03 13.59
CA ARG A 55 -10.11 11.97 14.00
C ARG A 55 -9.56 10.65 13.48
N GLY A 56 -9.79 9.58 14.21
CA GLY A 56 -9.33 8.29 13.76
C GLY A 56 -10.38 7.58 12.94
N VAL A 57 -9.97 6.98 11.83
CA VAL A 57 -10.90 6.28 10.97
C VAL A 57 -11.40 5.00 11.64
N ARG A 58 -12.70 4.73 11.48
CA ARG A 58 -13.32 3.54 12.05
C ARG A 58 -12.71 2.29 11.43
N LEU A 59 -12.53 1.27 12.23
CA LEU A 59 -11.96 0.04 11.73
C LEU A 59 -12.69 -1.15 12.28
N VAL A 60 -12.65 -2.23 11.54
CA VAL A 60 -13.26 -3.47 11.92
C VAL A 60 -12.43 -4.65 11.41
N GLU A 61 -11.69 -5.26 12.34
CA GLU A 61 -10.81 -6.40 12.02
C GLU A 61 -9.76 -6.03 10.96
N GLY A 62 -9.35 -4.77 10.98
CA GLY A 62 -8.35 -4.33 10.03
C GLY A 62 -8.95 -3.57 8.87
N ILE A 63 -10.25 -3.64 8.71
CA ILE A 63 -10.90 -2.95 7.62
C ILE A 63 -11.30 -1.55 8.04
N LEU A 64 -10.69 -0.56 7.41
CA LEU A 64 -11.01 0.83 7.72
C LEU A 64 -12.25 1.25 6.97
N HIS A 65 -13.17 1.86 7.67
CA HIS A 65 -14.43 2.33 7.09
C HIS A 65 -14.36 3.79 6.72
N ALA A 66 -14.68 4.09 5.47
CA ALA A 66 -14.63 5.46 4.97
C ALA A 66 -15.75 6.32 5.54
N PRO A 67 -15.52 7.63 5.63
CA PRO A 67 -16.54 8.58 6.07
C PRO A 67 -17.62 8.75 4.99
N ASP A 68 -18.55 9.64 5.22
CA ASP A 68 -19.66 9.84 4.28
C ASP A 68 -19.18 10.41 2.95
N ALA A 69 -18.18 11.28 3.02
CA ALA A 69 -17.63 11.88 1.81
C ALA A 69 -16.72 10.92 1.04
N GLY A 70 -16.39 9.80 1.68
CA GLY A 70 -15.51 8.83 1.05
C GLY A 70 -14.06 9.02 1.45
N TRP A 71 -13.16 8.29 0.81
CA TRP A 71 -11.75 8.42 1.13
C TRP A 71 -11.11 9.60 0.40
N GLY A 72 -11.20 9.59 -0.92
CA GLY A 72 -10.54 10.60 -1.73
C GLY A 72 -11.18 11.96 -1.65
N ASN A 73 -10.76 12.74 -0.66
CA ASN A 73 -11.24 14.12 -0.45
C ASN A 73 -10.54 14.74 0.75
N LEU A 74 -10.16 13.92 1.70
CA LEU A 74 -9.44 14.38 2.88
C LEU A 74 -8.06 13.76 2.95
N VAL A 75 -7.24 14.26 3.84
CA VAL A 75 -5.90 13.73 4.03
C VAL A 75 -5.88 12.74 5.19
N TYR A 76 -5.11 11.68 5.02
CA TYR A 76 -5.04 10.64 6.04
C TYR A 76 -3.59 10.41 6.49
N VAL A 77 -3.44 9.94 7.70
CA VAL A 77 -2.12 9.66 8.28
C VAL A 77 -2.13 8.28 8.94
N VAL A 78 -1.12 7.46 8.66
CA VAL A 78 -1.07 6.11 9.22
C VAL A 78 -0.61 6.15 10.68
N ASN A 79 -1.26 5.35 11.52
CA ASN A 79 -0.92 5.29 12.95
C ASN A 79 0.34 4.47 13.18
N TYR A 80 1.41 5.14 13.58
CA TYR A 80 2.65 4.49 13.89
C TYR A 80 2.86 4.42 15.39
N PRO A 81 3.21 3.24 15.93
CA PRO A 81 3.45 3.05 17.35
C PRO A 81 4.67 3.83 17.83
N LYS A 82 4.82 3.89 19.14
CA LYS A 82 5.94 4.57 19.75
C LYS A 82 7.18 3.67 19.74
N ASP A 83 6.97 2.42 19.38
CA ASP A 83 8.04 1.43 19.40
C ASP A 83 8.65 1.28 18.02
N MET B 4 5.65 -19.94 -15.13
CA MET B 4 5.68 -18.50 -15.44
C MET B 4 4.36 -18.07 -16.05
N SER B 5 3.97 -16.85 -15.74
CA SER B 5 2.75 -16.29 -16.26
C SER B 5 2.94 -14.79 -16.51
N GLU B 6 3.07 -14.04 -15.44
CA GLU B 6 3.24 -12.62 -15.52
C GLU B 6 4.43 -12.20 -14.68
N ARG B 7 5.57 -12.13 -15.29
CA ARG B 7 6.77 -11.72 -14.58
C ARG B 7 6.68 -10.26 -14.14
N ILE B 8 7.27 -9.96 -13.02
CA ILE B 8 7.25 -8.60 -12.51
C ILE B 8 8.63 -8.20 -12.03
N ARG B 9 9.08 -7.05 -12.46
CA ARG B 9 10.38 -6.55 -12.07
C ARG B 9 10.25 -5.58 -10.90
N VAL B 10 11.11 -5.76 -9.93
CA VAL B 10 11.08 -4.96 -8.73
C VAL B 10 12.45 -5.00 -8.06
N THR B 11 12.76 -3.99 -7.28
CA THR B 11 14.01 -3.94 -6.58
C THR B 11 13.92 -3.01 -5.37
N GLU B 12 15.00 -2.90 -4.65
CA GLU B 12 15.06 -2.10 -3.45
C GLU B 12 16.05 -0.97 -3.63
N ASP B 13 17.02 -1.20 -4.50
CA ASP B 13 18.07 -0.24 -4.72
C ASP B 13 18.30 -0.04 -6.20
N GLU B 14 18.22 1.20 -6.63
CA GLU B 14 18.45 1.59 -8.03
C GLU B 14 19.89 1.31 -8.46
N ASN B 15 20.79 1.17 -7.49
CA ASN B 15 22.19 0.87 -7.79
C ASN B 15 22.37 -0.61 -7.98
N ASP B 16 21.37 -1.36 -7.59
CA ASP B 16 21.38 -2.81 -7.73
C ASP B 16 20.60 -3.20 -8.98
N GLU B 17 20.29 -4.46 -9.11
CA GLU B 17 19.59 -4.96 -10.28
C GLU B 17 18.10 -5.09 -10.00
N PRO B 18 17.29 -4.98 -11.04
CA PRO B 18 15.87 -5.21 -10.94
C PRO B 18 15.57 -6.69 -11.08
N ILE B 19 15.11 -7.29 -10.02
CA ILE B 19 14.80 -8.70 -10.04
C ILE B 19 13.43 -8.93 -10.63
N GLU B 20 13.13 -10.15 -10.97
CA GLU B 20 11.87 -10.45 -11.63
C GLU B 20 11.20 -11.67 -11.01
N ILE B 21 9.93 -11.51 -10.62
CA ILE B 21 9.17 -12.59 -10.00
C ILE B 21 7.97 -12.98 -10.87
N PRO B 22 7.75 -14.28 -11.10
CA PRO B 22 6.61 -14.74 -11.87
C PRO B 22 5.30 -14.66 -11.09
N SER B 23 4.43 -13.76 -11.50
CA SER B 23 3.14 -13.62 -10.87
C SER B 23 2.15 -14.54 -11.52
N GLU B 24 0.96 -14.60 -10.97
CA GLU B 24 -0.08 -15.41 -11.51
C GLU B 24 -0.82 -14.62 -12.58
N ASP B 25 -1.29 -15.31 -13.61
CA ASP B 25 -1.99 -14.67 -14.73
C ASP B 25 -3.27 -13.98 -14.25
N ASP B 26 -3.81 -14.44 -13.13
CA ASP B 26 -5.02 -13.87 -12.54
C ASP B 26 -4.77 -12.45 -12.02
N GLY B 27 -3.50 -12.11 -11.85
CA GLY B 27 -3.15 -10.80 -11.36
C GLY B 27 -2.82 -10.81 -9.89
N THR B 28 -2.38 -11.96 -9.40
CA THR B 28 -2.03 -12.11 -8.01
C THR B 28 -0.60 -12.62 -7.84
N VAL B 29 0.03 -12.22 -6.74
CA VAL B 29 1.36 -12.71 -6.39
C VAL B 29 1.35 -13.23 -4.97
N LEU B 30 2.11 -14.28 -4.72
CA LEU B 30 2.17 -14.87 -3.40
C LEU B 30 3.34 -14.27 -2.62
N LEU B 31 3.12 -14.03 -1.33
CA LEU B 31 4.17 -13.48 -0.46
C LEU B 31 5.43 -14.33 -0.53
N SER B 32 5.25 -15.64 -0.46
CA SER B 32 6.36 -16.57 -0.51
C SER B 32 7.15 -16.45 -1.81
N THR B 33 6.49 -16.09 -2.90
CA THR B 33 7.17 -15.92 -4.17
C THR B 33 8.11 -14.71 -4.10
N VAL B 34 7.66 -13.69 -3.39
CA VAL B 34 8.42 -12.47 -3.20
C VAL B 34 9.58 -12.72 -2.23
N THR B 35 9.27 -13.34 -1.09
CA THR B 35 10.27 -13.64 -0.08
C THR B 35 11.24 -14.72 -0.56
N ALA B 36 10.86 -15.42 -1.62
CA ALA B 36 11.71 -16.43 -2.22
C ALA B 36 12.89 -15.78 -2.90
N GLN B 37 12.76 -14.50 -3.19
CA GLN B 37 13.82 -13.75 -3.83
C GLN B 37 14.41 -12.76 -2.85
N PHE B 38 13.54 -12.01 -2.18
CA PHE B 38 13.97 -11.03 -1.19
C PHE B 38 14.10 -11.67 0.17
N PRO B 39 15.10 -11.25 0.95
CA PRO B 39 15.38 -11.82 2.28
C PRO B 39 14.32 -11.45 3.35
N GLY B 40 13.05 -11.52 3.00
CA GLY B 40 12.00 -11.27 3.99
C GLY B 40 11.17 -10.05 3.68
N ALA B 41 11.33 -9.49 2.49
CA ALA B 41 10.58 -8.31 2.08
C ALA B 41 9.10 -8.63 1.94
N CYS B 42 8.26 -7.65 2.20
CA CYS B 42 6.81 -7.82 2.08
C CYS B 42 6.21 -6.58 1.48
N GLY B 43 5.09 -6.72 0.79
CA GLY B 43 4.46 -5.58 0.15
C GLY B 43 5.24 -5.05 -1.05
N LEU B 44 4.59 -4.23 -1.86
CA LEU B 44 5.21 -3.65 -3.06
C LEU B 44 4.64 -2.25 -3.28
N ARG B 45 5.45 -1.37 -3.88
CA ARG B 45 4.98 -0.02 -4.23
C ARG B 45 5.78 0.56 -5.40
N TYR B 46 5.25 1.58 -6.03
CA TYR B 46 5.89 2.16 -7.21
C TYR B 46 5.85 3.68 -7.20
N ARG B 47 6.85 4.29 -7.82
CA ARG B 47 6.93 5.74 -7.89
C ARG B 47 5.97 6.28 -8.94
N ASN B 48 4.97 7.01 -8.49
CA ASN B 48 4.01 7.61 -9.39
C ASN B 48 4.58 8.87 -10.01
N PRO B 49 4.57 8.99 -11.33
CA PRO B 49 5.15 10.15 -12.01
C PRO B 49 4.28 11.40 -11.87
N VAL B 50 3.02 11.22 -11.52
CA VAL B 50 2.11 12.33 -11.33
C VAL B 50 2.34 13.03 -9.98
N SER B 51 2.31 12.25 -8.91
CA SER B 51 2.42 12.79 -7.56
C SER B 51 3.85 12.75 -7.03
N GLN B 52 4.68 11.92 -7.66
CA GLN B 52 6.06 11.70 -7.22
C GLN B 52 6.10 10.96 -5.90
N CYS B 53 5.03 10.24 -5.59
CA CYS B 53 4.94 9.50 -4.38
C CYS B 53 5.07 8.01 -4.64
N MET B 54 5.10 7.22 -3.59
CA MET B 54 5.24 5.79 -3.72
C MET B 54 3.92 5.10 -3.51
N ARG B 55 3.22 4.82 -4.60
CA ARG B 55 1.93 4.17 -4.54
C ARG B 55 2.09 2.72 -4.16
N GLY B 56 1.56 2.33 -3.03
CA GLY B 56 1.61 0.94 -2.62
C GLY B 56 0.59 0.10 -3.37
N VAL B 57 0.74 -1.20 -3.29
CA VAL B 57 -0.19 -2.12 -3.92
C VAL B 57 -0.99 -2.87 -2.85
N ARG B 58 -2.22 -3.25 -3.19
CA ARG B 58 -3.11 -3.92 -2.23
C ARG B 58 -2.54 -5.27 -1.79
N LEU B 59 -2.56 -5.50 -0.48
CA LEU B 59 -2.10 -6.75 0.09
C LEU B 59 -3.25 -7.42 0.82
N VAL B 60 -3.37 -8.72 0.64
CA VAL B 60 -4.41 -9.45 1.32
C VAL B 60 -3.86 -10.74 1.91
N GLU B 61 -3.54 -10.67 3.18
CA GLU B 61 -3.04 -11.80 3.96
C GLU B 61 -1.86 -12.50 3.27
N GLY B 62 -0.94 -11.69 2.76
CA GLY B 62 0.24 -12.24 2.10
C GLY B 62 0.11 -12.30 0.60
N ILE B 63 -1.08 -12.15 0.11
CA ILE B 63 -1.30 -12.20 -1.32
C ILE B 63 -1.36 -10.81 -1.91
N LEU B 64 -0.46 -10.53 -2.82
CA LEU B 64 -0.42 -9.25 -3.49
C LEU B 64 -1.48 -9.21 -4.55
N HIS B 65 -2.27 -8.16 -4.54
CA HIS B 65 -3.32 -7.99 -5.51
C HIS B 65 -3.05 -6.80 -6.38
N ALA B 66 -2.81 -7.07 -7.65
CA ALA B 66 -2.54 -6.04 -8.63
C ALA B 66 -3.74 -5.10 -8.77
N PRO B 67 -3.48 -3.81 -9.04
CA PRO B 67 -4.53 -2.84 -9.26
C PRO B 67 -5.29 -3.13 -10.55
N ASP B 68 -6.18 -2.22 -10.90
CA ASP B 68 -7.00 -2.32 -12.11
C ASP B 68 -6.11 -2.36 -13.36
N ALA B 69 -4.92 -1.80 -13.23
CA ALA B 69 -4.00 -1.73 -14.35
C ALA B 69 -3.04 -2.93 -14.39
N GLY B 70 -3.13 -3.80 -13.39
CA GLY B 70 -2.27 -4.98 -13.37
C GLY B 70 -0.91 -4.71 -12.75
N TRP B 71 0.05 -5.62 -12.98
CA TRP B 71 1.40 -5.48 -12.41
C TRP B 71 2.31 -4.60 -13.29
N GLY B 72 1.91 -4.42 -14.54
CA GLY B 72 2.75 -3.73 -15.52
C GLY B 72 2.97 -2.24 -15.24
N ASN B 73 2.36 -1.72 -14.19
CA ASN B 73 2.51 -0.30 -13.89
C ASN B 73 3.12 -0.11 -12.50
N LEU B 74 3.31 -1.21 -11.79
CA LEU B 74 3.81 -1.13 -10.42
C LEU B 74 5.23 -1.68 -10.29
N VAL B 75 5.78 -2.13 -11.39
CA VAL B 75 7.15 -2.65 -11.40
C VAL B 75 8.15 -1.57 -11.00
N TYR B 76 8.51 -1.54 -9.71
CA TYR B 76 9.42 -0.52 -9.24
C TYR B 76 10.17 -0.94 -7.97
N VAL B 77 9.55 -0.73 -6.81
CA VAL B 77 10.21 -0.94 -5.52
C VAL B 77 9.47 -1.93 -4.65
N VAL B 78 10.21 -2.73 -3.94
CA VAL B 78 9.66 -3.67 -3.00
C VAL B 78 9.67 -3.07 -1.60
N ASN B 79 8.71 -3.43 -0.80
CA ASN B 79 8.64 -2.93 0.54
C ASN B 79 9.41 -3.81 1.51
N TYR B 80 10.04 -3.20 2.49
CA TYR B 80 10.81 -3.93 3.48
C TYR B 80 10.33 -3.63 4.89
N PRO B 81 9.90 -4.67 5.61
CA PRO B 81 9.44 -4.52 6.97
C PRO B 81 10.56 -4.60 8.00
N LYS B 82 10.32 -4.05 9.18
CA LYS B 82 11.28 -4.10 10.28
C LYS B 82 11.20 -5.46 10.96
N ASP B 83 10.21 -6.21 10.55
CA ASP B 83 9.97 -7.54 11.08
C ASP B 83 10.62 -8.60 10.21
N MET A 4 -11.44 -1.99 -10.18
CA MET A 4 -12.35 -1.09 -9.41
C MET A 4 -11.80 -0.88 -8.00
N SER A 5 -10.97 0.14 -7.84
CA SER A 5 -10.38 0.42 -6.54
C SER A 5 -10.01 1.90 -6.42
N GLU A 6 -10.49 2.55 -5.37
CA GLU A 6 -10.17 3.94 -5.13
C GLU A 6 -8.80 4.06 -4.49
N TYR A 7 -8.15 5.17 -4.70
CA TYR A 7 -6.85 5.40 -4.12
C TYR A 7 -6.94 6.45 -3.04
N ILE A 8 -6.24 6.21 -1.95
CA ILE A 8 -6.18 7.15 -0.86
C ILE A 8 -4.74 7.59 -0.66
N ARG A 9 -4.54 8.65 0.06
CA ARG A 9 -3.19 9.14 0.33
C ARG A 9 -2.88 9.15 1.82
N VAL A 10 -2.17 8.12 2.26
CA VAL A 10 -1.78 8.00 3.66
C VAL A 10 -0.28 8.22 3.81
N THR A 11 0.08 9.09 4.70
CA THR A 11 1.46 9.40 4.92
C THR A 11 1.87 8.90 6.30
N GLU A 12 3.04 8.31 6.40
CA GLU A 12 3.54 7.88 7.68
C GLU A 12 4.15 9.05 8.45
N ASP A 13 5.01 9.79 7.78
CA ASP A 13 5.61 10.98 8.34
C ASP A 13 5.49 12.09 7.32
N GLU A 14 4.99 13.24 7.75
CA GLU A 14 4.78 14.37 6.85
C GLU A 14 6.10 14.92 6.28
N ASN A 15 7.23 14.52 6.85
CA ASN A 15 8.54 14.96 6.34
C ASN A 15 8.89 14.23 5.07
N ASP A 16 8.26 13.09 4.87
CA ASP A 16 8.46 12.30 3.67
C ASP A 16 7.28 12.44 2.74
N GLU A 17 7.40 11.88 1.55
CA GLU A 17 6.35 11.94 0.57
C GLU A 17 5.14 11.13 0.99
N PRO A 18 3.95 11.64 0.70
CA PRO A 18 2.71 10.92 0.94
C PRO A 18 2.73 9.58 0.23
N ILE A 19 2.13 8.60 0.83
CA ILE A 19 2.07 7.29 0.23
C ILE A 19 0.64 7.02 -0.20
N GLU A 20 0.46 6.52 -1.38
CA GLU A 20 -0.88 6.24 -1.87
C GLU A 20 -1.23 4.79 -1.64
N ILE A 21 -2.40 4.57 -1.06
CA ILE A 21 -2.84 3.24 -0.71
C ILE A 21 -4.06 2.86 -1.55
N PRO A 22 -4.02 1.70 -2.22
CA PRO A 22 -5.16 1.20 -2.97
C PRO A 22 -6.23 0.63 -2.03
N SER A 23 -7.42 1.14 -2.16
CA SER A 23 -8.50 0.74 -1.27
C SER A 23 -9.22 -0.48 -1.78
N GLU A 24 -10.10 -1.01 -0.96
CA GLU A 24 -10.92 -2.15 -1.31
C GLU A 24 -12.04 -1.68 -2.21
N ASP A 25 -12.48 -2.55 -3.11
CA ASP A 25 -13.55 -2.23 -4.07
C ASP A 25 -14.85 -1.87 -3.35
N ASP A 26 -14.94 -2.22 -2.07
CA ASP A 26 -16.10 -1.92 -1.26
C ASP A 26 -16.17 -0.42 -0.92
N GLY A 27 -15.05 0.27 -1.04
CA GLY A 27 -15.00 1.66 -0.70
C GLY A 27 -14.34 1.87 0.63
N THR A 28 -13.83 0.79 1.18
CA THR A 28 -13.12 0.79 2.43
C THR A 28 -11.64 0.47 2.20
N VAL A 29 -10.85 0.39 3.25
CA VAL A 29 -9.42 0.08 3.10
C VAL A 29 -9.03 -1.15 3.90
N LEU A 30 -8.27 -2.03 3.27
CA LEU A 30 -7.80 -3.26 3.89
C LEU A 30 -6.48 -3.03 4.64
N LEU A 31 -6.45 -3.36 5.92
CA LEU A 31 -5.28 -3.16 6.77
C LEU A 31 -4.06 -3.92 6.24
N SER A 32 -4.29 -5.04 5.58
CA SER A 32 -3.20 -5.83 5.03
C SER A 32 -2.35 -4.98 4.08
N THR A 33 -3.01 -4.22 3.21
CA THR A 33 -2.33 -3.32 2.29
C THR A 33 -1.48 -2.32 3.07
N VAL A 34 -2.04 -1.81 4.17
CA VAL A 34 -1.36 -0.85 5.01
C VAL A 34 -0.11 -1.46 5.66
N THR A 35 -0.26 -2.67 6.19
CA THR A 35 0.86 -3.35 6.87
C THR A 35 1.97 -3.77 5.89
N ALA A 36 1.63 -3.83 4.62
CA ALA A 36 2.60 -4.16 3.58
C ALA A 36 3.66 -3.09 3.47
N GLN A 37 3.21 -1.85 3.39
CA GLN A 37 4.08 -0.70 3.26
C GLN A 37 4.44 -0.09 4.61
N PHE A 38 3.55 -0.21 5.59
CA PHE A 38 3.80 0.31 6.93
C PHE A 38 3.93 -0.84 7.93
N PRO A 39 5.17 -1.21 8.26
CA PRO A 39 5.45 -2.35 9.15
C PRO A 39 5.10 -2.07 10.62
N GLY A 40 4.18 -2.86 11.14
CA GLY A 40 3.81 -2.73 12.54
C GLY A 40 2.76 -1.66 12.77
N ALA A 41 2.43 -0.95 11.73
CA ALA A 41 1.48 0.13 11.85
C ALA A 41 0.06 -0.35 11.53
N CYS A 42 -0.90 0.29 12.14
CA CYS A 42 -2.29 0.01 11.91
C CYS A 42 -3.12 1.19 12.36
N GLY A 43 -4.24 1.40 11.72
CA GLY A 43 -5.06 2.56 12.02
C GLY A 43 -4.80 3.67 11.03
N LEU A 44 -5.58 4.74 11.09
CA LEU A 44 -5.48 5.81 10.12
C LEU A 44 -5.96 7.12 10.74
N ARG A 45 -5.25 8.20 10.46
CA ARG A 45 -5.55 9.51 11.03
C ARG A 45 -5.92 10.50 9.95
N TYR A 46 -6.63 11.55 10.34
CA TYR A 46 -7.05 12.61 9.44
C TYR A 46 -7.62 13.76 10.25
N ARG A 47 -7.91 14.86 9.58
CA ARG A 47 -8.49 16.01 10.23
C ARG A 47 -9.83 16.32 9.61
N ASN A 48 -10.87 16.23 10.41
CA ASN A 48 -12.21 16.50 9.90
C ASN A 48 -12.43 17.99 9.70
N PRO A 49 -12.82 18.40 8.49
CA PRO A 49 -13.02 19.81 8.14
C PRO A 49 -14.16 20.46 8.92
N VAL A 50 -15.00 19.66 9.53
CA VAL A 50 -16.12 20.18 10.29
C VAL A 50 -15.65 20.96 11.54
N GLU A 51 -14.76 20.38 12.34
CA GLU A 51 -14.32 21.06 13.57
C GLU A 51 -12.81 21.26 13.62
N GLN A 52 -12.12 20.94 12.52
CA GLN A 52 -10.66 21.14 12.40
C GLN A 52 -9.88 20.26 13.39
N CYS A 53 -10.51 19.21 13.87
CA CYS A 53 -9.88 18.33 14.85
C CYS A 53 -9.33 17.06 14.20
N MET A 54 -8.31 16.49 14.83
CA MET A 54 -7.69 15.27 14.35
C MET A 54 -8.44 14.05 14.87
N ARG A 55 -8.82 13.16 13.97
CA ARG A 55 -9.55 11.97 14.35
C ARG A 55 -8.98 10.76 13.63
N GLY A 56 -9.27 9.58 14.14
CA GLY A 56 -8.82 8.37 13.53
C GLY A 56 -9.93 7.63 12.82
N VAL A 57 -9.64 7.11 11.64
CA VAL A 57 -10.62 6.39 10.85
C VAL A 57 -11.08 5.13 11.57
N ARG A 58 -12.36 4.81 11.46
CA ARG A 58 -12.91 3.64 12.10
C ARG A 58 -12.40 2.38 11.47
N LEU A 59 -12.17 1.38 12.30
CA LEU A 59 -11.65 0.13 11.82
C LEU A 59 -12.41 -1.04 12.40
N VAL A 60 -12.75 -1.99 11.56
CA VAL A 60 -13.48 -3.16 11.97
C VAL A 60 -12.83 -4.39 11.37
N GLU A 61 -12.21 -5.19 12.22
CA GLU A 61 -11.53 -6.42 11.83
C GLU A 61 -10.48 -6.15 10.74
N GLY A 62 -9.88 -4.97 10.77
CA GLY A 62 -8.86 -4.64 9.81
C GLY A 62 -9.36 -3.77 8.69
N ILE A 63 -10.66 -3.65 8.56
CA ILE A 63 -11.22 -2.85 7.50
C ILE A 63 -11.47 -1.43 7.97
N LEU A 64 -10.75 -0.49 7.36
CA LEU A 64 -10.94 0.92 7.66
C LEU A 64 -12.15 1.42 6.93
N HIS A 65 -13.06 2.04 7.64
CA HIS A 65 -14.28 2.53 7.06
C HIS A 65 -14.16 4.00 6.72
N ALA A 66 -14.38 4.32 5.45
CA ALA A 66 -14.25 5.69 4.97
C ALA A 66 -15.18 6.64 5.70
N PRO A 67 -14.82 7.93 5.72
CA PRO A 67 -15.64 8.97 6.31
C PRO A 67 -16.99 9.14 5.58
N ASP A 68 -17.58 10.32 5.69
CA ASP A 68 -18.89 10.57 5.11
C ASP A 68 -18.86 10.58 3.58
N ALA A 69 -17.97 11.38 3.00
CA ALA A 69 -17.89 11.48 1.55
C ALA A 69 -17.10 10.31 0.96
N GLY A 70 -16.00 9.98 1.60
CA GLY A 70 -15.17 8.90 1.14
C GLY A 70 -13.71 9.15 1.47
N TRP A 71 -12.84 8.45 0.78
CA TRP A 71 -11.41 8.59 1.02
C TRP A 71 -10.83 9.78 0.28
N GLY A 72 -11.06 9.84 -1.01
CA GLY A 72 -10.52 10.92 -1.82
C GLY A 72 -11.15 12.27 -1.53
N ASN A 73 -10.55 13.01 -0.58
CA ASN A 73 -11.05 14.33 -0.21
C ASN A 73 -10.07 15.03 0.73
N LEU A 74 -9.43 14.26 1.60
CA LEU A 74 -8.50 14.80 2.59
C LEU A 74 -7.19 14.03 2.55
N VAL A 75 -6.21 14.48 3.32
CA VAL A 75 -4.96 13.74 3.45
C VAL A 75 -5.04 12.84 4.65
N TYR A 76 -4.29 11.76 4.62
CA TYR A 76 -4.37 10.80 5.69
C TYR A 76 -2.98 10.45 6.22
N VAL A 77 -2.94 10.02 7.46
CA VAL A 77 -1.69 9.63 8.12
C VAL A 77 -1.89 8.30 8.82
N VAL A 78 -1.04 7.33 8.50
CA VAL A 78 -1.16 6.00 9.11
C VAL A 78 -0.83 6.04 10.59
N ASN A 79 -1.50 5.20 11.37
CA ASN A 79 -1.26 5.16 12.78
C ASN A 79 -0.09 4.25 13.12
N TYR A 80 1.01 4.86 13.54
CA TYR A 80 2.16 4.11 13.98
C TYR A 80 2.17 4.01 15.49
N PRO A 81 2.47 2.83 16.03
CA PRO A 81 2.54 2.61 17.47
C PRO A 81 3.69 3.38 18.10
N LYS A 82 3.77 3.31 19.41
CA LYS A 82 4.76 4.05 20.16
C LYS A 82 5.76 3.10 20.80
N ASP A 83 5.37 1.85 20.91
CA ASP A 83 6.20 0.84 21.53
C ASP A 83 6.12 -0.45 20.72
N MET B 4 6.52 -19.55 -14.18
CA MET B 4 6.62 -18.21 -14.78
C MET B 4 5.34 -17.88 -15.52
N SER B 5 4.47 -17.14 -14.88
CA SER B 5 3.22 -16.73 -15.46
C SER B 5 3.26 -15.27 -15.89
N GLU B 6 3.70 -14.43 -14.97
CA GLU B 6 3.79 -13.02 -15.21
C GLU B 6 4.88 -12.44 -14.34
N ARG B 7 6.09 -12.48 -14.83
CA ARG B 7 7.24 -11.95 -14.11
C ARG B 7 7.06 -10.47 -13.77
N ILE B 8 7.62 -10.04 -12.67
CA ILE B 8 7.53 -8.66 -12.27
C ILE B 8 8.88 -8.08 -11.88
N ARG B 9 9.24 -7.00 -12.54
CA ARG B 9 10.49 -6.32 -12.27
C ARG B 9 10.34 -5.42 -11.06
N VAL B 10 11.18 -5.60 -10.08
CA VAL B 10 11.08 -4.84 -8.85
C VAL B 10 12.40 -4.88 -8.08
N THR B 11 12.63 -3.89 -7.25
CA THR B 11 13.81 -3.83 -6.43
C THR B 11 13.66 -2.72 -5.38
N GLU B 12 14.69 -2.55 -4.59
CA GLU B 12 14.70 -1.53 -3.56
C GLU B 12 15.79 -0.51 -3.89
N ASP B 13 16.79 -0.97 -4.60
CA ASP B 13 17.90 -0.13 -4.99
C ASP B 13 18.06 -0.13 -6.49
N GLU B 14 17.81 1.02 -7.09
CA GLU B 14 17.92 1.20 -8.54
C GLU B 14 19.37 1.08 -9.01
N ASN B 15 20.31 1.09 -8.08
CA ASN B 15 21.72 0.95 -8.42
C ASN B 15 22.08 -0.52 -8.54
N ASP B 16 21.23 -1.36 -7.98
CA ASP B 16 21.40 -2.80 -8.07
C ASP B 16 20.65 -3.30 -9.30
N GLU B 17 20.29 -4.54 -9.30
CA GLU B 17 19.59 -5.12 -10.43
C GLU B 17 18.11 -5.27 -10.13
N PRO B 18 17.27 -4.68 -10.97
CA PRO B 18 15.82 -4.87 -10.88
C PRO B 18 15.51 -6.34 -11.05
N ILE B 19 15.16 -6.98 -9.97
CA ILE B 19 14.91 -8.41 -9.98
C ILE B 19 13.53 -8.71 -10.49
N GLU B 20 13.23 -9.99 -10.66
CA GLU B 20 11.96 -10.41 -11.17
C GLU B 20 11.36 -11.51 -10.35
N ILE B 21 10.07 -11.44 -10.19
CA ILE B 21 9.34 -12.45 -9.45
C ILE B 21 8.20 -12.99 -10.31
N PRO B 22 8.12 -14.30 -10.50
CA PRO B 22 7.05 -14.91 -11.27
C PRO B 22 5.69 -14.77 -10.59
N SER B 23 4.90 -13.84 -11.06
CA SER B 23 3.57 -13.65 -10.52
C SER B 23 2.62 -14.57 -11.24
N GLU B 24 1.41 -14.63 -10.76
CA GLU B 24 0.41 -15.45 -11.40
C GLU B 24 -0.28 -14.63 -12.46
N ASP B 25 -0.70 -15.29 -13.54
CA ASP B 25 -1.37 -14.58 -14.65
C ASP B 25 -2.76 -14.12 -14.23
N ASP B 26 -3.13 -14.51 -13.03
CA ASP B 26 -4.38 -14.11 -12.43
C ASP B 26 -4.29 -12.67 -11.93
N GLY B 27 -3.07 -12.18 -11.79
CA GLY B 27 -2.85 -10.84 -11.29
C GLY B 27 -2.57 -10.85 -9.81
N THR B 28 -2.18 -12.00 -9.32
CA THR B 28 -1.88 -12.17 -7.92
C THR B 28 -0.46 -12.69 -7.69
N VAL B 29 0.16 -12.23 -6.61
CA VAL B 29 1.49 -12.69 -6.25
C VAL B 29 1.47 -13.25 -4.83
N LEU B 30 2.30 -14.25 -4.57
CA LEU B 30 2.36 -14.86 -3.27
C LEU B 30 3.48 -14.23 -2.44
N LEU B 31 3.20 -14.00 -1.16
CA LEU B 31 4.19 -13.42 -0.24
C LEU B 31 5.48 -14.24 -0.25
N SER B 32 5.30 -15.55 -0.26
CA SER B 32 6.39 -16.48 -0.29
C SER B 32 7.28 -16.30 -1.53
N THR B 33 6.67 -15.95 -2.67
CA THR B 33 7.42 -15.76 -3.89
C THR B 33 8.27 -14.49 -3.78
N VAL B 34 7.70 -13.47 -3.15
CA VAL B 34 8.40 -12.20 -2.94
C VAL B 34 9.57 -12.40 -1.99
N THR B 35 9.30 -13.02 -0.86
CA THR B 35 10.31 -13.29 0.14
C THR B 35 11.32 -14.33 -0.34
N ALA B 36 10.95 -15.06 -1.40
CA ALA B 36 11.84 -16.05 -1.99
C ALA B 36 13.03 -15.38 -2.66
N GLN B 37 12.88 -14.10 -2.96
CA GLN B 37 13.93 -13.33 -3.57
C GLN B 37 14.44 -12.30 -2.58
N PHE B 38 13.51 -11.59 -1.97
CA PHE B 38 13.85 -10.59 -0.97
C PHE B 38 13.85 -11.22 0.40
N PRO B 39 14.90 -10.98 1.18
CA PRO B 39 15.05 -11.57 2.52
C PRO B 39 14.05 -11.01 3.56
N GLY B 40 12.76 -11.07 3.26
CA GLY B 40 11.77 -10.66 4.23
C GLY B 40 10.96 -9.46 3.81
N ALA B 41 11.10 -9.04 2.56
CA ALA B 41 10.34 -7.90 2.07
C ALA B 41 8.88 -8.27 1.90
N CYS B 42 8.01 -7.30 2.09
CA CYS B 42 6.59 -7.53 1.94
C CYS B 42 5.98 -6.39 1.17
N GLY B 43 4.93 -6.67 0.41
CA GLY B 43 4.28 -5.61 -0.36
C GLY B 43 5.16 -4.98 -1.45
N LEU B 44 4.53 -4.19 -2.30
CA LEU B 44 5.22 -3.49 -3.39
C LEU B 44 4.63 -2.10 -3.56
N ARG B 45 5.37 -1.21 -4.22
CA ARG B 45 4.89 0.14 -4.46
C ARG B 45 5.61 0.75 -5.69
N TYR B 46 5.05 1.80 -6.23
CA TYR B 46 5.63 2.47 -7.39
C TYR B 46 5.48 3.97 -7.28
N ARG B 47 6.43 4.69 -7.82
CA ARG B 47 6.40 6.15 -7.78
C ARG B 47 5.45 6.66 -8.84
N ASN B 48 4.37 7.28 -8.42
CA ASN B 48 3.40 7.82 -9.35
C ASN B 48 3.90 9.17 -9.86
N PRO B 49 4.00 9.34 -11.19
CA PRO B 49 4.53 10.56 -11.78
C PRO B 49 3.57 11.76 -11.63
N VAL B 50 2.31 11.46 -11.37
CA VAL B 50 1.32 12.49 -11.19
C VAL B 50 1.42 13.15 -9.81
N SER B 51 1.39 12.33 -8.78
CA SER B 51 1.37 12.81 -7.40
C SER B 51 2.76 12.82 -6.77
N GLN B 52 3.70 12.09 -7.39
CA GLN B 52 5.06 11.93 -6.87
C GLN B 52 5.06 11.11 -5.59
N CYS B 53 3.97 10.39 -5.37
CA CYS B 53 3.79 9.62 -4.19
C CYS B 53 4.10 8.16 -4.46
N MET B 54 4.33 7.41 -3.40
CA MET B 54 4.61 6.00 -3.51
C MET B 54 3.32 5.22 -3.46
N ARG B 55 2.83 4.83 -4.61
CA ARG B 55 1.61 4.05 -4.68
C ARG B 55 1.86 2.59 -4.35
N GLY B 56 1.46 2.18 -3.15
CA GLY B 56 1.58 0.79 -2.75
C GLY B 56 0.58 -0.11 -3.46
N VAL B 57 0.71 -1.42 -3.27
CA VAL B 57 -0.17 -2.40 -3.93
C VAL B 57 -1.09 -3.09 -2.92
N ARG B 58 -2.26 -3.49 -3.42
CA ARG B 58 -3.30 -4.16 -2.63
C ARG B 58 -2.77 -5.49 -2.04
N LEU B 59 -2.98 -5.69 -0.74
CA LEU B 59 -2.53 -6.91 -0.08
C LEU B 59 -3.65 -7.56 0.71
N VAL B 60 -3.67 -8.88 0.74
CA VAL B 60 -4.64 -9.62 1.52
C VAL B 60 -4.11 -11.00 1.88
N GLU B 61 -3.89 -11.22 3.17
CA GLU B 61 -3.43 -12.51 3.70
C GLU B 61 -2.11 -12.97 3.05
N GLY B 62 -1.27 -12.01 2.69
CA GLY B 62 0.01 -12.34 2.08
C GLY B 62 -0.05 -12.43 0.58
N ILE B 63 -1.23 -12.30 0.03
CA ILE B 63 -1.39 -12.35 -1.40
C ILE B 63 -1.56 -10.97 -1.97
N LEU B 64 -0.63 -10.57 -2.80
CA LEU B 64 -0.67 -9.27 -3.42
C LEU B 64 -1.61 -9.29 -4.59
N HIS B 65 -2.45 -8.28 -4.67
CA HIS B 65 -3.40 -8.18 -5.74
C HIS B 65 -3.10 -6.97 -6.58
N ALA B 66 -2.75 -7.24 -7.82
CA ALA B 66 -2.46 -6.20 -8.78
C ALA B 66 -3.69 -5.32 -8.98
N PRO B 67 -3.49 -4.02 -9.32
CA PRO B 67 -4.59 -3.11 -9.58
C PRO B 67 -5.40 -3.53 -10.80
N ASP B 68 -6.30 -2.66 -11.22
CA ASP B 68 -7.18 -2.95 -12.35
C ASP B 68 -6.37 -3.12 -13.64
N ALA B 69 -5.17 -2.58 -13.65
CA ALA B 69 -4.31 -2.63 -14.83
C ALA B 69 -3.36 -3.84 -14.81
N GLY B 70 -3.03 -4.34 -13.63
CA GLY B 70 -2.12 -5.47 -13.53
C GLY B 70 -0.81 -5.11 -12.85
N TRP B 71 0.22 -5.96 -13.03
CA TRP B 71 1.54 -5.74 -12.41
C TRP B 71 2.44 -4.84 -13.26
N GLY B 72 2.18 -4.81 -14.56
CA GLY B 72 3.06 -4.11 -15.51
C GLY B 72 3.20 -2.62 -15.26
N ASN B 73 2.28 -2.04 -14.52
CA ASN B 73 2.33 -0.60 -14.28
C ASN B 73 2.90 -0.28 -12.90
N LEU B 74 3.17 -1.31 -12.12
CA LEU B 74 3.65 -1.10 -10.76
C LEU B 74 5.06 -1.61 -10.55
N VAL B 75 5.59 -2.30 -11.56
CA VAL B 75 6.92 -2.89 -11.48
C VAL B 75 8.01 -1.83 -11.25
N TYR B 76 8.33 -1.58 -9.99
CA TYR B 76 9.34 -0.59 -9.68
C TYR B 76 10.02 -0.85 -8.33
N VAL B 77 9.34 -0.55 -7.23
CA VAL B 77 9.96 -0.67 -5.90
C VAL B 77 9.23 -1.67 -5.00
N VAL B 78 9.99 -2.43 -4.24
CA VAL B 78 9.44 -3.37 -3.30
C VAL B 78 9.38 -2.72 -1.91
N ASN B 79 8.47 -3.17 -1.10
CA ASN B 79 8.36 -2.65 0.23
C ASN B 79 9.17 -3.47 1.21
N TYR B 80 10.01 -2.80 1.96
CA TYR B 80 10.80 -3.45 2.97
C TYR B 80 10.40 -2.97 4.35
N PRO B 81 10.09 -3.88 5.26
CA PRO B 81 9.75 -3.52 6.62
C PRO B 81 10.98 -3.28 7.47
N LYS B 82 10.82 -2.55 8.55
CA LYS B 82 11.92 -2.30 9.48
C LYS B 82 12.24 -3.56 10.27
N ASP B 83 11.30 -4.48 10.24
CA ASP B 83 11.43 -5.74 10.92
C ASP B 83 12.06 -6.76 9.99
N MET A 4 -16.85 2.52 -7.07
CA MET A 4 -15.62 1.96 -7.65
C MET A 4 -14.56 1.84 -6.58
N SER A 5 -13.36 1.47 -6.99
CA SER A 5 -12.24 1.39 -6.07
C SER A 5 -11.84 2.78 -5.64
N GLU A 6 -11.94 3.02 -4.35
CA GLU A 6 -11.57 4.29 -3.80
C GLU A 6 -10.06 4.51 -3.89
N TYR A 7 -9.66 5.73 -3.73
CA TYR A 7 -8.27 6.08 -3.76
C TYR A 7 -7.97 6.99 -2.59
N ILE A 8 -6.86 6.75 -1.93
CA ILE A 8 -6.55 7.54 -0.74
C ILE A 8 -5.09 7.96 -0.73
N ARG A 9 -4.82 9.01 0.01
CA ARG A 9 -3.46 9.49 0.22
C ARG A 9 -3.08 9.44 1.71
N VAL A 10 -2.34 8.42 2.08
CA VAL A 10 -1.88 8.24 3.46
C VAL A 10 -0.43 8.65 3.57
N THR A 11 -0.08 9.32 4.63
CA THR A 11 1.27 9.74 4.83
C THR A 11 1.84 9.11 6.10
N GLU A 12 3.04 8.57 6.00
CA GLU A 12 3.71 7.98 7.16
C GLU A 12 4.38 9.05 8.00
N ASP A 13 5.17 9.89 7.36
CA ASP A 13 5.81 11.00 8.05
C ASP A 13 5.38 12.29 7.38
N GLU A 14 4.91 13.24 8.17
CA GLU A 14 4.42 14.51 7.66
C GLU A 14 5.52 15.34 7.00
N ASN A 15 6.77 14.96 7.22
CA ASN A 15 7.90 15.67 6.64
C ASN A 15 8.39 14.95 5.40
N ASP A 16 8.01 13.69 5.29
CA ASP A 16 8.41 12.86 4.16
C ASP A 16 7.39 13.01 3.03
N GLU A 17 7.49 12.15 2.06
CA GLU A 17 6.62 12.15 0.92
C GLU A 17 5.31 11.44 1.24
N PRO A 18 4.22 11.90 0.63
CA PRO A 18 2.92 11.29 0.81
C PRO A 18 2.85 9.95 0.11
N ILE A 19 2.04 9.08 0.62
CA ILE A 19 1.90 7.75 0.06
C ILE A 19 0.49 7.59 -0.49
N GLU A 20 0.39 6.97 -1.63
CA GLU A 20 -0.89 6.77 -2.26
C GLU A 20 -1.30 5.32 -2.17
N ILE A 21 -2.50 5.07 -1.67
CA ILE A 21 -2.96 3.72 -1.46
C ILE A 21 -4.20 3.41 -2.31
N PRO A 22 -4.13 2.34 -3.12
CA PRO A 22 -5.27 1.87 -3.90
C PRO A 22 -6.26 1.14 -3.01
N SER A 23 -7.46 1.66 -2.89
CA SER A 23 -8.46 1.07 -2.03
C SER A 23 -9.31 0.06 -2.77
N GLU A 24 -10.25 -0.54 -2.05
CA GLU A 24 -11.10 -1.56 -2.62
C GLU A 24 -12.36 -0.95 -3.23
N ASP A 25 -13.01 -1.71 -4.12
CA ASP A 25 -14.23 -1.27 -4.80
C ASP A 25 -15.38 -1.17 -3.81
N ASP A 26 -15.18 -1.78 -2.66
CA ASP A 26 -16.15 -1.80 -1.59
C ASP A 26 -16.26 -0.41 -0.92
N GLY A 27 -15.26 0.44 -1.16
CA GLY A 27 -15.26 1.77 -0.57
C GLY A 27 -14.51 1.79 0.73
N THR A 28 -13.84 0.70 1.02
CA THR A 28 -13.07 0.57 2.23
C THR A 28 -11.59 0.30 1.91
N VAL A 29 -10.74 0.39 2.91
CA VAL A 29 -9.32 0.13 2.76
C VAL A 29 -8.90 -1.07 3.60
N LEU A 30 -8.06 -1.91 3.04
CA LEU A 30 -7.60 -3.08 3.72
C LEU A 30 -6.29 -2.80 4.48
N LEU A 31 -6.32 -3.07 5.78
CA LEU A 31 -5.17 -2.85 6.66
C LEU A 31 -3.92 -3.57 6.15
N SER A 32 -4.11 -4.73 5.53
CA SER A 32 -2.99 -5.48 4.98
C SER A 32 -2.21 -4.62 3.98
N THR A 33 -2.95 -3.91 3.14
CA THR A 33 -2.37 -3.03 2.15
C THR A 33 -1.57 -1.92 2.83
N VAL A 34 -2.03 -1.53 3.99
CA VAL A 34 -1.38 -0.50 4.78
C VAL A 34 -0.10 -1.05 5.41
N THR A 35 -0.17 -2.28 5.92
CA THR A 35 0.97 -2.90 6.58
C THR A 35 2.07 -3.29 5.59
N ALA A 36 1.74 -3.22 4.30
CA ALA A 36 2.71 -3.51 3.24
C ALA A 36 3.80 -2.44 3.19
N GLN A 37 3.41 -1.19 2.90
CA GLN A 37 4.40 -0.11 2.82
C GLN A 37 4.69 0.46 4.19
N PHE A 38 3.83 0.17 5.15
CA PHE A 38 4.05 0.58 6.51
C PHE A 38 4.12 -0.67 7.39
N PRO A 39 5.25 -1.38 7.34
CA PRO A 39 5.43 -2.64 8.05
C PRO A 39 5.54 -2.45 9.56
N GLY A 40 4.58 -2.99 10.27
CA GLY A 40 4.56 -2.83 11.70
C GLY A 40 3.57 -1.79 12.14
N ALA A 41 3.05 -1.05 11.17
CA ALA A 41 2.11 0.00 11.45
C ALA A 41 0.69 -0.48 11.17
N CYS A 42 -0.27 0.10 11.86
CA CYS A 42 -1.66 -0.21 11.67
C CYS A 42 -2.51 0.92 12.20
N GLY A 43 -3.66 1.13 11.60
CA GLY A 43 -4.51 2.23 11.99
C GLY A 43 -4.36 3.39 11.02
N LEU A 44 -5.24 4.38 11.12
CA LEU A 44 -5.23 5.49 10.18
C LEU A 44 -5.81 6.74 10.84
N ARG A 45 -5.22 7.88 10.55
CA ARG A 45 -5.63 9.16 11.12
C ARG A 45 -6.02 10.12 10.04
N TYR A 46 -6.75 11.15 10.41
CA TYR A 46 -7.14 12.21 9.51
C TYR A 46 -7.74 13.37 10.28
N ARG A 47 -7.98 14.47 9.60
CA ARG A 47 -8.58 15.63 10.24
C ARG A 47 -9.91 15.95 9.58
N ASN A 48 -10.97 15.93 10.37
CA ASN A 48 -12.29 16.23 9.85
C ASN A 48 -12.50 17.74 9.69
N PRO A 49 -12.92 18.17 8.51
CA PRO A 49 -13.12 19.59 8.18
C PRO A 49 -14.25 20.24 8.98
N VAL A 50 -15.05 19.43 9.65
CA VAL A 50 -16.17 19.97 10.39
C VAL A 50 -15.73 20.73 11.65
N GLU A 51 -14.79 20.18 12.41
CA GLU A 51 -14.36 20.81 13.66
C GLU A 51 -12.85 21.04 13.71
N GLN A 52 -12.16 20.68 12.63
CA GLN A 52 -10.70 20.87 12.51
C GLN A 52 -9.91 19.99 13.49
N CYS A 53 -10.57 19.00 14.04
CA CYS A 53 -9.92 18.10 14.97
C CYS A 53 -9.53 16.81 14.26
N MET A 54 -8.52 16.12 14.78
CA MET A 54 -8.07 14.89 14.18
C MET A 54 -8.90 13.72 14.70
N ARG A 55 -8.99 12.69 13.91
CA ARG A 55 -9.75 11.52 14.25
C ARG A 55 -9.10 10.29 13.63
N GLY A 56 -9.40 9.13 14.17
CA GLY A 56 -8.89 7.91 13.62
C GLY A 56 -9.94 7.21 12.81
N VAL A 57 -9.55 6.68 11.66
CA VAL A 57 -10.48 5.99 10.80
C VAL A 57 -10.91 4.66 11.42
N ARG A 58 -12.20 4.39 11.38
CA ARG A 58 -12.76 3.17 11.94
C ARG A 58 -12.25 1.94 11.22
N LEU A 59 -11.91 0.93 11.98
CA LEU A 59 -11.43 -0.30 11.42
C LEU A 59 -12.22 -1.48 11.97
N VAL A 60 -12.57 -2.38 11.10
CA VAL A 60 -13.30 -3.57 11.49
C VAL A 60 -12.71 -4.78 10.79
N GLU A 61 -12.08 -5.64 11.58
CA GLU A 61 -11.44 -6.86 11.06
C GLU A 61 -10.39 -6.53 10.01
N GLY A 62 -9.75 -5.38 10.17
CA GLY A 62 -8.74 -4.95 9.23
C GLY A 62 -9.28 -4.06 8.14
N ILE A 63 -10.58 -3.92 8.08
CA ILE A 63 -11.18 -3.10 7.06
C ILE A 63 -11.45 -1.69 7.58
N LEU A 64 -10.80 -0.72 6.99
CA LEU A 64 -10.98 0.66 7.35
C LEU A 64 -12.20 1.22 6.64
N HIS A 65 -13.07 1.85 7.41
CA HIS A 65 -14.31 2.40 6.87
C HIS A 65 -14.18 3.88 6.57
N ALA A 66 -14.49 4.25 5.34
CA ALA A 66 -14.39 5.63 4.90
C ALA A 66 -15.37 6.54 5.64
N PRO A 67 -15.02 7.83 5.76
CA PRO A 67 -15.89 8.82 6.37
C PRO A 67 -17.09 9.16 5.48
N ASP A 68 -17.75 10.26 5.77
CA ASP A 68 -18.96 10.67 5.05
C ASP A 68 -18.70 10.89 3.55
N ALA A 69 -17.77 11.78 3.25
CA ALA A 69 -17.48 12.14 1.86
C ALA A 69 -16.67 11.07 1.13
N GLY A 70 -16.16 10.11 1.88
CA GLY A 70 -15.35 9.07 1.29
C GLY A 70 -13.90 9.25 1.60
N TRP A 71 -13.03 8.54 0.91
CA TRP A 71 -11.60 8.64 1.17
C TRP A 71 -10.97 9.84 0.47
N GLY A 72 -11.11 9.89 -0.84
CA GLY A 72 -10.45 10.91 -1.64
C GLY A 72 -11.06 12.29 -1.49
N ASN A 73 -10.62 13.00 -0.47
CA ASN A 73 -11.05 14.38 -0.21
C ASN A 73 -10.20 15.00 0.88
N LEU A 74 -9.82 14.19 1.86
CA LEU A 74 -8.99 14.67 2.97
C LEU A 74 -7.59 14.08 2.88
N VAL A 75 -6.81 14.32 3.91
CA VAL A 75 -5.48 13.76 4.03
C VAL A 75 -5.46 12.73 5.13
N TYR A 76 -4.72 11.66 4.94
CA TYR A 76 -4.68 10.60 5.92
C TYR A 76 -3.26 10.29 6.35
N VAL A 77 -3.11 9.90 7.61
CA VAL A 77 -1.80 9.57 8.17
C VAL A 77 -1.87 8.21 8.85
N VAL A 78 -0.97 7.32 8.44
CA VAL A 78 -0.95 5.97 9.00
C VAL A 78 -0.53 5.99 10.48
N ASN A 79 -1.04 5.03 11.24
CA ASN A 79 -0.70 4.95 12.64
C ASN A 79 0.51 4.06 12.87
N TYR A 80 1.57 4.65 13.34
CA TYR A 80 2.76 3.90 13.69
C TYR A 80 2.79 3.69 15.20
N PRO A 81 3.28 2.53 15.64
CA PRO A 81 3.43 2.22 17.08
C PRO A 81 4.43 3.14 17.78
N LYS A 82 4.59 2.94 19.07
CA LYS A 82 5.46 3.77 19.88
C LYS A 82 6.37 2.94 20.78
N ASP A 83 6.29 1.63 20.62
CA ASP A 83 7.10 0.72 21.42
C ASP A 83 8.15 0.05 20.56
N MET B 4 5.57 -20.62 -13.55
CA MET B 4 5.83 -19.26 -14.07
C MET B 4 4.64 -18.78 -14.88
N SER B 5 4.28 -17.53 -14.67
CA SER B 5 3.17 -16.95 -15.39
C SER B 5 3.53 -15.53 -15.85
N GLU B 6 3.56 -14.61 -14.92
CA GLU B 6 3.90 -13.24 -15.21
C GLU B 6 4.95 -12.73 -14.24
N ARG B 7 6.16 -12.71 -14.68
CA ARG B 7 7.25 -12.19 -13.86
C ARG B 7 7.05 -10.70 -13.58
N ILE B 8 7.46 -10.28 -12.43
CA ILE B 8 7.32 -8.89 -12.07
C ILE B 8 8.65 -8.27 -11.72
N ARG B 9 8.97 -7.18 -12.38
CA ARG B 9 10.21 -6.45 -12.17
C ARG B 9 10.14 -5.62 -10.91
N VAL B 10 11.02 -5.88 -9.97
CA VAL B 10 11.03 -5.17 -8.72
C VAL B 10 12.42 -5.18 -8.10
N THR B 11 12.70 -4.19 -7.30
CA THR B 11 13.98 -4.08 -6.63
C THR B 11 13.83 -3.16 -5.43
N GLU B 12 14.92 -2.87 -4.77
CA GLU B 12 14.91 -2.01 -3.61
C GLU B 12 15.62 -0.73 -3.95
N ASP B 13 16.68 -0.86 -4.73
CA ASP B 13 17.42 0.27 -5.20
C ASP B 13 17.65 0.13 -6.70
N GLU B 14 17.72 1.25 -7.34
CA GLU B 14 17.88 1.33 -8.78
C GLU B 14 19.28 0.94 -9.26
N ASN B 15 20.28 1.11 -8.41
CA ASN B 15 21.66 0.85 -8.81
C ASN B 15 22.02 -0.63 -8.83
N ASP B 16 21.22 -1.45 -8.19
CA ASP B 16 21.47 -2.90 -8.21
C ASP B 16 20.68 -3.53 -9.36
N GLU B 17 20.50 -4.83 -9.31
CA GLU B 17 19.82 -5.54 -10.35
C GLU B 17 18.34 -5.68 -10.05
N PRO B 18 17.49 -5.23 -10.97
CA PRO B 18 16.06 -5.45 -10.86
C PRO B 18 15.77 -6.92 -10.96
N ILE B 19 15.06 -7.45 -9.99
CA ILE B 19 14.76 -8.87 -9.98
C ILE B 19 13.33 -9.10 -10.44
N GLU B 20 13.01 -10.34 -10.73
CA GLU B 20 11.68 -10.68 -11.20
C GLU B 20 11.07 -11.77 -10.36
N ILE B 21 9.79 -11.65 -10.11
CA ILE B 21 9.07 -12.65 -9.35
C ILE B 21 7.90 -13.16 -10.18
N PRO B 22 7.80 -14.49 -10.37
CA PRO B 22 6.69 -15.08 -11.13
C PRO B 22 5.35 -14.91 -10.43
N SER B 23 4.53 -14.04 -10.96
CA SER B 23 3.21 -13.80 -10.43
C SER B 23 2.22 -14.71 -11.14
N GLU B 24 0.99 -14.66 -10.73
CA GLU B 24 -0.05 -15.44 -11.36
C GLU B 24 -0.69 -14.62 -12.47
N ASP B 25 -1.15 -15.31 -13.50
CA ASP B 25 -1.79 -14.65 -14.65
C ASP B 25 -2.99 -13.82 -14.22
N ASP B 26 -3.64 -14.26 -13.15
CA ASP B 26 -4.83 -13.57 -12.65
C ASP B 26 -4.46 -12.22 -12.02
N GLY B 27 -3.20 -12.05 -11.70
CA GLY B 27 -2.75 -10.81 -11.10
C GLY B 27 -2.53 -10.91 -9.62
N THR B 28 -2.10 -12.08 -9.16
CA THR B 28 -1.83 -12.27 -7.74
C THR B 28 -0.39 -12.74 -7.49
N VAL B 29 0.17 -12.31 -6.37
CA VAL B 29 1.50 -12.73 -5.94
C VAL B 29 1.46 -13.19 -4.48
N LEU B 30 2.16 -14.26 -4.19
CA LEU B 30 2.21 -14.80 -2.84
C LEU B 30 3.37 -14.20 -2.07
N LEU B 31 3.15 -13.96 -0.78
CA LEU B 31 4.20 -13.43 0.10
C LEU B 31 5.46 -14.29 0.02
N SER B 32 5.27 -15.60 0.02
CA SER B 32 6.35 -16.54 -0.06
C SER B 32 7.14 -16.39 -1.35
N THR B 33 6.49 -15.97 -2.43
CA THR B 33 7.18 -15.80 -3.70
C THR B 33 8.09 -14.57 -3.64
N VAL B 34 7.61 -13.54 -2.96
CA VAL B 34 8.38 -12.31 -2.78
C VAL B 34 9.57 -12.57 -1.87
N THR B 35 9.30 -13.18 -0.74
CA THR B 35 10.32 -13.50 0.24
C THR B 35 11.27 -14.58 -0.28
N ALA B 36 10.85 -15.29 -1.31
CA ALA B 36 11.66 -16.32 -1.93
C ALA B 36 12.95 -15.73 -2.48
N GLN B 37 12.90 -14.45 -2.83
CA GLN B 37 14.08 -13.77 -3.36
C GLN B 37 14.56 -12.73 -2.36
N PHE B 38 13.64 -11.93 -1.85
CA PHE B 38 13.98 -10.89 -0.91
C PHE B 38 14.13 -11.46 0.47
N PRO B 39 15.03 -10.91 1.26
CA PRO B 39 15.32 -11.39 2.61
C PRO B 39 14.22 -11.05 3.62
N GLY B 40 12.96 -11.23 3.25
CA GLY B 40 11.87 -10.98 4.18
C GLY B 40 11.04 -9.78 3.82
N ALA B 41 11.26 -9.25 2.64
CA ALA B 41 10.52 -8.08 2.17
C ALA B 41 9.05 -8.42 1.97
N CYS B 42 8.19 -7.47 2.29
CA CYS B 42 6.76 -7.66 2.12
C CYS B 42 6.18 -6.43 1.48
N GLY B 43 5.10 -6.58 0.74
CA GLY B 43 4.47 -5.44 0.11
C GLY B 43 5.29 -4.90 -1.05
N LEU B 44 4.66 -4.04 -1.84
CA LEU B 44 5.31 -3.42 -2.99
C LEU B 44 4.77 -2.02 -3.17
N ARG B 45 5.61 -1.12 -3.65
CA ARG B 45 5.17 0.24 -3.95
C ARG B 45 6.09 0.89 -4.98
N TYR B 46 5.63 1.93 -5.62
CA TYR B 46 6.40 2.57 -6.66
C TYR B 46 6.20 4.06 -6.66
N ARG B 47 7.14 4.75 -7.27
CA ARG B 47 7.07 6.18 -7.41
C ARG B 47 6.04 6.53 -8.48
N ASN B 48 4.91 7.01 -8.03
CA ASN B 48 3.80 7.35 -8.92
C ASN B 48 4.11 8.62 -9.69
N PRO B 49 4.24 8.55 -11.02
CA PRO B 49 4.54 9.71 -11.85
C PRO B 49 3.34 10.66 -11.94
N VAL B 50 2.19 10.18 -11.49
CA VAL B 50 0.98 10.96 -11.51
C VAL B 50 0.96 12.02 -10.42
N SER B 51 1.19 11.61 -9.17
CA SER B 51 1.17 12.54 -8.06
C SER B 51 2.55 12.77 -7.48
N GLN B 52 3.54 12.06 -8.02
CA GLN B 52 4.93 12.19 -7.57
C GLN B 52 5.10 11.70 -6.13
N CYS B 53 4.24 10.77 -5.72
CA CYS B 53 4.26 10.22 -4.40
C CYS B 53 4.61 8.74 -4.51
N MET B 54 4.63 8.06 -3.39
CA MET B 54 4.91 6.63 -3.40
C MET B 54 3.62 5.85 -3.26
N ARG B 55 3.19 5.24 -4.34
CA ARG B 55 1.96 4.46 -4.33
C ARG B 55 2.23 3.00 -4.01
N GLY B 56 1.58 2.50 -2.97
CA GLY B 56 1.71 1.10 -2.60
C GLY B 56 0.75 0.22 -3.39
N VAL B 57 0.84 -1.08 -3.19
CA VAL B 57 -0.05 -2.00 -3.89
C VAL B 57 -0.97 -2.73 -2.92
N ARG B 58 -2.14 -3.09 -3.40
CA ARG B 58 -3.16 -3.77 -2.61
C ARG B 58 -2.66 -5.12 -2.09
N LEU B 59 -2.71 -5.30 -0.78
CA LEU B 59 -2.25 -6.53 -0.12
C LEU B 59 -3.38 -7.13 0.68
N VAL B 60 -3.45 -8.45 0.72
CA VAL B 60 -4.47 -9.14 1.49
C VAL B 60 -3.93 -10.46 2.06
N GLU B 61 -3.71 -10.47 3.38
CA GLU B 61 -3.25 -11.66 4.10
C GLU B 61 -1.93 -12.21 3.53
N GLY B 62 -1.10 -11.33 3.01
CA GLY B 62 0.17 -11.76 2.46
C GLY B 62 0.10 -12.00 0.97
N ILE B 63 -1.08 -11.90 0.42
CA ILE B 63 -1.26 -12.08 -1.00
C ILE B 63 -1.39 -10.75 -1.69
N LEU B 64 -0.46 -10.47 -2.56
CA LEU B 64 -0.43 -9.23 -3.30
C LEU B 64 -1.51 -9.28 -4.39
N HIS B 65 -2.36 -8.28 -4.41
CA HIS B 65 -3.43 -8.21 -5.39
C HIS B 65 -3.24 -7.03 -6.30
N ALA B 66 -2.88 -7.30 -7.53
CA ALA B 66 -2.65 -6.28 -8.52
C ALA B 66 -3.94 -5.53 -8.83
N PRO B 67 -3.82 -4.27 -9.29
CA PRO B 67 -4.97 -3.49 -9.70
C PRO B 67 -5.48 -4.01 -11.03
N ASP B 68 -6.49 -3.35 -11.56
CA ASP B 68 -7.06 -3.74 -12.86
C ASP B 68 -6.01 -3.61 -13.95
N ALA B 69 -5.10 -2.67 -13.74
CA ALA B 69 -4.04 -2.41 -14.70
C ALA B 69 -2.95 -3.49 -14.65
N GLY B 70 -3.01 -4.33 -13.63
CA GLY B 70 -2.04 -5.41 -13.50
C GLY B 70 -0.76 -4.96 -12.82
N TRP B 71 0.21 -5.86 -12.76
CA TRP B 71 1.50 -5.57 -12.12
C TRP B 71 2.35 -4.63 -12.96
N GLY B 72 2.07 -4.59 -14.26
CA GLY B 72 2.88 -3.83 -15.20
C GLY B 72 2.93 -2.33 -14.94
N ASN B 73 2.08 -1.83 -14.05
CA ASN B 73 2.06 -0.40 -13.77
C ASN B 73 2.64 -0.11 -12.39
N LEU B 74 2.97 -1.15 -11.64
CA LEU B 74 3.46 -0.98 -10.27
C LEU B 74 4.88 -1.51 -10.09
N VAL B 75 5.37 -2.25 -11.09
CA VAL B 75 6.70 -2.83 -11.04
C VAL B 75 7.79 -1.76 -10.84
N TYR B 76 8.34 -1.70 -9.62
CA TYR B 76 9.37 -0.72 -9.31
C TYR B 76 10.12 -1.07 -8.02
N VAL B 77 9.52 -0.78 -6.85
CA VAL B 77 10.21 -0.98 -5.58
C VAL B 77 9.46 -1.97 -4.67
N VAL B 78 10.22 -2.73 -3.91
CA VAL B 78 9.68 -3.63 -2.93
C VAL B 78 9.76 -3.00 -1.54
N ASN B 79 8.85 -3.36 -0.67
CA ASN B 79 8.81 -2.81 0.67
C ASN B 79 9.55 -3.70 1.68
N TYR B 80 10.20 -3.06 2.63
CA TYR B 80 10.94 -3.77 3.68
C TYR B 80 10.45 -3.37 5.05
N PRO B 81 10.50 -4.30 6.02
CA PRO B 81 10.08 -4.02 7.39
C PRO B 81 11.04 -3.09 8.10
N LYS B 82 10.51 -2.33 9.04
CA LYS B 82 11.31 -1.38 9.81
C LYS B 82 11.98 -2.07 10.97
N ASP B 83 11.48 -3.25 11.30
CA ASP B 83 12.01 -4.02 12.40
C ASP B 83 13.15 -4.90 11.92
N MET A 4 -10.99 0.84 -11.52
CA MET A 4 -11.66 0.10 -10.43
C MET A 4 -10.75 0.02 -9.21
N SER A 5 -10.83 1.05 -8.36
CA SER A 5 -10.05 1.15 -7.12
C SER A 5 -10.40 2.44 -6.38
N GLU A 6 -10.79 2.32 -5.12
CA GLU A 6 -11.00 3.49 -4.28
C GLU A 6 -9.64 4.04 -3.89
N TYR A 7 -9.50 5.34 -3.85
CA TYR A 7 -8.20 5.92 -3.59
C TYR A 7 -8.19 6.71 -2.30
N ILE A 8 -7.11 6.57 -1.55
CA ILE A 8 -6.93 7.26 -0.30
C ILE A 8 -5.47 7.68 -0.17
N ARG A 9 -5.20 8.78 0.50
CA ARG A 9 -3.84 9.26 0.68
C ARG A 9 -3.40 9.17 2.15
N VAL A 10 -2.60 8.16 2.46
CA VAL A 10 -2.09 7.98 3.80
C VAL A 10 -0.65 8.46 3.87
N THR A 11 -0.35 9.29 4.82
CA THR A 11 0.98 9.80 4.97
C THR A 11 1.64 9.23 6.22
N GLU A 12 2.86 8.76 6.08
CA GLU A 12 3.64 8.27 7.20
C GLU A 12 4.49 9.39 7.80
N ASP A 13 5.11 10.16 6.92
CA ASP A 13 5.94 11.27 7.34
C ASP A 13 5.53 12.53 6.60
N GLU A 14 5.26 13.57 7.34
CA GLU A 14 4.80 14.84 6.80
C GLU A 14 5.84 15.55 5.92
N ASN A 15 7.09 15.08 5.93
CA ASN A 15 8.13 15.75 5.14
C ASN A 15 8.14 15.23 3.71
N ASP A 16 7.75 13.98 3.54
CA ASP A 16 7.67 13.39 2.20
C ASP A 16 6.31 13.62 1.61
N GLU A 17 6.09 13.07 0.44
CA GLU A 17 4.81 13.18 -0.21
C GLU A 17 3.84 12.17 0.37
N PRO A 18 2.54 12.48 0.32
CA PRO A 18 1.52 11.60 0.81
C PRO A 18 1.48 10.33 0.01
N ILE A 19 1.36 9.22 0.68
CA ILE A 19 1.36 7.96 0.00
C ILE A 19 -0.04 7.63 -0.46
N GLU A 20 -0.16 7.21 -1.69
CA GLU A 20 -1.45 6.87 -2.22
C GLU A 20 -1.73 5.39 -2.03
N ILE A 21 -2.75 5.10 -1.27
CA ILE A 21 -3.11 3.74 -0.95
C ILE A 21 -4.36 3.34 -1.72
N PRO A 22 -4.30 2.22 -2.44
CA PRO A 22 -5.44 1.70 -3.17
C PRO A 22 -6.36 0.92 -2.23
N SER A 23 -7.52 1.44 -2.00
CA SER A 23 -8.48 0.85 -1.10
C SER A 23 -9.08 -0.40 -1.75
N GLU A 24 -9.58 -1.30 -0.92
CA GLU A 24 -10.17 -2.53 -1.39
C GLU A 24 -11.45 -2.23 -2.16
N ASP A 25 -11.83 -3.16 -3.02
CA ASP A 25 -13.00 -3.00 -3.88
C ASP A 25 -14.28 -2.90 -3.05
N ASP A 26 -14.17 -3.30 -1.80
CA ASP A 26 -15.29 -3.25 -0.86
C ASP A 26 -15.62 -1.81 -0.46
N GLY A 27 -14.67 -0.90 -0.70
CA GLY A 27 -14.86 0.48 -0.32
C GLY A 27 -14.21 0.78 1.00
N THR A 28 -13.52 -0.22 1.53
CA THR A 28 -12.83 -0.12 2.77
C THR A 28 -11.35 -0.41 2.55
N VAL A 29 -10.50 -0.02 3.49
CA VAL A 29 -9.07 -0.25 3.34
C VAL A 29 -8.61 -1.41 4.20
N LEU A 30 -7.91 -2.32 3.58
CA LEU A 30 -7.38 -3.48 4.26
C LEU A 30 -6.05 -3.16 4.93
N LEU A 31 -5.98 -3.39 6.25
CA LEU A 31 -4.80 -3.11 7.06
C LEU A 31 -3.54 -3.78 6.49
N SER A 32 -3.72 -4.91 5.83
CA SER A 32 -2.60 -5.63 5.22
C SER A 32 -1.87 -4.75 4.22
N THR A 33 -2.61 -3.92 3.51
CA THR A 33 -2.04 -3.02 2.52
C THR A 33 -1.24 -1.92 3.25
N VAL A 34 -1.70 -1.58 4.43
CA VAL A 34 -1.07 -0.57 5.25
C VAL A 34 0.23 -1.11 5.85
N THR A 35 0.13 -2.26 6.52
CA THR A 35 1.27 -2.89 7.19
C THR A 35 2.36 -3.30 6.19
N ALA A 36 1.96 -3.52 4.95
CA ALA A 36 2.88 -3.88 3.87
C ALA A 36 4.00 -2.85 3.73
N GLN A 37 3.61 -1.58 3.62
CA GLN A 37 4.55 -0.50 3.42
C GLN A 37 4.83 0.27 4.71
N PHE A 38 3.95 0.15 5.70
CA PHE A 38 4.15 0.77 6.99
C PHE A 38 4.34 -0.33 8.05
N PRO A 39 5.58 -0.83 8.19
CA PRO A 39 5.89 -1.93 9.11
C PRO A 39 5.70 -1.54 10.57
N GLY A 40 4.89 -2.31 11.27
CA GLY A 40 4.67 -2.06 12.67
C GLY A 40 3.59 -1.02 12.92
N ALA A 41 3.10 -0.42 11.85
CA ALA A 41 2.10 0.60 11.96
C ALA A 41 0.72 0.04 11.68
N CYS A 42 -0.26 0.54 12.38
CA CYS A 42 -1.63 0.13 12.19
C CYS A 42 -2.55 1.23 12.66
N GLY A 43 -3.70 1.33 12.04
CA GLY A 43 -4.62 2.40 12.36
C GLY A 43 -4.49 3.52 11.33
N LEU A 44 -5.43 4.44 11.34
CA LEU A 44 -5.43 5.51 10.35
C LEU A 44 -6.13 6.75 10.91
N ARG A 45 -5.56 7.91 10.62
CA ARG A 45 -6.12 9.18 11.07
C ARG A 45 -6.30 10.11 9.91
N TYR A 46 -7.03 11.18 10.14
CA TYR A 46 -7.27 12.17 9.12
C TYR A 46 -7.77 13.46 9.76
N ARG A 47 -7.99 14.46 8.97
CA ARG A 47 -8.46 15.72 9.46
C ARG A 47 -9.76 16.09 8.77
N ASN A 48 -10.82 16.25 9.55
CA ASN A 48 -12.11 16.62 8.99
C ASN A 48 -12.14 18.11 8.67
N PRO A 49 -12.57 18.46 7.46
CA PRO A 49 -12.58 19.85 6.98
C PRO A 49 -13.67 20.69 7.63
N VAL A 50 -14.44 20.08 8.49
CA VAL A 50 -15.53 20.76 9.16
C VAL A 50 -15.02 21.55 10.37
N GLU A 51 -14.28 20.89 11.23
CA GLU A 51 -13.80 21.52 12.46
C GLU A 51 -12.26 21.59 12.51
N GLN A 52 -11.62 21.19 11.41
CA GLN A 52 -10.14 21.21 11.30
C GLN A 52 -9.46 20.35 12.37
N CYS A 53 -10.20 19.42 12.92
CA CYS A 53 -9.68 18.56 13.97
C CYS A 53 -9.27 17.19 13.42
N MET A 54 -8.36 16.53 14.11
CA MET A 54 -7.90 15.22 13.71
C MET A 54 -8.85 14.15 14.24
N ARG A 55 -9.20 13.23 13.38
CA ARG A 55 -10.13 12.17 13.73
C ARG A 55 -9.57 10.84 13.20
N GLY A 56 -9.88 9.75 13.89
CA GLY A 56 -9.37 8.46 13.50
C GLY A 56 -10.39 7.62 12.75
N VAL A 57 -9.94 6.96 11.68
CA VAL A 57 -10.79 6.11 10.89
C VAL A 57 -11.21 4.86 11.66
N ARG A 58 -12.47 4.47 11.52
CA ARG A 58 -12.98 3.27 12.17
C ARG A 58 -12.30 2.02 11.62
N LEU A 59 -12.00 1.09 12.51
CA LEU A 59 -11.37 -0.14 12.10
C LEU A 59 -12.07 -1.33 12.74
N VAL A 60 -12.17 -2.41 11.99
CA VAL A 60 -12.77 -3.62 12.49
C VAL A 60 -12.20 -4.83 11.78
N GLU A 61 -11.56 -5.70 12.55
CA GLU A 61 -10.95 -6.94 12.02
C GLU A 61 -9.92 -6.62 10.93
N GLY A 62 -9.27 -5.49 11.06
CA GLY A 62 -8.24 -5.10 10.11
C GLY A 62 -8.78 -4.29 8.96
N ILE A 63 -10.06 -4.06 8.95
CA ILE A 63 -10.66 -3.30 7.88
C ILE A 63 -10.97 -1.87 8.33
N LEU A 64 -10.41 -0.91 7.62
CA LEU A 64 -10.67 0.50 7.89
C LEU A 64 -11.91 0.92 7.13
N HIS A 65 -12.84 1.51 7.83
CA HIS A 65 -14.09 1.94 7.24
C HIS A 65 -14.04 3.40 6.86
N ALA A 66 -14.34 3.68 5.60
CA ALA A 66 -14.29 5.05 5.09
C ALA A 66 -15.17 6.01 5.89
N PRO A 67 -14.75 7.27 5.98
CA PRO A 67 -15.52 8.31 6.66
C PRO A 67 -16.77 8.72 5.86
N ASP A 68 -17.33 9.86 6.20
CA ASP A 68 -18.58 10.34 5.62
C ASP A 68 -18.55 10.41 4.10
N ALA A 69 -17.55 11.09 3.56
CA ALA A 69 -17.46 11.30 2.12
C ALA A 69 -16.66 10.20 1.42
N GLY A 70 -16.25 9.23 2.18
CA GLY A 70 -15.47 8.14 1.62
C GLY A 70 -13.98 8.38 1.77
N TRP A 71 -13.17 7.68 1.01
CA TRP A 71 -11.73 7.84 1.11
C TRP A 71 -11.22 9.03 0.29
N GLY A 72 -11.51 9.02 -1.00
CA GLY A 72 -11.00 10.03 -1.91
C GLY A 72 -11.67 11.38 -1.74
N ASN A 73 -11.12 12.20 -0.84
CA ASN A 73 -11.62 13.54 -0.57
C ASN A 73 -10.78 14.24 0.49
N LEU A 74 -10.18 13.47 1.38
CA LEU A 74 -9.36 14.03 2.45
C LEU A 74 -7.98 13.41 2.46
N VAL A 75 -7.14 13.90 3.36
CA VAL A 75 -5.80 13.37 3.56
C VAL A 75 -5.78 12.53 4.83
N TYR A 76 -5.00 11.47 4.82
CA TYR A 76 -4.94 10.56 5.93
C TYR A 76 -3.51 10.36 6.40
N VAL A 77 -3.37 9.91 7.63
CA VAL A 77 -2.07 9.65 8.23
C VAL A 77 -2.10 8.30 8.92
N VAL A 78 -1.15 7.44 8.60
CA VAL A 78 -1.09 6.11 9.20
C VAL A 78 -0.70 6.20 10.67
N ASN A 79 -1.27 5.35 11.48
CA ASN A 79 -0.96 5.36 12.89
C ASN A 79 0.31 4.60 13.19
N TYR A 80 1.36 5.33 13.50
CA TYR A 80 2.60 4.73 13.90
C TYR A 80 2.70 4.74 15.42
N PRO A 81 3.05 3.60 16.02
CA PRO A 81 3.15 3.46 17.47
C PRO A 81 4.27 4.32 18.06
N LYS A 82 4.22 4.49 19.35
CA LYS A 82 5.20 5.29 20.07
C LYS A 82 6.27 4.38 20.65
N ASP A 83 5.93 3.13 20.81
CA ASP A 83 6.82 2.14 21.34
C ASP A 83 6.73 0.87 20.51
N MET B 4 4.18 -20.13 -13.80
CA MET B 4 4.78 -18.81 -14.09
C MET B 4 3.98 -18.12 -15.19
N SER B 5 3.76 -16.82 -15.05
CA SER B 5 2.96 -16.10 -16.00
C SER B 5 3.57 -14.74 -16.33
N GLU B 6 3.28 -13.76 -15.49
CA GLU B 6 3.73 -12.41 -15.71
C GLU B 6 4.77 -12.04 -14.67
N ARG B 7 6.01 -12.19 -15.03
CA ARG B 7 7.09 -11.80 -14.15
C ARG B 7 7.04 -10.31 -13.87
N ILE B 8 7.46 -9.93 -12.70
CA ILE B 8 7.46 -8.55 -12.32
C ILE B 8 8.84 -8.11 -11.88
N ARG B 9 9.29 -7.01 -12.46
CA ARG B 9 10.61 -6.48 -12.18
C ARG B 9 10.58 -5.57 -10.99
N VAL B 10 11.21 -5.98 -9.92
CA VAL B 10 11.21 -5.24 -8.69
C VAL B 10 12.57 -5.40 -8.00
N THR B 11 12.93 -4.45 -7.18
CA THR B 11 14.17 -4.51 -6.45
C THR B 11 14.03 -3.79 -5.13
N GLU B 12 15.08 -3.79 -4.36
CA GLU B 12 15.08 -3.19 -3.05
C GLU B 12 16.00 -2.01 -3.02
N ASP B 13 16.82 -1.90 -4.04
CA ASP B 13 17.76 -0.83 -4.14
C ASP B 13 17.99 -0.49 -5.58
N GLU B 14 17.76 0.77 -5.88
CA GLU B 14 17.96 1.32 -7.23
C GLU B 14 19.39 1.09 -7.74
N ASN B 15 20.32 0.98 -6.80
CA ASN B 15 21.73 0.78 -7.14
C ASN B 15 22.01 -0.69 -7.44
N ASP B 16 21.10 -1.55 -7.04
CA ASP B 16 21.25 -2.97 -7.27
C ASP B 16 20.50 -3.35 -8.54
N GLU B 17 20.36 -4.63 -8.80
CA GLU B 17 19.71 -5.07 -10.00
C GLU B 17 18.24 -5.42 -9.75
N PRO B 18 17.39 -5.26 -10.77
CA PRO B 18 15.98 -5.61 -10.68
C PRO B 18 15.76 -7.10 -10.84
N ILE B 19 15.05 -7.69 -9.92
CA ILE B 19 14.74 -9.09 -9.97
C ILE B 19 13.33 -9.29 -10.52
N GLU B 20 12.94 -10.52 -10.76
CA GLU B 20 11.64 -10.80 -11.32
C GLU B 20 10.90 -11.87 -10.55
N ILE B 21 9.63 -11.62 -10.35
CA ILE B 21 8.77 -12.56 -9.66
C ILE B 21 7.58 -12.92 -10.54
N PRO B 22 7.41 -14.20 -10.87
CA PRO B 22 6.28 -14.65 -11.70
C PRO B 22 4.93 -14.43 -11.02
N SER B 23 4.17 -13.48 -11.53
CA SER B 23 2.86 -13.23 -11.00
C SER B 23 1.86 -14.16 -11.67
N GLU B 24 0.62 -14.04 -11.31
CA GLU B 24 -0.41 -14.88 -11.86
C GLU B 24 -1.18 -14.14 -12.94
N ASP B 25 -1.74 -14.88 -13.89
CA ASP B 25 -2.52 -14.29 -14.99
C ASP B 25 -3.75 -13.55 -14.46
N ASP B 26 -4.11 -13.85 -13.22
CA ASP B 26 -5.25 -13.20 -12.55
C ASP B 26 -4.90 -11.77 -12.16
N GLY B 27 -3.61 -11.47 -12.12
CA GLY B 27 -3.16 -10.15 -11.72
C GLY B 27 -2.83 -10.10 -10.24
N THR B 28 -2.51 -11.25 -9.70
CA THR B 28 -2.16 -11.36 -8.30
C THR B 28 -0.78 -11.98 -8.11
N VAL B 29 -0.16 -11.69 -6.97
CA VAL B 29 1.13 -12.25 -6.62
C VAL B 29 1.07 -12.90 -5.24
N LEU B 30 1.79 -14.00 -5.09
CA LEU B 30 1.82 -14.74 -3.83
C LEU B 30 2.98 -14.24 -2.97
N LEU B 31 2.74 -14.08 -1.67
CA LEU B 31 3.77 -13.63 -0.73
C LEU B 31 4.96 -14.57 -0.74
N SER B 32 4.67 -15.84 -0.82
CA SER B 32 5.70 -16.86 -0.84
C SER B 32 6.62 -16.68 -2.06
N THR B 33 6.06 -16.22 -3.17
CA THR B 33 6.85 -16.01 -4.38
C THR B 33 7.78 -14.80 -4.19
N VAL B 34 7.28 -13.78 -3.52
CA VAL B 34 8.06 -12.57 -3.24
C VAL B 34 9.18 -12.90 -2.27
N THR B 35 8.84 -13.55 -1.18
CA THR B 35 9.80 -13.93 -0.16
C THR B 35 10.74 -15.03 -0.67
N ALA B 36 10.35 -15.66 -1.76
CA ALA B 36 11.17 -16.68 -2.40
C ALA B 36 12.40 -16.05 -3.02
N GLN B 37 12.33 -14.75 -3.24
CA GLN B 37 13.43 -14.02 -3.81
C GLN B 37 14.05 -13.09 -2.77
N PHE B 38 13.20 -12.34 -2.11
CA PHE B 38 13.62 -11.42 -1.07
C PHE B 38 13.63 -12.10 0.28
N PRO B 39 14.60 -11.76 1.14
CA PRO B 39 14.75 -12.37 2.47
C PRO B 39 13.66 -11.92 3.48
N GLY B 40 12.41 -11.95 3.07
CA GLY B 40 11.33 -11.63 3.99
C GLY B 40 10.56 -10.37 3.64
N ALA B 41 10.82 -9.84 2.46
CA ALA B 41 10.15 -8.63 2.02
C ALA B 41 8.66 -8.88 1.80
N CYS B 42 7.87 -7.84 2.00
CA CYS B 42 6.43 -7.92 1.80
C CYS B 42 5.94 -6.58 1.28
N GLY B 43 4.85 -6.58 0.52
CA GLY B 43 4.35 -5.35 -0.06
C GLY B 43 5.25 -4.81 -1.18
N LEU B 44 4.74 -3.84 -1.92
CA LEU B 44 5.50 -3.23 -3.03
C LEU B 44 5.13 -1.76 -3.17
N ARG B 45 6.08 -0.95 -3.65
CA ARG B 45 5.87 0.47 -3.87
C ARG B 45 6.56 0.95 -5.13
N TYR B 46 6.07 2.04 -5.67
CA TYR B 46 6.67 2.66 -6.84
C TYR B 46 6.36 4.15 -6.86
N ARG B 47 7.20 4.91 -7.52
CA ARG B 47 7.01 6.35 -7.58
C ARG B 47 5.95 6.68 -8.62
N ASN B 48 4.78 7.01 -8.14
CA ASN B 48 3.66 7.32 -9.00
C ASN B 48 3.80 8.73 -9.57
N PRO B 49 4.00 8.85 -10.89
CA PRO B 49 4.20 10.15 -11.54
C PRO B 49 2.93 11.00 -11.51
N VAL B 50 1.82 10.38 -11.16
CA VAL B 50 0.54 11.06 -11.08
C VAL B 50 0.52 12.09 -9.95
N SER B 51 0.96 11.68 -8.76
CA SER B 51 0.93 12.59 -7.60
C SER B 51 2.31 12.71 -6.94
N GLN B 52 3.35 12.18 -7.59
CA GLN B 52 4.74 12.21 -7.06
C GLN B 52 4.81 11.43 -5.74
N CYS B 53 3.90 10.52 -5.59
CA CYS B 53 3.76 9.73 -4.39
C CYS B 53 4.41 8.38 -4.55
N MET B 54 4.64 7.71 -3.45
CA MET B 54 5.14 6.35 -3.51
C MET B 54 3.96 5.41 -3.35
N ARG B 55 3.30 5.13 -4.45
CA ARG B 55 2.09 4.32 -4.45
C ARG B 55 2.40 2.88 -4.09
N GLY B 56 1.64 2.36 -3.15
CA GLY B 56 1.80 0.98 -2.74
C GLY B 56 0.77 0.08 -3.36
N VAL B 57 1.03 -1.20 -3.31
CA VAL B 57 0.11 -2.20 -3.86
C VAL B 57 -0.81 -2.76 -2.78
N ARG B 58 -2.01 -3.15 -3.18
CA ARG B 58 -2.99 -3.70 -2.25
C ARG B 58 -2.53 -5.08 -1.76
N LEU B 59 -2.77 -5.38 -0.49
CA LEU B 59 -2.35 -6.66 0.07
C LEU B 59 -3.50 -7.31 0.81
N VAL B 60 -3.62 -8.62 0.65
CA VAL B 60 -4.63 -9.40 1.34
C VAL B 60 -4.09 -10.79 1.66
N GLU B 61 -3.94 -11.09 2.96
CA GLU B 61 -3.42 -12.38 3.47
C GLU B 61 -2.15 -12.85 2.75
N GLY B 62 -1.31 -11.90 2.33
CA GLY B 62 -0.07 -12.24 1.66
C GLY B 62 -0.18 -12.19 0.15
N ILE B 63 -1.36 -11.96 -0.34
CA ILE B 63 -1.58 -11.89 -1.77
C ILE B 63 -1.58 -10.45 -2.23
N LEU B 64 -0.61 -10.10 -3.05
CA LEU B 64 -0.50 -8.77 -3.59
C LEU B 64 -1.48 -8.60 -4.73
N HIS B 65 -2.26 -7.55 -4.66
CA HIS B 65 -3.23 -7.26 -5.67
C HIS B 65 -2.80 -6.08 -6.51
N ALA B 66 -2.53 -6.36 -7.77
CA ALA B 66 -2.17 -5.33 -8.72
C ALA B 66 -3.32 -4.35 -8.88
N PRO B 67 -3.01 -3.08 -9.20
CA PRO B 67 -4.03 -2.08 -9.43
C PRO B 67 -4.81 -2.37 -10.71
N ASP B 68 -5.69 -1.46 -11.05
CA ASP B 68 -6.53 -1.60 -12.24
C ASP B 68 -5.67 -1.76 -13.49
N ALA B 69 -4.51 -1.13 -13.49
CA ALA B 69 -3.60 -1.17 -14.62
C ALA B 69 -2.78 -2.46 -14.68
N GLY B 70 -2.57 -3.09 -13.53
CA GLY B 70 -1.78 -4.32 -13.50
C GLY B 70 -0.43 -4.14 -12.82
N TRP B 71 0.51 -5.04 -13.10
CA TRP B 71 1.84 -5.00 -12.49
C TRP B 71 2.83 -4.15 -13.33
N GLY B 72 2.52 -3.96 -14.60
CA GLY B 72 3.45 -3.29 -15.51
C GLY B 72 3.70 -1.81 -15.21
N ASN B 73 2.99 -1.28 -14.26
CA ASN B 73 3.14 0.13 -13.90
C ASN B 73 3.71 0.28 -12.52
N LEU B 74 3.90 -0.84 -11.83
CA LEU B 74 4.37 -0.81 -10.45
C LEU B 74 5.74 -1.45 -10.30
N VAL B 75 6.25 -1.99 -11.38
CA VAL B 75 7.54 -2.67 -11.36
C VAL B 75 8.68 -1.73 -11.00
N TYR B 76 9.02 -1.68 -9.72
CA TYR B 76 10.10 -0.82 -9.26
C TYR B 76 10.70 -1.27 -7.91
N VAL B 77 10.06 -0.91 -6.80
CA VAL B 77 10.64 -1.16 -5.47
C VAL B 77 9.77 -2.06 -4.59
N VAL B 78 10.42 -2.94 -3.84
CA VAL B 78 9.73 -3.83 -2.91
C VAL B 78 9.79 -3.25 -1.49
N ASN B 79 8.80 -3.58 -0.68
CA ASN B 79 8.75 -3.11 0.69
C ASN B 79 9.41 -4.09 1.66
N TYR B 80 9.99 -3.56 2.71
CA TYR B 80 10.63 -4.38 3.73
C TYR B 80 10.09 -4.04 5.11
N PRO B 81 9.42 -4.98 5.75
CA PRO B 81 8.90 -4.80 7.08
C PRO B 81 9.89 -5.29 8.16
N LYS B 82 10.15 -4.44 9.13
CA LYS B 82 11.03 -4.79 10.24
C LYS B 82 10.33 -5.75 11.19
N ASP B 83 9.02 -5.83 11.04
CA ASP B 83 8.20 -6.71 11.85
C ASP B 83 8.21 -8.11 11.29
N MET A 4 -11.49 -1.20 -10.21
CA MET A 4 -12.26 -0.49 -9.18
C MET A 4 -11.38 -0.22 -7.98
N SER A 5 -11.47 1.00 -7.43
CA SER A 5 -10.64 1.37 -6.31
C SER A 5 -10.99 2.76 -5.81
N GLU A 6 -11.27 2.86 -4.53
CA GLU A 6 -11.45 4.16 -3.91
C GLU A 6 -10.06 4.68 -3.62
N TYR A 7 -9.86 5.96 -3.69
CA TYR A 7 -8.54 6.47 -3.50
C TYR A 7 -8.41 7.21 -2.19
N ILE A 8 -7.31 6.96 -1.52
CA ILE A 8 -7.01 7.57 -0.25
C ILE A 8 -5.53 7.91 -0.22
N ARG A 9 -5.16 8.97 0.47
CA ARG A 9 -3.77 9.35 0.54
C ARG A 9 -3.27 9.34 1.97
N VAL A 10 -2.54 8.30 2.32
CA VAL A 10 -2.02 8.15 3.67
C VAL A 10 -0.55 8.54 3.70
N THR A 11 -0.19 9.33 4.67
CA THR A 11 1.17 9.75 4.84
C THR A 11 1.77 9.05 6.04
N GLU A 12 2.96 8.46 5.87
CA GLU A 12 3.63 7.79 6.98
C GLU A 12 4.20 8.78 7.97
N ASP A 13 4.82 9.83 7.45
CA ASP A 13 5.28 10.91 8.28
C ASP A 13 4.82 12.22 7.67
N GLU A 14 4.17 13.04 8.48
CA GLU A 14 3.58 14.30 8.04
C GLU A 14 4.61 15.27 7.44
N ASN A 15 5.88 14.98 7.64
CA ASN A 15 6.93 15.84 7.13
C ASN A 15 7.17 15.58 5.65
N ASP A 16 6.97 14.34 5.23
CA ASP A 16 7.21 13.94 3.85
C ASP A 16 5.95 14.05 3.01
N GLU A 17 6.03 13.48 1.83
CA GLU A 17 4.94 13.46 0.89
C GLU A 17 3.91 12.40 1.25
N PRO A 18 2.64 12.66 0.94
CA PRO A 18 1.56 11.71 1.17
C PRO A 18 1.66 10.54 0.20
N ILE A 19 1.20 9.40 0.62
CA ILE A 19 1.27 8.20 -0.19
C ILE A 19 -0.11 7.83 -0.74
N GLU A 20 -0.15 7.48 -2.01
CA GLU A 20 -1.39 7.06 -2.64
C GLU A 20 -1.73 5.62 -2.28
N ILE A 21 -2.88 5.42 -1.67
CA ILE A 21 -3.35 4.10 -1.26
C ILE A 21 -4.59 3.72 -2.05
N PRO A 22 -4.55 2.62 -2.80
CA PRO A 22 -5.69 2.14 -3.56
C PRO A 22 -6.64 1.26 -2.70
N SER A 23 -7.79 1.82 -2.36
CA SER A 23 -8.77 1.13 -1.55
C SER A 23 -9.62 0.20 -2.42
N GLU A 24 -10.52 -0.54 -1.79
CA GLU A 24 -11.38 -1.45 -2.52
C GLU A 24 -12.65 -0.73 -2.96
N ASP A 25 -13.43 -1.36 -3.85
CA ASP A 25 -14.68 -0.76 -4.36
C ASP A 25 -15.71 -0.61 -3.24
N ASP A 26 -15.59 -1.44 -2.22
CA ASP A 26 -16.52 -1.39 -1.10
C ASP A 26 -16.36 -0.08 -0.32
N GLY A 27 -15.23 0.59 -0.51
CA GLY A 27 -14.99 1.82 0.18
C GLY A 27 -14.27 1.60 1.48
N THR A 28 -13.69 0.43 1.64
CA THR A 28 -12.96 0.11 2.83
C THR A 28 -11.51 -0.22 2.51
N VAL A 29 -10.62 0.15 3.41
CA VAL A 29 -9.20 -0.09 3.22
C VAL A 29 -8.73 -1.25 4.10
N LEU A 30 -8.00 -2.16 3.50
CA LEU A 30 -7.48 -3.31 4.21
C LEU A 30 -6.14 -2.96 4.85
N LEU A 31 -6.05 -3.22 6.16
CA LEU A 31 -4.85 -2.93 6.95
C LEU A 31 -3.61 -3.61 6.38
N SER A 32 -3.81 -4.75 5.71
CA SER A 32 -2.69 -5.48 5.12
C SER A 32 -1.97 -4.63 4.08
N THR A 33 -2.73 -3.87 3.30
CA THR A 33 -2.15 -2.97 2.32
C THR A 33 -1.31 -1.92 3.02
N VAL A 34 -1.82 -1.47 4.16
CA VAL A 34 -1.15 -0.48 4.97
C VAL A 34 0.16 -1.03 5.54
N THR A 35 0.08 -2.22 6.14
CA THR A 35 1.25 -2.85 6.76
C THR A 35 2.32 -3.23 5.73
N ALA A 36 1.90 -3.37 4.48
CA ALA A 36 2.81 -3.70 3.39
C ALA A 36 3.79 -2.55 3.15
N GLN A 37 3.25 -1.39 2.82
CA GLN A 37 4.04 -0.22 2.53
C GLN A 37 4.48 0.50 3.81
N PHE A 38 3.72 0.33 4.88
CA PHE A 38 4.08 0.88 6.17
C PHE A 38 4.24 -0.27 7.16
N PRO A 39 5.41 -0.92 7.15
CA PRO A 39 5.65 -2.10 7.98
C PRO A 39 5.59 -1.84 9.47
N GLY A 40 4.63 -2.44 10.12
CA GLY A 40 4.48 -2.29 11.55
C GLY A 40 3.45 -1.26 11.92
N ALA A 41 3.09 -0.45 10.96
CA ALA A 41 2.15 0.63 11.19
C ALA A 41 0.72 0.13 11.07
N CYS A 42 -0.10 0.49 12.02
CA CYS A 42 -1.49 0.14 11.99
C CYS A 42 -2.31 1.29 12.56
N GLY A 43 -3.52 1.44 12.08
CA GLY A 43 -4.35 2.54 12.49
C GLY A 43 -4.27 3.67 11.48
N LEU A 44 -5.23 4.56 11.49
CA LEU A 44 -5.26 5.64 10.50
C LEU A 44 -5.85 6.92 11.10
N ARG A 45 -5.25 8.04 10.75
CA ARG A 45 -5.70 9.36 11.20
C ARG A 45 -6.04 10.21 10.00
N TYR A 46 -6.76 11.29 10.23
CA TYR A 46 -7.10 12.23 9.18
C TYR A 46 -7.64 13.50 9.78
N ARG A 47 -7.96 14.47 8.97
CA ARG A 47 -8.51 15.72 9.46
C ARG A 47 -9.94 15.85 9.01
N ASN A 48 -10.86 15.85 9.95
CA ASN A 48 -12.26 15.99 9.60
C ASN A 48 -12.59 17.43 9.25
N PRO A 49 -13.28 17.63 8.12
CA PRO A 49 -13.63 18.96 7.63
C PRO A 49 -14.68 19.64 8.48
N VAL A 50 -15.21 18.91 9.44
CA VAL A 50 -16.24 19.44 10.32
C VAL A 50 -15.65 20.43 11.33
N GLU A 51 -14.62 20.01 12.06
CA GLU A 51 -14.03 20.88 13.08
C GLU A 51 -12.54 21.13 12.83
N GLN A 52 -12.05 20.72 11.66
CA GLN A 52 -10.65 20.95 11.26
C GLN A 52 -9.64 20.26 12.19
N CYS A 53 -10.10 19.25 12.91
CA CYS A 53 -9.25 18.56 13.86
C CYS A 53 -8.90 17.15 13.33
N MET A 54 -7.92 16.53 13.95
CA MET A 54 -7.50 15.21 13.58
C MET A 54 -8.38 14.15 14.24
N ARG A 55 -8.76 13.17 13.47
CA ARG A 55 -9.65 12.12 13.93
C ARG A 55 -9.13 10.76 13.44
N GLY A 56 -9.42 9.70 14.17
CA GLY A 56 -8.97 8.38 13.78
C GLY A 56 -10.03 7.61 13.03
N VAL A 57 -9.66 7.04 11.89
CA VAL A 57 -10.59 6.28 11.07
C VAL A 57 -11.06 5.02 11.78
N ARG A 58 -12.34 4.71 11.61
CA ARG A 58 -12.93 3.52 12.21
C ARG A 58 -12.30 2.27 11.66
N LEU A 59 -11.87 1.41 12.53
CA LEU A 59 -11.28 0.16 12.12
C LEU A 59 -12.03 -1.00 12.73
N VAL A 60 -12.31 -2.00 11.94
CA VAL A 60 -13.05 -3.16 12.38
C VAL A 60 -12.39 -4.42 11.83
N GLU A 61 -11.75 -5.16 12.72
CA GLU A 61 -11.08 -6.42 12.37
C GLU A 61 -10.05 -6.23 11.25
N GLY A 62 -9.44 -5.06 11.22
CA GLY A 62 -8.41 -4.79 10.23
C GLY A 62 -8.89 -3.94 9.07
N ILE A 63 -10.18 -3.78 8.94
CA ILE A 63 -10.72 -3.00 7.85
C ILE A 63 -11.03 -1.59 8.28
N LEU A 64 -10.43 -0.63 7.60
CA LEU A 64 -10.68 0.77 7.88
C LEU A 64 -11.91 1.21 7.12
N HIS A 65 -12.86 1.77 7.83
CA HIS A 65 -14.10 2.21 7.24
C HIS A 65 -14.06 3.69 6.94
N ALA A 66 -14.35 4.03 5.70
CA ALA A 66 -14.33 5.42 5.25
C ALA A 66 -15.35 6.28 5.98
N PRO A 67 -15.05 7.58 6.12
CA PRO A 67 -15.97 8.53 6.74
C PRO A 67 -17.19 8.80 5.86
N ASP A 68 -17.92 9.84 6.19
CA ASP A 68 -19.17 10.18 5.51
C ASP A 68 -18.98 10.43 4.00
N ALA A 69 -17.92 11.15 3.64
CA ALA A 69 -17.67 11.50 2.24
C ALA A 69 -16.79 10.48 1.54
N GLY A 70 -16.34 9.49 2.27
CA GLY A 70 -15.48 8.48 1.68
C GLY A 70 -14.01 8.79 1.91
N TRP A 71 -13.14 8.18 1.14
CA TRP A 71 -11.71 8.41 1.30
C TRP A 71 -11.24 9.60 0.48
N GLY A 72 -11.53 9.55 -0.82
CA GLY A 72 -11.09 10.59 -1.73
C GLY A 72 -11.75 11.93 -1.47
N ASN A 73 -11.16 12.71 -0.56
CA ASN A 73 -11.65 14.06 -0.21
C ASN A 73 -10.80 14.64 0.92
N LEU A 74 -10.23 13.77 1.75
CA LEU A 74 -9.41 14.20 2.87
C LEU A 74 -8.03 13.55 2.81
N VAL A 75 -7.10 14.07 3.59
CA VAL A 75 -5.77 13.48 3.69
C VAL A 75 -5.70 12.58 4.90
N TYR A 76 -4.94 11.52 4.82
CA TYR A 76 -4.85 10.56 5.90
C TYR A 76 -3.41 10.34 6.33
N VAL A 77 -3.23 9.96 7.57
CA VAL A 77 -1.93 9.69 8.13
C VAL A 77 -1.94 8.36 8.88
N VAL A 78 -1.07 7.46 8.49
CA VAL A 78 -1.01 6.14 9.11
C VAL A 78 -0.49 6.23 10.54
N ASN A 79 -0.88 5.28 11.36
CA ASN A 79 -0.44 5.26 12.73
C ASN A 79 0.75 4.33 12.92
N TYR A 80 1.85 4.88 13.40
CA TYR A 80 3.05 4.10 13.64
C TYR A 80 3.22 3.82 15.13
N PRO A 81 3.63 2.59 15.48
CA PRO A 81 3.90 2.18 16.86
C PRO A 81 5.06 2.96 17.47
N LYS A 82 5.31 2.70 18.74
CA LYS A 82 6.38 3.35 19.49
C LYS A 82 7.76 2.87 19.02
N ASP A 83 7.78 1.81 18.24
CA ASP A 83 9.03 1.21 17.79
C ASP A 83 9.31 1.60 16.35
N MET B 4 7.12 -18.70 -14.49
CA MET B 4 7.29 -18.45 -15.94
C MET B 4 6.04 -17.87 -16.56
N SER B 5 5.15 -17.35 -15.74
CA SER B 5 3.91 -16.79 -16.23
C SER B 5 4.02 -15.29 -16.45
N GLU B 6 3.88 -14.52 -15.39
CA GLU B 6 3.99 -13.09 -15.49
C GLU B 6 5.06 -12.58 -14.54
N ARG B 7 6.28 -12.56 -15.01
CA ARG B 7 7.38 -12.06 -14.22
C ARG B 7 7.18 -10.59 -13.86
N ILE B 8 7.69 -10.18 -12.72
CA ILE B 8 7.57 -8.80 -12.29
C ILE B 8 8.90 -8.29 -11.77
N ARG B 9 9.33 -7.19 -12.34
CA ARG B 9 10.59 -6.59 -11.96
C ARG B 9 10.43 -5.78 -10.70
N VAL B 10 11.37 -5.91 -9.82
CA VAL B 10 11.34 -5.20 -8.57
C VAL B 10 12.71 -5.27 -7.89
N THR B 11 13.00 -4.30 -7.05
CA THR B 11 14.24 -4.25 -6.33
C THR B 11 14.16 -3.23 -5.19
N GLU B 12 15.24 -3.09 -4.48
CA GLU B 12 15.32 -2.11 -3.41
C GLU B 12 16.37 -1.10 -3.78
N ASP B 13 17.55 -1.58 -4.15
CA ASP B 13 18.60 -0.72 -4.58
C ASP B 13 18.51 -0.52 -6.08
N GLU B 14 18.44 0.73 -6.47
CA GLU B 14 18.28 1.11 -7.87
C GLU B 14 19.53 0.83 -8.71
N ASN B 15 20.67 0.68 -8.06
CA ASN B 15 21.92 0.43 -8.79
C ASN B 15 22.11 -1.05 -9.02
N ASP B 16 21.48 -1.86 -8.19
CA ASP B 16 21.58 -3.30 -8.31
C ASP B 16 20.66 -3.80 -9.39
N GLU B 17 20.91 -5.02 -9.84
CA GLU B 17 20.09 -5.64 -10.85
C GLU B 17 18.70 -5.92 -10.30
N PRO B 18 17.67 -5.42 -10.97
CA PRO B 18 16.31 -5.63 -10.55
C PRO B 18 15.85 -7.06 -10.82
N ILE B 19 15.34 -7.69 -9.79
CA ILE B 19 14.94 -9.08 -9.88
C ILE B 19 13.53 -9.20 -10.45
N GLU B 20 13.11 -10.42 -10.75
CA GLU B 20 11.79 -10.66 -11.32
C GLU B 20 11.10 -11.84 -10.67
N ILE B 21 9.91 -11.59 -10.18
CA ILE B 21 9.13 -12.62 -9.49
C ILE B 21 8.00 -13.13 -10.38
N PRO B 22 7.85 -14.45 -10.50
CA PRO B 22 6.77 -15.03 -11.30
C PRO B 22 5.39 -14.82 -10.67
N SER B 23 4.59 -13.98 -11.29
CA SER B 23 3.25 -13.70 -10.81
C SER B 23 2.24 -14.55 -11.53
N GLU B 24 1.03 -14.57 -11.01
CA GLU B 24 -0.04 -15.33 -11.60
C GLU B 24 -0.73 -14.50 -12.68
N ASP B 25 -1.18 -15.18 -13.73
CA ASP B 25 -1.82 -14.53 -14.89
C ASP B 25 -3.13 -13.84 -14.50
N ASP B 26 -3.68 -14.22 -13.36
CA ASP B 26 -4.92 -13.62 -12.87
C ASP B 26 -4.66 -12.22 -12.29
N GLY B 27 -3.38 -11.89 -12.10
CA GLY B 27 -3.03 -10.59 -11.57
C GLY B 27 -2.75 -10.64 -10.09
N THR B 28 -2.38 -11.80 -9.59
CA THR B 28 -2.08 -11.97 -8.19
C THR B 28 -0.67 -12.51 -7.96
N VAL B 29 -0.05 -12.11 -6.87
CA VAL B 29 1.26 -12.62 -6.50
C VAL B 29 1.20 -13.20 -5.09
N LEU B 30 1.99 -14.24 -4.86
CA LEU B 30 2.04 -14.88 -3.57
C LEU B 30 3.19 -14.32 -2.76
N LEU B 31 2.95 -14.08 -1.47
CA LEU B 31 3.98 -13.55 -0.58
C LEU B 31 5.21 -14.45 -0.56
N SER B 32 4.97 -15.74 -0.50
CA SER B 32 6.03 -16.74 -0.50
C SER B 32 6.93 -16.59 -1.72
N THR B 33 6.36 -16.20 -2.85
CA THR B 33 7.13 -16.03 -4.08
C THR B 33 8.06 -14.81 -3.94
N VAL B 34 7.57 -13.80 -3.24
CA VAL B 34 8.33 -12.58 -3.00
C VAL B 34 9.47 -12.85 -2.02
N THR B 35 9.13 -13.48 -0.91
CA THR B 35 10.09 -13.80 0.13
C THR B 35 11.09 -14.86 -0.34
N ALA B 36 10.73 -15.54 -1.42
CA ALA B 36 11.60 -16.55 -2.01
C ALA B 36 12.87 -15.90 -2.55
N GLN B 37 12.79 -14.62 -2.85
CA GLN B 37 13.92 -13.88 -3.37
C GLN B 37 14.41 -12.90 -2.32
N PHE B 38 13.49 -12.15 -1.75
CA PHE B 38 13.82 -11.18 -0.73
C PHE B 38 13.81 -11.84 0.64
N PRO B 39 14.81 -11.53 1.48
CA PRO B 39 14.95 -12.13 2.82
C PRO B 39 13.86 -11.69 3.82
N GLY B 40 12.60 -11.74 3.42
CA GLY B 40 11.53 -11.41 4.34
C GLY B 40 10.74 -10.19 3.96
N ALA B 41 10.97 -9.68 2.77
CA ALA B 41 10.27 -8.50 2.30
C ALA B 41 8.79 -8.79 2.07
N CYS B 42 7.96 -7.79 2.21
CA CYS B 42 6.53 -7.92 1.98
C CYS B 42 6.01 -6.65 1.35
N GLY B 43 4.95 -6.77 0.55
CA GLY B 43 4.39 -5.59 -0.11
C GLY B 43 5.31 -4.99 -1.18
N LEU B 44 4.74 -4.16 -2.04
CA LEU B 44 5.50 -3.50 -3.10
C LEU B 44 5.03 -2.06 -3.29
N ARG B 45 5.96 -1.18 -3.62
CA ARG B 45 5.66 0.20 -3.90
C ARG B 45 6.24 0.64 -5.24
N TYR B 46 5.71 1.72 -5.74
CA TYR B 46 6.11 2.27 -7.00
C TYR B 46 5.91 3.77 -7.02
N ARG B 47 6.76 4.47 -7.71
CA ARG B 47 6.67 5.90 -7.80
C ARG B 47 5.54 6.28 -8.71
N ASN B 48 4.45 6.71 -8.11
CA ASN B 48 3.27 7.14 -8.85
C ASN B 48 3.62 8.36 -9.68
N PRO B 49 3.58 8.24 -11.01
CA PRO B 49 3.97 9.32 -11.91
C PRO B 49 3.05 10.54 -11.81
N VAL B 50 1.91 10.34 -11.19
CA VAL B 50 0.94 11.41 -11.03
C VAL B 50 1.40 12.42 -9.96
N SER B 51 1.70 11.94 -8.77
CA SER B 51 2.07 12.81 -7.66
C SER B 51 3.56 12.71 -7.33
N GLN B 52 4.24 11.75 -7.97
CA GLN B 52 5.66 11.44 -7.72
C GLN B 52 5.83 10.84 -6.33
N CYS B 53 4.71 10.42 -5.75
CA CYS B 53 4.72 9.81 -4.44
C CYS B 53 4.89 8.31 -4.56
N MET B 54 5.12 7.65 -3.44
CA MET B 54 5.39 6.23 -3.46
C MET B 54 4.13 5.42 -3.20
N ARG B 55 3.35 5.21 -4.25
CA ARG B 55 2.09 4.49 -4.16
C ARG B 55 2.36 3.00 -3.92
N GLY B 56 1.49 2.36 -3.15
CA GLY B 56 1.68 0.95 -2.85
C GLY B 56 0.63 0.06 -3.48
N VAL B 57 0.81 -1.25 -3.35
CA VAL B 57 -0.14 -2.22 -3.88
C VAL B 57 -1.04 -2.76 -2.78
N ARG B 58 -2.27 -3.11 -3.16
CA ARG B 58 -3.22 -3.69 -2.20
C ARG B 58 -2.80 -5.11 -1.80
N LEU B 59 -2.84 -5.38 -0.51
CA LEU B 59 -2.40 -6.67 0.02
C LEU B 59 -3.52 -7.35 0.78
N VAL B 60 -3.62 -8.67 0.63
CA VAL B 60 -4.61 -9.44 1.37
C VAL B 60 -4.10 -10.85 1.63
N GLU B 61 -3.90 -11.18 2.90
CA GLU B 61 -3.44 -12.50 3.32
C GLU B 61 -2.12 -12.90 2.66
N GLY B 62 -1.29 -11.91 2.37
CA GLY B 62 -0.02 -12.19 1.75
C GLY B 62 -0.10 -12.24 0.25
N ILE B 63 -1.28 -12.04 -0.27
CA ILE B 63 -1.49 -12.07 -1.69
C ILE B 63 -1.60 -10.66 -2.23
N LEU B 64 -0.65 -10.30 -3.07
CA LEU B 64 -0.64 -9.00 -3.68
C LEU B 64 -1.60 -9.00 -4.85
N HIS B 65 -2.45 -8.00 -4.91
CA HIS B 65 -3.40 -7.88 -5.99
C HIS B 65 -3.05 -6.70 -6.87
N ALA B 66 -2.73 -7.01 -8.11
CA ALA B 66 -2.42 -6.00 -9.10
C ALA B 66 -3.62 -5.09 -9.33
N PRO B 67 -3.37 -3.81 -9.62
CA PRO B 67 -4.43 -2.84 -9.91
C PRO B 67 -5.06 -3.10 -11.27
N ASP B 68 -5.84 -2.13 -11.72
CA ASP B 68 -6.54 -2.22 -13.00
C ASP B 68 -5.57 -2.40 -14.16
N ALA B 69 -4.41 -1.79 -14.03
CA ALA B 69 -3.40 -1.84 -15.06
C ALA B 69 -2.62 -3.16 -15.06
N GLY B 70 -2.42 -3.72 -13.86
CA GLY B 70 -1.66 -4.95 -13.76
C GLY B 70 -0.37 -4.75 -12.99
N TRP B 71 0.59 -5.66 -13.17
CA TRP B 71 1.87 -5.58 -12.48
C TRP B 71 2.86 -4.66 -13.20
N GLY B 72 2.68 -4.51 -14.51
CA GLY B 72 3.63 -3.77 -15.33
C GLY B 72 3.80 -2.29 -14.98
N ASN B 73 2.85 -1.73 -14.25
CA ASN B 73 2.92 -0.32 -13.92
C ASN B 73 3.42 -0.10 -12.49
N LEU B 74 3.62 -1.18 -11.77
CA LEU B 74 4.04 -1.09 -10.37
C LEU B 74 5.42 -1.67 -10.16
N VAL B 75 5.95 -2.31 -11.18
CA VAL B 75 7.27 -2.93 -11.11
C VAL B 75 8.36 -1.90 -10.83
N TYR B 76 8.80 -1.81 -9.58
CA TYR B 76 9.83 -0.85 -9.22
C TYR B 76 10.53 -1.22 -7.89
N VAL B 77 9.91 -0.90 -6.75
CA VAL B 77 10.56 -1.11 -5.45
C VAL B 77 9.76 -2.04 -4.54
N VAL B 78 10.47 -2.88 -3.83
CA VAL B 78 9.86 -3.80 -2.88
C VAL B 78 9.88 -3.19 -1.48
N ASN B 79 8.94 -3.60 -0.65
CA ASN B 79 8.85 -3.10 0.70
C ASN B 79 9.58 -4.02 1.68
N TYR B 80 10.51 -3.44 2.40
CA TYR B 80 11.22 -4.17 3.44
C TYR B 80 10.71 -3.76 4.80
N PRO B 81 10.13 -4.71 5.55
CA PRO B 81 9.57 -4.42 6.85
C PRO B 81 10.64 -4.30 7.92
N LYS B 82 10.68 -3.14 8.56
CA LYS B 82 11.61 -2.87 9.65
C LYS B 82 11.15 -3.58 10.91
N ASP B 83 9.90 -3.99 10.89
CA ASP B 83 9.28 -4.67 12.02
C ASP B 83 9.82 -6.08 12.17
N MET A 4 -16.05 1.37 -8.02
CA MET A 4 -15.65 2.40 -7.05
C MET A 4 -14.23 2.18 -6.59
N SER A 5 -13.30 2.84 -7.24
CA SER A 5 -11.90 2.72 -6.88
C SER A 5 -11.35 4.07 -6.47
N GLU A 6 -11.34 4.32 -5.19
CA GLU A 6 -10.81 5.55 -4.66
C GLU A 6 -9.37 5.37 -4.25
N TYR A 7 -8.59 6.37 -4.45
CA TYR A 7 -7.23 6.33 -3.98
C TYR A 7 -7.13 7.20 -2.78
N ILE A 8 -6.46 6.72 -1.78
CA ILE A 8 -6.34 7.45 -0.56
C ILE A 8 -4.88 7.81 -0.33
N ARG A 9 -4.63 8.90 0.33
CA ARG A 9 -3.29 9.35 0.57
C ARG A 9 -2.92 9.27 2.04
N VAL A 10 -2.23 8.21 2.42
CA VAL A 10 -1.79 8.01 3.78
C VAL A 10 -0.33 8.39 3.90
N THR A 11 -0.01 9.20 4.87
CA THR A 11 1.35 9.59 5.07
C THR A 11 1.88 8.96 6.36
N GLU A 12 3.07 8.40 6.28
CA GLU A 12 3.71 7.77 7.42
C GLU A 12 4.30 8.83 8.34
N ASP A 13 5.09 9.70 7.79
CA ASP A 13 5.67 10.78 8.55
C ASP A 13 5.47 12.08 7.82
N GLU A 14 5.13 13.12 8.54
CA GLU A 14 4.87 14.42 7.96
C GLU A 14 6.10 14.98 7.24
N ASN A 15 7.29 14.52 7.63
CA ASN A 15 8.53 14.98 7.01
C ASN A 15 8.79 14.23 5.73
N ASP A 16 8.25 13.02 5.64
CA ASP A 16 8.39 12.21 4.44
C ASP A 16 7.32 12.60 3.44
N GLU A 17 7.15 11.79 2.44
CA GLU A 17 6.18 12.07 1.41
C GLU A 17 4.94 11.20 1.59
N PRO A 18 3.78 11.68 1.13
CA PRO A 18 2.52 10.94 1.21
C PRO A 18 2.56 9.67 0.38
N ILE A 19 1.86 8.67 0.86
CA ILE A 19 1.80 7.39 0.18
C ILE A 19 0.38 7.15 -0.32
N GLU A 20 0.26 6.69 -1.53
CA GLU A 20 -1.04 6.45 -2.11
C GLU A 20 -1.46 5.00 -1.93
N ILE A 21 -2.58 4.82 -1.23
CA ILE A 21 -3.11 3.50 -0.97
C ILE A 21 -4.42 3.31 -1.72
N PRO A 22 -4.49 2.29 -2.59
CA PRO A 22 -5.69 2.01 -3.37
C PRO A 22 -6.78 1.35 -2.52
N SER A 23 -7.97 1.94 -2.53
CA SER A 23 -9.08 1.35 -1.81
C SER A 23 -9.73 0.27 -2.66
N GLU A 24 -10.53 -0.58 -2.05
CA GLU A 24 -11.17 -1.63 -2.77
C GLU A 24 -12.55 -1.16 -3.25
N ASP A 25 -13.14 -1.90 -4.18
CA ASP A 25 -14.43 -1.53 -4.79
C ASP A 25 -15.54 -1.44 -3.74
N ASP A 26 -15.29 -2.07 -2.60
CA ASP A 26 -16.23 -2.06 -1.48
C ASP A 26 -16.34 -0.65 -0.88
N GLY A 27 -15.34 0.19 -1.15
CA GLY A 27 -15.31 1.53 -0.61
C GLY A 27 -14.57 1.57 0.70
N THR A 28 -13.87 0.51 0.98
CA THR A 28 -13.09 0.37 2.18
C THR A 28 -11.62 0.11 1.87
N VAL A 29 -10.79 0.12 2.90
CA VAL A 29 -9.37 -0.14 2.74
C VAL A 29 -8.94 -1.30 3.61
N LEU A 30 -8.17 -2.20 3.03
CA LEU A 30 -7.68 -3.36 3.74
C LEU A 30 -6.39 -3.02 4.50
N LEU A 31 -6.41 -3.26 5.82
CA LEU A 31 -5.28 -2.96 6.70
C LEU A 31 -4.01 -3.67 6.27
N SER A 32 -4.15 -4.83 5.64
CA SER A 32 -3.00 -5.59 5.17
C SER A 32 -2.19 -4.72 4.18
N THR A 33 -2.91 -4.00 3.32
CA THR A 33 -2.28 -3.11 2.37
C THR A 33 -1.50 -2.02 3.11
N VAL A 34 -2.06 -1.56 4.21
CA VAL A 34 -1.43 -0.54 5.03
C VAL A 34 -0.14 -1.08 5.67
N THR A 35 -0.21 -2.29 6.19
CA THR A 35 0.92 -2.90 6.87
C THR A 35 2.07 -3.25 5.90
N ALA A 36 1.74 -3.33 4.62
CA ALA A 36 2.74 -3.59 3.58
C ALA A 36 3.67 -2.39 3.42
N GLN A 37 3.07 -1.23 3.21
CA GLN A 37 3.80 0.03 3.04
C GLN A 37 4.26 0.59 4.38
N PHE A 38 3.47 0.33 5.42
CA PHE A 38 3.80 0.80 6.75
C PHE A 38 3.96 -0.38 7.69
N PRO A 39 5.16 -0.96 7.72
CA PRO A 39 5.45 -2.13 8.55
C PRO A 39 5.43 -1.80 10.03
N GLY A 40 4.76 -2.65 10.79
CA GLY A 40 4.68 -2.46 12.21
C GLY A 40 3.57 -1.53 12.61
N ALA A 41 3.02 -0.82 11.64
CA ALA A 41 1.98 0.13 11.90
C ALA A 41 0.60 -0.46 11.63
N CYS A 42 -0.42 0.21 12.16
CA CYS A 42 -1.79 -0.18 11.95
C CYS A 42 -2.69 0.95 12.43
N GLY A 43 -3.84 1.09 11.80
CA GLY A 43 -4.73 2.18 12.14
C GLY A 43 -4.55 3.34 11.18
N LEU A 44 -5.44 4.32 11.23
CA LEU A 44 -5.38 5.42 10.27
C LEU A 44 -6.00 6.68 10.87
N ARG A 45 -5.40 7.81 10.58
CA ARG A 45 -5.84 9.09 11.09
C ARG A 45 -6.09 10.06 9.96
N TYR A 46 -6.86 11.09 10.25
CA TYR A 46 -7.18 12.10 9.26
C TYR A 46 -7.75 13.31 9.98
N ARG A 47 -8.02 14.36 9.24
CA ARG A 47 -8.61 15.53 9.82
C ARG A 47 -9.96 15.76 9.19
N ASN A 48 -10.99 15.77 10.01
CA ASN A 48 -12.33 16.02 9.50
C ASN A 48 -12.52 17.50 9.17
N PRO A 49 -12.88 17.80 7.92
CA PRO A 49 -13.03 19.19 7.44
C PRO A 49 -14.16 19.94 8.12
N VAL A 50 -15.01 19.23 8.82
CA VAL A 50 -16.13 19.84 9.48
C VAL A 50 -15.71 20.64 10.74
N GLU A 51 -14.78 20.09 11.52
CA GLU A 51 -14.37 20.75 12.76
C GLU A 51 -12.85 20.96 12.85
N GLN A 52 -12.13 20.57 11.79
CA GLN A 52 -10.66 20.77 11.68
C GLN A 52 -9.89 19.95 12.74
N CYS A 53 -10.54 18.98 13.33
CA CYS A 53 -9.93 18.18 14.38
C CYS A 53 -9.42 16.84 13.83
N MET A 54 -8.54 16.20 14.59
CA MET A 54 -7.98 14.94 14.22
C MET A 54 -8.98 13.82 14.48
N ARG A 55 -9.04 12.88 13.58
CA ARG A 55 -9.96 11.78 13.67
C ARG A 55 -9.28 10.47 13.35
N GLY A 56 -9.96 9.41 13.68
CA GLY A 56 -9.43 8.10 13.40
C GLY A 56 -10.37 7.31 12.54
N VAL A 57 -9.86 6.75 11.45
CA VAL A 57 -10.67 5.97 10.57
C VAL A 57 -11.16 4.71 11.27
N ARG A 58 -12.43 4.42 11.08
CA ARG A 58 -13.04 3.27 11.72
C ARG A 58 -12.58 2.01 11.05
N LEU A 59 -12.04 1.12 11.82
CA LEU A 59 -11.56 -0.13 11.29
C LEU A 59 -12.20 -1.29 12.02
N VAL A 60 -12.52 -2.32 11.29
CA VAL A 60 -13.15 -3.48 11.86
C VAL A 60 -12.76 -4.74 11.11
N GLU A 61 -12.11 -5.66 11.82
CA GLU A 61 -11.69 -6.94 11.25
C GLU A 61 -10.71 -6.73 10.11
N GLY A 62 -9.92 -5.66 10.21
CA GLY A 62 -8.93 -5.37 9.19
C GLY A 62 -9.43 -4.46 8.11
N ILE A 63 -10.72 -4.20 8.08
CA ILE A 63 -11.28 -3.37 7.05
C ILE A 63 -11.52 -1.96 7.57
N LEU A 64 -10.90 -0.99 6.95
CA LEU A 64 -11.07 0.39 7.32
C LEU A 64 -12.22 0.98 6.53
N HIS A 65 -13.09 1.65 7.23
CA HIS A 65 -14.27 2.24 6.64
C HIS A 65 -14.07 3.72 6.44
N ALA A 66 -14.31 4.18 5.22
CA ALA A 66 -14.12 5.58 4.86
C ALA A 66 -14.90 6.53 5.75
N PRO A 67 -14.36 7.72 5.97
CA PRO A 67 -15.01 8.76 6.77
C PRO A 67 -16.26 9.31 6.09
N ASP A 68 -16.84 10.34 6.67
CA ASP A 68 -18.05 10.96 6.14
C ASP A 68 -17.84 11.46 4.73
N ALA A 69 -16.68 12.05 4.47
CA ALA A 69 -16.38 12.59 3.17
C ALA A 69 -15.84 11.54 2.19
N GLY A 70 -15.48 10.37 2.69
CA GLY A 70 -14.94 9.34 1.83
C GLY A 70 -13.42 9.38 1.77
N TRP A 71 -12.81 8.47 1.03
CA TRP A 71 -11.35 8.42 0.96
C TRP A 71 -10.76 9.46 0.01
N GLY A 72 -11.19 9.39 -1.26
CA GLY A 72 -10.59 10.21 -2.31
C GLY A 72 -10.95 11.68 -2.26
N ASN A 73 -10.44 12.36 -1.24
CA ASN A 73 -10.66 13.80 -1.06
C ASN A 73 -10.01 14.32 0.22
N LEU A 74 -9.69 13.42 1.14
CA LEU A 74 -9.05 13.82 2.39
C LEU A 74 -7.63 13.29 2.47
N VAL A 75 -6.87 13.83 3.41
CA VAL A 75 -5.51 13.39 3.67
C VAL A 75 -5.50 12.47 4.87
N TYR A 76 -4.65 11.48 4.86
CA TYR A 76 -4.60 10.51 5.93
C TYR A 76 -3.18 10.31 6.46
N VAL A 77 -3.11 9.87 7.69
CA VAL A 77 -1.85 9.58 8.34
C VAL A 77 -1.94 8.23 9.04
N VAL A 78 -1.05 7.33 8.71
CA VAL A 78 -1.07 5.98 9.28
C VAL A 78 -0.75 6.03 10.77
N ASN A 79 -1.28 5.08 11.52
CA ASN A 79 -1.02 5.02 12.93
C ASN A 79 0.21 4.19 13.23
N TYR A 80 1.26 4.83 13.70
CA TYR A 80 2.47 4.14 14.08
C TYR A 80 2.53 3.94 15.59
N PRO A 81 2.74 2.71 16.05
CA PRO A 81 2.86 2.40 17.47
C PRO A 81 4.16 2.91 18.04
N LYS A 82 4.16 3.09 19.34
CA LYS A 82 5.35 3.54 20.04
C LYS A 82 6.39 2.42 20.07
N ASP A 83 5.92 1.20 19.95
CA ASP A 83 6.77 0.04 19.95
C ASP A 83 6.40 -0.88 18.81
N MET B 4 4.45 -20.27 -13.37
CA MET B 4 5.00 -19.29 -14.33
C MET B 4 3.88 -18.62 -15.09
N SER B 5 3.78 -17.30 -14.99
CA SER B 5 2.72 -16.58 -15.66
C SER B 5 3.15 -15.17 -15.99
N GLU B 6 3.13 -14.29 -15.00
CA GLU B 6 3.44 -12.91 -15.19
C GLU B 6 4.58 -12.47 -14.30
N ARG B 7 5.75 -12.42 -14.86
CA ARG B 7 6.91 -11.95 -14.13
C ARG B 7 6.78 -10.48 -13.75
N ILE B 8 7.38 -10.09 -12.66
CA ILE B 8 7.31 -8.70 -12.23
C ILE B 8 8.68 -8.15 -11.88
N ARG B 9 9.09 -7.11 -12.60
CA ARG B 9 10.35 -6.44 -12.33
C ARG B 9 10.23 -5.60 -11.09
N VAL B 10 11.00 -5.91 -10.09
CA VAL B 10 10.95 -5.20 -8.86
C VAL B 10 12.33 -5.16 -8.21
N THR B 11 12.60 -4.12 -7.46
CA THR B 11 13.86 -3.95 -6.81
C THR B 11 13.74 -2.91 -5.71
N GLU B 12 14.71 -2.84 -4.85
CA GLU B 12 14.74 -1.84 -3.80
C GLU B 12 15.92 -0.91 -4.01
N ASP B 13 16.95 -1.44 -4.65
CA ASP B 13 18.15 -0.70 -4.92
C ASP B 13 18.42 -0.66 -6.41
N GLU B 14 18.24 0.51 -7.02
CA GLU B 14 18.48 0.68 -8.45
C GLU B 14 19.97 0.65 -8.80
N ASN B 15 20.85 0.67 -7.79
CA ASN B 15 22.28 0.60 -8.03
C ASN B 15 22.67 -0.80 -8.49
N ASP B 16 21.85 -1.75 -8.11
CA ASP B 16 22.04 -3.12 -8.54
C ASP B 16 20.98 -3.44 -9.56
N GLU B 17 20.97 -4.66 -10.05
CA GLU B 17 20.00 -5.03 -11.05
C GLU B 17 18.69 -5.48 -10.39
N PRO B 18 17.55 -5.13 -11.00
CA PRO B 18 16.25 -5.51 -10.49
C PRO B 18 15.95 -6.98 -10.73
N ILE B 19 15.07 -7.53 -9.94
CA ILE B 19 14.74 -8.94 -10.06
C ILE B 19 13.30 -9.11 -10.56
N GLU B 20 12.96 -10.31 -10.97
CA GLU B 20 11.62 -10.60 -11.47
C GLU B 20 11.01 -11.79 -10.76
N ILE B 21 9.81 -11.61 -10.27
CA ILE B 21 9.10 -12.66 -9.58
C ILE B 21 7.87 -13.11 -10.38
N PRO B 22 7.70 -14.42 -10.58
CA PRO B 22 6.54 -14.95 -11.30
C PRO B 22 5.24 -14.75 -10.51
N SER B 23 4.37 -13.89 -11.01
CA SER B 23 3.10 -13.65 -10.39
C SER B 23 2.04 -14.56 -10.99
N GLU B 24 0.82 -14.45 -10.50
CA GLU B 24 -0.26 -15.25 -11.01
C GLU B 24 -1.06 -14.42 -12.01
N ASP B 25 -1.56 -15.09 -13.06
CA ASP B 25 -2.29 -14.42 -14.15
C ASP B 25 -3.45 -13.56 -13.66
N ASP B 26 -4.04 -13.96 -12.54
CA ASP B 26 -5.18 -13.25 -11.96
C ASP B 26 -4.79 -11.85 -11.46
N GLY B 27 -3.50 -11.64 -11.31
CA GLY B 27 -3.02 -10.35 -10.83
C GLY B 27 -2.66 -10.40 -9.37
N THR B 28 -2.28 -11.56 -8.90
CA THR B 28 -1.91 -11.72 -7.51
C THR B 28 -0.51 -12.29 -7.36
N VAL B 29 0.15 -11.93 -6.28
CA VAL B 29 1.47 -12.45 -5.97
C VAL B 29 1.49 -12.97 -4.53
N LEU B 30 2.21 -14.05 -4.30
CA LEU B 30 2.31 -14.63 -2.98
C LEU B 30 3.49 -14.05 -2.24
N LEU B 31 3.28 -13.77 -0.95
CA LEU B 31 4.33 -13.22 -0.09
C LEU B 31 5.56 -14.11 -0.10
N SER B 32 5.34 -15.41 0.00
CA SER B 32 6.42 -16.38 0.01
C SER B 32 7.27 -16.28 -1.27
N THR B 33 6.63 -15.97 -2.39
CA THR B 33 7.34 -15.86 -3.66
C THR B 33 8.26 -14.63 -3.63
N VAL B 34 7.80 -13.59 -2.96
CA VAL B 34 8.56 -12.35 -2.82
C VAL B 34 9.74 -12.56 -1.86
N THR B 35 9.44 -13.13 -0.70
CA THR B 35 10.44 -13.37 0.32
C THR B 35 11.41 -14.46 -0.11
N ALA B 36 11.03 -15.23 -1.12
CA ALA B 36 11.86 -16.28 -1.67
C ALA B 36 13.10 -15.68 -2.32
N GLN B 37 13.01 -14.42 -2.71
CA GLN B 37 14.11 -13.75 -3.36
C GLN B 37 14.66 -12.67 -2.43
N PHE B 38 13.76 -11.88 -1.87
CA PHE B 38 14.16 -10.80 -0.97
C PHE B 38 14.34 -11.33 0.43
N PRO B 39 15.25 -10.74 1.22
CA PRO B 39 15.54 -11.18 2.58
C PRO B 39 14.45 -10.79 3.59
N GLY B 40 13.19 -10.95 3.21
CA GLY B 40 12.10 -10.66 4.15
C GLY B 40 11.23 -9.50 3.72
N ALA B 41 11.43 -9.03 2.51
CA ALA B 41 10.65 -7.91 1.98
C ALA B 41 9.18 -8.26 1.87
N CYS B 42 8.32 -7.29 2.10
CA CYS B 42 6.88 -7.49 2.00
C CYS B 42 6.27 -6.29 1.31
N GLY B 43 5.16 -6.50 0.62
CA GLY B 43 4.52 -5.40 -0.10
C GLY B 43 5.33 -4.87 -1.28
N LEU B 44 4.70 -4.09 -2.13
CA LEU B 44 5.34 -3.48 -3.29
C LEU B 44 4.79 -2.08 -3.50
N ARG B 45 5.56 -1.21 -4.13
CA ARG B 45 5.10 0.15 -4.42
C ARG B 45 5.92 0.78 -5.57
N TYR B 46 5.43 1.88 -6.09
CA TYR B 46 6.12 2.58 -7.16
C TYR B 46 5.80 4.06 -7.10
N ARG B 47 6.68 4.88 -7.64
CA ARG B 47 6.45 6.30 -7.64
C ARG B 47 5.43 6.67 -8.70
N ASN B 48 4.29 7.11 -8.25
CA ASN B 48 3.20 7.51 -9.12
C ASN B 48 3.52 8.86 -9.74
N PRO B 49 3.66 8.92 -11.07
CA PRO B 49 3.98 10.16 -11.76
C PRO B 49 2.83 11.16 -11.67
N VAL B 50 1.65 10.67 -11.35
CA VAL B 50 0.45 11.48 -11.26
C VAL B 50 0.50 12.40 -10.02
N SER B 51 0.73 11.82 -8.86
CA SER B 51 0.74 12.59 -7.61
C SER B 51 2.17 12.80 -7.09
N GLN B 52 3.12 12.07 -7.70
CA GLN B 52 4.53 12.11 -7.30
C GLN B 52 4.74 11.45 -5.94
N CYS B 53 3.81 10.60 -5.56
CA CYS B 53 3.85 9.91 -4.29
C CYS B 53 4.17 8.45 -4.53
N MET B 54 4.26 7.69 -3.48
CA MET B 54 4.55 6.29 -3.61
C MET B 54 3.27 5.49 -3.58
N ARG B 55 2.88 4.97 -4.72
CA ARG B 55 1.70 4.13 -4.81
C ARG B 55 2.00 2.72 -4.38
N GLY B 56 1.50 2.35 -3.22
CA GLY B 56 1.66 1.00 -2.74
C GLY B 56 0.59 0.08 -3.32
N VAL B 57 0.87 -1.20 -3.37
CA VAL B 57 -0.06 -2.17 -3.93
C VAL B 57 -0.90 -2.85 -2.85
N ARG B 58 -2.12 -3.24 -3.23
CA ARG B 58 -3.07 -3.92 -2.33
C ARG B 58 -2.45 -5.21 -1.76
N LEU B 59 -2.79 -5.51 -0.52
CA LEU B 59 -2.28 -6.70 0.15
C LEU B 59 -3.38 -7.34 0.98
N VAL B 60 -3.39 -8.66 1.02
CA VAL B 60 -4.32 -9.38 1.87
C VAL B 60 -3.64 -10.62 2.45
N GLU B 61 -3.23 -10.51 3.71
CA GLU B 61 -2.59 -11.62 4.43
C GLU B 61 -1.42 -12.21 3.65
N GLY B 62 -0.60 -11.36 3.05
CA GLY B 62 0.54 -11.84 2.31
C GLY B 62 0.30 -11.95 0.81
N ILE B 63 -0.93 -11.84 0.39
CA ILE B 63 -1.23 -11.91 -1.02
C ILE B 63 -1.38 -10.53 -1.61
N LEU B 64 -0.46 -10.19 -2.50
CA LEU B 64 -0.48 -8.89 -3.14
C LEU B 64 -1.48 -8.87 -4.27
N HIS B 65 -2.27 -7.82 -4.31
CA HIS B 65 -3.29 -7.67 -5.33
C HIS B 65 -2.98 -6.50 -6.24
N ALA B 66 -2.68 -6.82 -7.48
CA ALA B 66 -2.42 -5.83 -8.49
C ALA B 66 -3.70 -5.04 -8.80
N PRO B 67 -3.55 -3.79 -9.26
CA PRO B 67 -4.70 -2.97 -9.63
C PRO B 67 -5.35 -3.47 -10.90
N ASP B 68 -6.26 -2.69 -11.44
CA ASP B 68 -6.96 -3.04 -12.66
C ASP B 68 -5.98 -3.14 -13.82
N ALA B 69 -4.94 -2.31 -13.76
CA ALA B 69 -3.92 -2.28 -14.79
C ALA B 69 -2.89 -3.40 -14.60
N GLY B 70 -3.02 -4.15 -13.53
CA GLY B 70 -2.13 -5.26 -13.29
C GLY B 70 -0.78 -4.84 -12.74
N TRP B 71 0.19 -5.74 -12.82
CA TRP B 71 1.52 -5.49 -12.29
C TRP B 71 2.36 -4.64 -13.26
N GLY B 72 1.99 -4.69 -14.53
CA GLY B 72 2.77 -4.04 -15.58
C GLY B 72 2.94 -2.54 -15.41
N ASN B 73 2.17 -1.93 -14.53
CA ASN B 73 2.27 -0.48 -14.35
C ASN B 73 2.88 -0.12 -13.00
N LEU B 74 3.17 -1.14 -12.19
CA LEU B 74 3.67 -0.90 -10.84
C LEU B 74 5.08 -1.45 -10.65
N VAL B 75 5.51 -2.29 -11.58
CA VAL B 75 6.83 -2.93 -11.51
C VAL B 75 7.95 -1.91 -11.31
N TYR B 76 8.46 -1.82 -10.07
CA TYR B 76 9.53 -0.90 -9.77
C TYR B 76 10.17 -1.19 -8.39
N VAL B 77 9.48 -0.81 -7.31
CA VAL B 77 10.08 -0.92 -5.97
C VAL B 77 9.37 -1.96 -5.09
N VAL B 78 10.15 -2.66 -4.30
CA VAL B 78 9.61 -3.59 -3.32
C VAL B 78 9.68 -2.95 -1.95
N ASN B 79 8.75 -3.29 -1.10
CA ASN B 79 8.70 -2.71 0.21
C ASN B 79 9.44 -3.55 1.22
N TYR B 80 9.92 -2.91 2.25
CA TYR B 80 10.68 -3.57 3.29
C TYR B 80 10.19 -3.15 4.66
N PRO B 81 10.04 -4.12 5.58
CA PRO B 81 9.61 -3.85 6.92
C PRO B 81 10.73 -3.26 7.78
N LYS B 82 10.34 -2.54 8.82
CA LYS B 82 11.31 -1.97 9.75
C LYS B 82 11.94 -3.06 10.60
N ASP B 83 11.36 -4.23 10.50
CA ASP B 83 11.85 -5.40 11.19
C ASP B 83 12.99 -6.02 10.41
N MET A 4 -11.88 0.45 -11.16
CA MET A 4 -12.62 -0.53 -10.33
C MET A 4 -12.09 -0.55 -8.89
N SER A 5 -11.45 0.52 -8.45
CA SER A 5 -10.94 0.60 -7.10
C SER A 5 -10.78 2.05 -6.65
N GLU A 6 -10.94 2.26 -5.37
CA GLU A 6 -10.78 3.58 -4.79
C GLU A 6 -9.31 3.84 -4.48
N TYR A 7 -8.96 5.10 -4.33
CA TYR A 7 -7.60 5.46 -4.02
C TYR A 7 -7.53 6.45 -2.89
N ILE A 8 -6.55 6.23 -2.02
CA ILE A 8 -6.35 7.08 -0.88
C ILE A 8 -4.87 7.45 -0.79
N ARG A 9 -4.57 8.49 -0.07
CA ARG A 9 -3.19 8.91 0.14
C ARG A 9 -2.88 9.02 1.63
N VAL A 10 -2.20 8.02 2.15
CA VAL A 10 -1.82 7.96 3.56
C VAL A 10 -0.35 8.35 3.71
N THR A 11 -0.06 9.15 4.69
CA THR A 11 1.30 9.59 4.91
C THR A 11 1.82 9.08 6.25
N GLU A 12 3.04 8.58 6.24
CA GLU A 12 3.68 8.13 7.46
C GLU A 12 4.27 9.32 8.22
N ASP A 13 5.11 10.08 7.52
CA ASP A 13 5.66 11.29 8.09
C ASP A 13 5.47 12.42 7.10
N GLU A 14 5.04 13.56 7.59
CA GLU A 14 4.71 14.71 6.74
C GLU A 14 5.94 15.35 6.10
N ASN A 15 7.12 14.97 6.58
CA ASN A 15 8.35 15.57 6.06
C ASN A 15 8.75 14.95 4.73
N ASP A 16 8.43 13.69 4.53
CA ASP A 16 8.80 13.01 3.29
C ASP A 16 7.60 12.95 2.34
N GLU A 17 7.68 12.02 1.41
CA GLU A 17 6.66 11.84 0.42
C GLU A 17 5.44 11.12 0.97
N PRO A 18 4.25 11.58 0.61
CA PRO A 18 3.02 10.91 0.95
C PRO A 18 2.96 9.56 0.27
N ILE A 19 2.16 8.68 0.78
CA ILE A 19 2.04 7.35 0.22
C ILE A 19 0.66 7.17 -0.37
N GLU A 20 0.58 6.59 -1.54
CA GLU A 20 -0.71 6.37 -2.17
C GLU A 20 -1.10 4.91 -2.00
N ILE A 21 -2.26 4.69 -1.40
CA ILE A 21 -2.71 3.35 -1.09
C ILE A 21 -3.93 2.96 -1.93
N PRO A 22 -3.83 1.86 -2.68
CA PRO A 22 -4.95 1.35 -3.46
C PRO A 22 -5.94 0.62 -2.56
N SER A 23 -7.13 1.17 -2.45
CA SER A 23 -8.14 0.62 -1.58
C SER A 23 -8.80 -0.59 -2.21
N GLU A 24 -9.65 -1.25 -1.45
CA GLU A 24 -10.35 -2.40 -1.94
C GLU A 24 -11.51 -1.93 -2.81
N ASP A 25 -11.98 -2.79 -3.70
CA ASP A 25 -13.10 -2.45 -4.57
C ASP A 25 -14.40 -2.41 -3.76
N ASP A 26 -14.27 -2.80 -2.50
CA ASP A 26 -15.36 -2.80 -1.55
C ASP A 26 -15.64 -1.38 -1.04
N GLY A 27 -14.66 -0.48 -1.22
CA GLY A 27 -14.83 0.90 -0.76
C GLY A 27 -14.17 1.09 0.59
N THR A 28 -13.50 0.08 1.04
CA THR A 28 -12.80 0.09 2.30
C THR A 28 -11.30 -0.10 2.07
N VAL A 29 -10.52 0.00 3.13
CA VAL A 29 -9.08 -0.19 3.04
C VAL A 29 -8.64 -1.34 3.92
N LEU A 30 -7.81 -2.20 3.37
CA LEU A 30 -7.33 -3.36 4.09
C LEU A 30 -6.02 -3.04 4.82
N LEU A 31 -6.02 -3.30 6.13
CA LEU A 31 -4.88 -3.04 7.00
C LEU A 31 -3.63 -3.76 6.51
N SER A 32 -3.80 -4.91 5.87
CA SER A 32 -2.68 -5.68 5.35
C SER A 32 -1.90 -4.84 4.33
N THR A 33 -2.65 -4.08 3.53
CA THR A 33 -2.05 -3.21 2.53
C THR A 33 -1.22 -2.13 3.23
N VAL A 34 -1.73 -1.68 4.37
CA VAL A 34 -1.06 -0.65 5.16
C VAL A 34 0.22 -1.20 5.78
N THR A 35 0.13 -2.40 6.36
CA THR A 35 1.27 -3.03 7.02
C THR A 35 2.39 -3.38 6.03
N ALA A 36 2.04 -3.41 4.74
CA ALA A 36 3.02 -3.68 3.69
C ALA A 36 4.11 -2.60 3.67
N GLN A 37 3.71 -1.33 3.51
CA GLN A 37 4.68 -0.24 3.44
C GLN A 37 4.89 0.42 4.81
N PHE A 38 3.97 0.20 5.74
CA PHE A 38 4.11 0.71 7.09
C PHE A 38 4.19 -0.45 8.07
N PRO A 39 5.40 -0.98 8.32
CA PRO A 39 5.57 -2.14 9.17
C PRO A 39 5.37 -1.82 10.65
N GLY A 40 4.50 -2.58 11.27
CA GLY A 40 4.23 -2.41 12.67
C GLY A 40 3.15 -1.41 12.93
N ALA A 41 2.86 -0.60 11.93
CA ALA A 41 1.85 0.43 12.05
C ALA A 41 0.47 -0.11 11.76
N CYS A 42 -0.52 0.50 12.38
CA CYS A 42 -1.89 0.11 12.18
C CYS A 42 -2.78 1.27 12.57
N GLY A 43 -3.92 1.38 11.92
CA GLY A 43 -4.82 2.48 12.17
C GLY A 43 -4.61 3.60 11.17
N LEU A 44 -5.55 4.50 11.08
CA LEU A 44 -5.48 5.59 10.10
C LEU A 44 -6.08 6.88 10.68
N ARG A 45 -5.38 7.99 10.48
CA ARG A 45 -5.81 9.29 10.96
C ARG A 45 -6.05 10.24 9.79
N TYR A 46 -6.77 11.31 10.07
CA TYR A 46 -7.06 12.33 9.07
C TYR A 46 -7.63 13.55 9.76
N ARG A 47 -7.91 14.60 8.99
CA ARG A 47 -8.50 15.78 9.54
C ARG A 47 -9.84 16.05 8.90
N ASN A 48 -10.88 16.15 9.71
CA ASN A 48 -12.20 16.39 9.20
C ASN A 48 -12.43 17.86 8.90
N PRO A 49 -12.98 18.17 7.72
CA PRO A 49 -13.22 19.55 7.28
C PRO A 49 -14.36 20.21 8.07
N VAL A 50 -14.93 19.47 9.00
CA VAL A 50 -16.03 19.99 9.81
C VAL A 50 -15.53 20.93 10.91
N GLU A 51 -14.60 20.45 11.71
CA GLU A 51 -14.08 21.27 12.82
C GLU A 51 -12.58 21.52 12.69
N GLN A 52 -12.01 21.09 11.56
CA GLN A 52 -10.56 21.29 11.26
C GLN A 52 -9.67 20.52 12.24
N CYS A 53 -10.26 19.61 12.98
CA CYS A 53 -9.52 18.81 13.95
C CYS A 53 -9.22 17.45 13.36
N MET A 54 -8.28 16.74 13.95
CA MET A 54 -7.93 15.44 13.44
C MET A 54 -8.86 14.37 14.02
N ARG A 55 -8.99 13.30 13.29
CA ARG A 55 -9.88 12.22 13.63
C ARG A 55 -9.24 10.89 13.22
N GLY A 56 -9.85 9.78 13.59
CA GLY A 56 -9.32 8.50 13.21
C GLY A 56 -10.33 7.67 12.47
N VAL A 57 -9.88 6.94 11.47
CA VAL A 57 -10.74 6.09 10.67
C VAL A 57 -11.11 4.84 11.45
N ARG A 58 -12.37 4.45 11.37
CA ARG A 58 -12.85 3.26 12.05
C ARG A 58 -12.35 2.00 11.36
N LEU A 59 -12.06 0.98 12.13
CA LEU A 59 -11.61 -0.27 11.57
C LEU A 59 -12.41 -1.43 12.14
N VAL A 60 -12.54 -2.46 11.34
CA VAL A 60 -13.27 -3.66 11.72
C VAL A 60 -12.61 -4.87 11.08
N GLU A 61 -12.01 -5.72 11.91
CA GLU A 61 -11.35 -6.95 11.46
C GLU A 61 -10.25 -6.65 10.43
N GLY A 62 -9.61 -5.50 10.58
CA GLY A 62 -8.54 -5.12 9.68
C GLY A 62 -9.02 -4.27 8.54
N ILE A 63 -10.32 -4.08 8.44
CA ILE A 63 -10.88 -3.30 7.38
C ILE A 63 -11.21 -1.88 7.85
N LEU A 64 -10.54 -0.89 7.28
CA LEU A 64 -10.79 0.49 7.60
C LEU A 64 -12.01 0.95 6.83
N HIS A 65 -12.92 1.61 7.52
CA HIS A 65 -14.16 2.05 6.92
C HIS A 65 -14.11 3.53 6.62
N ALA A 66 -14.30 3.88 5.34
CA ALA A 66 -14.25 5.26 4.89
C ALA A 66 -15.23 6.16 5.65
N PRO A 67 -14.89 7.45 5.77
CA PRO A 67 -15.75 8.44 6.41
C PRO A 67 -16.98 8.77 5.54
N ASP A 68 -17.74 9.76 5.96
CA ASP A 68 -18.97 10.14 5.26
C ASP A 68 -18.71 10.62 3.84
N ALA A 69 -17.55 11.20 3.62
CA ALA A 69 -17.19 11.72 2.30
C ALA A 69 -16.48 10.69 1.45
N GLY A 70 -16.09 9.59 2.06
CA GLY A 70 -15.34 8.56 1.34
C GLY A 70 -13.86 8.77 1.53
N TRP A 71 -13.05 8.01 0.81
CA TRP A 71 -11.60 8.15 0.95
C TRP A 71 -11.07 9.30 0.10
N GLY A 72 -11.30 9.21 -1.19
CA GLY A 72 -10.78 10.19 -2.14
C GLY A 72 -11.40 11.57 -2.01
N ASN A 73 -10.81 12.39 -1.15
CA ASN A 73 -11.26 13.77 -0.93
C ASN A 73 -10.42 14.45 0.15
N LEU A 74 -9.85 13.65 1.05
CA LEU A 74 -9.02 14.18 2.13
C LEU A 74 -7.64 13.51 2.12
N VAL A 75 -6.72 14.06 2.91
CA VAL A 75 -5.41 13.45 3.10
C VAL A 75 -5.44 12.56 4.32
N TYR A 76 -4.61 11.54 4.35
CA TYR A 76 -4.63 10.60 5.44
C TYR A 76 -3.24 10.35 6.00
N VAL A 77 -3.20 9.89 7.25
CA VAL A 77 -1.94 9.61 7.95
C VAL A 77 -2.03 8.25 8.67
N VAL A 78 -1.06 7.40 8.47
CA VAL A 78 -1.07 6.09 9.11
C VAL A 78 -0.76 6.21 10.60
N ASN A 79 -1.40 5.37 11.39
CA ASN A 79 -1.15 5.39 12.81
C ASN A 79 0.05 4.54 13.17
N TYR A 80 1.06 5.17 13.71
CA TYR A 80 2.22 4.46 14.17
C TYR A 80 2.19 4.29 15.68
N PRO A 81 2.27 3.04 16.15
CA PRO A 81 2.22 2.72 17.57
C PRO A 81 3.48 3.14 18.31
N LYS A 82 3.61 2.65 19.55
CA LYS A 82 4.78 2.92 20.39
C LYS A 82 6.04 2.26 19.82
N ASP A 83 5.84 1.38 18.84
CA ASP A 83 6.94 0.69 18.20
C ASP A 83 6.78 0.76 16.69
N MET B 4 6.60 -18.92 -15.46
CA MET B 4 6.46 -17.46 -15.65
C MET B 4 5.17 -17.13 -16.36
N SER B 5 4.17 -16.73 -15.58
CA SER B 5 2.90 -16.33 -16.13
C SER B 5 2.94 -14.84 -16.41
N GLU B 6 3.16 -14.08 -15.37
CA GLU B 6 3.30 -12.66 -15.50
C GLU B 6 4.45 -12.19 -14.59
N ARG B 7 5.63 -12.21 -15.12
CA ARG B 7 6.81 -11.78 -14.35
C ARG B 7 6.70 -10.30 -13.95
N ILE B 8 7.27 -9.97 -12.81
CA ILE B 8 7.21 -8.62 -12.31
C ILE B 8 8.59 -8.13 -11.87
N ARG B 9 8.99 -6.99 -12.41
CA ARG B 9 10.29 -6.39 -12.09
C ARG B 9 10.20 -5.61 -10.77
N VAL B 10 11.11 -5.89 -9.87
CA VAL B 10 11.11 -5.20 -8.58
C VAL B 10 12.48 -5.32 -7.90
N THR B 11 12.83 -4.33 -7.13
CA THR B 11 14.09 -4.32 -6.41
C THR B 11 13.93 -3.55 -5.10
N GLU B 12 14.96 -3.55 -4.31
CA GLU B 12 14.95 -2.87 -3.03
C GLU B 12 15.77 -1.61 -3.14
N ASP B 13 16.59 -1.54 -4.18
CA ASP B 13 17.39 -0.39 -4.43
C ASP B 13 17.38 -0.07 -5.91
N GLU B 14 16.86 1.08 -6.23
CA GLU B 14 16.66 1.56 -7.60
C GLU B 14 17.95 1.60 -8.45
N ASN B 15 19.12 1.51 -7.81
CA ASN B 15 20.37 1.61 -8.53
C ASN B 15 20.75 0.28 -9.19
N ASP B 16 20.24 -0.81 -8.66
CA ASP B 16 20.53 -2.11 -9.25
C ASP B 16 19.37 -2.60 -10.10
N GLU B 17 19.59 -3.65 -10.87
CA GLU B 17 18.57 -4.18 -11.75
C GLU B 17 17.43 -4.83 -10.96
N PRO B 18 16.20 -4.50 -11.33
CA PRO B 18 15.01 -5.11 -10.74
C PRO B 18 14.95 -6.60 -11.05
N ILE B 19 14.66 -7.38 -10.03
CA ILE B 19 14.51 -8.81 -10.21
C ILE B 19 13.11 -9.11 -10.72
N GLU B 20 12.85 -10.34 -11.08
CA GLU B 20 11.54 -10.69 -11.61
C GLU B 20 10.93 -11.89 -10.90
N ILE B 21 9.70 -11.70 -10.46
CA ILE B 21 8.94 -12.76 -9.79
C ILE B 21 7.73 -13.15 -10.63
N PRO B 22 7.50 -14.44 -10.85
CA PRO B 22 6.36 -14.92 -11.63
C PRO B 22 5.02 -14.71 -10.91
N SER B 23 4.25 -13.75 -11.38
CA SER B 23 2.95 -13.49 -10.80
C SER B 23 1.89 -14.28 -11.55
N GLU B 24 0.69 -14.28 -11.03
CA GLU B 24 -0.40 -14.93 -11.68
C GLU B 24 -1.09 -13.92 -12.59
N ASP B 25 -1.42 -14.34 -13.79
CA ASP B 25 -1.98 -13.46 -14.84
C ASP B 25 -3.25 -12.72 -14.38
N ASP B 26 -3.97 -13.29 -13.42
CA ASP B 26 -5.18 -12.66 -12.88
C ASP B 26 -4.84 -11.38 -12.11
N GLY B 27 -3.57 -11.21 -11.77
CA GLY B 27 -3.14 -10.03 -11.07
C GLY B 27 -2.88 -10.26 -9.60
N THR B 28 -2.52 -11.48 -9.25
CA THR B 28 -2.22 -11.81 -7.86
C THR B 28 -0.83 -12.41 -7.70
N VAL B 29 -0.15 -12.04 -6.62
CA VAL B 29 1.16 -12.60 -6.32
C VAL B 29 1.16 -13.17 -4.89
N LEU B 30 1.91 -14.24 -4.69
CA LEU B 30 1.99 -14.87 -3.39
C LEU B 30 3.16 -14.32 -2.59
N LEU B 31 2.95 -14.09 -1.31
CA LEU B 31 4.00 -13.58 -0.42
C LEU B 31 5.23 -14.48 -0.44
N SER B 32 4.99 -15.78 -0.35
CA SER B 32 6.06 -16.78 -0.34
C SER B 32 6.94 -16.68 -1.59
N THR B 33 6.35 -16.23 -2.70
CA THR B 33 7.11 -16.09 -3.94
C THR B 33 8.01 -14.86 -3.86
N VAL B 34 7.54 -13.85 -3.18
CA VAL B 34 8.30 -12.62 -2.99
C VAL B 34 9.44 -12.87 -2.00
N THR B 35 9.12 -13.49 -0.88
CA THR B 35 10.10 -13.80 0.15
C THR B 35 11.08 -14.86 -0.32
N ALA B 36 10.71 -15.57 -1.37
CA ALA B 36 11.57 -16.58 -1.97
C ALA B 36 12.81 -15.93 -2.60
N GLN B 37 12.69 -14.66 -2.91
CA GLN B 37 13.79 -13.93 -3.51
C GLN B 37 14.32 -12.92 -2.50
N PHE B 38 13.41 -12.18 -1.90
CA PHE B 38 13.79 -11.19 -0.91
C PHE B 38 13.84 -11.83 0.46
N PRO B 39 14.88 -11.54 1.24
CA PRO B 39 15.06 -12.14 2.57
C PRO B 39 14.05 -11.62 3.62
N GLY B 40 12.76 -11.70 3.31
CA GLY B 40 11.76 -11.34 4.29
C GLY B 40 10.96 -10.11 3.93
N ALA B 41 11.13 -9.64 2.72
CA ALA B 41 10.39 -8.47 2.26
C ALA B 41 8.92 -8.78 2.06
N CYS B 42 8.10 -7.76 2.21
CA CYS B 42 6.66 -7.91 2.00
C CYS B 42 6.11 -6.65 1.39
N GLY B 43 5.04 -6.77 0.61
CA GLY B 43 4.46 -5.61 -0.05
C GLY B 43 5.38 -4.99 -1.11
N LEU B 44 4.80 -4.19 -1.98
CA LEU B 44 5.56 -3.51 -3.03
C LEU B 44 5.05 -2.07 -3.17
N ARG B 45 5.88 -1.19 -3.70
CA ARG B 45 5.49 0.18 -3.94
C ARG B 45 6.40 0.84 -4.99
N TYR B 46 5.96 1.96 -5.51
CA TYR B 46 6.71 2.69 -6.51
C TYR B 46 6.31 4.15 -6.45
N ARG B 47 7.05 5.01 -7.12
CA ARG B 47 6.72 6.42 -7.10
C ARG B 47 5.71 6.75 -8.19
N ASN B 48 4.57 7.25 -7.78
CA ASN B 48 3.54 7.66 -8.71
C ASN B 48 3.82 9.07 -9.17
N PRO B 49 4.23 9.25 -10.44
CA PRO B 49 4.57 10.57 -10.96
C PRO B 49 3.36 11.49 -11.02
N VAL B 50 2.19 10.90 -10.99
CA VAL B 50 0.96 11.65 -11.01
C VAL B 50 0.78 12.47 -9.72
N SER B 51 0.91 11.81 -8.58
CA SER B 51 0.71 12.46 -7.30
C SER B 51 2.04 12.84 -6.62
N GLN B 52 3.15 12.34 -7.18
CA GLN B 52 4.47 12.53 -6.58
C GLN B 52 4.51 11.90 -5.20
N CYS B 53 3.83 10.77 -5.08
CA CYS B 53 3.73 10.03 -3.85
C CYS B 53 4.15 8.60 -4.10
N MET B 54 4.57 7.92 -3.07
CA MET B 54 4.96 6.53 -3.21
C MET B 54 3.72 5.66 -3.15
N ARG B 55 3.34 5.12 -4.28
CA ARG B 55 2.15 4.31 -4.38
C ARG B 55 2.46 2.84 -4.08
N GLY B 56 1.87 2.33 -3.04
CA GLY B 56 2.02 0.93 -2.69
C GLY B 56 1.03 0.05 -3.42
N VAL B 57 1.10 -1.25 -3.17
CA VAL B 57 0.20 -2.20 -3.80
C VAL B 57 -0.72 -2.85 -2.76
N ARG B 58 -1.93 -3.22 -3.19
CA ARG B 58 -2.92 -3.80 -2.30
C ARG B 58 -2.47 -5.18 -1.80
N LEU B 59 -2.57 -5.40 -0.51
CA LEU B 59 -2.14 -6.66 0.11
C LEU B 59 -3.26 -7.27 0.91
N VAL B 60 -3.39 -8.58 0.83
CA VAL B 60 -4.41 -9.28 1.59
C VAL B 60 -3.89 -10.65 2.04
N GLU B 61 -3.59 -10.75 3.33
CA GLU B 61 -3.16 -12.01 3.95
C GLU B 61 -1.91 -12.58 3.28
N GLY B 62 -1.06 -11.72 2.77
CA GLY B 62 0.14 -12.17 2.10
C GLY B 62 -0.01 -12.25 0.60
N ILE B 63 -1.22 -12.13 0.13
CA ILE B 63 -1.48 -12.18 -1.29
C ILE B 63 -1.57 -10.77 -1.84
N LEU B 64 -0.66 -10.45 -2.72
CA LEU B 64 -0.64 -9.15 -3.31
C LEU B 64 -1.65 -9.06 -4.43
N HIS B 65 -2.46 -8.04 -4.38
CA HIS B 65 -3.46 -7.81 -5.38
C HIS B 65 -3.10 -6.61 -6.20
N ALA B 66 -2.83 -6.85 -7.45
CA ALA B 66 -2.50 -5.79 -8.38
C ALA B 66 -3.63 -4.75 -8.42
N PRO B 67 -3.27 -3.48 -8.65
CA PRO B 67 -4.25 -2.41 -8.72
C PRO B 67 -5.14 -2.53 -9.95
N ASP B 68 -5.80 -1.47 -10.28
CA ASP B 68 -6.71 -1.45 -11.41
C ASP B 68 -5.98 -1.69 -12.73
N ALA B 69 -4.75 -1.23 -12.80
CA ALA B 69 -3.98 -1.36 -14.03
C ALA B 69 -3.25 -2.70 -14.13
N GLY B 70 -2.82 -3.24 -13.00
CA GLY B 70 -2.10 -4.51 -13.02
C GLY B 70 -0.71 -4.39 -12.43
N TRP B 71 0.15 -5.37 -12.70
CA TRP B 71 1.52 -5.37 -12.17
C TRP B 71 2.46 -4.49 -13.00
N GLY B 72 2.19 -4.40 -14.29
CA GLY B 72 3.10 -3.72 -15.21
C GLY B 72 3.35 -2.24 -14.91
N ASN B 73 2.48 -1.63 -14.13
CA ASN B 73 2.63 -0.21 -13.82
C ASN B 73 3.23 0.03 -12.44
N LEU B 74 3.44 -1.04 -11.68
CA LEU B 74 3.93 -0.89 -10.31
C LEU B 74 5.33 -1.47 -10.14
N VAL B 75 5.81 -2.13 -11.18
CA VAL B 75 7.10 -2.78 -11.13
C VAL B 75 8.24 -1.79 -10.85
N TYR B 76 8.73 -1.78 -9.61
CA TYR B 76 9.82 -0.89 -9.23
C TYR B 76 10.46 -1.28 -7.90
N VAL B 77 9.84 -0.89 -6.78
CA VAL B 77 10.45 -1.11 -5.46
C VAL B 77 9.64 -2.09 -4.60
N VAL B 78 10.34 -2.89 -3.82
CA VAL B 78 9.71 -3.80 -2.89
C VAL B 78 9.76 -3.21 -1.48
N ASN B 79 8.82 -3.58 -0.65
CA ASN B 79 8.77 -3.09 0.71
C ASN B 79 9.45 -4.06 1.67
N TYR B 80 10.01 -3.51 2.72
CA TYR B 80 10.67 -4.31 3.74
C TYR B 80 10.16 -3.94 5.12
N PRO B 81 9.47 -4.85 5.80
CA PRO B 81 8.98 -4.62 7.12
C PRO B 81 9.99 -5.07 8.19
N LYS B 82 9.73 -4.68 9.43
CA LYS B 82 10.56 -5.11 10.54
C LYS B 82 10.04 -6.41 11.11
N ASP B 83 8.82 -6.73 10.70
CA ASP B 83 8.16 -7.97 11.10
C ASP B 83 8.89 -9.19 10.54
N MET A 4 -14.65 0.09 -9.55
CA MET A 4 -13.45 0.93 -9.41
C MET A 4 -12.96 0.98 -8.00
N SER A 5 -11.66 0.89 -7.82
CA SER A 5 -11.05 0.95 -6.52
C SER A 5 -10.69 2.40 -6.22
N GLU A 6 -11.23 2.93 -5.14
CA GLU A 6 -10.94 4.28 -4.76
C GLU A 6 -9.54 4.38 -4.18
N TYR A 7 -8.94 5.53 -4.31
CA TYR A 7 -7.61 5.75 -3.80
C TYR A 7 -7.63 6.66 -2.61
N ILE A 8 -6.85 6.32 -1.64
CA ILE A 8 -6.72 7.11 -0.44
C ILE A 8 -5.28 7.58 -0.35
N ARG A 9 -5.07 8.76 0.15
CA ARG A 9 -3.73 9.29 0.24
C ARG A 9 -3.28 9.49 1.66
N VAL A 10 -2.52 8.53 2.16
CA VAL A 10 -1.99 8.56 3.50
C VAL A 10 -0.56 9.05 3.50
N THR A 11 -0.03 9.27 4.66
CA THR A 11 1.34 9.64 4.80
C THR A 11 1.88 9.02 6.06
N GLU A 12 3.02 8.37 5.96
CA GLU A 12 3.66 7.77 7.10
C GLU A 12 4.21 8.84 8.02
N ASP A 13 5.11 9.64 7.51
CA ASP A 13 5.60 10.78 8.26
C ASP A 13 5.61 12.00 7.37
N GLU A 14 5.41 13.15 7.96
CA GLU A 14 5.31 14.40 7.24
C GLU A 14 6.61 14.77 6.50
N ASN A 15 7.75 14.28 6.99
CA ASN A 15 9.02 14.62 6.33
C ASN A 15 9.30 13.72 5.14
N ASP A 16 8.49 12.70 4.96
CA ASP A 16 8.67 11.78 3.84
C ASP A 16 7.64 12.02 2.77
N GLU A 17 7.69 11.21 1.73
CA GLU A 17 6.75 11.31 0.63
C GLU A 17 5.40 10.75 1.00
N PRO A 18 4.35 11.30 0.40
CA PRO A 18 2.98 10.84 0.61
C PRO A 18 2.79 9.45 0.02
N ILE A 19 1.85 8.72 0.54
CA ILE A 19 1.60 7.36 0.07
C ILE A 19 0.13 7.17 -0.30
N GLU A 20 -0.14 6.55 -1.42
CA GLU A 20 -1.50 6.31 -1.81
C GLU A 20 -1.85 4.84 -1.60
N ILE A 21 -2.94 4.60 -0.91
CA ILE A 21 -3.38 3.26 -0.64
C ILE A 21 -4.59 2.93 -1.50
N PRO A 22 -4.47 1.94 -2.36
CA PRO A 22 -5.58 1.51 -3.19
C PRO A 22 -6.61 0.74 -2.36
N SER A 23 -7.78 1.31 -2.21
CA SER A 23 -8.81 0.66 -1.43
C SER A 23 -9.42 -0.48 -2.23
N GLU A 24 -10.19 -1.31 -1.57
CA GLU A 24 -10.85 -2.39 -2.23
C GLU A 24 -12.02 -1.81 -3.03
N ASP A 25 -12.45 -2.52 -4.05
CA ASP A 25 -13.52 -2.04 -4.94
C ASP A 25 -14.78 -1.69 -4.15
N ASP A 26 -14.93 -2.31 -2.99
CA ASP A 26 -16.08 -2.06 -2.12
C ASP A 26 -16.04 -0.67 -1.48
N GLY A 27 -14.87 -0.04 -1.49
CA GLY A 27 -14.74 1.29 -0.92
C GLY A 27 -14.15 1.28 0.49
N THR A 28 -13.58 0.14 0.87
CA THR A 28 -12.97 -0.01 2.17
C THR A 28 -11.48 -0.30 2.02
N VAL A 29 -10.70 -0.02 3.05
CA VAL A 29 -9.26 -0.26 3.00
C VAL A 29 -8.87 -1.42 3.88
N LEU A 30 -8.10 -2.34 3.30
CA LEU A 30 -7.61 -3.49 4.04
C LEU A 30 -6.28 -3.15 4.70
N LEU A 31 -6.23 -3.33 6.01
CA LEU A 31 -5.05 -3.02 6.83
C LEU A 31 -3.79 -3.73 6.30
N SER A 32 -3.97 -4.86 5.66
CA SER A 32 -2.85 -5.60 5.10
C SER A 32 -2.07 -4.75 4.09
N THR A 33 -2.80 -4.04 3.24
CA THR A 33 -2.21 -3.15 2.24
C THR A 33 -1.41 -2.03 2.94
N VAL A 34 -1.88 -1.67 4.12
CA VAL A 34 -1.23 -0.64 4.92
C VAL A 34 0.05 -1.19 5.55
N THR A 35 -0.08 -2.34 6.21
CA THR A 35 1.06 -2.97 6.90
C THR A 35 2.14 -3.40 5.92
N ALA A 36 1.75 -3.62 4.67
CA ALA A 36 2.68 -4.00 3.61
C ALA A 36 3.76 -2.94 3.45
N GLN A 37 3.33 -1.69 3.42
CA GLN A 37 4.23 -0.58 3.25
C GLN A 37 4.66 -0.03 4.59
N PHE A 38 3.78 -0.10 5.58
CA PHE A 38 4.06 0.40 6.91
C PHE A 38 4.06 -0.76 7.90
N PRO A 39 5.22 -1.41 8.09
CA PRO A 39 5.33 -2.56 8.98
C PRO A 39 5.29 -2.18 10.45
N GLY A 40 4.33 -2.73 11.15
CA GLY A 40 4.20 -2.44 12.57
C GLY A 40 3.13 -1.41 12.81
N ALA A 41 2.85 -0.61 11.80
CA ALA A 41 1.87 0.44 11.91
C ALA A 41 0.47 -0.10 11.65
N CYS A 42 -0.51 0.57 12.21
CA CYS A 42 -1.89 0.23 12.02
C CYS A 42 -2.76 1.36 12.50
N GLY A 43 -3.93 1.50 11.90
CA GLY A 43 -4.79 2.61 12.23
C GLY A 43 -4.57 3.77 11.28
N LEU A 44 -5.43 4.76 11.30
CA LEU A 44 -5.32 5.87 10.39
C LEU A 44 -5.96 7.10 10.99
N ARG A 45 -5.31 8.24 10.83
CA ARG A 45 -5.82 9.48 11.34
C ARG A 45 -5.88 10.52 10.24
N TYR A 46 -6.83 11.41 10.34
CA TYR A 46 -7.01 12.46 9.39
C TYR A 46 -7.62 13.65 10.08
N ARG A 47 -7.81 14.73 9.37
CA ARG A 47 -8.43 15.88 9.94
C ARG A 47 -9.78 16.13 9.30
N ASN A 48 -10.78 16.31 10.12
CA ASN A 48 -12.11 16.61 9.61
C ASN A 48 -12.27 18.12 9.35
N PRO A 49 -12.67 18.48 8.12
CA PRO A 49 -12.84 19.88 7.72
C PRO A 49 -13.90 20.64 8.54
N VAL A 50 -14.71 19.91 9.29
CA VAL A 50 -15.75 20.55 10.08
C VAL A 50 -15.20 21.35 11.27
N GLU A 51 -14.31 20.74 12.06
CA GLU A 51 -13.79 21.41 13.25
C GLU A 51 -12.27 21.54 13.23
N GLN A 52 -11.66 21.17 12.10
CA GLN A 52 -10.19 21.27 11.90
C GLN A 52 -9.40 20.41 12.89
N CYS A 53 -10.08 19.49 13.53
CA CYS A 53 -9.43 18.62 14.51
C CYS A 53 -9.14 17.26 13.87
N MET A 54 -8.22 16.52 14.46
CA MET A 54 -7.87 15.22 13.95
C MET A 54 -8.83 14.16 14.46
N ARG A 55 -8.99 13.12 13.66
CA ARG A 55 -9.88 12.03 13.96
C ARG A 55 -9.34 10.75 13.33
N GLY A 56 -9.73 9.62 13.86
CA GLY A 56 -9.29 8.37 13.31
C GLY A 56 -10.35 7.73 12.46
N VAL A 57 -9.95 7.02 11.42
CA VAL A 57 -10.89 6.34 10.55
C VAL A 57 -11.45 5.08 11.21
N ARG A 58 -12.72 4.82 10.98
CA ARG A 58 -13.37 3.64 11.52
C ARG A 58 -12.75 2.39 10.96
N LEU A 59 -12.33 1.50 11.81
CA LEU A 59 -11.74 0.27 11.38
C LEU A 59 -12.36 -0.90 12.12
N VAL A 60 -12.56 -2.00 11.42
CA VAL A 60 -13.16 -3.16 12.02
C VAL A 60 -12.55 -4.44 11.45
N GLU A 61 -11.82 -5.15 12.31
CA GLU A 61 -11.19 -6.42 11.95
C GLU A 61 -10.22 -6.25 10.78
N GLY A 62 -9.61 -5.08 10.69
CA GLY A 62 -8.65 -4.83 9.64
C GLY A 62 -9.20 -4.02 8.51
N ILE A 63 -10.51 -3.93 8.41
CA ILE A 63 -11.13 -3.20 7.33
C ILE A 63 -11.49 -1.80 7.77
N LEU A 64 -10.89 -0.81 7.15
CA LEU A 64 -11.19 0.56 7.46
C LEU A 64 -12.34 1.03 6.58
N HIS A 65 -13.29 1.67 7.20
CA HIS A 65 -14.46 2.18 6.52
C HIS A 65 -14.29 3.65 6.21
N ALA A 66 -14.54 4.00 4.95
CA ALA A 66 -14.41 5.39 4.52
C ALA A 66 -15.31 6.33 5.31
N PRO A 67 -14.90 7.59 5.45
CA PRO A 67 -15.68 8.63 6.14
C PRO A 67 -16.96 9.00 5.35
N ASP A 68 -17.47 10.20 5.59
CA ASP A 68 -18.74 10.64 5.00
C ASP A 68 -18.73 10.57 3.48
N ALA A 69 -17.80 11.27 2.87
CA ALA A 69 -17.73 11.33 1.42
C ALA A 69 -17.04 10.10 0.86
N GLY A 70 -15.92 9.74 1.45
CA GLY A 70 -15.16 8.62 0.98
C GLY A 70 -13.70 8.79 1.28
N TRP A 71 -12.85 8.05 0.59
CA TRP A 71 -11.41 8.18 0.81
C TRP A 71 -10.84 9.34 0.01
N GLY A 72 -11.06 9.30 -1.30
CA GLY A 72 -10.53 10.34 -2.17
C GLY A 72 -11.20 11.69 -2.00
N ASN A 73 -10.73 12.44 -1.01
CA ASN A 73 -11.27 13.79 -0.71
C ASN A 73 -10.45 14.50 0.36
N LEU A 74 -9.86 13.72 1.26
CA LEU A 74 -9.08 14.29 2.35
C LEU A 74 -7.71 13.66 2.42
N VAL A 75 -6.83 14.24 3.22
CA VAL A 75 -5.50 13.71 3.43
C VAL A 75 -5.52 12.75 4.61
N TYR A 76 -4.71 11.72 4.54
CA TYR A 76 -4.70 10.70 5.55
C TYR A 76 -3.29 10.48 6.11
N VAL A 77 -3.22 9.96 7.32
CA VAL A 77 -1.97 9.64 7.97
C VAL A 77 -2.07 8.26 8.61
N VAL A 78 -1.06 7.43 8.41
CA VAL A 78 -1.06 6.10 9.00
C VAL A 78 -0.60 6.19 10.44
N ASN A 79 -1.21 5.41 11.29
CA ASN A 79 -0.87 5.43 12.68
C ASN A 79 0.37 4.62 12.97
N TYR A 80 1.43 5.30 13.33
CA TYR A 80 2.68 4.65 13.68
C TYR A 80 2.89 4.64 15.18
N PRO A 81 3.10 3.44 15.74
CA PRO A 81 3.38 3.28 17.16
C PRO A 81 4.83 3.62 17.49
N LYS A 82 5.22 3.41 18.73
CA LYS A 82 6.57 3.70 19.18
C LYS A 82 7.28 2.44 19.64
N ASP A 83 6.53 1.37 19.80
CA ASP A 83 7.09 0.11 20.26
C ASP A 83 6.56 -1.05 19.44
N MET B 4 5.78 -20.07 -13.79
CA MET B 4 5.93 -18.77 -14.48
C MET B 4 4.66 -18.38 -15.18
N SER B 5 4.03 -17.34 -14.70
CA SER B 5 2.81 -16.84 -15.29
C SER B 5 2.97 -15.38 -15.71
N GLU B 6 3.25 -14.52 -14.74
CA GLU B 6 3.42 -13.11 -15.02
C GLU B 6 4.57 -12.55 -14.19
N ARG B 7 5.76 -12.58 -14.76
CA ARG B 7 6.93 -12.03 -14.10
C ARG B 7 6.74 -10.53 -13.78
N ILE B 8 7.38 -10.05 -12.74
CA ILE B 8 7.27 -8.65 -12.36
C ILE B 8 8.62 -8.09 -11.94
N ARG B 9 8.97 -6.94 -12.49
CA ARG B 9 10.22 -6.27 -12.14
C ARG B 9 10.08 -5.48 -10.85
N VAL B 10 11.05 -5.62 -9.97
CA VAL B 10 11.03 -4.92 -8.71
C VAL B 10 12.40 -4.99 -8.05
N THR B 11 12.69 -4.02 -7.21
CA THR B 11 13.94 -3.99 -6.49
C THR B 11 13.86 -2.96 -5.37
N GLU B 12 14.96 -2.75 -4.69
CA GLU B 12 15.03 -1.78 -3.62
C GLU B 12 15.97 -0.67 -4.02
N ASP B 13 16.89 -1.00 -4.90
CA ASP B 13 17.89 -0.07 -5.35
C ASP B 13 17.85 0.04 -6.87
N GLU B 14 17.47 1.20 -7.34
CA GLU B 14 17.32 1.50 -8.76
C GLU B 14 18.59 1.25 -9.58
N ASN B 15 19.75 1.58 -9.00
CA ASN B 15 21.00 1.42 -9.75
C ASN B 15 21.52 -0.01 -9.68
N ASP B 16 20.82 -0.84 -8.92
CA ASP B 16 21.14 -2.27 -8.83
C ASP B 16 20.35 -3.00 -9.91
N GLU B 17 20.04 -4.26 -9.69
CA GLU B 17 19.30 -5.02 -10.65
C GLU B 17 17.83 -5.14 -10.26
N PRO B 18 16.93 -4.88 -11.21
CA PRO B 18 15.51 -5.06 -11.01
C PRO B 18 15.14 -6.53 -11.17
N ILE B 19 14.96 -7.20 -10.08
CA ILE B 19 14.68 -8.63 -10.11
C ILE B 19 13.24 -8.88 -10.56
N GLU B 20 12.94 -10.13 -10.83
CA GLU B 20 11.63 -10.48 -11.31
C GLU B 20 11.02 -11.60 -10.52
N ILE B 21 9.77 -11.44 -10.19
CA ILE B 21 9.05 -12.44 -9.44
C ILE B 21 7.90 -12.97 -10.27
N PRO B 22 7.77 -14.30 -10.39
CA PRO B 22 6.66 -14.91 -11.11
C PRO B 22 5.33 -14.72 -10.39
N SER B 23 4.51 -13.85 -10.92
CA SER B 23 3.20 -13.64 -10.38
C SER B 23 2.24 -14.56 -11.10
N GLU B 24 1.01 -14.57 -10.67
CA GLU B 24 0.01 -15.38 -11.30
C GLU B 24 -0.63 -14.55 -12.40
N ASP B 25 -1.07 -15.22 -13.47
CA ASP B 25 -1.67 -14.52 -14.61
C ASP B 25 -2.98 -13.85 -14.21
N ASP B 26 -3.50 -14.23 -13.06
CA ASP B 26 -4.73 -13.65 -12.55
C ASP B 26 -4.49 -12.23 -12.01
N GLY B 27 -3.22 -11.93 -11.75
CA GLY B 27 -2.88 -10.64 -11.21
C GLY B 27 -2.62 -10.70 -9.71
N THR B 28 -2.20 -11.86 -9.26
CA THR B 28 -1.91 -12.06 -7.85
C THR B 28 -0.48 -12.56 -7.64
N VAL B 29 0.12 -12.15 -6.54
CA VAL B 29 1.46 -12.60 -6.19
C VAL B 29 1.45 -13.20 -4.79
N LEU B 30 2.28 -14.19 -4.59
CA LEU B 30 2.38 -14.83 -3.29
C LEU B 30 3.54 -14.25 -2.51
N LEU B 31 3.31 -14.02 -1.22
CA LEU B 31 4.34 -13.48 -0.33
C LEU B 31 5.61 -14.32 -0.37
N SER B 32 5.43 -15.65 -0.33
CA SER B 32 6.56 -16.58 -0.35
C SER B 32 7.41 -16.41 -1.62
N THR B 33 6.78 -16.02 -2.71
CA THR B 33 7.51 -15.84 -3.96
C THR B 33 8.38 -14.59 -3.87
N VAL B 34 7.87 -13.59 -3.18
CA VAL B 34 8.58 -12.34 -2.98
C VAL B 34 9.76 -12.55 -2.04
N THR B 35 9.48 -13.18 -0.91
CA THR B 35 10.47 -13.45 0.10
C THR B 35 11.48 -14.50 -0.37
N ALA B 36 11.12 -15.22 -1.42
CA ALA B 36 12.00 -16.20 -2.01
C ALA B 36 13.22 -15.52 -2.63
N GLN B 37 13.05 -14.27 -3.04
CA GLN B 37 14.12 -13.52 -3.65
C GLN B 37 14.64 -12.46 -2.68
N PHE B 38 13.72 -11.76 -2.05
CA PHE B 38 14.08 -10.73 -1.10
C PHE B 38 14.21 -11.32 0.29
N PRO B 39 15.14 -10.79 1.09
CA PRO B 39 15.38 -11.29 2.46
C PRO B 39 14.24 -10.96 3.45
N GLY B 40 13.00 -11.23 3.07
CA GLY B 40 11.89 -11.03 3.99
C GLY B 40 11.00 -9.88 3.60
N ALA B 41 11.22 -9.33 2.42
CA ALA B 41 10.45 -8.20 1.96
C ALA B 41 8.98 -8.57 1.76
N CYS B 42 8.10 -7.65 2.09
CA CYS B 42 6.67 -7.87 1.93
C CYS B 42 6.04 -6.62 1.34
N GLY B 43 4.97 -6.77 0.58
CA GLY B 43 4.34 -5.62 -0.04
C GLY B 43 5.16 -5.02 -1.17
N LEU B 44 4.54 -4.17 -1.97
CA LEU B 44 5.20 -3.50 -3.09
C LEU B 44 4.64 -2.10 -3.25
N ARG B 45 5.48 -1.15 -3.66
CA ARG B 45 5.00 0.19 -3.92
C ARG B 45 5.88 0.93 -4.93
N TYR B 46 5.31 1.91 -5.57
CA TYR B 46 5.99 2.66 -6.60
C TYR B 46 5.68 4.13 -6.50
N ARG B 47 6.61 4.96 -6.93
CA ARG B 47 6.44 6.39 -6.86
C ARG B 47 5.59 6.88 -8.01
N ASN B 48 4.37 7.21 -7.69
CA ASN B 48 3.40 7.71 -8.67
C ASN B 48 3.81 9.11 -9.11
N PRO B 49 4.05 9.31 -10.41
CA PRO B 49 4.52 10.60 -10.96
C PRO B 49 3.48 11.71 -10.85
N VAL B 50 2.30 11.38 -10.33
CA VAL B 50 1.24 12.36 -10.15
C VAL B 50 1.56 13.31 -8.99
N SER B 51 1.84 12.75 -7.82
CA SER B 51 2.14 13.57 -6.65
C SER B 51 3.49 13.16 -6.02
N GLN B 52 4.24 12.31 -6.74
CA GLN B 52 5.53 11.78 -6.26
C GLN B 52 5.32 10.89 -5.04
N CYS B 53 4.12 10.37 -4.93
CA CYS B 53 3.71 9.53 -3.82
C CYS B 53 4.05 8.08 -4.08
N MET B 54 4.67 7.43 -3.11
CA MET B 54 5.02 6.04 -3.27
C MET B 54 3.86 5.15 -2.90
N ARG B 55 2.96 4.96 -3.85
CA ARG B 55 1.76 4.19 -3.61
C ARG B 55 2.00 2.70 -3.71
N GLY B 56 1.34 1.95 -2.85
CA GLY B 56 1.53 0.53 -2.80
C GLY B 56 0.45 -0.27 -3.48
N VAL B 57 0.57 -1.58 -3.35
CA VAL B 57 -0.36 -2.51 -3.96
C VAL B 57 -1.22 -3.22 -2.90
N ARG B 58 -2.43 -3.61 -3.30
CA ARG B 58 -3.37 -4.29 -2.40
C ARG B 58 -2.77 -5.58 -1.85
N LEU B 59 -2.97 -5.83 -0.56
CA LEU B 59 -2.46 -7.02 0.10
C LEU B 59 -3.55 -7.70 0.89
N VAL B 60 -3.55 -9.03 0.87
CA VAL B 60 -4.50 -9.80 1.66
C VAL B 60 -3.90 -11.15 2.05
N GLU B 61 -3.63 -11.31 3.35
CA GLU B 61 -3.09 -12.56 3.91
C GLU B 61 -1.79 -13.00 3.23
N GLY B 62 -1.00 -12.04 2.76
CA GLY B 62 0.25 -12.37 2.11
C GLY B 62 0.13 -12.44 0.61
N ILE B 63 -1.08 -12.34 0.11
CA ILE B 63 -1.32 -12.39 -1.31
C ILE B 63 -1.52 -10.98 -1.84
N LEU B 64 -0.61 -10.56 -2.68
CA LEU B 64 -0.67 -9.24 -3.27
C LEU B 64 -1.61 -9.24 -4.44
N HIS B 65 -2.49 -8.27 -4.46
CA HIS B 65 -3.47 -8.12 -5.52
C HIS B 65 -3.16 -6.92 -6.37
N ALA B 66 -2.78 -7.18 -7.60
CA ALA B 66 -2.51 -6.11 -8.55
C ALA B 66 -3.75 -5.27 -8.77
N PRO B 67 -3.57 -3.98 -9.10
CA PRO B 67 -4.68 -3.11 -9.40
C PRO B 67 -5.34 -3.47 -10.72
N ASP B 68 -6.30 -2.68 -11.11
CA ASP B 68 -7.02 -2.87 -12.37
C ASP B 68 -6.04 -2.85 -13.54
N ALA B 69 -4.96 -2.12 -13.38
CA ALA B 69 -3.96 -1.96 -14.41
C ALA B 69 -2.89 -3.08 -14.36
N GLY B 70 -3.03 -3.98 -13.41
CA GLY B 70 -2.11 -5.11 -13.31
C GLY B 70 -0.79 -4.74 -12.65
N TRP B 71 0.19 -5.62 -12.80
CA TRP B 71 1.51 -5.42 -12.22
C TRP B 71 2.39 -4.52 -13.10
N GLY B 72 2.04 -4.43 -14.37
CA GLY B 72 2.86 -3.72 -15.35
C GLY B 72 3.02 -2.22 -15.09
N ASN B 73 2.26 -1.68 -14.15
CA ASN B 73 2.34 -0.24 -13.89
C ASN B 73 2.89 0.04 -12.49
N LEU B 74 3.15 -1.01 -11.73
CA LEU B 74 3.60 -0.85 -10.35
C LEU B 74 5.03 -1.33 -10.15
N VAL B 75 5.62 -1.83 -11.22
CA VAL B 75 6.98 -2.36 -11.15
C VAL B 75 8.00 -1.27 -10.79
N TYR B 76 8.48 -1.29 -9.56
CA TYR B 76 9.46 -0.31 -9.11
C TYR B 76 10.18 -0.75 -7.83
N VAL B 77 9.58 -0.47 -6.66
CA VAL B 77 10.25 -0.75 -5.40
C VAL B 77 9.48 -1.74 -4.53
N VAL B 78 10.21 -2.60 -3.85
CA VAL B 78 9.63 -3.55 -2.94
C VAL B 78 9.64 -3.00 -1.51
N ASN B 79 8.64 -3.37 -0.74
CA ASN B 79 8.54 -2.91 0.64
C ASN B 79 9.27 -3.86 1.58
N TYR B 80 9.84 -3.31 2.63
CA TYR B 80 10.57 -4.10 3.61
C TYR B 80 10.03 -3.90 5.01
N PRO B 81 9.67 -5.00 5.71
CA PRO B 81 9.18 -4.93 7.07
C PRO B 81 10.30 -4.63 8.05
N LYS B 82 9.93 -4.07 9.19
CA LYS B 82 10.90 -3.71 10.22
C LYS B 82 11.32 -4.92 11.02
N ASP B 83 10.50 -5.96 10.96
CA ASP B 83 10.76 -7.19 11.68
C ASP B 83 11.55 -8.15 10.83
N MET A 4 -12.36 -0.07 -11.55
CA MET A 4 -12.22 1.12 -10.69
C MET A 4 -12.23 0.73 -9.22
N SER A 5 -11.18 1.09 -8.52
CA SER A 5 -11.08 0.80 -7.10
C SER A 5 -10.89 2.10 -6.33
N GLU A 6 -11.22 2.08 -5.05
CA GLU A 6 -11.07 3.24 -4.21
C GLU A 6 -9.58 3.53 -3.97
N TYR A 7 -9.22 4.79 -4.04
CA TYR A 7 -7.84 5.18 -3.85
C TYR A 7 -7.72 6.22 -2.76
N ILE A 8 -6.70 6.08 -1.92
CA ILE A 8 -6.50 7.00 -0.82
C ILE A 8 -5.06 7.50 -0.80
N ARG A 9 -4.85 8.63 -0.17
CA ARG A 9 -3.52 9.21 -0.03
C ARG A 9 -3.13 9.35 1.44
N VAL A 10 -2.36 8.39 1.94
CA VAL A 10 -1.89 8.40 3.31
C VAL A 10 -0.50 8.99 3.39
N THR A 11 -0.02 9.20 4.59
CA THR A 11 1.31 9.71 4.79
C THR A 11 1.84 9.22 6.15
N GLU A 12 3.06 8.69 6.15
CA GLU A 12 3.67 8.27 7.39
C GLU A 12 4.35 9.45 8.07
N ASP A 13 5.12 10.21 7.31
CA ASP A 13 5.75 11.41 7.80
C ASP A 13 5.50 12.53 6.83
N GLU A 14 5.00 13.64 7.34
CA GLU A 14 4.62 14.77 6.52
C GLU A 14 5.83 15.47 5.89
N ASN A 15 7.03 15.15 6.35
CA ASN A 15 8.22 15.81 5.82
C ASN A 15 8.75 15.06 4.61
N ASP A 16 8.25 13.87 4.40
CA ASP A 16 8.67 13.06 3.26
C ASP A 16 7.52 12.87 2.30
N GLU A 17 7.76 12.11 1.25
CA GLU A 17 6.75 11.88 0.23
C GLU A 17 5.55 11.15 0.80
N PRO A 18 4.35 11.57 0.40
CA PRO A 18 3.13 10.91 0.81
C PRO A 18 2.99 9.56 0.12
N ILE A 19 2.10 8.76 0.62
CA ILE A 19 1.93 7.41 0.10
C ILE A 19 0.50 7.20 -0.38
N GLU A 20 0.34 6.60 -1.52
CA GLU A 20 -0.98 6.32 -2.04
C GLU A 20 -1.31 4.86 -1.89
N ILE A 21 -2.47 4.56 -1.33
CA ILE A 21 -2.86 3.19 -1.07
C ILE A 21 -4.04 2.79 -1.94
N PRO A 22 -3.89 1.69 -2.71
CA PRO A 22 -4.98 1.14 -3.49
C PRO A 22 -5.90 0.35 -2.58
N SER A 23 -7.05 0.92 -2.28
CA SER A 23 -7.97 0.31 -1.36
C SER A 23 -8.76 -0.80 -2.03
N GLU A 24 -9.63 -1.41 -1.27
CA GLU A 24 -10.42 -2.50 -1.77
C GLU A 24 -11.60 -1.95 -2.56
N ASP A 25 -12.08 -2.74 -3.52
CA ASP A 25 -13.20 -2.33 -4.38
C ASP A 25 -14.48 -2.23 -3.56
N ASP A 26 -14.39 -2.66 -2.31
CA ASP A 26 -15.50 -2.60 -1.37
C ASP A 26 -15.71 -1.16 -0.90
N GLY A 27 -14.69 -0.32 -1.08
CA GLY A 27 -14.77 1.06 -0.64
C GLY A 27 -14.11 1.24 0.70
N THR A 28 -13.43 0.21 1.15
CA THR A 28 -12.73 0.22 2.41
C THR A 28 -11.25 -0.08 2.21
N VAL A 29 -10.45 0.13 3.24
CA VAL A 29 -9.02 -0.13 3.18
C VAL A 29 -8.66 -1.34 4.04
N LEU A 30 -7.83 -2.21 3.49
CA LEU A 30 -7.39 -3.40 4.20
C LEU A 30 -6.07 -3.15 4.91
N LEU A 31 -6.06 -3.38 6.23
CA LEU A 31 -4.88 -3.17 7.08
C LEU A 31 -3.66 -3.91 6.56
N SER A 32 -3.86 -5.04 5.89
CA SER A 32 -2.76 -5.82 5.33
C SER A 32 -1.95 -4.99 4.34
N THR A 33 -2.65 -4.12 3.62
CA THR A 33 -2.01 -3.25 2.66
C THR A 33 -1.21 -2.16 3.38
N VAL A 34 -1.72 -1.76 4.53
CA VAL A 34 -1.09 -0.75 5.36
C VAL A 34 0.18 -1.30 6.02
N THR A 35 0.08 -2.52 6.56
CA THR A 35 1.22 -3.16 7.22
C THR A 35 2.32 -3.50 6.22
N ALA A 36 1.91 -3.72 4.97
CA ALA A 36 2.84 -4.00 3.89
C ALA A 36 3.75 -2.79 3.62
N GLN A 37 3.11 -1.64 3.53
CA GLN A 37 3.80 -0.40 3.26
C GLN A 37 4.42 0.19 4.53
N PHE A 38 3.76 -0.03 5.66
CA PHE A 38 4.21 0.50 6.93
C PHE A 38 4.32 -0.61 7.98
N PRO A 39 5.54 -1.09 8.24
CA PRO A 39 5.77 -2.16 9.20
C PRO A 39 5.60 -1.71 10.64
N GLY A 40 4.81 -2.46 11.41
CA GLY A 40 4.61 -2.14 12.81
C GLY A 40 3.49 -1.15 13.03
N ALA A 41 3.06 -0.50 11.96
CA ALA A 41 2.03 0.50 12.06
C ALA A 41 0.66 -0.10 11.82
N CYS A 42 -0.35 0.56 12.34
CA CYS A 42 -1.72 0.15 12.18
C CYS A 42 -2.63 1.30 12.50
N GLY A 43 -3.78 1.35 11.86
CA GLY A 43 -4.71 2.43 12.09
C GLY A 43 -4.50 3.54 11.08
N LEU A 44 -5.34 4.56 11.12
CA LEU A 44 -5.26 5.65 10.18
C LEU A 44 -5.93 6.88 10.74
N ARG A 45 -5.30 8.02 10.56
CA ARG A 45 -5.85 9.27 11.03
C ARG A 45 -5.91 10.28 9.93
N TYR A 46 -6.82 11.19 10.06
CA TYR A 46 -7.03 12.22 9.08
C TYR A 46 -7.59 13.43 9.78
N ARG A 47 -7.78 14.50 9.07
CA ARG A 47 -8.33 15.68 9.68
C ARG A 47 -9.76 15.87 9.22
N ASN A 48 -10.70 15.67 10.14
CA ASN A 48 -12.10 15.79 9.81
C ASN A 48 -12.49 17.26 9.58
N PRO A 49 -13.14 17.53 8.44
CA PRO A 49 -13.55 18.89 8.06
C PRO A 49 -14.63 19.48 8.96
N VAL A 50 -15.16 18.68 9.86
CA VAL A 50 -16.21 19.15 10.76
C VAL A 50 -15.66 20.00 11.91
N GLU A 51 -14.52 19.58 12.49
CA GLU A 51 -13.96 20.30 13.63
C GLU A 51 -12.49 20.70 13.39
N GLN A 52 -11.96 20.33 12.23
CA GLN A 52 -10.56 20.65 11.85
C GLN A 52 -9.53 19.92 12.71
N CYS A 53 -9.99 18.92 13.45
CA CYS A 53 -9.12 18.17 14.34
C CYS A 53 -8.72 16.83 13.69
N MET A 54 -7.67 16.22 14.21
CA MET A 54 -7.24 14.92 13.74
C MET A 54 -8.09 13.83 14.35
N ARG A 55 -8.60 12.96 13.51
CA ARG A 55 -9.46 11.88 13.94
C ARG A 55 -9.00 10.58 13.32
N GLY A 56 -9.37 9.48 13.92
CA GLY A 56 -9.02 8.19 13.39
C GLY A 56 -10.16 7.58 12.62
N VAL A 57 -9.83 6.90 11.54
CA VAL A 57 -10.83 6.25 10.71
C VAL A 57 -11.43 5.04 11.43
N ARG A 58 -12.73 4.82 11.21
CA ARG A 58 -13.42 3.68 11.77
C ARG A 58 -12.83 2.40 11.27
N LEU A 59 -12.32 1.58 12.16
CA LEU A 59 -11.75 0.34 11.76
C LEU A 59 -12.50 -0.81 12.41
N VAL A 60 -12.50 -1.91 11.73
CA VAL A 60 -13.14 -3.11 12.22
C VAL A 60 -12.57 -4.34 11.51
N GLU A 61 -11.90 -5.18 12.27
CA GLU A 61 -11.31 -6.42 11.76
C GLU A 61 -10.24 -6.13 10.71
N GLY A 62 -9.56 -5.01 10.88
CA GLY A 62 -8.51 -4.63 9.95
C GLY A 62 -9.03 -3.84 8.78
N ILE A 63 -10.33 -3.67 8.71
CA ILE A 63 -10.91 -2.94 7.61
C ILE A 63 -11.24 -1.50 8.03
N LEU A 64 -10.68 -0.56 7.32
CA LEU A 64 -10.93 0.85 7.57
C LEU A 64 -12.13 1.30 6.75
N HIS A 65 -13.08 1.93 7.42
CA HIS A 65 -14.29 2.40 6.77
C HIS A 65 -14.18 3.87 6.41
N ALA A 66 -14.34 4.17 5.12
CA ALA A 66 -14.24 5.53 4.62
C ALA A 66 -15.17 6.49 5.34
N PRO A 67 -14.78 7.77 5.44
CA PRO A 67 -15.61 8.79 6.05
C PRO A 67 -16.83 9.13 5.18
N ASP A 68 -17.54 10.18 5.56
CA ASP A 68 -18.78 10.59 4.88
C ASP A 68 -18.59 10.76 3.37
N ALA A 69 -17.60 11.55 3.00
CA ALA A 69 -17.36 11.84 1.60
C ALA A 69 -16.59 10.71 0.89
N GLY A 70 -16.06 9.79 1.66
CA GLY A 70 -15.29 8.72 1.09
C GLY A 70 -13.80 8.94 1.30
N TRP A 71 -12.96 8.18 0.63
CA TRP A 71 -11.52 8.32 0.81
C TRP A 71 -10.92 9.46 -0.03
N GLY A 72 -11.10 9.37 -1.35
CA GLY A 72 -10.48 10.33 -2.27
C GLY A 72 -11.05 11.73 -2.20
N ASN A 73 -10.65 12.47 -1.15
CA ASN A 73 -11.08 13.85 -0.97
C ASN A 73 -10.35 14.50 0.20
N LEU A 74 -9.91 13.69 1.16
CA LEU A 74 -9.19 14.20 2.32
C LEU A 74 -7.77 13.63 2.37
N VAL A 75 -6.95 14.21 3.23
CA VAL A 75 -5.60 13.73 3.43
C VAL A 75 -5.58 12.67 4.52
N TYR A 76 -4.70 11.70 4.42
CA TYR A 76 -4.66 10.62 5.38
C TYR A 76 -3.26 10.42 5.95
N VAL A 77 -3.21 9.89 7.15
CA VAL A 77 -1.97 9.60 7.85
C VAL A 77 -2.05 8.21 8.47
N VAL A 78 -1.01 7.43 8.32
CA VAL A 78 -1.01 6.09 8.91
C VAL A 78 -0.66 6.19 10.38
N ASN A 79 -1.34 5.43 11.19
CA ASN A 79 -1.11 5.46 12.59
C ASN A 79 0.09 4.66 12.99
N TYR A 80 1.01 5.31 13.67
CA TYR A 80 2.17 4.65 14.18
C TYR A 80 2.10 4.56 15.69
N PRO A 81 2.16 3.33 16.22
CA PRO A 81 2.07 3.08 17.67
C PRO A 81 3.31 3.54 18.41
N LYS A 82 3.51 3.01 19.61
CA LYS A 82 4.67 3.33 20.44
C LYS A 82 5.96 2.86 19.77
N ASP A 83 5.81 1.97 18.79
CA ASP A 83 6.93 1.40 18.07
C ASP A 83 7.49 2.40 17.06
N MET B 4 5.73 -19.77 -14.14
CA MET B 4 5.88 -18.61 -15.01
C MET B 4 4.54 -18.23 -15.63
N SER B 5 4.30 -16.95 -15.73
CA SER B 5 3.07 -16.44 -16.27
C SER B 5 3.30 -15.00 -16.60
N GLU B 6 3.56 -14.26 -15.55
CA GLU B 6 3.93 -12.93 -15.64
C GLU B 6 5.07 -12.76 -14.70
N ARG B 7 5.95 -11.95 -15.05
CA ARG B 7 7.06 -11.63 -14.19
C ARG B 7 6.97 -10.17 -13.79
N ILE B 8 7.47 -9.85 -12.64
CA ILE B 8 7.42 -8.49 -12.18
C ILE B 8 8.78 -8.00 -11.72
N ARG B 9 9.26 -6.95 -12.37
CA ARG B 9 10.55 -6.38 -12.07
C ARG B 9 10.47 -5.42 -10.91
N VAL B 10 11.13 -5.78 -9.83
CA VAL B 10 11.09 -4.99 -8.62
C VAL B 10 12.43 -5.10 -7.89
N THR B 11 12.73 -4.12 -7.06
CA THR B 11 13.97 -4.10 -6.31
C THR B 11 13.86 -3.12 -5.15
N GLU B 12 14.83 -3.12 -4.28
CA GLU B 12 14.87 -2.20 -3.16
C GLU B 12 15.96 -1.18 -3.38
N ASP B 13 16.88 -1.53 -4.25
CA ASP B 13 17.98 -0.65 -4.60
C ASP B 13 18.01 -0.48 -6.11
N GLU B 14 17.65 0.71 -6.54
CA GLU B 14 17.58 1.04 -7.97
C GLU B 14 18.95 1.04 -8.65
N ASN B 15 20.02 1.07 -7.86
CA ASN B 15 21.37 1.12 -8.42
C ASN B 15 21.85 -0.27 -8.77
N ASP B 16 21.29 -1.25 -8.11
CA ASP B 16 21.66 -2.65 -8.35
C ASP B 16 20.76 -3.25 -9.42
N GLU B 17 20.71 -4.56 -9.48
CA GLU B 17 19.90 -5.24 -10.48
C GLU B 17 18.45 -5.38 -10.02
N PRO B 18 17.50 -5.26 -10.95
CA PRO B 18 16.10 -5.49 -10.66
C PRO B 18 15.77 -6.96 -10.77
N ILE B 19 15.13 -7.49 -9.76
CA ILE B 19 14.76 -8.90 -9.79
C ILE B 19 13.36 -9.08 -10.33
N GLU B 20 12.97 -10.32 -10.54
CA GLU B 20 11.67 -10.61 -11.09
C GLU B 20 10.99 -11.71 -10.32
N ILE B 21 9.72 -11.50 -10.06
CA ILE B 21 8.92 -12.48 -9.36
C ILE B 21 7.82 -12.96 -10.27
N PRO B 22 7.65 -14.28 -10.42
CA PRO B 22 6.59 -14.84 -11.25
C PRO B 22 5.21 -14.60 -10.64
N SER B 23 4.48 -13.69 -11.23
CA SER B 23 3.16 -13.37 -10.80
C SER B 23 2.14 -14.29 -11.47
N GLU B 24 0.93 -14.24 -10.97
CA GLU B 24 -0.15 -15.06 -11.50
C GLU B 24 -0.93 -14.22 -12.50
N ASP B 25 -1.36 -14.86 -13.60
CA ASP B 25 -2.06 -14.16 -14.69
C ASP B 25 -3.38 -13.55 -14.25
N ASP B 26 -3.84 -13.93 -13.07
CA ASP B 26 -5.08 -13.40 -12.52
C ASP B 26 -4.86 -12.00 -11.94
N GLY B 27 -3.59 -11.60 -11.86
CA GLY B 27 -3.26 -10.29 -11.31
C GLY B 27 -2.94 -10.39 -9.85
N THR B 28 -2.51 -11.56 -9.43
CA THR B 28 -2.19 -11.82 -8.05
C THR B 28 -0.76 -12.31 -7.87
N VAL B 29 -0.16 -11.97 -6.75
CA VAL B 29 1.16 -12.45 -6.41
C VAL B 29 1.14 -13.00 -4.98
N LEU B 30 1.83 -14.10 -4.79
CA LEU B 30 1.89 -14.72 -3.48
C LEU B 30 3.03 -14.14 -2.67
N LEU B 31 2.77 -13.89 -1.39
CA LEU B 31 3.81 -13.34 -0.50
C LEU B 31 5.02 -14.25 -0.46
N SER B 32 4.76 -15.54 -0.38
CA SER B 32 5.81 -16.54 -0.36
C SER B 32 6.73 -16.41 -1.59
N THR B 33 6.16 -16.08 -2.74
CA THR B 33 6.95 -15.92 -3.96
C THR B 33 7.88 -14.72 -3.84
N VAL B 34 7.39 -13.69 -3.16
CA VAL B 34 8.16 -12.47 -2.94
C VAL B 34 9.31 -12.72 -1.96
N THR B 35 8.96 -13.33 -0.83
CA THR B 35 9.93 -13.62 0.21
C THR B 35 10.89 -14.74 -0.23
N ALA B 36 10.51 -15.45 -1.27
CA ALA B 36 11.34 -16.50 -1.83
C ALA B 36 12.52 -15.88 -2.57
N GLN B 37 12.39 -14.61 -2.90
CA GLN B 37 13.42 -13.89 -3.60
C GLN B 37 14.08 -12.89 -2.66
N PHE B 38 13.25 -12.14 -1.97
CA PHE B 38 13.73 -11.14 -1.03
C PHE B 38 13.90 -11.73 0.35
N PRO B 39 14.92 -11.29 1.09
CA PRO B 39 15.21 -11.80 2.45
C PRO B 39 14.18 -11.35 3.51
N GLY B 40 12.90 -11.44 3.19
CA GLY B 40 11.87 -11.12 4.18
C GLY B 40 11.04 -9.91 3.82
N ALA B 41 11.19 -9.43 2.60
CA ALA B 41 10.43 -8.28 2.13
C ALA B 41 8.96 -8.62 1.97
N CYS B 42 8.12 -7.62 2.12
CA CYS B 42 6.67 -7.80 1.96
C CYS B 42 6.08 -6.54 1.37
N GLY B 43 5.00 -6.68 0.63
CA GLY B 43 4.38 -5.54 -0.02
C GLY B 43 5.26 -4.90 -1.10
N LEU B 44 4.65 -4.10 -1.96
CA LEU B 44 5.38 -3.40 -3.03
C LEU B 44 4.82 -2.00 -3.19
N ARG B 45 5.59 -1.13 -3.82
CA ARG B 45 5.13 0.23 -4.11
C ARG B 45 5.91 0.83 -5.29
N TYR B 46 5.38 1.89 -5.85
CA TYR B 46 6.00 2.56 -6.98
C TYR B 46 5.78 4.05 -6.90
N ARG B 47 6.70 4.80 -7.47
CA ARG B 47 6.60 6.24 -7.47
C ARG B 47 5.61 6.69 -8.54
N ASN B 48 4.54 7.32 -8.10
CA ASN B 48 3.51 7.78 -9.01
C ASN B 48 3.86 9.16 -9.54
N PRO B 49 4.03 9.30 -10.86
CA PRO B 49 4.41 10.57 -11.47
C PRO B 49 3.25 11.57 -11.53
N VAL B 50 2.05 11.07 -11.32
CA VAL B 50 0.86 11.89 -11.33
C VAL B 50 0.72 12.71 -10.05
N SER B 51 0.76 12.04 -8.92
CA SER B 51 0.57 12.69 -7.63
C SER B 51 1.90 12.94 -6.92
N GLN B 52 2.98 12.34 -7.43
CA GLN B 52 4.32 12.48 -6.86
C GLN B 52 4.41 11.78 -5.49
N CYS B 53 3.61 10.75 -5.31
CA CYS B 53 3.57 10.01 -4.08
C CYS B 53 4.04 8.59 -4.34
N MET B 54 4.31 7.86 -3.29
CA MET B 54 4.68 6.47 -3.45
C MET B 54 3.44 5.63 -3.34
N ARG B 55 2.97 5.14 -4.46
CA ARG B 55 1.76 4.36 -4.51
C ARG B 55 2.08 2.90 -4.29
N GLY B 56 1.60 2.36 -3.18
CA GLY B 56 1.82 0.96 -2.86
C GLY B 56 0.89 0.03 -3.61
N VAL B 57 0.91 -1.25 -3.25
CA VAL B 57 0.04 -2.23 -3.86
C VAL B 57 -0.89 -2.85 -2.81
N ARG B 58 -2.08 -3.23 -3.24
CA ARG B 58 -3.08 -3.81 -2.35
C ARG B 58 -2.67 -5.22 -1.89
N LEU B 59 -2.86 -5.49 -0.60
CA LEU B 59 -2.47 -6.77 -0.01
C LEU B 59 -3.60 -7.38 0.77
N VAL B 60 -3.78 -8.67 0.64
CA VAL B 60 -4.78 -9.41 1.39
C VAL B 60 -4.24 -10.79 1.76
N GLU B 61 -4.11 -11.02 3.08
CA GLU B 61 -3.61 -12.30 3.65
C GLU B 61 -2.30 -12.77 2.98
N GLY B 62 -1.48 -11.83 2.53
CA GLY B 62 -0.22 -12.17 1.91
C GLY B 62 -0.30 -12.21 0.40
N ILE B 63 -1.47 -12.15 -0.12
CA ILE B 63 -1.66 -12.16 -1.55
C ILE B 63 -1.75 -10.74 -2.08
N LEU B 64 -0.77 -10.37 -2.87
CA LEU B 64 -0.74 -9.06 -3.47
C LEU B 64 -1.73 -9.00 -4.61
N HIS B 65 -2.57 -8.01 -4.59
CA HIS B 65 -3.56 -7.83 -5.62
C HIS B 65 -3.23 -6.64 -6.47
N ALA B 66 -2.90 -6.90 -7.73
CA ALA B 66 -2.61 -5.86 -8.67
C ALA B 66 -3.80 -4.92 -8.81
N PRO B 67 -3.54 -3.64 -9.05
CA PRO B 67 -4.60 -2.66 -9.24
C PRO B 67 -5.26 -2.80 -10.60
N ASP B 68 -6.05 -1.81 -10.96
CA ASP B 68 -6.77 -1.79 -12.22
C ASP B 68 -5.79 -1.83 -13.40
N ALA B 69 -4.64 -1.21 -13.23
CA ALA B 69 -3.63 -1.15 -14.27
C ALA B 69 -2.81 -2.45 -14.37
N GLY B 70 -2.77 -3.21 -13.30
CA GLY B 70 -2.04 -4.47 -13.31
C GLY B 70 -0.61 -4.34 -12.77
N TRP B 71 0.17 -5.42 -12.89
CA TRP B 71 1.55 -5.45 -12.37
C TRP B 71 2.48 -4.54 -13.18
N GLY B 72 2.17 -4.37 -14.45
CA GLY B 72 3.04 -3.61 -15.35
C GLY B 72 3.13 -2.12 -15.02
N ASN B 73 2.34 -1.67 -14.07
CA ASN B 73 2.35 -0.26 -13.69
C ASN B 73 2.99 -0.07 -12.30
N LEU B 74 3.33 -1.17 -11.66
CA LEU B 74 3.86 -1.11 -10.30
C LEU B 74 5.28 -1.63 -10.20
N VAL B 75 5.84 -2.03 -11.32
CA VAL B 75 7.21 -2.53 -11.36
C VAL B 75 8.21 -1.43 -10.96
N TYR B 76 8.60 -1.43 -9.70
CA TYR B 76 9.50 -0.40 -9.22
C TYR B 76 10.24 -0.83 -7.94
N VAL B 77 9.61 -0.61 -6.77
CA VAL B 77 10.27 -0.85 -5.49
C VAL B 77 9.48 -1.81 -4.61
N VAL B 78 10.19 -2.65 -3.89
CA VAL B 78 9.56 -3.56 -2.94
C VAL B 78 9.61 -2.97 -1.54
N ASN B 79 8.64 -3.33 -0.73
CA ASN B 79 8.56 -2.87 0.63
C ASN B 79 9.32 -3.81 1.55
N TYR B 80 9.94 -3.26 2.56
CA TYR B 80 10.68 -4.04 3.52
C TYR B 80 10.26 -3.74 4.93
N PRO B 81 9.70 -4.71 5.64
CA PRO B 81 9.31 -4.54 7.01
C PRO B 81 10.50 -4.75 7.94
N LYS B 82 10.73 -3.80 8.82
CA LYS B 82 11.82 -3.90 9.77
C LYS B 82 11.47 -4.89 10.88
N ASP B 83 10.20 -5.27 10.91
CA ASP B 83 9.65 -6.23 11.86
C ASP B 83 9.66 -5.66 13.27
N MET A 4 -16.69 2.83 -4.99
CA MET A 4 -16.06 1.62 -5.55
C MET A 4 -14.76 1.97 -6.26
N SER A 5 -13.79 1.03 -6.24
CA SER A 5 -12.48 1.22 -6.90
C SER A 5 -11.78 2.48 -6.42
N GLU A 6 -12.02 2.81 -5.18
CA GLU A 6 -11.48 4.02 -4.58
C GLU A 6 -10.01 3.89 -4.23
N TYR A 7 -9.30 4.96 -4.43
CA TYR A 7 -7.90 5.06 -4.09
C TYR A 7 -7.75 6.16 -3.03
N ILE A 8 -6.94 5.91 -2.03
CA ILE A 8 -6.77 6.88 -0.95
C ILE A 8 -5.34 7.40 -0.94
N ARG A 9 -5.11 8.49 -0.23
CA ARG A 9 -3.78 9.03 -0.14
C ARG A 9 -3.38 9.23 1.32
N VAL A 10 -2.63 8.27 1.83
CA VAL A 10 -2.13 8.29 3.19
C VAL A 10 -0.71 8.78 3.21
N THR A 11 -0.17 9.00 4.37
CA THR A 11 1.20 9.42 4.48
C THR A 11 1.82 8.83 5.74
N GLU A 12 2.99 8.21 5.60
CA GLU A 12 3.69 7.66 6.75
C GLU A 12 4.40 8.78 7.51
N ASP A 13 4.95 9.72 6.78
CA ASP A 13 5.61 10.87 7.37
C ASP A 13 5.03 12.11 6.77
N GLU A 14 4.45 12.96 7.60
CA GLU A 14 3.81 14.18 7.13
C GLU A 14 4.79 15.14 6.46
N ASN A 15 6.09 14.90 6.63
CA ASN A 15 7.10 15.77 6.06
C ASN A 15 7.53 15.28 4.69
N ASP A 16 7.31 14.01 4.44
CA ASP A 16 7.73 13.41 3.18
C ASP A 16 6.57 13.38 2.18
N GLU A 17 6.78 12.66 1.10
CA GLU A 17 5.80 12.53 0.05
C GLU A 17 4.64 11.65 0.48
N PRO A 18 3.46 11.87 -0.11
CA PRO A 18 2.28 11.10 0.18
C PRO A 18 2.30 9.72 -0.47
N ILE A 19 1.61 8.80 0.14
CA ILE A 19 1.52 7.44 -0.36
C ILE A 19 0.08 7.13 -0.72
N GLU A 20 -0.15 6.53 -1.85
CA GLU A 20 -1.51 6.23 -2.25
C GLU A 20 -1.80 4.74 -2.13
N ILE A 21 -2.93 4.43 -1.50
CA ILE A 21 -3.32 3.04 -1.21
C ILE A 21 -4.60 2.68 -1.96
N PRO A 22 -4.59 1.55 -2.69
CA PRO A 22 -5.78 1.06 -3.37
C PRO A 22 -6.75 0.41 -2.38
N SER A 23 -7.97 0.88 -2.36
CA SER A 23 -8.97 0.36 -1.44
C SER A 23 -9.92 -0.58 -2.14
N GLU A 24 -10.79 -1.21 -1.38
CA GLU A 24 -11.74 -2.15 -1.93
C GLU A 24 -12.97 -1.41 -2.45
N ASP A 25 -13.70 -2.05 -3.36
CA ASP A 25 -14.89 -1.45 -3.97
C ASP A 25 -15.99 -1.21 -2.94
N ASP A 26 -15.86 -1.87 -1.79
CA ASP A 26 -16.82 -1.70 -0.71
C ASP A 26 -16.69 -0.31 -0.08
N GLY A 27 -15.58 0.35 -0.33
CA GLY A 27 -15.36 1.66 0.25
C GLY A 27 -14.56 1.56 1.52
N THR A 28 -13.93 0.42 1.72
CA THR A 28 -13.12 0.19 2.89
C THR A 28 -11.67 -0.15 2.54
N VAL A 29 -10.78 0.00 3.51
CA VAL A 29 -9.36 -0.28 3.32
C VAL A 29 -8.91 -1.44 4.20
N LEU A 30 -8.01 -2.26 3.68
CA LEU A 30 -7.49 -3.41 4.40
C LEU A 30 -6.16 -3.06 5.08
N LEU A 31 -6.14 -3.20 6.42
CA LEU A 31 -4.96 -2.88 7.23
C LEU A 31 -3.72 -3.67 6.79
N SER A 32 -3.95 -4.86 6.25
CA SER A 32 -2.84 -5.71 5.78
C SER A 32 -2.01 -4.95 4.74
N THR A 33 -2.69 -4.15 3.93
CA THR A 33 -2.03 -3.37 2.91
C THR A 33 -1.17 -2.28 3.57
N VAL A 34 -1.70 -1.68 4.61
CA VAL A 34 -0.98 -0.64 5.33
C VAL A 34 0.25 -1.23 6.03
N THR A 35 0.09 -2.41 6.62
CA THR A 35 1.21 -3.08 7.32
C THR A 35 2.29 -3.55 6.33
N ALA A 36 1.89 -3.72 5.08
CA ALA A 36 2.81 -4.11 4.03
C ALA A 36 3.69 -2.94 3.64
N GLN A 37 3.06 -1.81 3.43
CA GLN A 37 3.73 -0.60 3.04
C GLN A 37 4.40 0.08 4.22
N PHE A 38 3.83 -0.10 5.40
CA PHE A 38 4.35 0.49 6.60
C PHE A 38 4.42 -0.55 7.72
N PRO A 39 5.59 -1.18 7.90
CA PRO A 39 5.76 -2.22 8.91
C PRO A 39 5.77 -1.68 10.33
N GLY A 40 5.06 -2.35 11.21
CA GLY A 40 5.00 -1.94 12.60
C GLY A 40 3.91 -0.92 12.83
N ALA A 41 3.42 -0.34 11.75
CA ALA A 41 2.39 0.67 11.83
C ALA A 41 1.02 0.08 11.65
N CYS A 42 0.05 0.68 12.28
CA CYS A 42 -1.34 0.27 12.17
C CYS A 42 -2.23 1.41 12.61
N GLY A 43 -3.40 1.50 12.02
CA GLY A 43 -4.31 2.60 12.31
C GLY A 43 -4.17 3.70 11.28
N LEU A 44 -5.17 4.54 11.18
CA LEU A 44 -5.16 5.61 10.17
C LEU A 44 -5.71 6.92 10.76
N ARG A 45 -5.08 8.02 10.42
CA ARG A 45 -5.47 9.34 10.90
C ARG A 45 -5.95 10.18 9.73
N TYR A 46 -6.78 11.14 10.04
CA TYR A 46 -7.34 12.02 9.04
C TYR A 46 -7.89 13.25 9.72
N ARG A 47 -8.42 14.16 8.97
CA ARG A 47 -9.03 15.34 9.53
C ARG A 47 -10.45 15.47 9.05
N ASN A 48 -11.39 15.54 9.97
CA ASN A 48 -12.78 15.71 9.60
C ASN A 48 -13.04 17.16 9.18
N PRO A 49 -13.64 17.35 8.01
CA PRO A 49 -13.90 18.69 7.45
C PRO A 49 -14.95 19.47 8.21
N VAL A 50 -15.55 18.87 9.21
CA VAL A 50 -16.57 19.55 9.98
C VAL A 50 -15.98 20.42 11.09
N GLU A 51 -15.00 19.90 11.82
CA GLU A 51 -14.41 20.64 12.93
C GLU A 51 -12.91 20.85 12.77
N GLN A 52 -12.39 20.46 11.59
CA GLN A 52 -10.95 20.63 11.27
C GLN A 52 -10.05 19.95 12.29
N CYS A 53 -10.58 18.95 12.96
CA CYS A 53 -9.85 18.24 13.99
C CYS A 53 -9.29 16.93 13.44
N MET A 54 -8.16 16.51 13.97
CA MET A 54 -7.53 15.27 13.57
C MET A 54 -8.22 14.11 14.25
N ARG A 55 -8.48 13.09 13.48
CA ARG A 55 -9.20 11.93 13.95
C ARG A 55 -8.53 10.65 13.54
N GLY A 56 -9.08 9.57 14.02
CA GLY A 56 -8.61 8.26 13.66
C GLY A 56 -9.71 7.50 12.95
N VAL A 57 -9.41 7.00 11.76
CA VAL A 57 -10.41 6.34 10.96
C VAL A 57 -10.93 5.08 11.67
N ARG A 58 -12.24 4.84 11.54
CA ARG A 58 -12.86 3.68 12.16
C ARG A 58 -12.33 2.41 11.57
N LEU A 59 -12.21 1.40 12.40
CA LEU A 59 -11.71 0.12 11.96
C LEU A 59 -12.58 -1.01 12.47
N VAL A 60 -12.59 -2.08 11.75
CA VAL A 60 -13.34 -3.25 12.11
C VAL A 60 -12.72 -4.49 11.48
N GLU A 61 -12.10 -5.32 12.32
CA GLU A 61 -11.48 -6.58 11.88
C GLU A 61 -10.36 -6.31 10.87
N GLY A 62 -9.70 -5.17 11.02
CA GLY A 62 -8.61 -4.82 10.12
C GLY A 62 -9.08 -3.97 8.96
N ILE A 63 -10.39 -3.84 8.84
CA ILE A 63 -10.95 -3.06 7.76
C ILE A 63 -11.27 -1.65 8.22
N LEU A 64 -10.71 -0.67 7.54
CA LEU A 64 -10.95 0.73 7.86
C LEU A 64 -12.20 1.24 7.15
N HIS A 65 -13.05 1.92 7.88
CA HIS A 65 -14.29 2.45 7.34
C HIS A 65 -14.13 3.89 6.92
N ALA A 66 -14.46 4.18 5.67
CA ALA A 66 -14.37 5.53 5.14
C ALA A 66 -15.33 6.47 5.86
N PRO A 67 -15.00 7.77 5.91
CA PRO A 67 -15.86 8.77 6.51
C PRO A 67 -17.15 8.98 5.70
N ASP A 68 -17.92 9.98 6.08
CA ASP A 68 -19.21 10.26 5.43
C ASP A 68 -19.04 10.67 3.98
N ALA A 69 -17.93 11.30 3.66
CA ALA A 69 -17.68 11.77 2.29
C ALA A 69 -16.88 10.76 1.48
N GLY A 70 -16.39 9.73 2.14
CA GLY A 70 -15.58 8.73 1.47
C GLY A 70 -14.10 8.96 1.69
N TRP A 71 -13.27 8.17 1.04
CA TRP A 71 -11.82 8.33 1.19
C TRP A 71 -11.28 9.51 0.41
N GLY A 72 -11.50 9.49 -0.90
CA GLY A 72 -10.96 10.50 -1.78
C GLY A 72 -11.58 11.88 -1.61
N ASN A 73 -11.00 12.66 -0.70
CA ASN A 73 -11.42 14.03 -0.43
C ASN A 73 -10.61 14.62 0.70
N LEU A 74 -10.16 13.78 1.61
CA LEU A 74 -9.36 14.21 2.74
C LEU A 74 -7.96 13.64 2.66
N VAL A 75 -7.06 14.16 3.47
CA VAL A 75 -5.70 13.65 3.54
C VAL A 75 -5.59 12.67 4.70
N TYR A 76 -4.83 11.61 4.50
CA TYR A 76 -4.70 10.59 5.52
C TYR A 76 -3.25 10.38 5.94
N VAL A 77 -3.06 9.92 7.17
CA VAL A 77 -1.74 9.66 7.72
C VAL A 77 -1.77 8.33 8.48
N VAL A 78 -0.76 7.49 8.27
CA VAL A 78 -0.73 6.18 8.92
C VAL A 78 -0.24 6.31 10.37
N ASN A 79 -0.91 5.58 11.27
CA ASN A 79 -0.56 5.59 12.68
C ASN A 79 0.69 4.76 12.95
N TYR A 80 1.73 5.42 13.39
CA TYR A 80 2.96 4.74 13.75
C TYR A 80 3.11 4.73 15.25
N PRO A 81 3.53 3.59 15.82
CA PRO A 81 3.73 3.45 17.26
C PRO A 81 4.87 4.31 17.78
N LYS A 82 5.00 4.38 19.09
CA LYS A 82 6.07 5.15 19.71
C LYS A 82 7.43 4.51 19.46
N ASP A 83 7.41 3.26 19.05
CA ASP A 83 8.63 2.52 18.74
C ASP A 83 9.01 2.77 17.29
N MET B 4 2.93 -19.08 -11.75
CA MET B 4 4.01 -18.26 -12.32
C MET B 4 3.72 -17.92 -13.77
N SER B 5 3.60 -16.64 -14.06
CA SER B 5 3.22 -16.20 -15.38
C SER B 5 3.82 -14.83 -15.70
N GLU B 6 3.31 -13.82 -15.01
CA GLU B 6 3.65 -12.45 -15.27
C GLU B 6 4.74 -11.99 -14.31
N ARG B 7 5.97 -12.24 -14.67
CA ARG B 7 7.10 -11.80 -13.87
C ARG B 7 7.07 -10.28 -13.68
N ILE B 8 7.50 -9.84 -12.54
CA ILE B 8 7.44 -8.43 -12.23
C ILE B 8 8.79 -7.90 -11.77
N ARG B 9 9.24 -6.84 -12.42
CA ARG B 9 10.51 -6.20 -12.10
C ARG B 9 10.38 -5.36 -10.84
N VAL B 10 11.17 -5.67 -9.84
CA VAL B 10 11.12 -4.96 -8.58
C VAL B 10 12.46 -5.08 -7.85
N THR B 11 12.77 -4.10 -7.02
CA THR B 11 14.01 -4.13 -6.26
C THR B 11 13.96 -3.09 -5.15
N GLU B 12 15.05 -2.96 -4.43
CA GLU B 12 15.17 -1.99 -3.37
C GLU B 12 16.15 -0.92 -3.81
N ASP B 13 17.28 -1.36 -4.28
CA ASP B 13 18.29 -0.46 -4.77
C ASP B 13 18.22 -0.37 -6.28
N GLU B 14 17.83 0.79 -6.76
CA GLU B 14 17.72 1.04 -8.18
C GLU B 14 19.07 0.98 -8.89
N ASN B 15 20.13 1.04 -8.12
CA ASN B 15 21.48 0.96 -8.66
C ASN B 15 21.90 -0.49 -8.80
N ASP B 16 21.15 -1.36 -8.16
CA ASP B 16 21.41 -2.80 -8.23
C ASP B 16 20.58 -3.38 -9.37
N GLU B 17 20.43 -4.67 -9.41
CA GLU B 17 19.67 -5.30 -10.46
C GLU B 17 18.23 -5.55 -10.03
N PRO B 18 17.26 -5.22 -10.89
CA PRO B 18 15.86 -5.47 -10.62
C PRO B 18 15.50 -6.94 -10.82
N ILE B 19 15.05 -7.56 -9.75
CA ILE B 19 14.67 -8.95 -9.79
C ILE B 19 13.28 -9.08 -10.39
N GLU B 20 12.87 -10.29 -10.68
CA GLU B 20 11.57 -10.51 -11.28
C GLU B 20 10.82 -11.63 -10.62
N ILE B 21 9.64 -11.31 -10.14
CA ILE B 21 8.80 -12.28 -9.46
C ILE B 21 7.63 -12.67 -10.34
N PRO B 22 7.55 -13.94 -10.76
CA PRO B 22 6.41 -14.41 -11.55
C PRO B 22 5.09 -14.27 -10.80
N SER B 23 4.23 -13.41 -11.32
CA SER B 23 2.94 -13.22 -10.75
C SER B 23 1.96 -14.06 -11.54
N GLU B 24 0.72 -14.03 -11.16
CA GLU B 24 -0.28 -14.78 -11.87
C GLU B 24 -1.07 -13.88 -12.79
N ASP B 25 -1.60 -14.45 -13.85
CA ASP B 25 -2.35 -13.71 -14.87
C ASP B 25 -3.63 -13.11 -14.31
N ASP B 26 -3.99 -13.53 -13.12
CA ASP B 26 -5.17 -13.01 -12.44
C ASP B 26 -4.88 -11.62 -11.88
N GLY B 27 -3.60 -11.29 -11.77
CA GLY B 27 -3.20 -10.00 -11.24
C GLY B 27 -2.82 -10.09 -9.77
N THR B 28 -2.45 -11.28 -9.33
CA THR B 28 -2.09 -11.48 -7.95
C THR B 28 -0.69 -12.07 -7.82
N VAL B 29 -0.03 -11.77 -6.72
CA VAL B 29 1.29 -12.32 -6.43
C VAL B 29 1.27 -12.99 -5.06
N LEU B 30 2.02 -14.07 -4.94
CA LEU B 30 2.12 -14.79 -3.68
C LEU B 30 3.27 -14.25 -2.86
N LEU B 31 3.04 -14.07 -1.56
CA LEU B 31 4.09 -13.58 -0.66
C LEU B 31 5.33 -14.46 -0.70
N SER B 32 5.11 -15.76 -0.68
CA SER B 32 6.19 -16.74 -0.71
C SER B 32 7.07 -16.56 -1.96
N THR B 33 6.47 -16.13 -3.07
CA THR B 33 7.24 -15.92 -4.30
C THR B 33 8.12 -14.69 -4.15
N VAL B 34 7.63 -13.70 -3.41
CA VAL B 34 8.37 -12.47 -3.16
C VAL B 34 9.54 -12.75 -2.21
N THR B 35 9.23 -13.42 -1.12
CA THR B 35 10.22 -13.77 -0.12
C THR B 35 11.21 -14.81 -0.67
N ALA B 36 10.83 -15.44 -1.76
CA ALA B 36 11.71 -16.40 -2.43
C ALA B 36 12.97 -15.71 -2.95
N GLN B 37 12.87 -14.42 -3.21
CA GLN B 37 13.98 -13.64 -3.70
C GLN B 37 14.52 -12.75 -2.61
N PHE B 38 13.63 -12.04 -2.00
CA PHE B 38 13.97 -11.10 -0.96
C PHE B 38 14.01 -11.78 0.39
N PRO B 39 14.93 -11.36 1.27
CA PRO B 39 15.10 -11.96 2.61
C PRO B 39 13.96 -11.60 3.59
N GLY B 40 12.71 -11.72 3.15
CA GLY B 40 11.60 -11.47 4.04
C GLY B 40 10.80 -10.24 3.67
N ALA B 41 11.09 -9.67 2.52
CA ALA B 41 10.38 -8.49 2.08
C ALA B 41 8.91 -8.77 1.86
N CYS B 42 8.09 -7.81 2.23
CA CYS B 42 6.65 -7.94 2.07
C CYS B 42 6.08 -6.63 1.57
N GLY B 43 4.98 -6.70 0.84
CA GLY B 43 4.40 -5.51 0.26
C GLY B 43 5.26 -4.91 -0.86
N LEU B 44 4.63 -4.17 -1.73
CA LEU B 44 5.32 -3.53 -2.85
C LEU B 44 4.72 -2.17 -3.13
N ARG B 45 5.55 -1.25 -3.59
CA ARG B 45 5.07 0.08 -3.96
C ARG B 45 6.03 0.74 -4.94
N TYR B 46 5.56 1.75 -5.63
CA TYR B 46 6.35 2.40 -6.65
C TYR B 46 6.21 3.90 -6.59
N ARG B 47 7.31 4.59 -6.81
CA ARG B 47 7.28 6.03 -6.86
C ARG B 47 6.67 6.46 -8.17
N ASN B 48 5.40 6.82 -8.14
CA ASN B 48 4.72 7.29 -9.33
C ASN B 48 5.36 8.60 -9.77
N PRO B 49 6.01 8.60 -10.94
CA PRO B 49 6.76 9.78 -11.41
C PRO B 49 5.87 10.97 -11.74
N VAL B 50 4.57 10.78 -11.61
CA VAL B 50 3.62 11.83 -11.87
C VAL B 50 3.60 12.83 -10.70
N SER B 51 3.40 12.33 -9.49
CA SER B 51 3.34 13.20 -8.32
C SER B 51 4.33 12.77 -7.23
N GLN B 52 5.20 11.83 -7.58
CA GLN B 52 6.24 11.30 -6.66
C GLN B 52 5.64 10.50 -5.51
N CYS B 53 4.36 10.20 -5.59
CA CYS B 53 3.69 9.44 -4.57
C CYS B 53 4.04 7.98 -4.72
N MET B 54 4.60 7.40 -3.69
CA MET B 54 4.95 6.00 -3.75
C MET B 54 3.72 5.15 -3.53
N ARG B 55 3.02 4.90 -4.62
CA ARG B 55 1.79 4.13 -4.59
C ARG B 55 2.07 2.68 -4.23
N GLY B 56 1.36 2.19 -3.26
CA GLY B 56 1.51 0.81 -2.87
C GLY B 56 0.44 -0.06 -3.47
N VAL B 57 0.72 -1.36 -3.52
CA VAL B 57 -0.22 -2.34 -4.01
C VAL B 57 -0.98 -2.98 -2.85
N ARG B 58 -2.22 -3.41 -3.10
CA ARG B 58 -3.06 -3.98 -2.06
C ARG B 58 -2.53 -5.34 -1.57
N LEU B 59 -2.73 -5.63 -0.29
CA LEU B 59 -2.30 -6.89 0.29
C LEU B 59 -3.44 -7.55 1.03
N VAL B 60 -3.54 -8.86 0.92
CA VAL B 60 -4.54 -9.62 1.63
C VAL B 60 -4.05 -11.04 1.94
N GLU B 61 -3.75 -11.28 3.23
CA GLU B 61 -3.30 -12.59 3.70
C GLU B 61 -2.04 -13.08 2.97
N GLY B 62 -1.19 -12.13 2.61
CA GLY B 62 0.06 -12.48 1.93
C GLY B 62 -0.07 -12.47 0.42
N ILE B 63 -1.26 -12.21 -0.07
CA ILE B 63 -1.49 -12.16 -1.48
C ILE B 63 -1.60 -10.72 -1.96
N LEU B 64 -0.65 -10.31 -2.77
CA LEU B 64 -0.63 -8.97 -3.30
C LEU B 64 -1.57 -8.85 -4.46
N HIS B 65 -2.36 -7.81 -4.45
CA HIS B 65 -3.32 -7.55 -5.51
C HIS B 65 -2.93 -6.34 -6.32
N ALA B 66 -2.61 -6.58 -7.56
CA ALA B 66 -2.28 -5.50 -8.49
C ALA B 66 -3.51 -4.66 -8.74
N PRO B 67 -3.33 -3.37 -9.07
CA PRO B 67 -4.44 -2.50 -9.38
C PRO B 67 -5.13 -2.93 -10.67
N ASP B 68 -6.15 -2.21 -11.06
CA ASP B 68 -6.88 -2.52 -12.27
C ASP B 68 -5.97 -2.48 -13.48
N ALA B 69 -4.96 -1.63 -13.41
CA ALA B 69 -4.00 -1.50 -14.50
C ALA B 69 -3.10 -2.73 -14.59
N GLY B 70 -2.67 -3.24 -13.45
CA GLY B 70 -1.82 -4.41 -13.42
C GLY B 70 -0.47 -4.13 -12.81
N TRP B 71 0.42 -5.11 -12.90
CA TRP B 71 1.76 -5.00 -12.32
C TRP B 71 2.69 -4.16 -13.22
N GLY B 72 2.29 -3.97 -14.48
CA GLY B 72 3.15 -3.31 -15.46
C GLY B 72 3.53 -1.86 -15.12
N ASN B 73 2.73 -1.21 -14.29
CA ASN B 73 3.00 0.19 -13.98
C ASN B 73 3.55 0.35 -12.56
N LEU B 74 3.63 -0.74 -11.83
CA LEU B 74 4.06 -0.69 -10.44
C LEU B 74 5.45 -1.27 -10.26
N VAL B 75 6.02 -1.77 -11.34
CA VAL B 75 7.35 -2.36 -11.30
C VAL B 75 8.41 -1.37 -10.82
N TYR B 76 8.72 -1.40 -9.54
CA TYR B 76 9.67 -0.48 -8.98
C TYR B 76 10.34 -0.99 -7.70
N VAL B 77 9.72 -0.70 -6.54
CA VAL B 77 10.37 -0.99 -5.27
C VAL B 77 9.57 -1.98 -4.43
N VAL B 78 10.30 -2.83 -3.72
CA VAL B 78 9.69 -3.76 -2.82
C VAL B 78 9.79 -3.22 -1.40
N ASN B 79 8.87 -3.59 -0.55
CA ASN B 79 8.88 -3.11 0.80
C ASN B 79 9.57 -4.08 1.74
N TYR B 80 10.27 -3.54 2.72
CA TYR B 80 10.98 -4.34 3.70
C TYR B 80 10.45 -4.07 5.10
N PRO B 81 9.82 -5.07 5.72
CA PRO B 81 9.31 -4.94 7.07
C PRO B 81 10.42 -4.92 8.09
N LYS B 82 10.10 -4.46 9.29
CA LYS B 82 11.08 -4.42 10.37
C LYS B 82 11.13 -5.75 11.09
N ASP B 83 10.08 -6.53 10.90
CA ASP B 83 9.97 -7.84 11.53
C ASP B 83 10.37 -8.93 10.55
N MET A 4 -12.32 3.34 -10.67
CA MET A 4 -13.40 2.51 -10.09
C MET A 4 -13.15 2.22 -8.63
N SER A 5 -11.91 2.14 -8.26
CA SER A 5 -11.54 1.84 -6.90
C SER A 5 -11.17 3.12 -6.17
N GLU A 6 -11.65 3.28 -4.96
CA GLU A 6 -11.32 4.44 -4.14
C GLU A 6 -9.83 4.50 -3.89
N TYR A 7 -9.30 5.69 -3.96
CA TYR A 7 -7.88 5.88 -3.72
C TYR A 7 -7.66 6.83 -2.60
N ILE A 8 -6.72 6.49 -1.75
CA ILE A 8 -6.44 7.30 -0.60
C ILE A 8 -4.96 7.60 -0.53
N ARG A 9 -4.63 8.76 -0.01
CA ARG A 9 -3.26 9.14 0.16
C ARG A 9 -2.91 9.29 1.64
N VAL A 10 -2.28 8.26 2.17
CA VAL A 10 -1.85 8.21 3.55
C VAL A 10 -0.38 8.63 3.63
N THR A 11 0.09 8.90 4.82
CA THR A 11 1.48 9.21 5.01
C THR A 11 1.93 8.67 6.36
N GLU A 12 3.09 8.03 6.39
CA GLU A 12 3.63 7.52 7.63
C GLU A 12 4.41 8.59 8.36
N ASP A 13 5.29 9.26 7.65
CA ASP A 13 6.06 10.33 8.25
C ASP A 13 5.99 11.54 7.34
N GLU A 14 5.80 12.70 7.95
CA GLU A 14 5.64 13.94 7.20
C GLU A 14 6.92 14.37 6.48
N ASN A 15 8.07 13.85 6.90
CA ASN A 15 9.32 14.20 6.24
C ASN A 15 9.64 13.22 5.11
N ASP A 16 8.71 12.31 4.84
CA ASP A 16 8.88 11.35 3.77
C ASP A 16 7.89 11.64 2.65
N GLU A 17 7.73 10.70 1.76
CA GLU A 17 6.83 10.84 0.66
C GLU A 17 5.42 10.52 1.09
N PRO A 18 4.43 11.02 0.37
CA PRO A 18 3.08 10.64 0.57
C PRO A 18 2.86 9.27 -0.01
N ILE A 19 2.05 8.50 0.61
CA ILE A 19 1.81 7.14 0.16
C ILE A 19 0.39 7.00 -0.35
N GLU A 20 0.23 6.34 -1.46
CA GLU A 20 -1.09 6.15 -2.02
C GLU A 20 -1.53 4.70 -1.87
N ILE A 21 -2.69 4.50 -1.29
CA ILE A 21 -3.21 3.17 -1.01
C ILE A 21 -4.45 2.91 -1.85
N PRO A 22 -4.45 1.82 -2.64
CA PRO A 22 -5.60 1.42 -3.43
C PRO A 22 -6.64 0.69 -2.58
N SER A 23 -7.71 1.39 -2.25
CA SER A 23 -8.76 0.83 -1.42
C SER A 23 -9.59 -0.15 -2.21
N GLU A 24 -10.31 -1.01 -1.52
CA GLU A 24 -11.13 -2.00 -2.17
C GLU A 24 -12.41 -1.33 -2.70
N ASP A 25 -12.95 -1.90 -3.76
CA ASP A 25 -14.11 -1.34 -4.46
C ASP A 25 -15.36 -1.27 -3.59
N ASP A 26 -15.36 -1.97 -2.47
CA ASP A 26 -16.52 -1.94 -1.58
C ASP A 26 -16.51 -0.65 -0.75
N GLY A 27 -15.40 0.09 -0.82
CA GLY A 27 -15.31 1.38 -0.16
C GLY A 27 -14.51 1.35 1.14
N THR A 28 -13.82 0.26 1.40
CA THR A 28 -13.02 0.16 2.60
C THR A 28 -11.55 -0.11 2.29
N VAL A 29 -10.71 -0.01 3.31
CA VAL A 29 -9.28 -0.26 3.15
C VAL A 29 -8.86 -1.46 4.01
N LEU A 30 -8.08 -2.34 3.42
CA LEU A 30 -7.60 -3.53 4.10
C LEU A 30 -6.30 -3.23 4.83
N LEU A 31 -6.29 -3.50 6.15
CA LEU A 31 -5.12 -3.25 7.00
C LEU A 31 -3.88 -3.98 6.48
N SER A 32 -4.08 -5.13 5.86
CA SER A 32 -2.97 -5.88 5.29
C SER A 32 -2.23 -5.03 4.25
N THR A 33 -3.01 -4.32 3.45
CA THR A 33 -2.45 -3.44 2.44
C THR A 33 -1.70 -2.28 3.11
N VAL A 34 -2.20 -1.88 4.27
CA VAL A 34 -1.56 -0.82 5.05
C VAL A 34 -0.21 -1.32 5.58
N THR A 35 -0.22 -2.51 6.18
CA THR A 35 1.00 -3.09 6.78
C THR A 35 2.06 -3.42 5.72
N ALA A 36 1.64 -3.55 4.47
CA ALA A 36 2.55 -3.81 3.36
C ALA A 36 3.54 -2.67 3.19
N GLN A 37 3.04 -1.46 3.22
CA GLN A 37 3.87 -0.26 3.08
C GLN A 37 4.24 0.31 4.45
N PHE A 38 3.42 0.03 5.45
CA PHE A 38 3.66 0.51 6.81
C PHE A 38 3.78 -0.68 7.76
N PRO A 39 4.99 -1.20 7.95
CA PRO A 39 5.23 -2.37 8.80
C PRO A 39 5.07 -2.08 10.28
N GLY A 40 4.24 -2.89 10.94
CA GLY A 40 4.02 -2.73 12.36
C GLY A 40 2.96 -1.70 12.68
N ALA A 41 2.64 -0.88 11.69
CA ALA A 41 1.68 0.18 11.86
C ALA A 41 0.26 -0.33 11.68
N CYS A 42 -0.68 0.36 12.30
CA CYS A 42 -2.08 0.04 12.20
C CYS A 42 -2.90 1.23 12.67
N GLY A 43 -4.08 1.40 12.13
CA GLY A 43 -4.89 2.54 12.45
C GLY A 43 -4.65 3.69 11.49
N LEU A 44 -5.52 4.69 11.49
CA LEU A 44 -5.38 5.79 10.56
C LEU A 44 -6.07 7.03 11.08
N ARG A 45 -5.42 8.16 10.90
CA ARG A 45 -5.93 9.43 11.33
C ARG A 45 -5.93 10.44 10.20
N TYR A 46 -6.87 11.33 10.24
CA TYR A 46 -7.03 12.33 9.20
C TYR A 46 -7.54 13.61 9.82
N ARG A 47 -7.74 14.64 9.04
CA ARG A 47 -8.25 15.89 9.56
C ARG A 47 -9.58 16.21 8.92
N ASN A 48 -10.62 16.33 9.71
CA ASN A 48 -11.91 16.69 9.18
C ASN A 48 -12.02 18.19 8.99
N PRO A 49 -12.47 18.63 7.82
CA PRO A 49 -12.57 20.06 7.49
C PRO A 49 -13.68 20.76 8.27
N VAL A 50 -14.41 20.01 9.08
CA VAL A 50 -15.50 20.56 9.85
C VAL A 50 -14.99 21.33 11.08
N GLU A 51 -14.19 20.66 11.91
CA GLU A 51 -13.69 21.27 13.13
C GLU A 51 -12.17 21.45 13.10
N GLN A 52 -11.57 21.14 11.94
CA GLN A 52 -10.11 21.29 11.73
C GLN A 52 -9.30 20.38 12.67
N CYS A 53 -9.97 19.44 13.29
CA CYS A 53 -9.32 18.56 14.23
C CYS A 53 -9.00 17.24 13.58
N MET A 54 -8.05 16.52 14.15
CA MET A 54 -7.67 15.24 13.68
C MET A 54 -8.69 14.22 14.13
N ARG A 55 -8.92 13.24 13.30
CA ARG A 55 -9.88 12.20 13.55
C ARG A 55 -9.29 10.86 13.28
N GLY A 56 -10.00 9.85 13.67
CA GLY A 56 -9.56 8.49 13.45
C GLY A 56 -10.57 7.72 12.64
N VAL A 57 -10.11 7.07 11.59
CA VAL A 57 -10.99 6.31 10.73
C VAL A 57 -11.58 5.11 11.48
N ARG A 58 -12.86 4.87 11.25
CA ARG A 58 -13.53 3.72 11.87
C ARG A 58 -12.96 2.44 11.32
N LEU A 59 -12.74 1.48 12.17
CA LEU A 59 -12.19 0.23 11.71
C LEU A 59 -12.88 -0.95 12.36
N VAL A 60 -12.86 -2.04 11.66
CA VAL A 60 -13.46 -3.28 12.13
C VAL A 60 -12.60 -4.47 11.71
N GLU A 61 -11.87 -5.03 12.67
CA GLU A 61 -11.01 -6.19 12.46
C GLU A 61 -10.01 -5.96 11.32
N GLY A 62 -9.55 -4.73 11.18
CA GLY A 62 -8.57 -4.43 10.16
C GLY A 62 -9.14 -3.71 8.96
N ILE A 63 -10.44 -3.66 8.86
CA ILE A 63 -11.06 -2.99 7.74
C ILE A 63 -11.38 -1.54 8.10
N LEU A 64 -10.72 -0.61 7.44
CA LEU A 64 -10.97 0.80 7.66
C LEU A 64 -12.17 1.24 6.85
N HIS A 65 -13.10 1.90 7.50
CA HIS A 65 -14.31 2.37 6.86
C HIS A 65 -14.20 3.85 6.53
N ALA A 66 -14.50 4.17 5.27
CA ALA A 66 -14.40 5.54 4.79
C ALA A 66 -15.30 6.49 5.57
N PRO A 67 -14.92 7.77 5.62
CA PRO A 67 -15.72 8.81 6.28
C PRO A 67 -17.03 9.09 5.52
N ASP A 68 -17.67 10.20 5.83
CA ASP A 68 -18.97 10.55 5.24
C ASP A 68 -18.91 10.68 3.72
N ALA A 69 -17.99 11.50 3.23
CA ALA A 69 -17.87 11.74 1.80
C ALA A 69 -17.20 10.56 1.09
N GLY A 70 -16.16 10.03 1.72
CA GLY A 70 -15.42 8.94 1.15
C GLY A 70 -13.94 9.08 1.39
N TRP A 71 -13.14 8.23 0.78
CA TRP A 71 -11.71 8.30 0.99
C TRP A 71 -11.07 9.45 0.21
N GLY A 72 -11.23 9.43 -1.09
CA GLY A 72 -10.60 10.43 -1.94
C GLY A 72 -11.14 11.83 -1.76
N ASN A 73 -10.60 12.58 -0.79
CA ASN A 73 -11.04 13.96 -0.54
C ASN A 73 -10.20 14.64 0.55
N LEU A 74 -9.57 13.85 1.42
CA LEU A 74 -8.78 14.41 2.52
C LEU A 74 -7.43 13.74 2.62
N VAL A 75 -6.55 14.33 3.42
CA VAL A 75 -5.24 13.75 3.68
C VAL A 75 -5.32 12.70 4.77
N TYR A 76 -4.53 11.65 4.66
CA TYR A 76 -4.58 10.58 5.63
C TYR A 76 -3.19 10.30 6.21
N VAL A 77 -3.16 9.86 7.46
CA VAL A 77 -1.93 9.53 8.16
C VAL A 77 -2.09 8.21 8.88
N VAL A 78 -1.16 7.29 8.67
CA VAL A 78 -1.25 5.97 9.31
C VAL A 78 -0.78 6.05 10.76
N ASN A 79 -1.31 5.19 11.59
CA ASN A 79 -0.92 5.16 12.98
C ASN A 79 0.25 4.22 13.20
N TYR A 80 1.35 4.76 13.69
CA TYR A 80 2.50 3.96 14.02
C TYR A 80 2.59 3.78 15.51
N PRO A 81 2.90 2.57 15.98
CA PRO A 81 3.02 2.27 17.39
C PRO A 81 4.22 2.98 18.02
N LYS A 82 4.24 2.99 19.35
CA LYS A 82 5.34 3.60 20.09
C LYS A 82 6.63 2.81 19.93
N ASP A 83 6.51 1.64 19.35
CA ASP A 83 7.64 0.77 19.13
C ASP A 83 8.37 1.16 17.85
N MET B 4 7.19 -18.90 -14.33
CA MET B 4 7.15 -18.82 -15.80
C MET B 4 5.82 -18.25 -16.28
N SER B 5 5.07 -17.71 -15.37
CA SER B 5 3.75 -17.19 -15.68
C SER B 5 3.81 -15.70 -15.99
N GLU B 6 3.97 -14.88 -14.97
CA GLU B 6 4.01 -13.46 -15.17
C GLU B 6 5.08 -12.83 -14.28
N ARG B 7 6.31 -12.84 -14.74
CA ARG B 7 7.39 -12.22 -13.98
C ARG B 7 7.16 -10.72 -13.79
N ILE B 8 7.62 -10.19 -12.68
CA ILE B 8 7.44 -8.79 -12.40
C ILE B 8 8.75 -8.14 -11.99
N ARG B 9 9.06 -7.04 -12.66
CA ARG B 9 10.29 -6.30 -12.41
C ARG B 9 10.16 -5.49 -11.14
N VAL B 10 11.09 -5.64 -10.24
CA VAL B 10 11.03 -4.91 -8.99
C VAL B 10 12.39 -4.93 -8.30
N THR B 11 12.63 -3.93 -7.47
CA THR B 11 13.86 -3.81 -6.73
C THR B 11 13.65 -2.83 -5.59
N GLU B 12 14.60 -2.73 -4.70
CA GLU B 12 14.49 -1.79 -3.60
C GLU B 12 15.55 -0.73 -3.76
N ASP B 13 16.66 -1.12 -4.35
CA ASP B 13 17.74 -0.20 -4.61
C ASP B 13 17.93 -0.06 -6.11
N GLU B 14 17.69 1.13 -6.61
CA GLU B 14 17.82 1.44 -8.04
C GLU B 14 19.26 1.31 -8.55
N ASN B 15 20.21 1.18 -7.64
CA ASN B 15 21.61 1.08 -8.03
C ASN B 15 22.00 -0.37 -8.24
N ASP B 16 21.15 -1.27 -7.77
CA ASP B 16 21.42 -2.70 -7.91
C ASP B 16 20.67 -3.27 -9.12
N GLU B 17 20.53 -4.57 -9.16
CA GLU B 17 19.90 -5.22 -10.28
C GLU B 17 18.41 -5.43 -10.04
N PRO B 18 17.57 -4.93 -10.95
CA PRO B 18 16.13 -5.13 -10.89
C PRO B 18 15.80 -6.59 -11.07
N ILE B 19 15.19 -7.17 -10.08
CA ILE B 19 14.87 -8.59 -10.13
C ILE B 19 13.45 -8.80 -10.63
N GLU B 20 13.07 -10.05 -10.84
CA GLU B 20 11.75 -10.38 -11.35
C GLU B 20 11.15 -11.53 -10.58
N ILE B 21 9.90 -11.37 -10.20
CA ILE B 21 9.19 -12.39 -9.44
C ILE B 21 8.08 -13.00 -10.29
N PRO B 22 8.03 -14.34 -10.39
CA PRO B 22 6.97 -15.02 -11.14
C PRO B 22 5.60 -14.88 -10.47
N SER B 23 4.75 -14.05 -11.05
CA SER B 23 3.43 -13.83 -10.51
C SER B 23 2.42 -14.74 -11.18
N GLU B 24 1.24 -14.77 -10.63
CA GLU B 24 0.16 -15.56 -11.16
C GLU B 24 -0.54 -14.75 -12.25
N ASP B 25 -0.97 -15.43 -13.31
CA ASP B 25 -1.62 -14.77 -14.46
C ASP B 25 -2.96 -14.15 -14.07
N ASP B 26 -3.46 -14.52 -12.92
CA ASP B 26 -4.71 -13.97 -12.41
C ASP B 26 -4.52 -12.55 -11.89
N GLY B 27 -3.26 -12.13 -11.76
CA GLY B 27 -2.97 -10.81 -11.27
C GLY B 27 -2.63 -10.80 -9.81
N THR B 28 -2.20 -11.93 -9.30
CA THR B 28 -1.85 -12.06 -7.91
C THR B 28 -0.41 -12.53 -7.74
N VAL B 29 0.19 -12.18 -6.62
CA VAL B 29 1.52 -12.64 -6.29
C VAL B 29 1.54 -13.20 -4.87
N LEU B 30 2.36 -14.19 -4.65
CA LEU B 30 2.49 -14.81 -3.35
C LEU B 30 3.62 -14.17 -2.56
N LEU B 31 3.38 -13.92 -1.29
CA LEU B 31 4.38 -13.32 -0.39
C LEU B 31 5.66 -14.14 -0.40
N SER B 32 5.51 -15.45 -0.32
CA SER B 32 6.64 -16.37 -0.30
C SER B 32 7.49 -16.24 -1.57
N THR B 33 6.86 -15.89 -2.70
CA THR B 33 7.58 -15.72 -3.94
C THR B 33 8.44 -14.46 -3.89
N VAL B 34 7.91 -13.45 -3.20
CA VAL B 34 8.61 -12.19 -3.04
C VAL B 34 9.80 -12.36 -2.09
N THR B 35 9.53 -12.96 -0.94
CA THR B 35 10.55 -13.20 0.05
C THR B 35 11.57 -14.24 -0.43
N ALA B 36 11.20 -14.97 -1.47
CA ALA B 36 12.08 -15.95 -2.09
C ALA B 36 13.29 -15.27 -2.71
N GLN B 37 13.14 -13.99 -3.05
CA GLN B 37 14.21 -13.24 -3.64
C GLN B 37 14.71 -12.19 -2.66
N PHE B 38 13.78 -11.46 -2.08
CA PHE B 38 14.11 -10.41 -1.16
C PHE B 38 14.26 -10.97 0.25
N PRO B 39 15.19 -10.42 1.03
CA PRO B 39 15.44 -10.87 2.40
C PRO B 39 14.32 -10.51 3.39
N GLY B 40 13.07 -10.79 3.03
CA GLY B 40 11.98 -10.55 3.96
C GLY B 40 11.09 -9.40 3.54
N ALA B 41 11.30 -8.90 2.34
CA ALA B 41 10.51 -7.81 1.83
C ALA B 41 9.06 -8.20 1.69
N CYS B 42 8.17 -7.26 1.90
CA CYS B 42 6.75 -7.52 1.77
C CYS B 42 6.09 -6.34 1.09
N GLY B 43 5.02 -6.58 0.35
CA GLY B 43 4.35 -5.51 -0.37
C GLY B 43 5.22 -4.87 -1.45
N LEU B 44 4.59 -4.11 -2.33
CA LEU B 44 5.29 -3.40 -3.40
C LEU B 44 4.72 -2.01 -3.53
N ARG B 45 5.50 -1.09 -4.10
CA ARG B 45 5.03 0.26 -4.31
C ARG B 45 5.86 0.96 -5.39
N TYR B 46 5.31 2.01 -5.95
CA TYR B 46 5.98 2.76 -6.99
C TYR B 46 5.63 4.23 -6.90
N ARG B 47 6.45 5.08 -7.49
CA ARG B 47 6.24 6.49 -7.40
C ARG B 47 5.19 6.95 -8.41
N ASN B 48 4.03 7.31 -7.91
CA ASN B 48 2.94 7.81 -8.71
C ASN B 48 3.25 9.24 -9.14
N PRO B 49 3.40 9.47 -10.45
CA PRO B 49 3.76 10.80 -10.99
C PRO B 49 2.67 11.84 -10.77
N VAL B 50 1.49 11.39 -10.36
CA VAL B 50 0.37 12.29 -10.11
C VAL B 50 0.66 13.26 -8.97
N SER B 51 1.02 12.73 -7.81
CA SER B 51 1.29 13.58 -6.64
C SER B 51 2.66 13.29 -6.04
N GLN B 52 3.49 12.51 -6.76
CA GLN B 52 4.82 12.13 -6.28
C GLN B 52 4.69 11.29 -5.02
N CYS B 53 3.67 10.45 -5.01
CA CYS B 53 3.35 9.62 -3.91
C CYS B 53 3.75 8.19 -4.19
N MET B 54 4.25 7.51 -3.19
CA MET B 54 4.63 6.13 -3.38
C MET B 54 3.40 5.26 -3.25
N ARG B 55 2.81 4.94 -4.37
CA ARG B 55 1.60 4.15 -4.40
C ARG B 55 1.90 2.68 -4.18
N GLY B 56 1.37 2.16 -3.09
CA GLY B 56 1.54 0.75 -2.78
C GLY B 56 0.52 -0.12 -3.48
N VAL B 57 0.67 -1.41 -3.34
CA VAL B 57 -0.23 -2.37 -3.97
C VAL B 57 -1.08 -3.10 -2.94
N ARG B 58 -2.29 -3.52 -3.35
CA ARG B 58 -3.21 -4.25 -2.47
C ARG B 58 -2.58 -5.52 -1.90
N LEU B 59 -2.84 -5.78 -0.63
CA LEU B 59 -2.32 -6.97 0.03
C LEU B 59 -3.39 -7.62 0.86
N VAL B 60 -3.46 -8.94 0.79
CA VAL B 60 -4.42 -9.70 1.57
C VAL B 60 -3.85 -11.06 1.94
N GLU B 61 -3.55 -11.23 3.23
CA GLU B 61 -3.02 -12.50 3.77
C GLU B 61 -1.73 -12.93 3.06
N GLY B 62 -0.94 -11.96 2.65
CA GLY B 62 0.30 -12.27 1.99
C GLY B 62 0.18 -12.35 0.48
N ILE B 63 -1.03 -12.23 0.00
CA ILE B 63 -1.26 -12.29 -1.43
C ILE B 63 -1.47 -10.90 -1.98
N LEU B 64 -0.57 -10.48 -2.85
CA LEU B 64 -0.66 -9.18 -3.46
C LEU B 64 -1.65 -9.19 -4.60
N HIS B 65 -2.46 -8.16 -4.65
CA HIS B 65 -3.47 -8.04 -5.68
C HIS B 65 -3.18 -6.88 -6.60
N ALA B 66 -2.87 -7.19 -7.84
CA ALA B 66 -2.60 -6.20 -8.85
C ALA B 66 -3.86 -5.42 -9.21
N PRO B 67 -3.70 -4.14 -9.57
CA PRO B 67 -4.82 -3.31 -9.98
C PRO B 67 -5.31 -3.64 -11.38
N ASP B 68 -6.17 -2.79 -11.90
CA ASP B 68 -6.74 -2.95 -13.25
C ASP B 68 -5.63 -2.94 -14.29
N ALA B 69 -4.59 -2.18 -14.01
CA ALA B 69 -3.47 -2.05 -14.91
C ALA B 69 -2.47 -3.21 -14.73
N GLY B 70 -2.75 -4.09 -13.79
CA GLY B 70 -1.92 -5.25 -13.58
C GLY B 70 -0.59 -4.91 -12.93
N TRP B 71 0.35 -5.84 -13.02
CA TRP B 71 1.66 -5.67 -12.42
C TRP B 71 2.56 -4.74 -13.25
N GLY B 72 2.27 -4.66 -14.54
CA GLY B 72 3.11 -3.90 -15.47
C GLY B 72 3.19 -2.41 -15.18
N ASN B 73 2.26 -1.89 -14.39
CA ASN B 73 2.23 -0.47 -14.10
C ASN B 73 2.83 -0.16 -12.72
N LEU B 74 3.15 -1.21 -11.98
CA LEU B 74 3.66 -1.03 -10.61
C LEU B 74 5.07 -1.57 -10.46
N VAL B 75 5.59 -2.15 -11.52
CA VAL B 75 6.93 -2.71 -11.53
C VAL B 75 8.00 -1.64 -11.30
N TYR B 76 8.37 -1.44 -10.03
CA TYR B 76 9.36 -0.44 -9.69
C TYR B 76 10.06 -0.76 -8.37
N VAL B 77 9.39 -0.53 -7.23
CA VAL B 77 10.03 -0.73 -5.93
C VAL B 77 9.27 -1.74 -5.05
N VAL B 78 10.01 -2.50 -4.29
CA VAL B 78 9.44 -3.46 -3.34
C VAL B 78 9.48 -2.86 -1.94
N ASN B 79 8.53 -3.19 -1.12
CA ASN B 79 8.48 -2.66 0.22
C ASN B 79 9.21 -3.53 1.19
N TYR B 80 9.52 -2.97 2.33
CA TYR B 80 10.29 -3.65 3.34
C TYR B 80 9.79 -3.34 4.73
N PRO B 81 9.69 -4.37 5.58
CA PRO B 81 9.26 -4.19 6.94
C PRO B 81 10.42 -3.78 7.85
N LYS B 82 10.09 -3.18 8.98
CA LYS B 82 11.08 -2.76 9.96
C LYS B 82 11.64 -3.96 10.71
N ASP B 83 11.00 -5.09 10.51
CA ASP B 83 11.42 -6.34 11.10
C ASP B 83 12.45 -7.02 10.21
#